data_7TR6
#
_entry.id   7TR6
#
loop_
_entity.id
_entity.type
_entity.pdbx_description
1 polymer Cas8a
2 polymer Cas11a
3 polymer Cas7a
4 polymer Cas5a
5 polymer 'crRNA (45-MER)'
#
loop_
_entity_poly.entity_id
_entity_poly.type
_entity_poly.pdbx_seq_one_letter_code
_entity_poly.pdbx_strand_id
1 'polypeptide(L)'
;FNEFKTPQIDPIFDLYVAYGYVVSLIRGGAKEATLIPHGASYLIQTDVSNEEFRHGLVDALSSMLSLHIALARHSPREGG
KLVSDADFSAGANINNVYWDSVPRNLEKLMKDLEKKRSVKGTATIPITLMPSAGKYMLKHFGVQGGNPIKVDLLNYALAW
VGFHYYTPYIKYAKGDTTWIHIYQIAPVEEVDMISILSLKDLKMHLPHYYESNLDFLINRRLALLYHLLHSEALELFTEK
EFVIHSYTLERSGNNQAIRSFEEEEIGKLMDFLWKLKRRDFYHAIKFIDDLLKKATEGALALIDAIMNERLEGFYTALKL
GKKAGVVSSREIVAALEDIIC
;
C
2 'polypeptide(L)'
;GGWIRNIGRYLSYLVDDTFEEYAYDVVDGIAKARTQEELLEGVYKALRLAPKLKKKAESKGCPPPRIPSPEDIEALEEKV
EQLSNPKDLRKLAVSLALWAFASWNNCP
;
D,E,F,G,H
3 'polypeptide(L)'
;MYVRISGRIRLNAHSLNAQGGGGTNYIEITKTKVTVRTENGWTVVEVPAITGNMLKHWHFVGFVDYFKTTPYGVNLTERA
LRYNGTRFGQGETTATKANGATVQLNDEATIIKELADADVHGFLAPKTGRRRVSLVKASFILPTEDFIKEVEGERLITAI
KHNRVDVDEKGAIGSSKEGTAQMLFSREYATGLYGFSIVLDLGLVGIPQGLPVKFEENQPRPNIVIDPNERKARIESALK
ALIPMLSGYIGANLARSFPVFKVEELVAIASEGPIPALVHGFYEDYIEANRSIIKNARALGFNIEVFTYNVDLGEDIEAT
KVSSVEELVANLVKMV
;
I,J,K,L,M,N,O
4 'polypeptide(L)'
;MDILLVCLRFPFFSVAKRSYQVRTSFLLPPPSALKGALAKGLILLKPEKYASSSLDEAALKAIKEIESKLVDIKAVSVAP
LSPLIRNAFLLKRLRNLESGSNAEKSDAMRREYTFTRELLVAYIFKNLTQEEKNLYLKAAMLIDVIGDTESLATPVWASF
VKPEDKKAPLAFSAPYTEIYSLLSSKIQAKGKIRMYIEKMRVSPEYSKTKGPQEEIFYLPIEERRYKRIVYYARIYPPEV
EKALTVDGEVLGIWIP
;
P
5 'polyribonucleotide' AUUGAAAGAGUGCUUCCCCAAACCCUUAACUGGUUGUAACAGUUG R
#
# COMPACT_ATOMS: atom_id res chain seq x y z
N PHE A 1 -67.26 56.19 16.33
CA PHE A 1 -66.00 55.91 15.65
C PHE A 1 -65.77 56.91 14.51
N ASN A 2 -64.64 57.61 14.58
CA ASN A 2 -64.34 58.62 13.55
C ASN A 2 -64.17 57.99 12.18
N GLU A 3 -63.44 56.87 12.11
CA GLU A 3 -63.17 56.16 10.86
C GLU A 3 -62.53 57.10 9.83
N PHE A 4 -61.37 57.62 10.21
CA PHE A 4 -60.70 58.63 9.40
C PHE A 4 -60.07 57.98 8.17
N LYS A 5 -60.41 58.49 7.00
CA LYS A 5 -59.94 57.94 5.74
C LYS A 5 -58.54 58.49 5.43
N THR A 6 -57.83 57.78 4.54
CA THR A 6 -56.47 58.14 4.21
C THR A 6 -56.38 58.17 2.69
N PRO A 7 -55.82 59.23 2.10
CA PRO A 7 -55.79 59.34 0.64
C PRO A 7 -55.02 58.20 -0.02
N GLN A 8 -55.51 57.78 -1.18
CA GLN A 8 -54.90 56.69 -1.96
C GLN A 8 -54.01 57.28 -3.04
N ILE A 9 -52.70 57.31 -2.78
CA ILE A 9 -51.75 57.79 -3.77
C ILE A 9 -50.63 56.78 -4.02
N ASP A 10 -49.99 56.31 -2.94
CA ASP A 10 -48.84 55.41 -3.07
C ASP A 10 -48.69 54.58 -1.79
N PRO A 11 -48.89 53.25 -1.86
CA PRO A 11 -48.97 52.45 -0.63
C PRO A 11 -47.68 52.43 0.20
N ILE A 12 -46.66 53.16 -0.23
CA ILE A 12 -45.48 53.40 0.59
C ILE A 12 -45.62 54.70 1.37
N PHE A 13 -45.92 55.79 0.68
CA PHE A 13 -46.22 57.05 1.36
C PHE A 13 -47.63 57.04 1.96
N ASP A 14 -48.56 56.35 1.30
CA ASP A 14 -49.89 56.17 1.88
C ASP A 14 -49.80 55.47 3.23
N LEU A 15 -48.82 54.58 3.38
CA LEU A 15 -48.55 54.00 4.69
C LEU A 15 -48.05 55.06 5.66
N TYR A 16 -47.04 55.82 5.25
CA TYR A 16 -46.41 56.81 6.13
C TYR A 16 -47.44 57.75 6.74
N VAL A 17 -48.31 58.33 5.91
CA VAL A 17 -49.31 59.26 6.42
C VAL A 17 -50.29 58.53 7.34
N ALA A 18 -50.69 57.32 6.96
CA ALA A 18 -51.60 56.53 7.79
C ALA A 18 -50.91 55.91 8.99
N TYR A 19 -49.60 55.64 8.91
CA TYR A 19 -48.87 55.01 10.01
C TYR A 19 -48.40 56.05 11.02
N GLY A 20 -48.53 57.33 10.71
CA GLY A 20 -48.24 58.39 11.65
C GLY A 20 -49.46 59.00 12.31
N TYR A 21 -50.66 58.56 11.94
CA TYR A 21 -51.88 59.08 12.55
C TYR A 21 -51.94 58.74 14.03
N VAL A 22 -51.54 57.52 14.39
CA VAL A 22 -51.76 57.02 15.75
C VAL A 22 -50.96 57.84 16.76
N VAL A 23 -49.72 58.21 16.42
CA VAL A 23 -48.91 58.96 17.37
C VAL A 23 -49.45 60.39 17.53
N SER A 24 -50.04 60.94 16.47
CA SER A 24 -50.74 62.22 16.60
C SER A 24 -51.99 62.06 17.46
N LEU A 25 -52.41 60.82 17.71
CA LEU A 25 -53.56 60.57 18.58
C LEU A 25 -53.12 60.30 20.02
N ILE A 26 -51.93 59.74 20.21
CA ILE A 26 -51.43 59.45 21.56
C ILE A 26 -51.36 60.73 22.39
N ARG A 27 -50.82 61.80 21.81
CA ARG A 27 -50.69 63.06 22.52
C ARG A 27 -52.03 63.74 22.76
N GLY A 28 -53.10 63.26 22.13
CA GLY A 28 -54.43 63.80 22.35
C GLY A 28 -55.39 62.80 22.98
N GLY A 29 -55.00 61.53 23.03
CA GLY A 29 -55.85 60.50 23.58
C GLY A 29 -56.24 59.42 22.60
N ALA A 30 -57.53 59.33 22.27
CA ALA A 30 -58.06 58.40 21.28
C ALA A 30 -57.72 56.95 21.63
N LYS A 31 -58.25 56.51 22.77
CA LYS A 31 -58.01 55.15 23.23
C LYS A 31 -58.79 54.13 22.39
N GLU A 32 -58.27 52.90 22.37
CA GLU A 32 -58.87 51.78 21.64
C GLU A 32 -59.05 52.12 20.15
N ALA A 33 -57.93 52.44 19.49
CA ALA A 33 -57.91 52.71 18.07
C ALA A 33 -57.07 51.64 17.37
N THR A 34 -57.58 51.12 16.26
CA THR A 34 -56.90 50.07 15.51
C THR A 34 -56.77 50.49 14.05
N LEU A 35 -55.72 49.98 13.41
CA LEU A 35 -55.42 50.23 12.01
C LEU A 35 -55.80 48.97 11.22
N ILE A 36 -56.72 49.12 10.26
CA ILE A 36 -57.12 48.00 9.42
C ILE A 36 -56.42 48.11 8.07
N PRO A 37 -55.66 47.09 7.67
CA PRO A 37 -54.97 47.13 6.37
C PRO A 37 -55.98 47.07 5.23
N HIS A 38 -56.00 48.12 4.42
CA HIS A 38 -56.93 48.26 3.31
C HIS A 38 -56.24 47.95 1.98
N GLY A 39 -55.29 47.02 2.00
CA GLY A 39 -54.53 46.70 0.82
C GLY A 39 -53.48 47.75 0.51
N ALA A 40 -53.92 48.97 0.23
CA ALA A 40 -53.03 50.10 0.02
C ALA A 40 -53.43 51.36 0.78
N SER A 41 -54.69 51.52 1.15
CA SER A 41 -55.12 52.72 1.85
C SER A 41 -54.70 52.72 3.32
N TYR A 42 -54.71 51.54 3.94
CA TYR A 42 -54.36 51.37 5.35
C TYR A 42 -55.24 52.25 6.24
N LEU A 43 -56.54 51.96 6.21
CA LEU A 43 -57.51 52.71 6.99
C LEU A 43 -57.31 52.44 8.48
N ILE A 44 -57.67 53.42 9.30
CA ILE A 44 -57.53 53.34 10.76
C ILE A 44 -58.89 53.59 11.38
N GLN A 45 -59.28 52.73 12.31
CA GLN A 45 -60.50 52.90 13.08
C GLN A 45 -60.19 53.67 14.36
N THR A 46 -60.79 54.84 14.51
CA THR A 46 -60.51 55.71 15.64
C THR A 46 -61.81 56.23 16.23
N ASP A 47 -61.80 56.46 17.54
CA ASP A 47 -62.89 57.12 18.23
C ASP A 47 -62.58 58.58 18.51
N VAL A 48 -61.53 59.12 17.88
CA VAL A 48 -61.11 60.48 18.14
C VAL A 48 -62.07 61.48 17.50
N SER A 49 -62.05 62.71 18.01
CA SER A 49 -62.79 63.80 17.41
C SER A 49 -61.90 64.51 16.39
N ASN A 50 -62.46 65.46 15.65
CA ASN A 50 -61.69 66.20 14.65
C ASN A 50 -60.70 67.17 15.27
N GLU A 51 -61.13 67.92 16.28
CA GLU A 51 -60.21 68.85 16.95
C GLU A 51 -59.20 68.09 17.80
N GLU A 52 -59.62 66.97 18.42
CA GLU A 52 -58.72 66.19 19.25
C GLU A 52 -57.55 65.64 18.42
N PHE A 53 -57.81 65.26 17.17
CA PHE A 53 -56.74 64.85 16.28
C PHE A 53 -55.78 66.00 16.02
N ARG A 54 -56.30 67.21 15.84
CA ARG A 54 -55.45 68.36 15.54
C ARG A 54 -54.63 68.77 16.75
N HIS A 55 -55.25 68.82 17.93
CA HIS A 55 -54.51 69.19 19.14
C HIS A 55 -53.45 68.16 19.48
N GLY A 56 -53.72 66.88 19.22
CA GLY A 56 -52.70 65.86 19.41
C GLY A 56 -51.56 66.01 18.43
N LEU A 57 -51.87 66.43 17.19
CA LEU A 57 -50.84 66.55 16.17
C LEU A 57 -49.88 67.70 16.45
N VAL A 58 -50.40 68.85 16.88
CA VAL A 58 -49.54 70.02 17.10
C VAL A 58 -48.52 69.74 18.19
N ASP A 59 -48.84 68.82 19.12
CA ASP A 59 -47.86 68.42 20.12
C ASP A 59 -46.78 67.54 19.52
N ALA A 60 -47.14 66.74 18.51
CA ALA A 60 -46.18 65.84 17.86
C ALA A 60 -45.19 66.60 17.00
N LEU A 61 -45.70 67.36 16.03
CA LEU A 61 -44.82 68.12 15.15
C LEU A 61 -44.12 69.26 15.91
N SER A 62 -44.54 69.51 17.15
CA SER A 62 -43.78 70.40 18.02
C SER A 62 -42.39 69.82 18.34
N SER A 63 -42.31 68.52 18.56
CA SER A 63 -41.06 67.90 18.99
C SER A 63 -39.98 67.99 17.90
N MET A 64 -40.34 67.68 16.65
CA MET A 64 -39.37 67.75 15.56
C MET A 64 -38.83 69.17 15.38
N LEU A 65 -39.72 70.17 15.44
CA LEU A 65 -39.24 71.55 15.37
C LEU A 65 -38.37 71.87 16.58
N SER A 66 -38.76 71.42 17.77
CA SER A 66 -37.97 71.71 18.97
C SER A 66 -36.57 71.12 18.87
N LEU A 67 -36.44 69.95 18.25
CA LEU A 67 -35.12 69.36 18.04
C LEU A 67 -34.40 70.04 16.88
N HIS A 68 -35.12 70.79 16.06
CA HIS A 68 -34.51 71.39 14.88
C HIS A 68 -33.63 72.58 15.25
N ILE A 69 -34.06 73.38 16.23
CA ILE A 69 -33.22 74.47 16.70
C ILE A 69 -31.94 73.95 17.35
N ALA A 70 -31.97 72.71 17.87
CA ALA A 70 -30.82 72.18 18.59
C ALA A 70 -29.56 72.17 17.72
N LEU A 71 -29.72 72.03 16.41
CA LEU A 71 -28.60 72.05 15.49
C LEU A 71 -28.85 73.08 14.39
N ALA A 72 -27.78 73.70 13.94
CA ALA A 72 -27.88 74.72 12.89
C ALA A 72 -26.62 74.75 12.03
N LYS A 81 -32.10 80.18 7.35
CA LYS A 81 -31.73 78.87 6.86
C LYS A 81 -31.11 78.03 7.97
N LEU A 82 -31.90 77.15 8.57
CA LEU A 82 -31.46 76.29 9.65
C LEU A 82 -31.43 74.85 9.16
N VAL A 83 -30.25 74.23 9.21
CA VAL A 83 -30.06 72.84 8.80
C VAL A 83 -29.57 72.06 10.01
N SER A 84 -30.32 71.02 10.38
CA SER A 84 -29.99 70.19 11.52
C SER A 84 -29.73 68.76 11.06
N ASP A 85 -28.87 68.06 11.81
CA ASP A 85 -28.54 66.67 11.50
C ASP A 85 -29.58 65.72 12.12
N ALA A 86 -30.84 66.01 11.82
CA ALA A 86 -31.95 65.21 12.33
C ALA A 86 -32.52 64.32 11.24
N ASP A 87 -33.50 63.49 11.59
CA ASP A 87 -34.13 62.55 10.66
C ASP A 87 -34.88 63.22 9.53
N PHE A 88 -35.68 64.23 9.83
CA PHE A 88 -36.56 64.87 8.85
C PHE A 88 -35.91 66.06 8.17
N SER A 89 -34.66 66.37 8.51
CA SER A 89 -34.01 67.55 7.97
C SER A 89 -32.84 67.17 7.06
N ALA A 90 -31.89 66.39 7.57
CA ALA A 90 -30.73 65.98 6.81
C ALA A 90 -30.35 64.51 6.98
N GLY A 91 -30.86 63.83 8.00
CA GLY A 91 -30.51 62.42 8.19
C GLY A 91 -31.03 61.51 7.10
N ALA A 92 -32.26 61.76 6.64
CA ALA A 92 -32.87 60.96 5.58
C ALA A 92 -33.06 61.70 4.28
N ASN A 93 -33.16 63.02 4.30
CA ASN A 93 -33.31 63.81 3.08
C ASN A 93 -31.94 63.96 2.42
N ILE A 94 -31.69 63.18 1.37
CA ILE A 94 -30.38 63.20 0.72
C ILE A 94 -30.18 64.42 -0.15
N ASN A 95 -31.24 65.17 -0.47
CA ASN A 95 -31.14 66.35 -1.31
C ASN A 95 -30.86 67.58 -0.46
N ASN A 96 -29.91 68.40 -0.91
CA ASN A 96 -29.54 69.59 -0.15
C ASN A 96 -30.67 70.62 -0.10
N VAL A 97 -31.45 70.73 -1.19
CA VAL A 97 -32.53 71.71 -1.23
C VAL A 97 -33.64 71.34 -0.24
N TYR A 98 -33.84 70.04 0.03
CA TYR A 98 -34.92 69.64 0.92
C TYR A 98 -34.54 69.79 2.38
N TRP A 99 -33.28 70.13 2.66
CA TRP A 99 -32.88 70.38 4.04
C TRP A 99 -33.62 71.59 4.62
N ASP A 100 -33.80 72.63 3.81
CA ASP A 100 -34.47 73.83 4.30
C ASP A 100 -35.98 73.75 4.12
N SER A 101 -36.44 73.11 3.04
CA SER A 101 -37.86 73.15 2.69
C SER A 101 -38.73 72.48 3.75
N VAL A 102 -38.31 71.30 4.22
CA VAL A 102 -39.15 70.53 5.15
C VAL A 102 -39.35 71.27 6.47
N PRO A 103 -38.31 71.80 7.13
CA PRO A 103 -38.58 72.62 8.34
C PRO A 103 -39.50 73.79 8.07
N ARG A 104 -39.35 74.46 6.92
CA ARG A 104 -40.22 75.59 6.60
C ARG A 104 -41.66 75.14 6.39
N ASN A 105 -41.85 74.00 5.72
CA ASN A 105 -43.20 73.46 5.54
C ASN A 105 -43.81 73.07 6.88
N LEU A 106 -43.03 72.43 7.75
CA LEU A 106 -43.56 71.99 9.03
C LEU A 106 -43.91 73.15 9.94
N GLU A 107 -43.08 74.20 9.94
CA GLU A 107 -43.36 75.35 10.82
C GLU A 107 -44.57 76.14 10.35
N LYS A 108 -44.93 76.02 9.06
CA LYS A 108 -46.17 76.65 8.59
C LYS A 108 -47.38 75.96 9.18
N LEU A 109 -47.25 74.70 9.57
CA LEU A 109 -48.34 74.02 10.26
C LEU A 109 -48.59 74.64 11.63
N MET A 110 -47.54 75.15 12.28
CA MET A 110 -47.74 75.94 13.49
C MET A 110 -48.68 77.11 13.23
N LYS A 111 -48.44 77.86 12.16
CA LYS A 111 -49.25 79.05 11.90
C LYS A 111 -50.65 78.70 11.45
N ASP A 112 -50.83 77.54 10.82
CA ASP A 112 -52.15 77.14 10.34
C ASP A 112 -52.94 76.39 11.42
N LEU A 113 -52.36 75.34 12.00
CA LEU A 113 -53.12 74.47 12.88
C LEU A 113 -53.43 75.15 14.21
N GLU A 114 -52.45 75.85 14.78
CA GLU A 114 -52.65 76.46 16.10
C GLU A 114 -53.66 77.59 16.06
N LYS A 115 -53.95 78.16 14.89
CA LYS A 115 -54.94 79.21 14.74
C LYS A 115 -56.23 78.71 14.11
N LYS A 116 -56.63 77.48 14.44
CA LYS A 116 -57.84 76.81 13.94
C LYS A 116 -58.10 77.08 12.46
N ARG A 117 -57.06 76.98 11.64
CA ARG A 117 -57.17 77.26 10.21
C ARG A 117 -56.68 76.05 9.43
N SER A 118 -57.46 75.64 8.43
CA SER A 118 -57.07 74.53 7.58
C SER A 118 -56.10 75.01 6.50
N VAL A 119 -55.28 74.08 6.00
CA VAL A 119 -54.31 74.41 4.96
C VAL A 119 -55.04 74.74 3.66
N LYS A 120 -54.34 75.49 2.80
CA LYS A 120 -54.92 75.93 1.54
C LYS A 120 -54.01 75.71 0.33
N GLY A 121 -52.82 75.15 0.52
CA GLY A 121 -51.88 74.95 -0.56
C GLY A 121 -51.28 73.55 -0.54
N THR A 122 -50.50 73.26 -1.58
CA THR A 122 -49.81 71.98 -1.72
C THR A 122 -48.33 72.23 -1.96
N ALA A 123 -47.50 71.28 -1.53
CA ALA A 123 -46.06 71.43 -1.58
C ALA A 123 -45.42 70.20 -2.20
N THR A 124 -44.25 70.41 -2.80
CA THR A 124 -43.50 69.33 -3.42
C THR A 124 -42.95 68.38 -2.35
N ILE A 125 -42.98 67.08 -2.68
CA ILE A 125 -42.56 66.03 -1.76
C ILE A 125 -41.24 65.47 -2.25
N PRO A 126 -40.30 65.15 -1.37
CA PRO A 126 -39.03 64.56 -1.81
C PRO A 126 -39.18 63.08 -2.13
N ILE A 127 -38.06 62.48 -2.55
CA ILE A 127 -38.02 61.04 -2.80
C ILE A 127 -38.02 60.24 -1.51
N THR A 128 -37.73 60.89 -0.36
CA THR A 128 -37.72 60.18 0.91
C THR A 128 -39.11 59.69 1.28
N LEU A 129 -40.13 60.53 1.10
CA LEU A 129 -41.48 60.18 1.51
C LEU A 129 -42.03 59.00 0.70
N MET A 130 -41.75 58.97 -0.60
CA MET A 130 -42.02 57.79 -1.42
C MET A 130 -40.89 57.60 -2.41
N PRO A 131 -40.28 56.41 -2.50
CA PRO A 131 -39.34 56.16 -3.59
C PRO A 131 -40.00 56.19 -4.97
N SER A 132 -41.31 55.97 -5.03
CA SER A 132 -42.03 55.92 -6.30
C SER A 132 -42.06 57.27 -7.02
N ALA A 133 -41.83 58.37 -6.32
CA ALA A 133 -41.80 59.68 -6.96
C ALA A 133 -40.41 59.94 -7.53
N GLY A 134 -40.16 61.17 -7.96
CA GLY A 134 -38.87 61.52 -8.53
C GLY A 134 -38.82 62.93 -9.06
N LYS A 135 -38.26 63.10 -10.25
CA LYS A 135 -38.14 64.42 -10.86
C LYS A 135 -39.04 64.58 -12.09
N TYR A 136 -39.28 63.51 -12.84
CA TYR A 136 -40.05 63.58 -14.06
C TYR A 136 -41.10 62.48 -14.08
N MET A 137 -41.93 62.47 -15.13
CA MET A 137 -42.89 61.39 -15.34
C MET A 137 -43.31 61.34 -16.80
N LEU A 138 -43.26 60.15 -17.40
CA LEU A 138 -43.66 59.95 -18.78
C LEU A 138 -45.18 60.08 -18.90
N LYS A 139 -45.65 61.16 -19.54
CA LYS A 139 -47.09 61.32 -19.69
C LYS A 139 -47.60 60.54 -20.90
N HIS A 140 -47.27 60.98 -22.11
CA HIS A 140 -47.55 60.17 -23.30
C HIS A 140 -46.33 60.00 -24.18
N PHE A 141 -45.68 61.11 -24.54
CA PHE A 141 -44.56 61.11 -25.49
C PHE A 141 -43.37 61.86 -24.91
N GLY A 142 -43.12 61.63 -23.63
CA GLY A 142 -42.04 62.29 -22.94
C GLY A 142 -42.44 62.61 -21.52
N VAL A 143 -41.62 63.45 -20.89
CA VAL A 143 -41.75 63.75 -19.47
C VAL A 143 -42.45 65.08 -19.27
N GLN A 144 -42.91 65.34 -18.05
CA GLN A 144 -43.63 66.56 -17.70
C GLN A 144 -42.74 67.44 -16.84
N GLY A 145 -42.62 68.71 -17.22
CA GLY A 145 -41.72 69.61 -16.53
C GLY A 145 -42.11 69.82 -15.08
N GLY A 146 -41.11 70.20 -14.28
CA GLY A 146 -41.31 70.35 -12.86
C GLY A 146 -41.52 69.00 -12.18
N ASN A 147 -42.18 69.04 -11.03
CA ASN A 147 -42.51 67.83 -10.29
C ASN A 147 -44.02 67.64 -10.27
N PRO A 148 -44.56 66.80 -11.15
CA PRO A 148 -46.03 66.63 -11.20
C PRO A 148 -46.62 66.08 -9.91
N ILE A 149 -45.89 65.24 -9.19
CA ILE A 149 -46.42 64.60 -7.98
C ILE A 149 -46.37 65.60 -6.83
N LYS A 150 -47.54 65.93 -6.28
CA LYS A 150 -47.65 66.83 -5.15
C LYS A 150 -48.70 66.30 -4.18
N VAL A 151 -48.51 66.63 -2.91
CA VAL A 151 -49.37 66.16 -1.83
C VAL A 151 -49.75 67.35 -0.96
N ASP A 152 -50.99 67.31 -0.43
CA ASP A 152 -51.46 68.37 0.44
C ASP A 152 -50.59 68.47 1.70
N LEU A 153 -50.58 69.65 2.31
CA LEU A 153 -49.68 69.92 3.42
C LEU A 153 -49.97 69.03 4.62
N LEU A 154 -51.26 68.79 4.92
CA LEU A 154 -51.60 68.06 6.13
C LEU A 154 -51.10 66.61 6.06
N ASN A 155 -51.35 65.94 4.94
CA ASN A 155 -50.84 64.58 4.76
C ASN A 155 -49.31 64.59 4.74
N TYR A 156 -48.72 65.62 4.15
CA TYR A 156 -47.27 65.77 4.11
C TYR A 156 -46.69 65.84 5.52
N ALA A 157 -47.23 66.74 6.36
CA ALA A 157 -46.72 66.88 7.72
C ALA A 157 -46.97 65.63 8.54
N LEU A 158 -48.14 64.99 8.36
CA LEU A 158 -48.42 63.75 9.07
C LEU A 158 -47.45 62.64 8.68
N ALA A 159 -47.10 62.57 7.39
CA ALA A 159 -46.12 61.60 6.93
C ALA A 159 -44.75 61.85 7.55
N TRP A 160 -44.33 63.12 7.62
CA TRP A 160 -43.07 63.41 8.31
C TRP A 160 -43.12 63.06 9.79
N VAL A 161 -44.25 63.31 10.45
CA VAL A 161 -44.38 62.94 11.85
C VAL A 161 -44.18 61.44 12.03
N GLY A 162 -44.89 60.65 11.22
CA GLY A 162 -44.76 59.20 11.30
C GLY A 162 -43.36 58.73 10.96
N PHE A 163 -42.75 59.31 9.94
CA PHE A 163 -41.41 58.92 9.53
C PHE A 163 -40.38 59.20 10.61
N HIS A 164 -40.51 60.36 11.28
CA HIS A 164 -39.58 60.69 12.35
C HIS A 164 -39.77 59.80 13.57
N TYR A 165 -41.02 59.62 14.00
CA TYR A 165 -41.28 58.89 15.23
C TYR A 165 -41.12 57.38 15.11
N TYR A 166 -41.50 56.78 13.98
CA TYR A 166 -41.66 55.33 13.91
C TYR A 166 -40.67 54.64 12.99
N THR A 167 -40.54 55.09 11.75
CA THR A 167 -39.78 54.34 10.76
C THR A 167 -38.29 54.44 11.05
N PRO A 168 -37.60 53.33 11.30
CA PRO A 168 -36.15 53.38 11.49
C PRO A 168 -35.42 53.70 10.20
N TYR A 169 -34.26 54.31 10.36
CA TYR A 169 -33.41 54.63 9.22
C TYR A 169 -31.96 54.63 9.67
N ILE A 170 -31.06 54.42 8.71
CA ILE A 170 -29.63 54.34 8.98
C ILE A 170 -28.90 55.02 7.82
N LYS A 171 -27.95 55.89 8.16
CA LYS A 171 -27.18 56.64 7.17
C LYS A 171 -25.70 56.33 7.32
N TYR A 172 -25.04 56.08 6.19
CA TYR A 172 -23.60 55.87 6.14
C TYR A 172 -22.98 56.93 5.24
N ALA A 173 -22.02 57.68 5.77
CA ALA A 173 -21.42 58.75 4.99
C ALA A 173 -20.34 58.22 4.04
N LYS A 174 -19.26 57.69 4.60
CA LYS A 174 -18.11 57.19 3.83
C LYS A 174 -17.65 58.25 2.82
N GLY A 175 -17.16 59.36 3.38
CA GLY A 175 -16.57 60.46 2.62
C GLY A 175 -17.59 61.18 1.75
N ASP A 176 -17.25 61.39 0.46
CA ASP A 176 -18.05 62.25 -0.40
C ASP A 176 -19.45 61.69 -0.62
N THR A 177 -19.57 60.38 -0.83
CA THR A 177 -20.87 59.77 -1.07
C THR A 177 -21.69 59.75 0.23
N THR A 178 -22.86 59.13 0.15
CA THR A 178 -23.72 58.96 1.32
C THR A 178 -24.76 57.89 1.01
N TRP A 179 -24.82 56.86 1.86
CA TRP A 179 -25.82 55.81 1.75
C TRP A 179 -26.79 55.94 2.91
N ILE A 180 -28.07 56.10 2.60
CA ILE A 180 -29.14 56.22 3.60
C ILE A 180 -30.07 55.04 3.43
N HIS A 181 -30.12 54.16 4.42
CA HIS A 181 -31.02 53.02 4.42
C HIS A 181 -32.27 53.39 5.21
N ILE A 182 -33.42 53.31 4.56
CA ILE A 182 -34.70 53.69 5.15
C ILE A 182 -35.57 52.45 5.26
N TYR A 183 -36.11 52.20 6.44
CA TYR A 183 -36.92 51.03 6.72
C TYR A 183 -38.28 51.45 7.25
N GLN A 184 -39.34 50.90 6.66
CA GLN A 184 -40.69 51.08 7.17
C GLN A 184 -41.31 49.72 7.46
N ILE A 185 -41.93 49.59 8.63
CA ILE A 185 -42.59 48.36 9.04
C ILE A 185 -44.08 48.49 8.77
N ALA A 186 -44.66 47.45 8.17
CA ALA A 186 -46.02 47.52 7.69
C ALA A 186 -46.88 46.41 8.28
N PRO A 187 -47.98 46.75 8.97
CA PRO A 187 -48.97 45.73 9.33
C PRO A 187 -49.69 45.25 8.09
N VAL A 188 -50.02 43.96 8.06
CA VAL A 188 -50.62 43.34 6.89
C VAL A 188 -51.95 42.66 7.20
N GLU A 189 -52.19 42.28 8.46
CA GLU A 189 -53.43 41.60 8.80
C GLU A 189 -54.31 42.46 9.70
N GLU A 190 -53.80 42.80 10.88
CA GLU A 190 -54.46 43.65 11.86
C GLU A 190 -53.41 44.12 12.85
N VAL A 191 -53.73 45.17 13.59
CA VAL A 191 -52.84 45.69 14.62
C VAL A 191 -53.65 46.51 15.62
N ASP A 192 -53.25 46.45 16.88
CA ASP A 192 -53.84 47.29 17.92
C ASP A 192 -52.93 48.50 18.17
N MET A 193 -53.42 49.44 18.98
CA MET A 193 -52.67 50.66 19.24
C MET A 193 -51.44 50.37 20.10
N ILE A 194 -51.56 49.52 21.11
CA ILE A 194 -50.42 49.21 21.96
C ILE A 194 -49.33 48.50 21.15
N SER A 195 -49.74 47.67 20.19
CA SER A 195 -48.77 47.03 19.30
C SER A 195 -48.04 48.06 18.47
N ILE A 196 -48.75 49.07 17.95
CA ILE A 196 -48.12 50.11 17.14
C ILE A 196 -47.13 50.91 17.98
N LEU A 197 -47.52 51.24 19.21
CA LEU A 197 -46.64 52.03 20.08
C LEU A 197 -45.34 51.28 20.36
N SER A 198 -45.38 49.96 20.36
CA SER A 198 -44.15 49.18 20.51
C SER A 198 -43.19 49.43 19.34
N LEU A 199 -43.74 49.53 18.13
CA LEU A 199 -42.89 49.77 16.96
C LEU A 199 -42.25 51.15 17.02
N LYS A 200 -42.88 52.10 17.73
CA LYS A 200 -42.29 53.43 17.85
C LYS A 200 -40.96 53.38 18.58
N ASP A 201 -40.85 52.52 19.60
CA ASP A 201 -39.64 52.40 20.40
C ASP A 201 -38.47 51.90 19.55
N LEU A 202 -38.77 51.19 18.47
CA LEU A 202 -37.72 50.67 17.58
C LEU A 202 -36.89 51.82 17.00
N LYS A 203 -37.55 52.88 16.56
CA LYS A 203 -36.86 54.04 15.99
C LYS A 203 -35.98 54.71 17.02
N MET A 204 -34.74 55.01 16.63
CA MET A 204 -33.79 55.74 17.48
C MET A 204 -33.33 56.98 16.72
N HIS A 205 -33.36 58.13 17.39
CA HIS A 205 -32.99 59.37 16.75
C HIS A 205 -31.48 59.43 16.49
N LEU A 206 -31.13 60.06 15.37
CA LEU A 206 -29.75 60.30 14.95
C LEU A 206 -28.91 59.02 14.88
N PRO A 207 -29.24 58.06 14.02
CA PRO A 207 -28.35 56.90 13.85
C PRO A 207 -27.23 57.17 12.86
N HIS A 208 -26.56 58.33 12.99
CA HIS A 208 -25.43 58.67 12.13
C HIS A 208 -24.19 57.97 12.66
N TYR A 209 -23.99 56.73 12.19
CA TYR A 209 -22.88 55.92 12.68
C TYR A 209 -21.55 56.39 12.09
N TYR A 210 -21.55 56.73 10.79
CA TYR A 210 -20.36 57.14 10.03
C TYR A 210 -19.20 56.21 10.37
N GLU A 211 -18.01 56.72 10.66
CA GLU A 211 -16.84 55.92 11.08
C GLU A 211 -16.32 55.07 9.93
N SER A 212 -15.23 54.32 10.18
CA SER A 212 -14.60 53.53 9.15
C SER A 212 -14.66 52.04 9.47
N ASN A 213 -14.51 51.69 10.76
CA ASN A 213 -14.61 50.30 11.17
C ASN A 213 -16.00 49.75 10.90
N LEU A 214 -17.02 50.60 10.96
CA LEU A 214 -18.39 50.21 10.60
C LEU A 214 -18.56 50.35 9.10
N ASP A 215 -17.76 49.59 8.37
CA ASP A 215 -17.85 49.52 6.91
C ASP A 215 -18.93 48.56 6.43
N PHE A 216 -19.59 47.87 7.36
CA PHE A 216 -20.67 46.95 7.04
C PHE A 216 -22.03 47.63 6.97
N LEU A 217 -22.08 48.96 7.11
CA LEU A 217 -23.35 49.67 7.08
C LEU A 217 -23.95 49.72 5.67
N ILE A 218 -23.18 49.38 4.65
CA ILE A 218 -23.66 49.13 3.30
C ILE A 218 -24.27 47.73 3.28
N ASN A 219 -24.89 47.33 2.16
CA ASN A 219 -25.56 46.03 2.06
C ASN A 219 -26.76 45.93 3.01
N ARG A 220 -27.84 46.63 2.65
CA ARG A 220 -29.08 46.72 3.41
C ARG A 220 -29.47 45.47 4.19
N ARG A 221 -29.53 44.31 3.53
CA ARG A 221 -29.96 43.10 4.24
C ARG A 221 -28.96 42.73 5.32
N LEU A 222 -27.67 43.03 5.09
CA LEU A 222 -26.67 42.85 6.12
C LEU A 222 -26.68 43.99 7.15
N ALA A 223 -27.01 45.20 6.71
CA ALA A 223 -26.91 46.36 7.58
C ALA A 223 -28.00 46.38 8.65
N LEU A 224 -29.23 45.99 8.28
CA LEU A 224 -30.35 46.05 9.21
C LEU A 224 -30.22 45.06 10.36
N LEU A 225 -29.40 44.02 10.21
CA LEU A 225 -29.20 43.08 11.30
C LEU A 225 -28.50 43.74 12.49
N TYR A 226 -27.60 44.68 12.20
CA TYR A 226 -26.89 45.38 13.27
C TYR A 226 -27.85 46.17 14.16
N HIS A 227 -28.81 46.88 13.55
CA HIS A 227 -29.76 47.65 14.33
C HIS A 227 -30.70 46.76 15.12
N LEU A 228 -31.18 45.67 14.49
CA LEU A 228 -32.11 44.77 15.16
C LEU A 228 -31.43 43.97 16.27
N LEU A 229 -30.11 43.75 16.17
CA LEU A 229 -29.41 43.01 17.21
C LEU A 229 -29.46 43.74 18.54
N HIS A 230 -29.31 45.07 18.52
CA HIS A 230 -29.25 45.87 19.73
C HIS A 230 -30.63 46.41 20.14
N SER A 231 -31.69 46.01 19.43
CA SER A 231 -33.04 46.45 19.74
C SER A 231 -33.79 45.35 20.48
N GLU A 232 -34.32 45.69 21.64
CA GLU A 232 -35.09 44.76 22.47
C GLU A 232 -36.37 45.44 22.97
N ALA A 233 -37.08 46.09 22.05
CA ALA A 233 -38.30 46.81 22.43
C ALA A 233 -39.42 45.85 22.81
N LEU A 234 -39.84 45.00 21.89
CA LEU A 234 -40.89 44.03 22.16
C LEU A 234 -40.79 42.89 21.15
N GLU A 235 -40.96 41.66 21.63
CA GLU A 235 -40.98 40.48 20.76
C GLU A 235 -42.38 40.24 20.24
N LEU A 236 -42.76 41.03 19.22
CA LEU A 236 -44.14 41.05 18.75
C LEU A 236 -44.33 40.30 17.43
N PHE A 237 -43.36 40.35 16.52
CA PHE A 237 -43.56 39.79 15.18
C PHE A 237 -43.70 38.27 15.20
N THR A 238 -43.43 37.65 16.34
CA THR A 238 -43.66 36.21 16.49
C THR A 238 -45.13 35.86 16.64
N GLU A 239 -45.97 36.81 17.04
CA GLU A 239 -47.41 36.59 17.15
C GLU A 239 -48.21 37.35 16.11
N LYS A 240 -47.62 38.31 15.41
CA LYS A 240 -48.28 39.06 14.36
C LYS A 240 -47.40 39.11 13.12
N GLU A 241 -48.03 39.09 11.96
CA GLU A 241 -47.34 39.08 10.68
C GLU A 241 -47.06 40.52 10.27
N PHE A 242 -45.78 40.87 10.18
CA PHE A 242 -45.34 42.20 9.79
C PHE A 242 -44.27 42.07 8.71
N VAL A 243 -44.34 42.92 7.70
CA VAL A 243 -43.40 42.90 6.60
C VAL A 243 -42.62 44.21 6.58
N ILE A 244 -41.47 44.20 5.91
CA ILE A 244 -40.57 45.34 5.86
C ILE A 244 -40.47 45.84 4.42
N HIS A 245 -40.64 47.15 4.24
CA HIS A 245 -40.43 47.82 2.96
C HIS A 245 -39.25 48.76 3.13
N SER A 246 -38.22 48.60 2.30
CA SER A 246 -37.01 49.37 2.42
C SER A 246 -36.55 49.89 1.07
N TYR A 247 -35.79 50.98 1.09
CA TYR A 247 -35.18 51.53 -0.11
C TYR A 247 -33.90 52.26 0.30
N THR A 248 -32.97 52.38 -0.64
CA THR A 248 -31.67 52.96 -0.37
C THR A 248 -31.46 54.22 -1.21
N LEU A 249 -30.78 55.19 -0.60
CA LEU A 249 -30.48 56.46 -1.25
C LEU A 249 -28.96 56.61 -1.35
N GLU A 250 -28.49 56.99 -2.53
CA GLU A 250 -27.06 57.11 -2.81
C GLU A 250 -26.73 58.52 -3.27
N ARG A 251 -25.61 59.06 -2.77
CA ARG A 251 -25.15 60.38 -3.18
C ARG A 251 -23.74 60.29 -3.74
N SER A 252 -23.50 59.33 -4.62
CA SER A 252 -22.19 59.14 -5.23
C SER A 252 -21.93 60.25 -6.23
N GLY A 253 -21.15 61.25 -5.83
CA GLY A 253 -20.84 62.37 -6.69
C GLY A 253 -22.03 63.23 -7.02
N ASN A 254 -22.85 63.54 -6.01
CA ASN A 254 -24.06 64.34 -6.18
C ASN A 254 -25.00 63.74 -7.22
N ASN A 255 -25.08 62.41 -7.24
CA ASN A 255 -25.97 61.67 -8.13
C ASN A 255 -26.99 60.95 -7.26
N GLN A 256 -28.11 61.62 -7.00
CA GLN A 256 -29.15 61.06 -6.13
C GLN A 256 -29.97 60.04 -6.90
N ALA A 257 -29.94 58.79 -6.44
CA ALA A 257 -30.66 57.71 -7.11
C ALA A 257 -30.88 56.59 -6.11
N ILE A 258 -31.76 55.67 -6.47
CA ILE A 258 -32.09 54.51 -5.66
C ILE A 258 -31.63 53.26 -6.40
N ARG A 259 -30.87 52.41 -5.71
CA ARG A 259 -30.29 51.23 -6.32
C ARG A 259 -30.79 49.93 -5.71
N SER A 260 -31.66 49.97 -4.70
CA SER A 260 -32.14 48.76 -4.06
C SER A 260 -33.57 48.96 -3.57
N PHE A 261 -34.45 48.02 -3.92
CA PHE A 261 -35.82 48.00 -3.43
C PHE A 261 -36.25 46.57 -3.08
N GLU A 262 -35.32 45.75 -2.59
CA GLU A 262 -35.63 44.36 -2.28
C GLU A 262 -36.69 44.29 -1.17
N GLU A 263 -37.64 43.38 -1.37
CA GLU A 263 -38.76 43.19 -0.45
C GLU A 263 -38.50 41.92 0.36
N GLU A 264 -37.82 42.09 1.49
CA GLU A 264 -37.53 40.98 2.38
C GLU A 264 -38.57 40.95 3.50
N GLU A 265 -38.36 40.09 4.49
CA GLU A 265 -39.25 39.98 5.64
C GLU A 265 -38.43 40.06 6.92
N ILE A 266 -39.06 40.58 7.98
CA ILE A 266 -38.38 40.78 9.24
C ILE A 266 -38.76 39.73 10.28
N GLY A 267 -39.80 38.93 10.03
CA GLY A 267 -40.21 37.93 11.01
C GLY A 267 -39.18 36.83 11.19
N LYS A 268 -38.61 36.35 10.09
CA LYS A 268 -37.67 35.24 10.18
C LYS A 268 -36.38 35.65 10.86
N LEU A 269 -35.85 36.83 10.53
CA LEU A 269 -34.61 37.28 11.15
C LEU A 269 -34.81 37.53 12.65
N MET A 270 -35.91 38.17 13.01
CA MET A 270 -36.20 38.40 14.42
C MET A 270 -36.38 37.10 15.18
N ASP A 271 -37.11 36.14 14.59
CA ASP A 271 -37.29 34.85 15.24
C ASP A 271 -35.96 34.12 15.38
N PHE A 272 -35.06 34.31 14.42
CA PHE A 272 -33.71 33.77 14.54
C PHE A 272 -32.97 34.41 15.72
N LEU A 273 -33.01 35.74 15.83
CA LEU A 273 -32.28 36.42 16.89
C LEU A 273 -32.82 36.06 18.27
N TRP A 274 -34.14 35.99 18.40
CA TRP A 274 -34.73 35.65 19.69
C TRP A 274 -34.35 34.24 20.12
N LYS A 275 -34.33 33.29 19.18
CA LYS A 275 -33.87 31.94 19.49
C LYS A 275 -32.38 31.91 19.76
N LEU A 276 -31.61 32.81 19.14
CA LEU A 276 -30.17 32.85 19.39
C LEU A 276 -29.85 33.45 20.75
N LYS A 277 -30.57 34.51 21.14
CA LYS A 277 -30.30 35.22 22.38
C LYS A 277 -31.05 34.65 23.57
N ARG A 278 -31.88 33.62 23.37
CA ARG A 278 -32.62 33.04 24.49
C ARG A 278 -31.68 32.32 25.45
N ARG A 279 -30.57 31.78 24.94
CA ARG A 279 -29.63 31.05 25.79
C ARG A 279 -28.76 32.00 26.58
N ASP A 280 -27.97 32.82 25.89
CA ASP A 280 -27.07 33.77 26.53
C ASP A 280 -27.10 35.08 25.76
N PHE A 281 -26.95 36.19 26.50
CA PHE A 281 -26.90 37.51 25.90
C PHE A 281 -25.48 38.06 25.78
N TYR A 282 -24.59 37.68 26.69
CA TYR A 282 -23.22 38.16 26.65
C TYR A 282 -22.49 37.67 25.40
N HIS A 283 -22.67 36.40 25.05
CA HIS A 283 -22.00 35.79 23.92
C HIS A 283 -22.83 35.87 22.64
N ALA A 284 -23.98 36.55 22.68
CA ALA A 284 -24.83 36.68 21.50
C ALA A 284 -24.48 37.91 20.67
N ILE A 285 -24.54 39.09 21.28
CA ILE A 285 -24.24 40.33 20.56
C ILE A 285 -22.76 40.39 20.21
N LYS A 286 -21.90 39.92 21.12
CA LYS A 286 -20.46 39.95 20.87
C LYS A 286 -20.09 39.05 19.69
N PHE A 287 -20.67 37.85 19.63
CA PHE A 287 -20.37 36.94 18.53
C PHE A 287 -20.80 37.52 17.19
N ILE A 288 -22.02 38.07 17.13
CA ILE A 288 -22.52 38.64 15.89
C ILE A 288 -21.67 39.83 15.46
N ASP A 289 -21.35 40.72 16.40
CA ASP A 289 -20.55 41.89 16.06
C ASP A 289 -19.16 41.49 15.60
N ASP A 290 -18.53 40.53 16.28
CA ASP A 290 -17.20 40.08 15.87
C ASP A 290 -17.25 39.44 14.48
N LEU A 291 -18.25 38.61 14.23
CA LEU A 291 -18.40 38.02 12.90
C LEU A 291 -18.76 39.07 11.87
N LEU A 292 -19.61 40.03 12.24
CA LEU A 292 -20.09 41.03 11.27
C LEU A 292 -18.95 41.96 10.85
N LYS A 293 -18.18 42.45 11.82
CA LYS A 293 -17.10 43.39 11.50
C LYS A 293 -15.95 42.69 10.79
N LYS A 294 -15.51 41.54 11.29
CA LYS A 294 -14.36 40.87 10.72
C LYS A 294 -14.72 40.08 9.47
N ALA A 295 -15.61 39.09 9.61
CA ALA A 295 -15.96 38.20 8.50
C ALA A 295 -17.24 38.71 7.85
N THR A 296 -17.10 39.76 7.05
CA THR A 296 -18.24 40.30 6.32
C THR A 296 -18.80 39.28 5.33
N GLU A 297 -17.90 38.55 4.64
CA GLU A 297 -18.36 37.52 3.72
C GLU A 297 -19.12 36.42 4.45
N GLY A 298 -18.64 36.01 5.63
CA GLY A 298 -19.37 35.05 6.42
C GLY A 298 -20.73 35.55 6.86
N ALA A 299 -20.83 36.86 7.14
CA ALA A 299 -22.13 37.43 7.50
C ALA A 299 -23.12 37.34 6.34
N LEU A 300 -22.66 37.58 5.11
CA LEU A 300 -23.53 37.46 3.95
C LEU A 300 -24.06 36.05 3.80
N ALA A 301 -23.20 35.04 3.99
CA ALA A 301 -23.66 33.66 3.97
C ALA A 301 -24.58 33.38 5.15
N LEU A 302 -24.29 33.99 6.31
CA LEU A 302 -25.12 33.78 7.49
C LEU A 302 -26.53 34.30 7.27
N ILE A 303 -26.65 35.55 6.83
CA ILE A 303 -27.97 36.17 6.66
C ILE A 303 -28.74 35.48 5.54
N ASP A 304 -28.04 35.03 4.49
CA ASP A 304 -28.71 34.37 3.39
C ASP A 304 -29.39 33.08 3.84
N ALA A 305 -28.75 32.33 4.74
CA ALA A 305 -29.36 31.11 5.25
C ALA A 305 -30.60 31.42 6.08
N ILE A 306 -30.60 32.54 6.81
CA ILE A 306 -31.74 32.90 7.63
C ILE A 306 -32.98 33.14 6.77
N MET A 307 -32.81 33.87 5.67
CA MET A 307 -33.94 34.19 4.80
C MET A 307 -34.32 33.04 3.88
N ASN A 308 -33.53 31.97 3.83
CA ASN A 308 -33.81 30.86 2.94
C ASN A 308 -33.87 29.51 3.64
N GLU A 309 -33.56 29.44 4.94
CA GLU A 309 -33.57 28.20 5.71
C GLU A 309 -32.68 27.15 5.05
N ARG A 310 -31.42 27.52 4.87
CA ARG A 310 -30.41 26.65 4.26
C ARG A 310 -29.36 26.31 5.29
N LEU A 311 -28.96 25.02 5.32
CA LEU A 311 -28.05 24.55 6.34
C LEU A 311 -26.61 25.02 6.08
N GLU A 312 -26.18 25.02 4.82
CA GLU A 312 -24.80 25.30 4.49
C GLU A 312 -24.40 26.74 4.82
N GLY A 313 -25.34 27.68 4.74
CA GLY A 313 -24.99 29.07 5.03
C GLY A 313 -24.48 29.27 6.44
N PHE A 314 -25.01 28.50 7.39
CA PHE A 314 -24.52 28.58 8.77
C PHE A 314 -23.11 28.00 8.89
N TYR A 315 -22.82 26.93 8.14
CA TYR A 315 -21.50 26.30 8.23
C TYR A 315 -20.40 27.23 7.72
N THR A 316 -20.64 27.87 6.58
CA THR A 316 -19.63 28.78 6.03
C THR A 316 -19.42 29.98 6.93
N ALA A 317 -20.51 30.50 7.52
CA ALA A 317 -20.38 31.66 8.39
C ALA A 317 -19.52 31.35 9.60
N LEU A 318 -19.71 30.18 10.21
CA LEU A 318 -18.91 29.82 11.38
C LEU A 318 -17.46 29.55 10.98
N LYS A 319 -17.24 28.94 9.82
CA LYS A 319 -15.88 28.62 9.40
C LYS A 319 -15.07 29.87 9.13
N LEU A 320 -15.61 30.81 8.33
CA LEU A 320 -14.90 32.05 8.05
C LEU A 320 -14.75 32.92 9.28
N GLY A 321 -15.74 32.95 10.16
CA GLY A 321 -15.63 33.73 11.38
C GLY A 321 -14.54 33.23 12.29
N LYS A 322 -14.44 31.91 12.45
CA LYS A 322 -13.39 31.33 13.29
C LYS A 322 -12.01 31.63 12.74
N LYS A 323 -11.90 31.86 11.43
CA LYS A 323 -10.60 32.13 10.82
C LYS A 323 -9.97 33.40 11.37
N ALA A 324 -10.76 34.46 11.51
CA ALA A 324 -10.16 35.75 11.85
C ALA A 324 -10.17 36.05 13.35
N GLY A 325 -11.35 36.20 13.95
CA GLY A 325 -11.39 36.61 15.34
C GLY A 325 -12.55 36.13 16.19
N VAL A 326 -13.39 35.24 15.67
CA VAL A 326 -14.64 34.88 16.33
C VAL A 326 -14.43 33.70 17.26
N VAL A 327 -14.81 33.87 18.52
CA VAL A 327 -14.71 32.78 19.48
C VAL A 327 -15.76 31.71 19.19
N SER A 328 -16.97 32.10 18.81
CA SER A 328 -18.07 31.19 18.48
C SER A 328 -18.38 30.28 19.67
N SER A 329 -18.90 30.90 20.73
CA SER A 329 -19.17 30.22 21.99
C SER A 329 -20.09 29.01 21.82
N ARG A 330 -20.14 28.13 22.82
CA ARG A 330 -20.88 26.89 22.70
C ARG A 330 -22.39 27.10 22.77
N GLU A 331 -22.83 28.03 23.63
CA GLU A 331 -24.26 28.18 23.88
C GLU A 331 -25.01 28.61 22.61
N ILE A 332 -24.43 29.52 21.83
CA ILE A 332 -25.08 29.94 20.59
C ILE A 332 -25.13 28.79 19.59
N VAL A 333 -24.10 27.94 19.57
CA VAL A 333 -24.08 26.82 18.63
C VAL A 333 -25.25 25.88 18.91
N ALA A 334 -25.52 25.61 20.19
CA ALA A 334 -26.67 24.79 20.55
C ALA A 334 -27.97 25.43 20.11
N ALA A 335 -28.05 26.77 20.20
CA ALA A 335 -29.25 27.47 19.75
C ALA A 335 -29.47 27.28 18.25
N LEU A 336 -28.40 27.36 17.46
CA LEU A 336 -28.53 27.17 16.01
C LEU A 336 -29.01 25.76 15.69
N GLU A 337 -28.52 24.76 16.42
CA GLU A 337 -29.01 23.40 16.21
C GLU A 337 -30.50 23.29 16.52
N ASP A 338 -30.96 24.00 17.55
CA ASP A 338 -32.39 24.03 17.84
C ASP A 338 -33.17 24.70 16.71
N ILE A 339 -32.59 25.73 16.10
CA ILE A 339 -33.21 26.34 14.92
C ILE A 339 -33.28 25.34 13.78
N ILE A 340 -32.22 24.52 13.65
CA ILE A 340 -32.17 23.54 12.57
C ILE A 340 -33.28 22.52 12.70
N CYS A 341 -33.55 22.06 13.93
CA CYS A 341 -34.54 21.01 14.20
C CYS A 341 -34.20 19.73 13.45
N GLY B 2 -27.70 14.36 22.28
CA GLY B 2 -27.78 13.10 21.57
C GLY B 2 -26.45 12.63 21.03
N TRP B 3 -25.54 12.27 21.94
CA TRP B 3 -24.19 11.79 21.62
C TRP B 3 -23.52 12.64 20.54
N ILE B 4 -23.78 13.94 20.55
CA ILE B 4 -23.16 14.86 19.60
C ILE B 4 -22.05 15.67 20.26
N ARG B 5 -22.22 16.03 21.53
CA ARG B 5 -21.20 16.80 22.23
C ARG B 5 -19.89 16.04 22.33
N ASN B 6 -19.96 14.74 22.65
CA ASN B 6 -18.75 13.95 22.81
C ASN B 6 -17.97 13.80 21.51
N ILE B 7 -18.67 13.77 20.37
CA ILE B 7 -17.98 13.73 19.09
C ILE B 7 -17.74 15.13 18.53
N GLY B 8 -18.59 16.10 18.88
CA GLY B 8 -18.34 17.47 18.48
C GLY B 8 -17.06 18.02 19.06
N ARG B 9 -16.78 17.70 20.33
CA ARG B 9 -15.52 18.13 20.93
C ARG B 9 -14.33 17.47 20.25
N TYR B 10 -14.47 16.19 19.88
CA TYR B 10 -13.37 15.52 19.19
C TYR B 10 -13.09 16.15 17.83
N LEU B 11 -14.14 16.50 17.09
CA LEU B 11 -13.94 17.19 15.82
C LEU B 11 -13.41 18.60 16.01
N SER B 12 -13.76 19.26 17.13
CA SER B 12 -13.18 20.57 17.39
C SER B 12 -11.71 20.46 17.76
N TYR B 13 -11.30 19.31 18.29
CA TYR B 13 -9.89 19.11 18.66
C TYR B 13 -8.96 19.31 17.48
N LEU B 14 -9.41 18.97 16.26
CA LEU B 14 -8.59 19.07 15.07
C LEU B 14 -8.54 20.47 14.48
N VAL B 15 -9.28 21.42 15.04
CA VAL B 15 -9.31 22.78 14.52
C VAL B 15 -8.90 23.82 15.55
N ASP B 16 -8.95 23.50 16.85
CA ASP B 16 -8.61 24.47 17.87
C ASP B 16 -7.17 24.93 17.74
N ASP B 17 -6.93 26.21 18.05
CA ASP B 17 -5.62 26.79 17.87
C ASP B 17 -4.57 26.15 18.76
N THR B 18 -4.97 25.60 19.91
CA THR B 18 -4.02 24.94 20.80
C THR B 18 -3.42 23.70 20.18
N PHE B 19 -4.08 23.09 19.20
CA PHE B 19 -3.54 21.96 18.45
C PHE B 19 -3.14 22.47 17.08
N GLU B 20 -1.85 22.71 16.90
CA GLU B 20 -1.33 23.29 15.66
C GLU B 20 -1.09 22.18 14.63
N GLU B 21 -2.18 21.58 14.18
CA GLU B 21 -2.11 20.61 13.09
C GLU B 21 -3.01 20.98 11.93
N TYR B 22 -4.18 21.57 12.19
CA TYR B 22 -5.01 22.24 11.18
C TYR B 22 -5.37 21.30 10.03
N ALA B 23 -6.13 20.26 10.38
CA ALA B 23 -6.64 19.31 9.40
C ALA B 23 -8.09 19.69 9.09
N TYR B 24 -8.26 20.61 8.13
CA TYR B 24 -9.58 21.04 7.72
C TYR B 24 -10.26 20.08 6.76
N ASP B 25 -9.51 19.12 6.19
CA ASP B 25 -10.09 18.23 5.19
C ASP B 25 -11.17 17.34 5.79
N VAL B 26 -10.97 16.88 7.04
CA VAL B 26 -11.94 16.00 7.66
C VAL B 26 -13.25 16.73 7.94
N VAL B 27 -13.16 18.00 8.38
CA VAL B 27 -14.36 18.77 8.66
C VAL B 27 -15.16 19.00 7.38
N ASP B 28 -14.47 19.37 6.30
CA ASP B 28 -15.17 19.56 5.03
C ASP B 28 -15.75 18.24 4.52
N GLY B 29 -15.03 17.14 4.70
CA GLY B 29 -15.52 15.85 4.25
C GLY B 29 -16.78 15.41 4.97
N ILE B 30 -16.80 15.58 6.30
CA ILE B 30 -18.00 15.21 7.06
C ILE B 30 -19.13 16.18 6.75
N ALA B 31 -18.82 17.47 6.59
CA ALA B 31 -19.87 18.45 6.29
C ALA B 31 -20.45 18.25 4.90
N LYS B 32 -19.59 18.10 3.89
CA LYS B 32 -20.02 17.89 2.51
C LYS B 32 -20.06 16.38 2.30
N ALA B 33 -21.25 15.80 2.43
CA ALA B 33 -21.45 14.36 2.31
C ALA B 33 -22.80 14.09 1.66
N ARG B 34 -22.80 13.86 0.35
CA ARG B 34 -24.02 13.56 -0.38
C ARG B 34 -24.65 12.25 0.07
N THR B 35 -23.82 11.24 0.33
CA THR B 35 -24.29 9.88 0.60
C THR B 35 -23.62 9.35 1.87
N GLN B 36 -23.81 8.05 2.12
CA GLN B 36 -23.32 7.42 3.32
C GLN B 36 -21.80 7.28 3.32
N GLU B 37 -21.24 6.78 2.22
CA GLU B 37 -19.87 6.27 2.23
C GLU B 37 -18.85 7.38 2.47
N GLU B 38 -19.02 8.53 1.82
CA GLU B 38 -18.03 9.60 2.00
C GLU B 38 -18.13 10.22 3.39
N LEU B 39 -19.33 10.28 3.97
CA LEU B 39 -19.45 10.73 5.35
C LEU B 39 -18.74 9.77 6.31
N LEU B 40 -18.93 8.47 6.10
CA LEU B 40 -18.25 7.50 6.94
C LEU B 40 -16.73 7.57 6.77
N GLU B 41 -16.27 7.76 5.53
CA GLU B 41 -14.84 7.88 5.30
C GLU B 41 -14.27 9.14 5.96
N GLY B 42 -15.02 10.24 5.90
CA GLY B 42 -14.56 11.46 6.54
C GLY B 42 -14.49 11.35 8.05
N VAL B 43 -15.52 10.75 8.66
CA VAL B 43 -15.47 10.59 10.11
C VAL B 43 -14.36 9.61 10.49
N TYR B 44 -14.10 8.59 9.68
CA TYR B 44 -12.98 7.70 9.95
C TYR B 44 -11.65 8.44 9.85
N LYS B 45 -11.50 9.30 8.85
CA LYS B 45 -10.28 10.08 8.73
C LYS B 45 -10.08 10.98 9.94
N ALA B 46 -11.16 11.62 10.40
CA ALA B 46 -11.07 12.44 11.61
C ALA B 46 -10.69 11.60 12.82
N LEU B 47 -11.24 10.39 12.92
CA LEU B 47 -10.96 9.52 14.05
C LEU B 47 -9.56 8.93 14.01
N ARG B 48 -8.95 8.86 12.82
CA ARG B 48 -7.64 8.24 12.68
C ARG B 48 -6.53 9.06 13.32
N LEU B 49 -6.77 10.35 13.60
CA LEU B 49 -5.78 11.21 14.21
C LEU B 49 -5.81 11.16 15.73
N ALA B 50 -6.35 10.09 16.31
CA ALA B 50 -6.38 9.98 17.77
C ALA B 50 -4.99 9.99 18.40
N PRO B 51 -4.02 9.17 17.97
CA PRO B 51 -2.70 9.23 18.60
C PRO B 51 -2.06 10.61 18.51
N LYS B 52 -2.20 11.26 17.35
CA LYS B 52 -1.66 12.60 17.18
C LYS B 52 -2.16 13.54 18.27
N LEU B 53 -3.48 13.61 18.43
CA LEU B 53 -4.05 14.50 19.43
C LEU B 53 -3.62 14.11 20.84
N LYS B 54 -3.75 12.82 21.18
CA LYS B 54 -3.54 12.43 22.57
C LYS B 54 -2.10 12.64 23.01
N LYS B 55 -1.13 12.18 22.23
CA LYS B 55 0.26 12.36 22.64
C LYS B 55 0.93 13.53 21.92
N LYS B 56 0.13 14.47 21.42
CA LYS B 56 0.62 15.84 21.23
C LYS B 56 0.17 16.73 22.38
N ALA B 57 -1.03 16.52 22.90
CA ALA B 57 -1.44 17.21 24.12
C ALA B 57 -0.68 16.69 25.33
N GLU B 58 -0.34 15.41 25.34
CA GLU B 58 0.50 14.88 26.41
C GLU B 58 1.85 15.57 26.45
N SER B 59 2.46 15.80 25.28
CA SER B 59 3.72 16.52 25.23
C SER B 59 3.59 17.98 25.60
N LYS B 60 2.36 18.52 25.59
CA LYS B 60 2.14 19.91 25.96
C LYS B 60 1.94 20.09 27.47
N GLY B 61 1.41 19.07 28.15
CA GLY B 61 1.22 19.15 29.59
C GLY B 61 -0.22 19.17 30.02
N CYS B 62 -1.07 19.86 29.27
CA CYS B 62 -2.48 19.94 29.59
C CYS B 62 -3.15 18.59 29.35
N PRO B 63 -4.27 18.31 30.01
CA PRO B 63 -4.80 16.95 30.01
C PRO B 63 -5.16 16.52 28.60
N PRO B 64 -4.99 15.23 28.30
CA PRO B 64 -5.13 14.76 26.92
C PRO B 64 -6.57 14.81 26.46
N PRO B 65 -6.80 14.85 25.14
CA PRO B 65 -8.16 14.81 24.63
C PRO B 65 -8.80 13.44 24.86
N ARG B 66 -10.12 13.44 24.90
CA ARG B 66 -10.89 12.22 25.15
C ARG B 66 -11.42 11.68 23.84
N ILE B 67 -11.06 10.43 23.54
CA ILE B 67 -11.59 9.75 22.35
C ILE B 67 -13.07 9.46 22.57
N PRO B 68 -13.92 9.58 21.56
CA PRO B 68 -15.33 9.24 21.73
C PRO B 68 -15.50 7.80 22.21
N SER B 69 -16.43 7.61 23.14
CA SER B 69 -16.62 6.31 23.77
C SER B 69 -17.18 5.32 22.75
N PRO B 70 -16.85 4.04 22.89
CA PRO B 70 -17.46 3.03 22.01
C PRO B 70 -18.96 2.87 22.21
N GLU B 71 -19.51 3.39 23.31
CA GLU B 71 -20.93 3.23 23.57
C GLU B 71 -21.79 3.90 22.50
N ASP B 72 -21.42 5.11 22.08
CA ASP B 72 -22.18 5.81 21.06
C ASP B 72 -21.61 5.64 19.66
N ILE B 73 -20.56 4.82 19.50
CA ILE B 73 -20.03 4.55 18.16
C ILE B 73 -21.07 3.81 17.33
N GLU B 74 -21.69 2.78 17.92
CA GLU B 74 -22.75 2.08 17.20
C GLU B 74 -24.00 2.93 17.08
N ALA B 75 -24.15 3.96 17.90
CA ALA B 75 -25.33 4.83 17.79
C ALA B 75 -25.35 5.55 16.45
N LEU B 76 -24.19 6.01 15.98
CA LEU B 76 -24.13 6.69 14.69
C LEU B 76 -24.50 5.76 13.55
N GLU B 77 -23.93 4.56 13.53
CA GLU B 77 -24.16 3.64 12.43
C GLU B 77 -25.54 2.98 12.47
N GLU B 78 -26.14 2.86 13.65
CA GLU B 78 -27.47 2.29 13.74
C GLU B 78 -28.57 3.28 13.38
N LYS B 79 -28.24 4.57 13.25
CA LYS B 79 -29.19 5.56 12.77
C LYS B 79 -28.93 5.99 11.34
N VAL B 80 -27.66 6.08 10.94
CA VAL B 80 -27.36 6.54 9.59
C VAL B 80 -27.74 5.51 8.54
N GLU B 81 -27.95 4.25 8.94
CA GLU B 81 -28.28 3.20 7.98
C GLU B 81 -29.62 3.46 7.31
N GLN B 82 -30.59 3.97 8.05
CA GLN B 82 -31.92 4.21 7.51
C GLN B 82 -32.09 5.59 6.90
N LEU B 83 -31.10 6.48 7.05
CA LEU B 83 -31.16 7.82 6.47
C LEU B 83 -30.74 7.75 5.00
N SER B 84 -31.66 7.22 4.18
CA SER B 84 -31.40 7.14 2.75
C SER B 84 -31.54 8.49 2.07
N ASN B 85 -32.51 9.29 2.49
CA ASN B 85 -32.72 10.60 1.88
C ASN B 85 -31.65 11.59 2.31
N PRO B 86 -30.97 12.25 1.37
CA PRO B 86 -29.91 13.19 1.77
C PRO B 86 -30.43 14.39 2.56
N LYS B 87 -31.65 14.85 2.29
CA LYS B 87 -32.15 16.05 2.96
C LYS B 87 -32.24 15.85 4.46
N ASP B 88 -32.72 14.68 4.90
CA ASP B 88 -32.76 14.38 6.33
C ASP B 88 -31.40 14.00 6.88
N LEU B 89 -30.44 13.63 6.01
CA LEU B 89 -29.08 13.39 6.46
C LEU B 89 -28.37 14.71 6.77
N ARG B 90 -28.73 15.78 6.04
CA ARG B 90 -28.08 17.06 6.22
C ARG B 90 -28.20 17.57 7.65
N LYS B 91 -29.36 17.35 8.28
CA LYS B 91 -29.62 17.96 9.59
C LYS B 91 -28.57 17.58 10.61
N LEU B 92 -27.93 16.41 10.45
CA LEU B 92 -26.83 16.03 11.32
C LEU B 92 -25.48 16.12 10.65
N ALA B 93 -25.42 15.97 9.32
CA ALA B 93 -24.15 16.11 8.62
C ALA B 93 -23.56 17.50 8.80
N VAL B 94 -24.39 18.53 8.68
CA VAL B 94 -23.89 19.89 8.87
C VAL B 94 -23.62 20.16 10.35
N SER B 95 -24.44 19.60 11.24
CA SER B 95 -24.29 19.88 12.66
C SER B 95 -23.01 19.28 13.22
N LEU B 96 -22.57 18.14 12.67
CA LEU B 96 -21.32 17.54 13.12
C LEU B 96 -20.15 18.50 12.93
N ALA B 97 -20.10 19.17 11.78
CA ALA B 97 -19.05 20.17 11.56
C ALA B 97 -19.34 21.47 12.31
N LEU B 98 -20.61 21.82 12.48
CA LEU B 98 -20.95 23.06 13.17
C LEU B 98 -20.48 23.02 14.62
N TRP B 99 -20.68 21.87 15.29
CA TRP B 99 -20.23 21.75 16.68
C TRP B 99 -18.72 21.69 16.81
N ALA B 100 -17.99 21.51 15.72
CA ALA B 100 -16.53 21.49 15.75
C ALA B 100 -15.92 22.88 15.68
N PHE B 101 -16.71 23.91 15.36
CA PHE B 101 -16.23 25.27 15.29
C PHE B 101 -16.63 26.10 16.50
N ALA B 102 -17.14 25.45 17.55
CA ALA B 102 -17.50 26.16 18.77
C ALA B 102 -16.25 26.35 19.63
N SER B 103 -16.44 26.98 20.80
CA SER B 103 -15.33 27.29 21.69
C SER B 103 -14.66 26.01 22.20
N TRP B 104 -15.39 25.22 22.98
CA TRP B 104 -14.89 23.99 23.58
C TRP B 104 -13.52 24.21 24.25
N ASN B 105 -13.54 25.02 25.30
CA ASN B 105 -12.34 25.23 26.10
C ASN B 105 -11.79 23.89 26.59
N ASN B 106 -10.62 23.51 26.07
CA ASN B 106 -10.06 22.19 26.32
C ASN B 106 -9.11 22.19 27.52
N CYS B 107 -8.05 23.00 27.45
CA CYS B 107 -7.06 23.01 28.52
C CYS B 107 -6.37 24.35 28.55
N PRO B 108 -6.17 24.95 29.74
CA PRO B 108 -5.52 26.25 29.89
C PRO B 108 -4.01 26.19 29.67
N GLY C 1 -24.51 -8.19 11.37
CA GLY C 1 -25.57 -8.54 12.29
C GLY C 1 -25.08 -8.74 13.71
N GLY C 2 -24.36 -7.76 14.24
CA GLY C 2 -23.81 -7.80 15.58
C GLY C 2 -22.38 -8.29 15.65
N TRP C 3 -21.89 -8.95 14.62
CA TRP C 3 -20.50 -9.40 14.59
C TRP C 3 -19.54 -8.29 14.19
N ILE C 4 -20.04 -7.18 13.64
CA ILE C 4 -19.17 -6.06 13.30
C ILE C 4 -18.50 -5.52 14.55
N ARG C 5 -19.26 -5.32 15.62
CA ARG C 5 -18.68 -4.89 16.88
C ARG C 5 -17.73 -5.95 17.43
N ASN C 6 -18.08 -7.22 17.24
CA ASN C 6 -17.24 -8.29 17.76
C ASN C 6 -15.86 -8.28 17.11
N ILE C 7 -15.80 -8.05 15.79
CA ILE C 7 -14.50 -8.00 15.14
C ILE C 7 -13.81 -6.66 15.37
N GLY C 8 -14.59 -5.59 15.55
CA GLY C 8 -13.99 -4.29 15.85
C GLY C 8 -13.31 -4.26 17.20
N ARG C 9 -13.86 -4.98 18.17
CA ARG C 9 -13.20 -5.07 19.47
C ARG C 9 -11.82 -5.67 19.35
N TYR C 10 -11.69 -6.75 18.57
CA TYR C 10 -10.37 -7.33 18.33
C TYR C 10 -9.48 -6.38 17.55
N LEU C 11 -10.04 -5.70 16.54
CA LEU C 11 -9.24 -4.81 15.71
C LEU C 11 -8.71 -3.62 16.52
N SER C 12 -9.44 -3.19 17.55
CA SER C 12 -9.00 -2.06 18.35
C SER C 12 -7.74 -2.36 19.15
N TYR C 13 -7.39 -3.63 19.31
CA TYR C 13 -6.17 -3.98 20.04
C TYR C 13 -4.90 -3.65 19.28
N LEU C 14 -4.99 -3.37 17.98
CA LEU C 14 -3.83 -3.05 17.17
C LEU C 14 -3.51 -1.56 17.14
N VAL C 15 -4.29 -0.73 17.81
CA VAL C 15 -4.03 0.71 17.84
C VAL C 15 -3.94 1.27 19.25
N ASP C 16 -4.60 0.68 20.24
CA ASP C 16 -4.63 1.25 21.59
C ASP C 16 -3.28 1.11 22.27
N ASP C 17 -3.12 1.83 23.37
CA ASP C 17 -1.91 1.78 24.18
C ASP C 17 -1.91 0.50 25.02
N THR C 18 -0.96 0.41 25.95
CA THR C 18 -0.77 -0.74 26.83
C THR C 18 -0.59 -2.04 26.06
N PHE C 19 -0.22 -1.94 24.77
CA PHE C 19 0.07 -3.11 23.96
C PHE C 19 1.34 -2.99 23.15
N GLU C 20 1.83 -1.78 22.89
CA GLU C 20 3.08 -1.56 22.17
C GLU C 20 3.10 -2.24 20.81
N GLU C 21 1.93 -2.39 20.20
CA GLU C 21 1.78 -3.01 18.88
C GLU C 21 1.00 -2.02 18.02
N TYR C 22 1.72 -1.09 17.38
CA TYR C 22 1.10 -0.02 16.61
C TYR C 22 1.12 -0.41 15.14
N ALA C 23 0.20 -1.30 14.76
CA ALA C 23 0.10 -1.78 13.39
C ALA C 23 -1.00 -0.98 12.68
N TYR C 24 -0.63 0.25 12.28
CA TYR C 24 -1.57 1.10 11.56
C TYR C 24 -1.76 0.65 10.12
N ASP C 25 -0.79 -0.07 9.55
CA ASP C 25 -0.89 -0.45 8.15
C ASP C 25 -2.08 -1.37 7.88
N VAL C 26 -2.32 -2.34 8.76
CA VAL C 26 -3.42 -3.26 8.55
C VAL C 26 -4.76 -2.55 8.72
N VAL C 27 -4.86 -1.64 9.68
CA VAL C 27 -6.08 -0.89 9.87
C VAL C 27 -6.36 -0.02 8.65
N ASP C 28 -5.33 0.66 8.13
CA ASP C 28 -5.52 1.48 6.94
C ASP C 28 -5.90 0.63 5.73
N GLY C 29 -5.28 -0.55 5.59
CA GLY C 29 -5.61 -1.42 4.47
C GLY C 29 -7.04 -1.91 4.53
N ILE C 30 -7.50 -2.28 5.73
CA ILE C 30 -8.90 -2.69 5.88
C ILE C 30 -9.83 -1.52 5.60
N ALA C 31 -9.50 -0.33 6.10
CA ALA C 31 -10.30 0.86 5.84
C ALA C 31 -10.29 1.27 4.38
N LYS C 32 -9.22 0.95 3.65
CA LYS C 32 -9.11 1.26 2.22
C LYS C 32 -9.46 0.06 1.36
N ALA C 33 -10.43 -0.73 1.79
CA ALA C 33 -10.79 -1.97 1.10
C ALA C 33 -11.48 -1.64 -0.21
N ARG C 34 -10.71 -1.58 -1.30
CA ARG C 34 -11.28 -1.28 -2.61
C ARG C 34 -12.10 -2.46 -3.12
N THR C 35 -11.57 -3.67 -3.00
CA THR C 35 -12.24 -4.88 -3.47
C THR C 35 -12.28 -5.91 -2.35
N GLN C 36 -13.03 -6.99 -2.59
CA GLN C 36 -13.24 -7.99 -1.55
C GLN C 36 -11.97 -8.78 -1.27
N GLU C 37 -11.16 -9.05 -2.30
CA GLU C 37 -9.98 -9.89 -2.13
C GLU C 37 -9.00 -9.28 -1.15
N GLU C 38 -8.61 -8.02 -1.37
CA GLU C 38 -7.67 -7.39 -0.46
C GLU C 38 -8.32 -6.93 0.84
N LEU C 39 -9.66 -6.81 0.89
CA LEU C 39 -10.33 -6.67 2.17
C LEU C 39 -10.12 -7.92 3.03
N LEU C 40 -10.32 -9.09 2.43
CA LEU C 40 -10.05 -10.34 3.14
C LEU C 40 -8.57 -10.45 3.50
N GLU C 41 -7.69 -9.97 2.62
CA GLU C 41 -6.26 -9.98 2.93
C GLU C 41 -5.96 -9.11 4.14
N GLY C 42 -6.58 -7.92 4.22
CA GLY C 42 -6.38 -7.08 5.39
C GLY C 42 -6.92 -7.71 6.66
N VAL C 43 -8.07 -8.36 6.57
CA VAL C 43 -8.63 -9.06 7.72
C VAL C 43 -7.67 -10.18 8.16
N TYR C 44 -7.11 -10.92 7.20
CA TYR C 44 -6.16 -11.97 7.54
C TYR C 44 -4.91 -11.39 8.19
N LYS C 45 -4.42 -10.26 7.69
CA LYS C 45 -3.27 -9.62 8.31
C LYS C 45 -3.57 -9.21 9.74
N ALA C 46 -4.77 -8.69 9.99
CA ALA C 46 -5.16 -8.35 11.35
C ALA C 46 -5.22 -9.59 12.22
N LEU C 47 -5.75 -10.69 11.70
CA LEU C 47 -5.86 -11.92 12.48
C LEU C 47 -4.51 -12.60 12.70
N ARG C 48 -3.52 -12.31 11.85
CA ARG C 48 -2.20 -12.91 12.04
C ARG C 48 -1.54 -12.44 13.32
N LEU C 49 -1.88 -11.24 13.80
CA LEU C 49 -1.30 -10.70 15.01
C LEU C 49 -2.02 -11.17 16.27
N ALA C 50 -3.02 -12.04 16.13
CA ALA C 50 -3.74 -12.53 17.29
C ALA C 50 -2.87 -13.27 18.29
N PRO C 51 -1.98 -14.19 17.89
CA PRO C 51 -1.15 -14.85 18.91
C PRO C 51 -0.29 -13.90 19.71
N LYS C 52 0.25 -12.85 19.07
CA LYS C 52 1.11 -11.91 19.77
C LYS C 52 0.35 -11.21 20.88
N LEU C 53 -0.81 -10.64 20.57
CA LEU C 53 -1.60 -9.96 21.58
C LEU C 53 -2.10 -10.96 22.63
N LYS C 54 -2.50 -12.14 22.20
CA LYS C 54 -3.03 -13.14 23.13
C LYS C 54 -1.98 -13.53 24.17
N LYS C 55 -0.74 -13.70 23.75
CA LYS C 55 0.29 -14.11 24.70
C LYS C 55 0.86 -12.94 25.48
N LYS C 56 0.85 -11.73 24.90
CA LYS C 56 1.42 -10.59 25.62
C LYS C 56 0.43 -9.91 26.55
N ALA C 57 -0.87 -10.17 26.40
CA ALA C 57 -1.84 -9.58 27.32
C ALA C 57 -1.66 -10.13 28.73
N GLU C 58 -1.45 -11.45 28.86
CA GLU C 58 -1.21 -12.04 30.16
C GLU C 58 0.15 -11.69 30.73
N SER C 59 1.05 -11.16 29.92
CA SER C 59 2.37 -10.74 30.39
C SER C 59 2.36 -9.35 31.01
N LYS C 60 1.22 -8.65 30.99
CA LYS C 60 1.12 -7.32 31.56
C LYS C 60 -0.11 -7.18 32.46
N GLY C 61 -0.64 -8.28 32.97
CA GLY C 61 -1.79 -8.22 33.86
C GLY C 61 -3.05 -7.68 33.22
N CYS C 62 -3.33 -8.12 32.00
CA CYS C 62 -4.53 -7.68 31.29
C CYS C 62 -5.30 -8.88 30.77
N PRO C 63 -6.62 -8.76 30.64
CA PRO C 63 -7.41 -9.88 30.16
C PRO C 63 -7.01 -10.23 28.73
N PRO C 64 -7.11 -11.50 28.35
CA PRO C 64 -6.76 -11.88 26.99
C PRO C 64 -7.69 -11.23 25.99
N PRO C 65 -7.20 -10.93 24.79
CA PRO C 65 -8.05 -10.30 23.78
C PRO C 65 -9.19 -11.21 23.37
N ARG C 66 -10.34 -10.60 23.07
CA ARG C 66 -11.52 -11.35 22.64
C ARG C 66 -11.40 -11.65 21.15
N ILE C 67 -10.66 -12.72 20.86
CA ILE C 67 -10.48 -13.15 19.46
C ILE C 67 -11.84 -13.52 18.88
N PRO C 68 -12.19 -13.05 17.69
CA PRO C 68 -13.52 -13.33 17.14
C PRO C 68 -13.77 -14.83 16.98
N SER C 69 -15.01 -15.23 17.26
CA SER C 69 -15.40 -16.62 17.17
C SER C 69 -15.47 -17.06 15.71
N PRO C 70 -15.39 -18.37 15.44
CA PRO C 70 -15.56 -18.84 14.06
C PRO C 70 -16.90 -18.47 13.46
N GLU C 71 -17.92 -18.23 14.29
CA GLU C 71 -19.19 -17.72 13.78
C GLU C 71 -19.01 -16.34 13.16
N ASP C 72 -18.19 -15.49 13.79
CA ASP C 72 -17.91 -14.18 13.21
C ASP C 72 -17.20 -14.31 11.87
N ILE C 73 -16.26 -15.24 11.76
CA ILE C 73 -15.57 -15.47 10.49
C ILE C 73 -16.54 -15.96 9.44
N GLU C 74 -17.46 -16.85 9.82
CA GLU C 74 -18.47 -17.31 8.87
C GLU C 74 -19.36 -16.16 8.41
N ALA C 75 -19.76 -15.29 9.34
CA ALA C 75 -20.58 -14.14 8.98
C ALA C 75 -19.84 -13.22 8.01
N LEU C 76 -18.56 -12.95 8.28
CA LEU C 76 -17.78 -12.12 7.37
C LEU C 76 -17.65 -12.78 6.00
N GLU C 77 -17.42 -14.09 5.97
CA GLU C 77 -17.28 -14.80 4.70
C GLU C 77 -18.57 -14.71 3.89
N GLU C 78 -19.71 -14.97 4.53
CA GLU C 78 -20.96 -14.93 3.78
C GLU C 78 -21.32 -13.52 3.36
N LYS C 79 -20.98 -12.51 4.17
CA LYS C 79 -21.21 -11.14 3.76
C LYS C 79 -20.36 -10.76 2.55
N VAL C 80 -19.11 -11.20 2.53
CA VAL C 80 -18.24 -10.92 1.40
C VAL C 80 -18.71 -11.65 0.15
N GLU C 81 -19.21 -12.88 0.32
CA GLU C 81 -19.57 -13.70 -0.84
C GLU C 81 -20.68 -13.06 -1.66
N GLN C 82 -21.70 -12.51 -1.00
CA GLN C 82 -22.82 -11.91 -1.71
C GLN C 82 -22.56 -10.49 -2.16
N LEU C 83 -21.43 -9.91 -1.78
CA LEU C 83 -21.10 -8.53 -2.13
C LEU C 83 -20.14 -8.51 -3.31
N SER C 84 -20.64 -8.05 -4.46
CA SER C 84 -19.82 -7.84 -5.64
C SER C 84 -19.87 -6.40 -6.13
N ASN C 85 -20.35 -5.48 -5.29
CA ASN C 85 -20.48 -4.07 -5.65
C ASN C 85 -19.67 -3.23 -4.69
N PRO C 86 -18.76 -2.37 -5.17
CA PRO C 86 -18.03 -1.48 -4.25
C PRO C 86 -18.92 -0.51 -3.51
N LYS C 87 -20.13 -0.24 -4.01
CA LYS C 87 -21.02 0.74 -3.37
C LYS C 87 -21.24 0.40 -1.91
N ASP C 88 -21.67 -0.83 -1.62
CA ASP C 88 -21.83 -1.23 -0.22
C ASP C 88 -20.55 -1.80 0.38
N LEU C 89 -19.58 -2.18 -0.46
CA LEU C 89 -18.30 -2.67 0.06
C LEU C 89 -17.56 -1.58 0.81
N ARG C 90 -17.61 -0.34 0.31
CA ARG C 90 -16.96 0.77 1.01
C ARG C 90 -17.53 0.94 2.41
N LYS C 91 -18.87 1.00 2.52
CA LYS C 91 -19.48 1.21 3.82
C LYS C 91 -19.26 0.02 4.74
N LEU C 92 -19.29 -1.19 4.17
CA LEU C 92 -19.00 -2.38 4.99
C LEU C 92 -17.60 -2.32 5.57
N ALA C 93 -16.62 -1.98 4.74
CA ALA C 93 -15.24 -1.91 5.22
C ALA C 93 -15.08 -0.82 6.28
N VAL C 94 -15.66 0.35 6.04
CA VAL C 94 -15.55 1.43 7.00
C VAL C 94 -16.25 1.05 8.31
N SER C 95 -17.30 0.24 8.23
CA SER C 95 -18.04 -0.14 9.42
C SER C 95 -17.14 -0.84 10.44
N LEU C 96 -16.37 -1.84 10.00
CA LEU C 96 -15.50 -2.52 10.95
C LEU C 96 -14.17 -1.80 11.12
N ALA C 97 -13.81 -0.91 10.19
CA ALA C 97 -12.56 -0.17 10.36
C ALA C 97 -12.69 0.93 11.42
N LEU C 98 -13.88 1.51 11.55
CA LEU C 98 -14.06 2.64 12.45
C LEU C 98 -14.01 2.21 13.91
N TRP C 99 -14.40 0.97 14.22
CA TRP C 99 -14.37 0.49 15.59
C TRP C 99 -12.95 0.33 16.13
N ALA C 100 -11.93 0.39 15.28
CA ALA C 100 -10.56 0.25 15.76
C ALA C 100 -10.21 1.38 16.72
N PHE C 101 -10.65 2.60 16.43
CA PHE C 101 -10.40 3.75 17.31
C PHE C 101 -11.62 3.93 18.22
N ALA C 102 -11.53 3.40 19.44
CA ALA C 102 -12.58 3.56 20.42
C ALA C 102 -11.98 3.44 21.82
N SER C 103 -12.66 4.03 22.79
CA SER C 103 -12.17 4.07 24.17
C SER C 103 -12.57 2.79 24.92
N TRP C 104 -12.06 1.65 24.41
CA TRP C 104 -12.33 0.38 25.06
C TRP C 104 -11.57 0.27 26.38
N ASN C 105 -12.20 -0.36 27.36
CA ASN C 105 -11.58 -0.59 28.67
C ASN C 105 -10.95 -1.98 28.69
N ASN C 106 -9.87 -2.12 27.92
CA ASN C 106 -9.19 -3.41 27.83
C ASN C 106 -8.49 -3.75 29.15
N CYS C 107 -7.74 -2.80 29.71
CA CYS C 107 -7.07 -3.00 30.97
C CYS C 107 -7.63 -2.04 32.01
N PRO C 108 -8.27 -2.53 33.08
CA PRO C 108 -8.85 -1.68 34.11
C PRO C 108 -7.80 -0.95 34.95
N GLY D 2 -18.75 -25.23 4.90
CA GLY D 2 -18.97 -26.07 3.73
C GLY D 2 -17.73 -26.26 2.88
N TRP D 3 -16.98 -27.34 3.17
CA TRP D 3 -15.78 -27.73 2.43
C TRP D 3 -14.65 -26.75 2.68
N ILE D 4 -14.94 -25.65 3.40
CA ILE D 4 -13.91 -24.68 3.77
C ILE D 4 -13.82 -24.66 5.29
N ARG D 5 -14.94 -24.96 5.96
CA ARG D 5 -14.93 -24.96 7.41
C ARG D 5 -14.17 -26.15 7.98
N ASN D 6 -14.20 -27.30 7.31
CA ASN D 6 -13.46 -28.46 7.80
C ASN D 6 -11.96 -28.26 7.63
N ILE D 7 -11.53 -27.80 6.46
CA ILE D 7 -10.12 -27.57 6.22
C ILE D 7 -9.61 -26.42 7.08
N GLY D 8 -10.44 -25.38 7.27
CA GLY D 8 -10.06 -24.32 8.18
C GLY D 8 -9.97 -24.77 9.62
N ARG D 9 -10.88 -25.66 10.02
CA ARG D 9 -10.80 -26.26 11.35
C ARG D 9 -9.50 -27.02 11.53
N TYR D 10 -9.11 -27.81 10.53
CA TYR D 10 -7.84 -28.52 10.61
C TYR D 10 -6.67 -27.55 10.67
N LEU D 11 -6.72 -26.49 9.87
CA LEU D 11 -5.63 -25.53 9.84
C LEU D 11 -5.50 -24.77 11.16
N SER D 12 -6.61 -24.52 11.84
CA SER D 12 -6.55 -23.82 13.12
C SER D 12 -5.82 -24.61 14.19
N TYR D 13 -5.64 -25.92 13.97
CA TYR D 13 -4.92 -26.74 14.93
C TYR D 13 -3.43 -26.46 14.93
N LEU D 14 -2.89 -25.88 13.87
CA LEU D 14 -1.46 -25.61 13.78
C LEU D 14 -1.03 -24.36 14.55
N VAL D 15 -1.98 -23.50 14.95
CA VAL D 15 -1.67 -22.34 15.77
C VAL D 15 -2.83 -22.11 16.75
N ASP D 16 -2.58 -22.35 18.03
CA ASP D 16 -3.58 -22.19 19.08
C ASP D 16 -2.97 -22.43 20.46
N ASP D 17 -3.76 -22.27 21.50
CA ASP D 17 -3.34 -22.71 22.83
C ASP D 17 -3.24 -24.23 22.85
N THR D 18 -2.34 -24.73 23.70
CA THR D 18 -1.96 -26.14 23.71
C THR D 18 -1.45 -26.56 22.33
N PHE D 19 -1.29 -27.86 22.12
CA PHE D 19 -0.78 -28.39 20.85
C PHE D 19 0.50 -27.67 20.44
N GLU D 20 1.54 -27.90 21.25
CA GLU D 20 2.74 -27.08 21.19
C GLU D 20 3.52 -27.32 19.91
N GLU D 21 2.96 -26.86 18.78
CA GLU D 21 3.64 -26.89 17.49
C GLU D 21 3.18 -25.64 16.73
N TYR D 22 3.96 -24.58 16.86
CA TYR D 22 3.65 -23.29 16.23
C TYR D 22 4.30 -23.27 14.85
N ALA D 23 3.50 -23.49 13.82
CA ALA D 23 3.98 -23.49 12.44
C ALA D 23 3.26 -22.39 11.68
N TYR D 24 3.79 -21.17 11.76
CA TYR D 24 3.23 -20.05 11.01
C TYR D 24 3.68 -20.05 9.56
N ASP D 25 4.73 -20.81 9.22
CA ASP D 25 5.25 -20.80 7.86
C ASP D 25 4.24 -21.36 6.88
N VAL D 26 3.59 -22.47 7.24
CA VAL D 26 2.63 -23.08 6.32
C VAL D 26 1.41 -22.18 6.13
N VAL D 27 0.93 -21.55 7.21
CA VAL D 27 -0.20 -20.64 7.09
C VAL D 27 0.19 -19.44 6.22
N ASP D 28 1.39 -18.91 6.43
CA ASP D 28 1.84 -17.76 5.64
C ASP D 28 1.97 -18.14 4.16
N GLY D 29 2.51 -19.32 3.87
CA GLY D 29 2.64 -19.75 2.49
C GLY D 29 1.30 -19.98 1.81
N ILE D 30 0.36 -20.59 2.54
CA ILE D 30 -0.97 -20.81 1.98
C ILE D 30 -1.68 -19.48 1.72
N ALA D 31 -1.61 -18.55 2.67
CA ALA D 31 -2.29 -17.27 2.51
C ALA D 31 -1.66 -16.43 1.41
N LYS D 32 -0.33 -16.43 1.33
CA LYS D 32 0.39 -15.59 0.38
C LYS D 32 0.64 -16.27 -0.96
N ALA D 33 0.10 -17.46 -1.18
CA ALA D 33 0.29 -18.14 -2.44
C ALA D 33 -0.34 -17.36 -3.57
N ARG D 34 0.36 -17.33 -4.71
CA ARG D 34 -0.11 -16.60 -5.90
C ARG D 34 -0.56 -17.54 -7.01
N THR D 35 0.22 -18.56 -7.33
CA THR D 35 -0.12 -19.51 -8.36
C THR D 35 -0.71 -20.78 -7.73
N GLN D 36 -1.19 -21.68 -8.60
CA GLN D 36 -1.78 -22.92 -8.12
C GLN D 36 -0.77 -23.80 -7.42
N GLU D 37 0.46 -23.86 -7.94
CA GLU D 37 1.48 -24.74 -7.37
C GLU D 37 1.84 -24.33 -5.95
N GLU D 38 1.96 -23.03 -5.69
CA GLU D 38 2.28 -22.58 -4.35
C GLU D 38 1.18 -22.94 -3.36
N LEU D 39 -0.08 -22.75 -3.76
CA LEU D 39 -1.19 -23.12 -2.87
C LEU D 39 -1.21 -24.62 -2.61
N LEU D 40 -0.98 -25.43 -3.65
CA LEU D 40 -0.99 -26.88 -3.48
C LEU D 40 0.13 -27.33 -2.56
N GLU D 41 1.35 -26.79 -2.75
CA GLU D 41 2.45 -27.20 -1.90
C GLU D 41 2.27 -26.71 -0.48
N GLY D 42 1.68 -25.53 -0.29
CA GLY D 42 1.37 -25.09 1.06
C GLY D 42 0.36 -25.98 1.75
N VAL D 43 -0.67 -26.41 1.02
CA VAL D 43 -1.65 -27.33 1.58
C VAL D 43 -0.99 -28.67 1.93
N TYR D 44 -0.11 -29.15 1.06
CA TYR D 44 0.60 -30.39 1.36
C TYR D 44 1.47 -30.25 2.60
N LYS D 45 2.15 -29.12 2.74
CA LYS D 45 2.96 -28.88 3.93
C LYS D 45 2.10 -28.85 5.18
N ALA D 46 0.92 -28.21 5.09
CA ALA D 46 0.02 -28.17 6.24
C ALA D 46 -0.47 -29.57 6.61
N LEU D 47 -0.84 -30.38 5.61
CA LEU D 47 -1.34 -31.72 5.89
C LEU D 47 -0.24 -32.69 6.30
N ARG D 48 1.02 -32.35 6.04
CA ARG D 48 2.11 -33.23 6.47
C ARG D 48 2.16 -33.34 7.99
N LEU D 49 1.66 -32.35 8.70
CA LEU D 49 1.67 -32.35 10.16
C LEU D 49 0.47 -33.06 10.77
N ALA D 50 -0.42 -33.59 9.94
CA ALA D 50 -1.60 -34.30 10.47
C ALA D 50 -1.22 -35.47 11.36
N PRO D 51 -0.28 -36.35 11.00
CA PRO D 51 0.11 -37.40 11.95
C PRO D 51 0.65 -36.84 13.27
N LYS D 52 1.33 -35.70 13.23
CA LYS D 52 1.81 -35.09 14.46
C LYS D 52 0.66 -34.65 15.35
N LEU D 53 -0.37 -34.03 14.77
CA LEU D 53 -1.53 -33.64 15.56
C LEU D 53 -2.26 -34.86 16.10
N LYS D 54 -2.37 -35.92 15.29
CA LYS D 54 -3.01 -37.14 15.77
C LYS D 54 -2.26 -37.74 16.94
N LYS D 55 -0.92 -37.76 16.87
CA LYS D 55 -0.13 -38.29 17.98
C LYS D 55 -0.23 -37.41 19.21
N LYS D 56 -0.23 -36.08 19.03
CA LYS D 56 -0.25 -35.15 20.14
C LYS D 56 -1.62 -35.05 20.79
N ALA D 57 -2.68 -35.46 20.10
CA ALA D 57 -4.01 -35.38 20.69
C ALA D 57 -4.12 -36.21 21.96
N GLU D 58 -3.71 -37.48 21.90
CA GLU D 58 -3.74 -38.32 23.08
C GLU D 58 -2.60 -38.01 24.05
N SER D 59 -1.54 -37.37 23.58
CA SER D 59 -0.44 -37.03 24.47
C SER D 59 -0.80 -35.92 25.45
N LYS D 60 -1.89 -35.20 25.21
CA LYS D 60 -2.32 -34.13 26.10
C LYS D 60 -3.77 -34.29 26.54
N GLY D 61 -4.44 -35.37 26.14
CA GLY D 61 -5.82 -35.59 26.51
C GLY D 61 -6.84 -34.85 25.67
N CYS D 62 -6.41 -34.05 24.70
CA CYS D 62 -7.33 -33.34 23.85
C CYS D 62 -8.04 -34.30 22.91
N PRO D 63 -9.23 -33.94 22.44
CA PRO D 63 -9.93 -34.79 21.49
C PRO D 63 -9.13 -34.90 20.20
N PRO D 64 -9.24 -36.02 19.50
CA PRO D 64 -8.46 -36.22 18.26
C PRO D 64 -8.77 -35.15 17.24
N PRO D 65 -7.78 -34.71 16.47
CA PRO D 65 -8.02 -33.64 15.50
C PRO D 65 -8.89 -34.11 14.35
N ARG D 66 -9.58 -33.14 13.74
CA ARG D 66 -10.47 -33.42 12.62
C ARG D 66 -9.63 -33.41 11.35
N ILE D 67 -9.11 -34.59 10.98
CA ILE D 67 -8.38 -34.72 9.72
C ILE D 67 -9.35 -34.53 8.57
N PRO D 68 -9.03 -33.70 7.57
CA PRO D 68 -9.95 -33.49 6.46
C PRO D 68 -10.24 -34.78 5.71
N SER D 69 -11.49 -34.94 5.30
CA SER D 69 -11.91 -36.14 4.58
C SER D 69 -11.31 -36.14 3.19
N PRO D 70 -11.18 -37.32 2.58
CA PRO D 70 -10.72 -37.37 1.18
C PRO D 70 -11.65 -36.65 0.22
N GLU D 71 -12.94 -36.54 0.55
CA GLU D 71 -13.91 -35.95 -0.37
C GLU D 71 -13.63 -34.48 -0.61
N ASP D 72 -13.42 -33.71 0.47
CA ASP D 72 -13.27 -32.27 0.29
C ASP D 72 -11.99 -31.94 -0.46
N ILE D 73 -10.91 -32.68 -0.22
CA ILE D 73 -9.67 -32.44 -0.96
C ILE D 73 -9.80 -32.88 -2.42
N GLU D 74 -10.45 -34.03 -2.66
CA GLU D 74 -10.61 -34.48 -4.04
C GLU D 74 -11.62 -33.65 -4.80
N ALA D 75 -12.37 -32.78 -4.12
CA ALA D 75 -13.14 -31.75 -4.80
C ALA D 75 -12.36 -30.45 -4.97
N LEU D 76 -11.61 -30.06 -3.93
CA LEU D 76 -10.83 -28.84 -3.96
C LEU D 76 -9.77 -28.86 -5.04
N GLU D 77 -9.24 -30.03 -5.37
CA GLU D 77 -8.19 -30.08 -6.39
C GLU D 77 -8.71 -29.60 -7.75
N GLU D 78 -9.85 -30.12 -8.19
CA GLU D 78 -10.40 -29.62 -9.45
C GLU D 78 -11.09 -28.28 -9.28
N LYS D 79 -11.44 -27.90 -8.04
CA LYS D 79 -11.87 -26.53 -7.82
C LYS D 79 -10.73 -25.55 -8.09
N VAL D 80 -9.50 -25.95 -7.79
CA VAL D 80 -8.35 -25.12 -8.10
C VAL D 80 -8.09 -25.08 -9.61
N GLU D 81 -8.26 -26.22 -10.28
CA GLU D 81 -7.80 -26.35 -11.66
C GLU D 81 -8.78 -25.74 -12.66
N GLN D 82 -9.25 -24.53 -12.38
CA GLN D 82 -9.85 -23.69 -13.41
C GLN D 82 -9.48 -22.23 -13.24
N LEU D 83 -8.62 -21.88 -12.29
CA LEU D 83 -8.34 -20.49 -11.94
C LEU D 83 -7.15 -20.01 -12.76
N SER D 84 -7.44 -19.32 -13.86
CA SER D 84 -6.41 -18.80 -14.74
C SER D 84 -5.93 -17.40 -14.33
N ASN D 85 -6.57 -16.78 -13.34
CA ASN D 85 -6.17 -15.46 -12.90
C ASN D 85 -5.84 -15.47 -11.41
N PRO D 86 -4.76 -14.79 -11.02
CA PRO D 86 -4.40 -14.76 -9.58
C PRO D 86 -5.45 -14.09 -8.72
N LYS D 87 -6.30 -13.24 -9.29
CA LYS D 87 -7.30 -12.54 -8.50
C LYS D 87 -8.28 -13.51 -7.87
N ASP D 88 -8.72 -14.52 -8.62
CA ASP D 88 -9.65 -15.50 -8.08
C ASP D 88 -8.96 -16.56 -7.23
N LEU D 89 -7.63 -16.65 -7.31
CA LEU D 89 -6.90 -17.59 -6.46
C LEU D 89 -6.56 -16.99 -5.11
N ARG D 90 -6.30 -15.67 -5.06
CA ARG D 90 -5.99 -15.03 -3.79
C ARG D 90 -7.16 -15.08 -2.83
N LYS D 91 -8.39 -14.89 -3.35
CA LYS D 91 -9.55 -14.97 -2.48
C LYS D 91 -9.73 -16.37 -1.92
N LEU D 92 -9.50 -17.40 -2.74
CA LEU D 92 -9.58 -18.77 -2.23
C LEU D 92 -8.52 -19.03 -1.18
N ALA D 93 -7.29 -18.56 -1.41
CA ALA D 93 -6.22 -18.79 -0.44
C ALA D 93 -6.50 -18.08 0.88
N VAL D 94 -6.96 -16.82 0.82
CA VAL D 94 -7.24 -16.09 2.05
C VAL D 94 -8.44 -16.69 2.77
N SER D 95 -9.43 -17.19 2.03
CA SER D 95 -10.54 -17.89 2.67
C SER D 95 -10.06 -19.16 3.37
N LEU D 96 -9.13 -19.88 2.74
CA LEU D 96 -8.58 -21.07 3.36
C LEU D 96 -7.82 -20.73 4.64
N ALA D 97 -7.02 -19.67 4.61
CA ALA D 97 -6.14 -19.36 5.73
C ALA D 97 -6.77 -18.46 6.79
N LEU D 98 -7.98 -17.94 6.56
CA LEU D 98 -8.58 -17.05 7.54
C LEU D 98 -9.00 -17.80 8.80
N TRP D 99 -9.52 -19.02 8.65
CA TRP D 99 -10.02 -19.76 9.80
C TRP D 99 -8.92 -20.21 10.75
N ALA D 100 -7.65 -20.11 10.35
CA ALA D 100 -6.56 -20.58 11.21
C ALA D 100 -6.42 -19.77 12.49
N PHE D 101 -6.99 -18.56 12.55
CA PHE D 101 -6.87 -17.70 13.71
C PHE D 101 -8.24 -17.41 14.32
N ALA D 102 -9.05 -18.44 14.47
CA ALA D 102 -10.39 -18.32 15.07
C ALA D 102 -10.42 -19.00 16.42
N SER D 103 -11.41 -18.62 17.23
CA SER D 103 -11.54 -19.12 18.60
C SER D 103 -12.27 -20.47 18.57
N TRP D 104 -11.55 -21.47 18.07
CA TRP D 104 -12.08 -22.83 18.04
C TRP D 104 -11.91 -23.51 19.39
N ASN D 105 -12.78 -24.47 19.67
CA ASN D 105 -12.71 -25.26 20.90
C ASN D 105 -11.91 -26.54 20.63
N ASN D 106 -10.62 -26.34 20.40
CA ASN D 106 -9.75 -27.46 20.04
C ASN D 106 -9.62 -28.45 21.19
N CYS D 107 -9.42 -27.95 22.41
CA CYS D 107 -9.24 -28.78 23.60
C CYS D 107 -10.20 -28.32 24.68
N PRO D 108 -11.47 -28.72 24.60
CA PRO D 108 -12.48 -28.33 25.59
C PRO D 108 -12.26 -28.99 26.94
N GLY E 2 -10.65 -39.23 -9.83
CA GLY E 2 -10.29 -38.92 -11.19
C GLY E 2 -8.95 -39.50 -11.61
N TRP E 3 -8.85 -40.83 -11.55
CA TRP E 3 -7.68 -41.59 -11.99
C TRP E 3 -6.50 -41.41 -11.04
N ILE E 4 -6.63 -40.51 -10.08
CA ILE E 4 -5.59 -40.25 -9.10
C ILE E 4 -6.02 -40.65 -7.70
N ARG E 5 -7.32 -40.58 -7.42
CA ARG E 5 -7.80 -40.99 -6.09
C ARG E 5 -7.60 -42.49 -5.86
N ASN E 6 -7.66 -43.29 -6.92
CA ASN E 6 -7.40 -44.72 -6.78
C ASN E 6 -5.97 -44.98 -6.34
N ILE E 7 -5.00 -44.29 -6.96
CA ILE E 7 -3.61 -44.45 -6.54
C ILE E 7 -3.33 -43.66 -5.26
N GLY E 8 -4.08 -42.59 -5.02
CA GLY E 8 -3.91 -41.84 -3.80
C GLY E 8 -4.30 -42.64 -2.57
N ARG E 9 -5.33 -43.49 -2.69
CA ARG E 9 -5.70 -44.36 -1.58
C ARG E 9 -4.57 -45.33 -1.24
N TYR E 10 -3.94 -45.91 -2.27
CA TYR E 10 -2.80 -46.78 -2.03
C TYR E 10 -1.64 -46.02 -1.40
N LEU E 11 -1.42 -44.79 -1.84
CA LEU E 11 -0.36 -43.97 -1.26
C LEU E 11 -0.65 -43.70 0.21
N SER E 12 -1.92 -43.44 0.55
CA SER E 12 -2.28 -43.17 1.94
C SER E 12 -2.21 -44.44 2.79
N TYR E 13 -2.33 -45.61 2.17
CA TYR E 13 -2.21 -46.85 2.92
C TYR E 13 -0.86 -47.01 3.65
N LEU E 14 0.19 -46.33 3.21
CA LEU E 14 1.52 -46.58 3.76
C LEU E 14 1.99 -45.49 4.72
N VAL E 15 1.14 -44.54 5.10
CA VAL E 15 1.53 -43.52 6.06
C VAL E 15 0.47 -43.35 7.14
N ASP E 16 -0.46 -44.28 7.22
CA ASP E 16 -1.52 -44.24 8.23
C ASP E 16 -1.32 -45.37 9.24
N ASP E 17 -2.15 -45.34 10.28
CA ASP E 17 -2.09 -46.34 11.33
C ASP E 17 -2.75 -47.63 10.85
N THR E 18 -2.82 -48.62 11.75
CA THR E 18 -3.40 -49.93 11.48
C THR E 18 -2.64 -50.68 10.39
N PHE E 19 -1.55 -50.09 9.91
CA PHE E 19 -0.69 -50.74 8.92
C PHE E 19 0.78 -50.68 9.28
N GLU E 20 1.19 -49.76 10.15
CA GLU E 20 2.54 -49.73 10.72
C GLU E 20 3.61 -49.71 9.64
N GLU E 21 3.56 -48.69 8.78
CA GLU E 21 4.59 -48.46 7.79
C GLU E 21 5.33 -47.16 8.04
N TYR E 22 4.60 -46.03 8.07
CA TYR E 22 5.18 -44.72 8.40
C TYR E 22 6.39 -44.41 7.52
N ALA E 23 6.27 -44.70 6.22
CA ALA E 23 7.34 -44.42 5.27
C ALA E 23 7.16 -43.02 4.69
N TYR E 24 7.40 -42.02 5.54
CA TYR E 24 7.26 -40.63 5.12
C TYR E 24 8.26 -40.26 4.04
N ASP E 25 9.37 -41.00 3.95
CA ASP E 25 10.43 -40.66 3.01
C ASP E 25 9.95 -40.69 1.57
N VAL E 26 9.28 -41.78 1.17
CA VAL E 26 8.87 -41.90 -0.22
C VAL E 26 7.77 -40.90 -0.55
N VAL E 27 6.86 -40.65 0.38
CA VAL E 27 5.81 -39.66 0.15
C VAL E 27 6.41 -38.28 -0.03
N ASP E 28 7.38 -37.91 0.81
CA ASP E 28 8.04 -36.61 0.66
C ASP E 28 8.80 -36.53 -0.66
N GLY E 29 9.43 -37.63 -1.06
CA GLY E 29 10.12 -37.64 -2.34
C GLY E 29 9.18 -37.44 -3.51
N ILE E 30 8.01 -38.08 -3.46
CA ILE E 30 7.02 -37.91 -4.52
C ILE E 30 6.51 -36.47 -4.53
N ALA E 31 6.19 -35.92 -3.36
CA ALA E 31 5.67 -34.56 -3.31
C ALA E 31 6.74 -33.55 -3.70
N LYS E 32 7.96 -33.72 -3.20
CA LYS E 32 9.06 -32.79 -3.50
C LYS E 32 9.90 -33.36 -4.63
N ALA E 33 9.31 -33.36 -5.82
CA ALA E 33 9.95 -33.85 -7.03
C ALA E 33 10.18 -32.68 -7.98
N ARG E 34 11.42 -32.53 -8.45
CA ARG E 34 11.77 -31.45 -9.36
C ARG E 34 11.78 -31.91 -10.82
N THR E 35 12.48 -33.00 -11.12
CA THR E 35 12.51 -33.57 -12.45
C THR E 35 11.60 -34.80 -12.52
N GLN E 36 11.20 -35.15 -13.74
CA GLN E 36 10.28 -36.27 -13.92
C GLN E 36 10.93 -37.59 -13.54
N GLU E 37 12.26 -37.69 -13.66
CA GLU E 37 12.95 -38.88 -13.20
C GLU E 37 12.80 -39.06 -11.69
N GLU E 38 12.89 -37.96 -10.95
CA GLU E 38 12.70 -38.03 -9.50
C GLU E 38 11.28 -38.48 -9.15
N LEU E 39 10.28 -37.95 -9.85
CA LEU E 39 8.91 -38.36 -9.60
C LEU E 39 8.70 -39.84 -9.93
N LEU E 40 9.28 -40.29 -11.03
CA LEU E 40 9.18 -41.71 -11.39
C LEU E 40 9.83 -42.59 -10.34
N GLU E 41 11.01 -42.17 -9.84
CA GLU E 41 11.67 -42.95 -8.80
C GLU E 41 10.83 -43.00 -7.53
N GLY E 42 10.24 -41.86 -7.15
CA GLY E 42 9.39 -41.83 -5.97
C GLY E 42 8.19 -42.73 -6.10
N VAL E 43 7.52 -42.69 -7.26
CA VAL E 43 6.37 -43.56 -7.47
C VAL E 43 6.79 -45.01 -7.49
N TYR E 44 7.96 -45.31 -8.04
CA TYR E 44 8.46 -46.69 -8.04
C TYR E 44 8.69 -47.17 -6.61
N LYS E 45 9.30 -46.33 -5.77
CA LYS E 45 9.53 -46.71 -4.38
C LYS E 45 8.21 -46.90 -3.65
N ALA E 46 7.22 -46.03 -3.89
CA ALA E 46 5.92 -46.18 -3.25
C ALA E 46 5.24 -47.48 -3.67
N LEU E 47 5.32 -47.81 -4.96
CA LEU E 47 4.69 -49.02 -5.46
C LEU E 47 5.48 -50.28 -5.12
N ARG E 48 6.74 -50.13 -4.72
CA ARG E 48 7.56 -51.30 -4.38
C ARG E 48 6.98 -52.05 -3.20
N LEU E 49 6.46 -51.34 -2.20
CA LEU E 49 5.96 -52.00 -1.00
C LEU E 49 4.54 -52.51 -1.19
N ALA E 50 4.30 -53.23 -2.27
CA ALA E 50 3.00 -53.90 -2.45
C ALA E 50 2.97 -55.25 -1.73
N PRO E 51 3.89 -56.18 -2.02
CA PRO E 51 3.74 -57.53 -1.43
C PRO E 51 3.80 -57.54 0.07
N LYS E 52 4.54 -56.62 0.69
CA LYS E 52 4.59 -56.56 2.15
C LYS E 52 3.23 -56.22 2.73
N LEU E 53 2.49 -55.33 2.08
CA LEU E 53 1.17 -54.93 2.57
C LEU E 53 0.05 -55.83 2.08
N LYS E 54 0.29 -56.70 1.09
CA LYS E 54 -0.76 -57.61 0.65
C LYS E 54 -1.22 -58.54 1.77
N LYS E 55 -0.34 -59.43 2.21
CA LYS E 55 -0.75 -60.46 3.15
C LYS E 55 -0.76 -59.99 4.60
N LYS E 56 -0.21 -58.82 4.90
CA LYS E 56 -0.22 -58.31 6.26
C LYS E 56 -1.60 -57.81 6.67
N ALA E 57 -2.39 -57.31 5.72
CA ALA E 57 -3.73 -56.81 6.04
C ALA E 57 -4.61 -57.93 6.57
N GLU E 58 -4.57 -59.10 5.94
CA GLU E 58 -5.34 -60.24 6.44
C GLU E 58 -4.82 -60.70 7.79
N SER E 59 -3.50 -60.70 7.99
CA SER E 59 -2.94 -61.07 9.29
C SER E 59 -3.33 -60.08 10.38
N LYS E 60 -3.66 -58.83 10.02
CA LYS E 60 -4.16 -57.86 10.98
C LYS E 60 -5.66 -57.65 10.86
N GLY E 61 -6.36 -58.56 10.18
CA GLY E 61 -7.80 -58.50 10.07
C GLY E 61 -8.32 -57.28 9.34
N CYS E 62 -7.74 -56.97 8.20
CA CYS E 62 -8.14 -55.81 7.41
C CYS E 62 -8.42 -56.22 5.98
N PRO E 63 -9.29 -55.49 5.28
CA PRO E 63 -9.53 -55.79 3.87
C PRO E 63 -8.27 -55.60 3.06
N PRO E 64 -8.11 -56.37 1.99
CA PRO E 64 -6.90 -56.26 1.17
C PRO E 64 -6.73 -54.86 0.61
N PRO E 65 -5.50 -54.34 0.60
CA PRO E 65 -5.28 -52.99 0.06
C PRO E 65 -5.47 -52.94 -1.44
N ARG E 66 -5.78 -51.74 -1.94
CA ARG E 66 -6.17 -51.52 -3.32
C ARG E 66 -4.97 -51.01 -4.12
N ILE E 67 -4.30 -51.92 -4.81
CA ILE E 67 -3.26 -51.52 -5.76
C ILE E 67 -3.90 -50.77 -6.91
N PRO E 68 -3.30 -49.69 -7.41
CA PRO E 68 -3.83 -49.05 -8.62
C PRO E 68 -3.84 -50.02 -9.78
N SER E 69 -4.90 -49.95 -10.57
CA SER E 69 -5.06 -50.86 -11.70
C SER E 69 -3.99 -50.60 -12.75
N PRO E 70 -3.56 -51.62 -13.49
CA PRO E 70 -2.54 -51.40 -14.52
C PRO E 70 -2.96 -50.40 -15.58
N GLU E 71 -4.26 -50.09 -15.69
CA GLU E 71 -4.70 -49.09 -16.66
C GLU E 71 -4.15 -47.70 -16.31
N ASP E 72 -4.15 -47.33 -15.04
CA ASP E 72 -3.78 -45.97 -14.67
C ASP E 72 -2.29 -45.71 -14.78
N ILE E 73 -1.45 -46.75 -14.76
CA ILE E 73 -0.03 -46.54 -15.03
C ILE E 73 0.17 -46.02 -16.45
N GLU E 74 -0.64 -46.51 -17.40
CA GLU E 74 -0.55 -46.00 -18.77
C GLU E 74 -0.83 -44.50 -18.81
N ALA E 75 -1.90 -44.07 -18.14
CA ALA E 75 -2.24 -42.65 -18.14
C ALA E 75 -1.18 -41.83 -17.43
N LEU E 76 -0.65 -42.33 -16.31
CA LEU E 76 0.40 -41.61 -15.60
C LEU E 76 1.65 -41.47 -16.47
N GLU E 77 2.04 -42.54 -17.16
CA GLU E 77 3.21 -42.47 -18.02
C GLU E 77 2.99 -41.51 -19.19
N GLU E 78 1.81 -41.55 -19.81
CA GLU E 78 1.56 -40.65 -20.93
C GLU E 78 1.46 -39.21 -20.48
N LYS E 79 1.04 -38.97 -19.23
CA LYS E 79 1.01 -37.60 -18.72
C LYS E 79 2.41 -37.11 -18.39
N VAL E 80 3.23 -37.95 -17.76
CA VAL E 80 4.57 -37.52 -17.40
C VAL E 80 5.45 -37.37 -18.63
N GLU E 81 5.15 -38.10 -19.71
CA GLU E 81 5.90 -37.94 -20.95
C GLU E 81 5.70 -36.55 -21.54
N GLN E 82 4.48 -36.04 -21.52
CA GLN E 82 4.16 -34.75 -22.10
C GLN E 82 4.37 -33.58 -21.15
N LEU E 83 4.63 -33.84 -19.87
CA LEU E 83 4.91 -32.80 -18.89
C LEU E 83 6.42 -32.71 -18.71
N SER E 84 7.03 -31.68 -19.31
CA SER E 84 8.45 -31.45 -19.19
C SER E 84 8.78 -30.21 -18.37
N ASN E 85 7.94 -29.19 -18.42
CA ASN E 85 8.20 -27.98 -17.65
C ASN E 85 8.12 -28.26 -16.16
N PRO E 86 8.98 -27.64 -15.35
CA PRO E 86 8.94 -27.90 -13.90
C PRO E 86 7.63 -27.50 -13.24
N LYS E 87 6.92 -26.52 -13.80
CA LYS E 87 5.71 -26.01 -13.15
C LYS E 87 4.62 -27.07 -13.10
N ASP E 88 4.18 -27.54 -14.27
CA ASP E 88 3.13 -28.54 -14.31
C ASP E 88 3.58 -29.86 -13.70
N LEU E 89 4.85 -30.22 -13.87
CA LEU E 89 5.37 -31.44 -13.27
C LEU E 89 5.28 -31.38 -11.75
N ARG E 90 5.68 -30.24 -11.16
CA ARG E 90 5.59 -30.09 -9.72
C ARG E 90 4.13 -30.06 -9.27
N LYS E 91 3.25 -29.46 -10.06
CA LYS E 91 1.84 -29.45 -9.73
C LYS E 91 1.29 -30.87 -9.67
N LEU E 92 1.62 -31.69 -10.67
CA LEU E 92 1.18 -33.08 -10.65
C LEU E 92 1.77 -33.84 -9.48
N ALA E 93 3.06 -33.61 -9.20
CA ALA E 93 3.72 -34.33 -8.11
C ALA E 93 3.07 -34.00 -6.76
N VAL E 94 2.78 -32.72 -6.52
CA VAL E 94 2.16 -32.35 -5.26
C VAL E 94 0.71 -32.85 -5.20
N SER E 95 -0.01 -32.76 -6.32
CA SER E 95 -1.40 -33.23 -6.33
C SER E 95 -1.48 -34.74 -6.10
N LEU E 96 -0.44 -35.48 -6.46
CA LEU E 96 -0.44 -36.92 -6.22
C LEU E 96 -0.52 -37.22 -4.72
N ALA E 97 0.16 -36.44 -3.90
CA ALA E 97 0.28 -36.72 -2.48
C ALA E 97 -0.36 -35.65 -1.60
N LEU E 98 -1.32 -34.88 -2.13
CA LEU E 98 -2.02 -33.91 -1.30
C LEU E 98 -2.80 -34.60 -0.18
N TRP E 99 -3.48 -35.71 -0.50
CA TRP E 99 -4.29 -36.42 0.48
C TRP E 99 -3.63 -37.70 0.97
N ALA E 100 -2.31 -37.82 0.80
CA ALA E 100 -1.61 -38.97 1.35
C ALA E 100 -1.85 -39.09 2.85
N PHE E 101 -2.02 -37.96 3.53
CA PHE E 101 -2.33 -37.92 4.96
C PHE E 101 -3.80 -37.56 5.21
N ALA E 102 -4.70 -38.04 4.33
CA ALA E 102 -6.13 -37.81 4.52
C ALA E 102 -6.69 -38.79 5.54
N SER E 103 -8.03 -38.87 5.63
CA SER E 103 -8.66 -39.70 6.64
C SER E 103 -9.45 -40.84 6.00
N TRP E 104 -8.81 -41.55 5.07
CA TRP E 104 -9.47 -42.68 4.42
C TRP E 104 -9.86 -43.75 5.44
N ASN E 105 -11.07 -44.26 5.30
CA ASN E 105 -11.60 -45.29 6.21
C ASN E 105 -11.20 -46.67 5.70
N ASN E 106 -10.12 -47.21 6.26
CA ASN E 106 -9.63 -48.53 5.92
C ASN E 106 -9.54 -49.38 7.18
N CYS E 107 -9.70 -50.69 6.99
CA CYS E 107 -9.72 -51.67 8.08
C CYS E 107 -10.74 -51.28 9.15
N PRO E 108 -12.04 -51.39 8.86
CA PRO E 108 -13.08 -51.03 9.82
C PRO E 108 -13.10 -51.97 11.03
N GLY F 2 3.82 -49.97 -26.83
CA GLY F 2 5.04 -50.09 -27.62
C GLY F 2 6.10 -50.94 -26.95
N TRP F 3 6.03 -52.25 -27.22
CA TRP F 3 7.00 -53.25 -26.74
C TRP F 3 7.33 -53.08 -25.25
N ILE F 4 6.43 -52.46 -24.49
CA ILE F 4 6.69 -52.17 -23.09
C ILE F 4 5.82 -53.01 -22.16
N ARG F 5 4.69 -53.53 -22.63
CA ARG F 5 3.80 -54.29 -21.75
C ARG F 5 4.15 -55.77 -21.69
N ASN F 6 4.67 -56.35 -22.77
CA ASN F 6 5.06 -57.76 -22.73
C ASN F 6 6.21 -57.97 -21.75
N ILE F 7 7.22 -57.10 -21.80
CA ILE F 7 8.32 -57.21 -20.86
C ILE F 7 7.86 -56.93 -19.43
N GLY F 8 6.90 -56.02 -19.26
CA GLY F 8 6.33 -55.81 -17.94
C GLY F 8 5.61 -57.03 -17.41
N ARG F 9 4.85 -57.71 -18.28
CA ARG F 9 4.20 -58.96 -17.88
C ARG F 9 5.23 -60.00 -17.48
N TYR F 10 6.31 -60.13 -18.26
CA TYR F 10 7.32 -61.12 -17.93
C TYR F 10 7.99 -60.80 -16.60
N LEU F 11 8.29 -59.53 -16.35
CA LEU F 11 8.89 -59.15 -15.08
C LEU F 11 7.95 -59.40 -13.92
N SER F 12 6.65 -59.11 -14.10
CA SER F 12 5.69 -59.36 -13.04
C SER F 12 5.53 -60.85 -12.77
N TYR F 13 5.67 -61.68 -13.79
CA TYR F 13 5.41 -63.11 -13.64
C TYR F 13 6.33 -63.77 -12.62
N LEU F 14 7.46 -63.16 -12.29
CA LEU F 14 8.38 -63.70 -11.29
C LEU F 14 8.25 -63.00 -9.94
N VAL F 15 7.26 -62.13 -9.77
CA VAL F 15 7.05 -61.46 -8.49
C VAL F 15 5.61 -61.69 -8.04
N ASP F 16 4.71 -61.92 -9.00
CA ASP F 16 3.31 -62.08 -8.67
C ASP F 16 3.08 -63.41 -7.93
N ASP F 17 1.89 -63.54 -7.35
CA ASP F 17 1.56 -64.71 -6.54
C ASP F 17 1.28 -65.91 -7.45
N THR F 18 0.78 -67.00 -6.86
CA THR F 18 0.52 -68.28 -7.50
C THR F 18 1.78 -68.89 -8.12
N PHE F 19 2.95 -68.35 -7.80
CA PHE F 19 4.22 -68.88 -8.26
C PHE F 19 5.07 -69.28 -7.05
N GLU F 20 6.29 -69.73 -7.30
CA GLU F 20 7.18 -70.12 -6.22
C GLU F 20 8.51 -69.38 -6.33
N GLU F 21 8.92 -69.04 -7.54
CA GLU F 21 10.18 -68.35 -7.78
C GLU F 21 9.94 -66.86 -7.65
N TYR F 22 10.31 -66.29 -6.50
CA TYR F 22 10.13 -64.87 -6.21
C TYR F 22 11.52 -64.26 -6.06
N ALA F 23 12.10 -63.82 -7.17
CA ALA F 23 13.45 -63.27 -7.19
C ALA F 23 13.33 -61.75 -7.35
N TYR F 24 13.38 -61.04 -6.23
CA TYR F 24 13.36 -59.58 -6.25
C TYR F 24 14.66 -58.99 -6.77
N ASP F 25 15.72 -59.79 -6.90
CA ASP F 25 17.02 -59.25 -7.28
C ASP F 25 16.99 -58.65 -8.67
N VAL F 26 16.43 -59.39 -9.64
CA VAL F 26 16.44 -58.93 -11.02
C VAL F 26 15.58 -57.68 -11.19
N VAL F 27 14.38 -57.67 -10.59
CA VAL F 27 13.52 -56.50 -10.73
C VAL F 27 14.11 -55.29 -10.00
N ASP F 28 14.77 -55.52 -8.87
CA ASP F 28 15.42 -54.42 -8.16
C ASP F 28 16.57 -53.86 -8.99
N GLY F 29 17.39 -54.73 -9.58
CA GLY F 29 18.51 -54.26 -10.37
C GLY F 29 18.10 -53.61 -11.68
N ILE F 30 16.94 -53.97 -12.20
CA ILE F 30 16.44 -53.33 -13.42
C ILE F 30 16.18 -51.85 -13.16
N ALA F 31 15.55 -51.54 -12.03
CA ALA F 31 15.32 -50.14 -11.69
C ALA F 31 16.62 -49.40 -11.46
N LYS F 32 17.56 -50.03 -10.76
CA LYS F 32 18.83 -49.39 -10.41
C LYS F 32 19.89 -49.74 -11.46
N ALA F 33 19.69 -49.19 -12.66
CA ALA F 33 20.58 -49.41 -13.79
C ALA F 33 21.03 -48.05 -14.32
N ARG F 34 22.31 -47.95 -14.67
CA ARG F 34 22.83 -46.68 -15.15
C ARG F 34 23.73 -46.77 -16.38
N THR F 35 24.23 -47.95 -16.75
CA THR F 35 25.05 -48.10 -17.95
C THR F 35 24.49 -49.25 -18.78
N GLN F 36 24.95 -49.31 -20.04
CA GLN F 36 24.40 -50.28 -20.97
C GLN F 36 24.72 -51.72 -20.56
N GLU F 37 25.95 -51.96 -20.11
CA GLU F 37 26.39 -53.34 -19.90
C GLU F 37 25.64 -54.00 -18.74
N GLU F 38 25.54 -53.31 -17.60
CA GLU F 38 24.84 -53.89 -16.47
C GLU F 38 23.34 -54.02 -16.74
N LEU F 39 22.75 -53.08 -17.48
CA LEU F 39 21.34 -53.20 -17.83
C LEU F 39 21.09 -54.42 -18.72
N LEU F 40 21.96 -54.62 -19.73
CA LEU F 40 21.82 -55.80 -20.58
C LEU F 40 22.02 -57.08 -19.78
N GLU F 41 22.99 -57.08 -18.86
CA GLU F 41 23.19 -58.25 -18.02
C GLU F 41 21.96 -58.52 -17.17
N GLY F 42 21.35 -57.47 -16.62
CA GLY F 42 20.17 -57.66 -15.79
C GLY F 42 18.99 -58.20 -16.58
N VAL F 43 18.75 -57.66 -17.77
CA VAL F 43 17.62 -58.15 -18.57
C VAL F 43 17.87 -59.59 -19.01
N TYR F 44 19.11 -59.91 -19.38
CA TYR F 44 19.41 -61.30 -19.75
C TYR F 44 19.22 -62.23 -18.56
N LYS F 45 19.66 -61.82 -17.38
CA LYS F 45 19.48 -62.64 -16.19
C LYS F 45 18.01 -62.84 -15.88
N ALA F 46 17.21 -61.80 -16.06
CA ALA F 46 15.76 -61.95 -15.87
C ALA F 46 15.17 -62.93 -16.88
N LEU F 47 15.62 -62.85 -18.12
CA LEU F 47 15.08 -63.74 -19.16
C LEU F 47 15.51 -65.19 -18.96
N ARG F 48 16.68 -65.42 -18.36
CA ARG F 48 17.11 -66.80 -18.11
C ARG F 48 16.23 -67.53 -17.10
N LEU F 49 15.35 -66.83 -16.39
CA LEU F 49 14.41 -67.50 -15.50
C LEU F 49 13.20 -68.05 -16.23
N ALA F 50 13.12 -67.88 -17.55
CA ALA F 50 11.99 -68.38 -18.32
C ALA F 50 11.80 -69.89 -18.22
N PRO F 51 12.83 -70.74 -18.38
CA PRO F 51 12.55 -72.19 -18.37
C PRO F 51 11.92 -72.70 -17.09
N LYS F 52 12.32 -72.16 -15.94
CA LYS F 52 11.73 -72.60 -14.67
C LYS F 52 10.24 -72.24 -14.62
N LEU F 53 9.90 -71.03 -15.06
CA LEU F 53 8.49 -70.64 -15.10
C LEU F 53 7.71 -71.50 -16.07
N LYS F 54 8.29 -71.82 -17.22
CA LYS F 54 7.60 -72.67 -18.19
C LYS F 54 7.37 -74.07 -17.62
N LYS F 55 8.36 -74.62 -16.90
CA LYS F 55 8.20 -75.97 -16.38
C LYS F 55 7.26 -75.99 -15.17
N LYS F 56 7.13 -74.87 -14.44
CA LYS F 56 6.20 -74.85 -13.32
C LYS F 56 4.81 -74.37 -13.71
N ALA F 57 4.62 -73.89 -14.93
CA ALA F 57 3.30 -73.41 -15.34
C ALA F 57 2.26 -74.52 -15.28
N GLU F 58 2.62 -75.71 -15.80
CA GLU F 58 1.68 -76.82 -15.79
C GLU F 58 1.50 -77.44 -14.40
N SER F 59 2.33 -77.04 -13.42
CA SER F 59 2.16 -77.54 -12.07
C SER F 59 0.86 -77.08 -11.43
N LYS F 60 0.27 -76.00 -11.94
CA LYS F 60 -0.99 -75.49 -11.41
C LYS F 60 -2.16 -75.61 -12.38
N GLY F 61 -1.89 -75.83 -13.67
CA GLY F 61 -2.94 -75.94 -14.66
C GLY F 61 -3.35 -74.63 -15.30
N CYS F 62 -2.89 -73.50 -14.78
CA CYS F 62 -3.21 -72.21 -15.38
C CYS F 62 -2.40 -72.05 -16.68
N PRO F 63 -2.85 -71.17 -17.57
CA PRO F 63 -2.14 -70.98 -18.84
C PRO F 63 -0.70 -70.56 -18.62
N PRO F 64 0.23 -71.04 -19.46
CA PRO F 64 1.64 -70.75 -19.22
C PRO F 64 1.93 -69.27 -19.41
N PRO F 65 2.95 -68.75 -18.75
CA PRO F 65 3.29 -67.33 -18.93
C PRO F 65 3.73 -67.06 -20.36
N ARG F 66 3.42 -65.85 -20.82
CA ARG F 66 3.73 -65.44 -22.19
C ARG F 66 5.15 -64.87 -22.22
N ILE F 67 6.09 -65.67 -22.70
CA ILE F 67 7.46 -65.20 -22.88
C ILE F 67 7.48 -64.13 -23.98
N PRO F 68 8.17 -63.01 -23.79
CA PRO F 68 8.21 -61.99 -24.84
C PRO F 68 8.81 -62.53 -26.13
N SER F 69 8.27 -62.07 -27.26
CA SER F 69 8.68 -62.58 -28.56
C SER F 69 10.13 -62.17 -28.85
N PRO F 70 10.83 -62.95 -29.68
CA PRO F 70 12.22 -62.60 -30.01
C PRO F 70 12.35 -61.23 -30.66
N GLU F 71 11.35 -60.79 -31.43
CA GLU F 71 11.41 -59.44 -32.00
C GLU F 71 11.33 -58.38 -30.91
N ASP F 72 10.53 -58.61 -29.88
CA ASP F 72 10.46 -57.67 -28.76
C ASP F 72 11.81 -57.56 -28.05
N ILE F 73 12.47 -58.70 -27.84
CA ILE F 73 13.79 -58.70 -27.22
C ILE F 73 14.79 -57.98 -28.12
N GLU F 74 14.74 -58.24 -29.43
CA GLU F 74 15.69 -57.64 -30.36
C GLU F 74 15.51 -56.13 -30.44
N ALA F 75 14.27 -55.65 -30.36
CA ALA F 75 14.02 -54.21 -30.46
C ALA F 75 14.74 -53.43 -29.37
N LEU F 76 14.95 -54.04 -28.21
CA LEU F 76 15.61 -53.34 -27.11
C LEU F 76 17.05 -52.98 -27.48
N GLU F 77 17.72 -53.81 -28.28
CA GLU F 77 19.10 -53.53 -28.63
C GLU F 77 19.22 -52.21 -29.38
N GLU F 78 18.46 -52.05 -30.46
CA GLU F 78 18.52 -50.79 -31.19
C GLU F 78 17.73 -49.66 -30.52
N LYS F 79 16.94 -49.97 -29.50
CA LYS F 79 16.29 -48.92 -28.71
C LYS F 79 17.20 -48.36 -27.63
N VAL F 80 18.19 -49.12 -27.17
CA VAL F 80 19.07 -48.66 -26.10
C VAL F 80 20.41 -48.24 -26.67
N GLU F 81 20.78 -48.78 -27.83
CA GLU F 81 22.09 -48.46 -28.40
C GLU F 81 22.19 -47.01 -28.85
N GLN F 82 21.08 -46.35 -29.13
CA GLN F 82 21.09 -44.96 -29.58
C GLN F 82 20.76 -43.98 -28.45
N LEU F 83 20.73 -44.45 -27.21
CA LEU F 83 20.65 -43.59 -26.03
C LEU F 83 22.03 -43.51 -25.40
N SER F 84 22.50 -42.28 -25.17
CA SER F 84 23.80 -42.04 -24.56
C SER F 84 23.71 -41.31 -23.22
N ASN F 85 22.78 -40.38 -23.08
CA ASN F 85 22.65 -39.67 -21.80
C ASN F 85 22.10 -40.63 -20.73
N PRO F 86 22.49 -40.44 -19.47
CA PRO F 86 22.00 -41.35 -18.42
C PRO F 86 20.58 -41.02 -17.99
N LYS F 87 20.18 -39.76 -18.17
CA LYS F 87 18.83 -39.35 -17.76
C LYS F 87 17.76 -40.13 -18.52
N ASP F 88 17.90 -40.26 -19.84
CA ASP F 88 16.98 -41.07 -20.62
C ASP F 88 17.27 -42.56 -20.52
N LEU F 89 18.52 -42.93 -20.25
CA LEU F 89 18.84 -44.35 -20.11
C LEU F 89 18.16 -44.95 -18.89
N ARG F 90 18.12 -44.22 -17.78
CA ARG F 90 17.50 -44.73 -16.56
C ARG F 90 15.99 -44.61 -16.56
N LYS F 91 15.41 -43.78 -17.44
CA LYS F 91 13.97 -43.65 -17.48
C LYS F 91 13.30 -44.96 -17.89
N LEU F 92 13.80 -45.57 -18.97
CA LEU F 92 13.28 -46.89 -19.36
C LEU F 92 13.59 -47.93 -18.29
N ALA F 93 14.76 -47.82 -17.66
CA ALA F 93 15.15 -48.78 -16.64
C ALA F 93 14.16 -48.78 -15.47
N VAL F 94 13.75 -47.59 -15.04
CA VAL F 94 12.80 -47.52 -13.92
C VAL F 94 11.38 -47.81 -14.40
N SER F 95 11.05 -47.51 -15.66
CA SER F 95 9.72 -47.84 -16.17
C SER F 95 9.52 -49.34 -16.25
N LEU F 96 10.58 -50.08 -16.62
CA LEU F 96 10.48 -51.54 -16.69
C LEU F 96 10.15 -52.13 -15.32
N ALA F 97 10.79 -51.62 -14.27
CA ALA F 97 10.50 -52.12 -12.93
C ALA F 97 9.14 -51.65 -12.44
N LEU F 98 8.76 -50.42 -12.77
CA LEU F 98 7.46 -49.90 -12.33
C LEU F 98 6.31 -50.70 -12.94
N TRP F 99 6.47 -51.12 -14.19
CA TRP F 99 5.41 -51.89 -14.84
C TRP F 99 5.23 -53.28 -14.26
N ALA F 100 6.15 -53.74 -13.40
CA ALA F 100 6.05 -55.08 -12.84
C ALA F 100 4.99 -55.17 -11.75
N PHE F 101 4.71 -54.08 -11.05
CA PHE F 101 3.78 -54.11 -9.92
C PHE F 101 2.42 -53.58 -10.38
N ALA F 102 1.45 -54.47 -10.50
CA ALA F 102 0.07 -54.11 -10.76
C ALA F 102 -0.84 -55.19 -10.17
N SER F 103 -2.10 -55.19 -10.57
CA SER F 103 -3.10 -56.05 -9.96
C SER F 103 -3.95 -56.76 -11.01
N TRP F 104 -3.30 -57.33 -12.02
CA TRP F 104 -4.01 -58.20 -12.96
C TRP F 104 -3.94 -59.65 -12.50
N ASN F 105 -4.37 -60.56 -13.35
CA ASN F 105 -4.32 -62.00 -13.08
C ASN F 105 -3.22 -62.61 -13.93
N ASN F 106 -2.28 -63.30 -13.29
CA ASN F 106 -1.20 -63.95 -14.03
C ASN F 106 -1.73 -65.09 -14.88
N CYS F 107 -2.50 -66.00 -14.28
CA CYS F 107 -3.11 -67.11 -14.99
C CYS F 107 -4.20 -67.73 -14.14
N PRO F 108 -5.40 -67.93 -14.69
CA PRO F 108 -6.52 -68.56 -13.96
C PRO F 108 -6.24 -70.01 -13.58
N MET G 1 -40.41 32.55 -41.21
CA MET G 1 -41.40 33.57 -41.54
C MET G 1 -41.99 34.12 -40.24
N TYR G 2 -42.92 33.37 -39.67
CA TYR G 2 -43.36 33.55 -38.28
C TYR G 2 -42.98 32.27 -37.56
N VAL G 3 -42.02 32.36 -36.63
CA VAL G 3 -41.57 31.16 -35.93
C VAL G 3 -41.53 31.43 -34.44
N ARG G 4 -41.62 30.35 -33.66
CA ARG G 4 -41.58 30.43 -32.21
C ARG G 4 -40.83 29.22 -31.67
N ILE G 5 -39.89 29.47 -30.76
CA ILE G 5 -39.00 28.43 -30.25
C ILE G 5 -39.07 28.45 -28.73
N SER G 6 -39.26 27.28 -28.12
CA SER G 6 -39.24 27.17 -26.66
C SER G 6 -38.51 25.89 -26.27
N GLY G 7 -37.64 25.98 -25.27
CA GLY G 7 -36.89 24.81 -24.89
C GLY G 7 -36.19 24.97 -23.56
N ARG G 8 -35.42 23.93 -23.22
CA ARG G 8 -34.61 23.89 -22.01
C ARG G 8 -33.14 23.74 -22.41
N ILE G 9 -32.29 24.54 -21.79
CA ILE G 9 -30.87 24.61 -22.08
C ILE G 9 -30.10 24.37 -20.79
N ARG G 10 -29.08 23.52 -20.85
CA ARG G 10 -28.24 23.21 -19.69
C ARG G 10 -26.96 24.03 -19.79
N LEU G 11 -26.93 25.15 -19.08
CA LEU G 11 -25.74 25.99 -19.00
C LEU G 11 -25.33 26.14 -17.54
N ASN G 12 -24.02 26.09 -17.30
CA ASN G 12 -23.49 26.14 -15.95
C ASN G 12 -22.23 27.01 -15.93
N ALA G 13 -21.91 27.50 -14.73
CA ALA G 13 -20.72 28.32 -14.49
C ALA G 13 -20.76 29.59 -15.35
N HIS G 14 -21.74 30.42 -15.05
CA HIS G 14 -21.97 31.64 -15.80
C HIS G 14 -22.24 32.79 -14.82
N SER G 15 -21.95 34.01 -15.28
CA SER G 15 -22.03 35.19 -14.44
C SER G 15 -22.80 36.30 -15.13
N LEU G 16 -23.91 35.94 -15.76
CA LEU G 16 -24.64 36.85 -16.62
C LEU G 16 -25.55 37.78 -15.83
N ASN G 17 -25.70 39.00 -16.35
CA ASN G 17 -26.76 39.93 -15.94
C ASN G 17 -26.70 40.22 -14.44
N ALA G 18 -25.57 40.78 -14.01
CA ALA G 18 -25.41 41.20 -12.63
C ALA G 18 -26.03 42.59 -12.43
N GLN G 19 -26.12 43.00 -11.16
CA GLN G 19 -26.68 44.30 -10.81
C GLN G 19 -25.64 45.42 -10.89
N GLY G 20 -24.56 45.23 -11.65
CA GLY G 20 -23.57 46.26 -11.83
C GLY G 20 -22.64 46.41 -10.64
N GLY G 21 -23.15 46.91 -9.53
CA GLY G 21 -22.35 47.14 -8.35
C GLY G 21 -21.25 48.15 -8.57
N GLY G 22 -21.59 49.28 -9.20
CA GLY G 22 -20.62 50.31 -9.50
C GLY G 22 -20.09 51.05 -8.29
N GLY G 23 -20.81 51.01 -7.17
CA GLY G 23 -20.35 51.65 -5.96
C GLY G 23 -20.06 50.66 -4.85
N THR G 24 -20.10 49.37 -5.17
CA THR G 24 -19.89 48.30 -4.21
C THR G 24 -18.77 47.39 -4.69
N ASN G 25 -18.01 46.84 -3.74
CA ASN G 25 -16.92 45.93 -4.06
C ASN G 25 -17.37 44.49 -4.27
N TYR G 26 -18.63 44.17 -3.94
CA TYR G 26 -19.15 42.82 -4.08
C TYR G 26 -20.13 42.81 -5.25
N ILE G 27 -19.87 41.95 -6.23
CA ILE G 27 -20.68 41.86 -7.45
C ILE G 27 -21.41 40.52 -7.43
N GLU G 28 -22.67 40.56 -7.03
CA GLU G 28 -23.50 39.36 -6.99
C GLU G 28 -24.27 39.20 -8.30
N ILE G 29 -24.84 38.02 -8.49
CA ILE G 29 -25.65 37.73 -9.66
C ILE G 29 -27.09 38.13 -9.38
N THR G 30 -27.90 38.23 -10.43
CA THR G 30 -29.31 38.61 -10.27
C THR G 30 -30.09 37.54 -9.51
N LYS G 31 -31.06 37.98 -8.73
CA LYS G 31 -31.86 37.11 -7.87
C LYS G 31 -33.33 37.27 -8.21
N THR G 32 -34.05 36.15 -8.27
CA THR G 32 -35.47 36.14 -8.59
C THR G 32 -36.21 35.19 -7.66
N LYS G 33 -37.49 35.49 -7.44
CA LYS G 33 -38.37 34.68 -6.61
C LYS G 33 -39.26 33.82 -7.50
N VAL G 34 -39.42 32.55 -7.13
CA VAL G 34 -40.23 31.60 -7.88
C VAL G 34 -41.19 30.89 -6.95
N THR G 35 -42.48 30.90 -7.30
CA THR G 35 -43.48 30.10 -6.60
C THR G 35 -43.55 28.72 -7.24
N VAL G 36 -43.59 27.69 -6.40
CA VAL G 36 -43.57 26.32 -6.89
C VAL G 36 -44.29 25.41 -5.89
N ARG G 37 -44.89 24.34 -6.43
CA ARG G 37 -45.58 23.35 -5.61
C ARG G 37 -44.57 22.44 -4.91
N THR G 38 -44.92 22.02 -3.70
CA THR G 38 -44.07 21.14 -2.88
C THR G 38 -44.91 20.03 -2.27
N GLU G 39 -45.67 19.32 -3.10
CA GLU G 39 -46.56 18.24 -2.65
C GLU G 39 -47.60 18.78 -1.67
N ASN G 40 -48.50 19.60 -2.23
CA ASN G 40 -49.48 20.38 -1.49
C ASN G 40 -48.79 21.42 -0.61
N GLY G 41 -48.03 22.29 -1.27
CA GLY G 41 -47.39 23.42 -0.63
C GLY G 41 -46.86 24.41 -1.65
N TRP G 42 -47.19 25.69 -1.46
CA TRP G 42 -46.82 26.74 -2.41
C TRP G 42 -45.69 27.54 -1.78
N THR G 43 -44.46 27.24 -2.19
CA THR G 43 -43.30 27.90 -1.60
C THR G 43 -42.63 28.83 -2.61
N VAL G 44 -41.74 29.67 -2.08
CA VAL G 44 -40.96 30.60 -2.88
C VAL G 44 -39.49 30.25 -2.74
N VAL G 45 -38.80 30.16 -3.87
CA VAL G 45 -37.39 29.78 -3.95
C VAL G 45 -36.63 30.88 -4.68
N GLU G 46 -35.40 31.13 -4.25
CA GLU G 46 -34.55 32.15 -4.85
C GLU G 46 -33.65 31.51 -5.90
N VAL G 47 -33.83 31.92 -7.15
CA VAL G 47 -33.00 31.41 -8.25
C VAL G 47 -32.61 32.56 -9.16
N PRO G 48 -31.43 32.47 -9.77
CA PRO G 48 -31.03 33.49 -10.75
C PRO G 48 -31.78 33.35 -12.06
N ALA G 49 -31.87 34.47 -12.78
CA ALA G 49 -32.61 34.49 -14.03
C ALA G 49 -32.13 35.65 -14.89
N ILE G 50 -31.82 35.36 -16.15
CA ILE G 50 -31.30 36.37 -17.07
C ILE G 50 -32.46 37.17 -17.64
N THR G 51 -32.35 38.50 -17.56
CA THR G 51 -33.41 39.36 -18.07
C THR G 51 -33.50 39.28 -19.58
N GLY G 52 -34.71 39.49 -20.12
CA GLY G 52 -34.91 39.44 -21.55
C GLY G 52 -34.23 40.56 -22.30
N ASN G 53 -33.89 41.65 -21.61
CA ASN G 53 -33.12 42.72 -22.24
C ASN G 53 -31.79 42.18 -22.74
N MET G 54 -31.14 41.33 -21.95
CA MET G 54 -29.88 40.72 -22.36
C MET G 54 -30.04 39.93 -23.65
N LEU G 55 -31.06 39.06 -23.70
CA LEU G 55 -31.26 38.22 -24.88
C LEU G 55 -31.57 39.07 -26.10
N LYS G 56 -32.41 40.09 -25.94
CA LYS G 56 -32.74 40.93 -27.08
C LYS G 56 -31.50 41.68 -27.58
N HIS G 57 -30.69 42.21 -26.66
CA HIS G 57 -29.49 42.93 -27.05
C HIS G 57 -28.50 42.02 -27.76
N TRP G 58 -28.30 40.81 -27.26
CA TRP G 58 -27.33 39.91 -27.90
C TRP G 58 -27.85 39.39 -29.23
N HIS G 59 -29.17 39.18 -29.35
CA HIS G 59 -29.74 38.84 -30.64
C HIS G 59 -29.53 39.99 -31.64
N PHE G 60 -29.69 41.23 -31.16
CA PHE G 60 -29.43 42.38 -32.02
C PHE G 60 -27.96 42.44 -32.44
N VAL G 61 -27.05 42.12 -31.53
CA VAL G 61 -25.63 42.11 -31.87
C VAL G 61 -25.34 41.05 -32.93
N GLY G 62 -25.90 39.85 -32.76
CA GLY G 62 -25.73 38.82 -33.78
C GLY G 62 -26.30 39.24 -35.12
N PHE G 63 -27.48 39.86 -35.10
CA PHE G 63 -28.11 40.31 -36.34
C PHE G 63 -27.26 41.36 -37.04
N VAL G 64 -26.76 42.35 -36.29
CA VAL G 64 -25.96 43.40 -36.90
C VAL G 64 -24.61 42.84 -37.36
N ASP G 65 -24.12 41.78 -36.71
CA ASP G 65 -22.89 41.15 -37.16
C ASP G 65 -23.09 40.44 -38.49
N TYR G 66 -24.16 39.64 -38.59
CA TYR G 66 -24.42 38.92 -39.83
C TYR G 66 -24.90 39.84 -40.94
N PHE G 67 -25.40 41.03 -40.61
CA PHE G 67 -25.84 41.96 -41.64
C PHE G 67 -24.67 42.63 -42.36
N LYS G 68 -23.47 42.61 -41.77
CA LYS G 68 -22.31 43.16 -42.45
C LYS G 68 -21.78 42.23 -43.53
N THR G 69 -21.97 40.92 -43.36
CA THR G 69 -21.45 39.96 -44.33
C THR G 69 -22.13 40.12 -45.69
N THR G 70 -23.44 40.32 -45.71
CA THR G 70 -24.15 40.46 -46.96
C THR G 70 -23.76 41.74 -47.68
N PRO G 71 -23.72 41.73 -49.01
CA PRO G 71 -23.39 42.97 -49.74
C PRO G 71 -24.37 44.09 -49.53
N TYR G 72 -25.59 43.80 -49.07
CA TYR G 72 -26.61 44.81 -48.85
C TYR G 72 -26.60 45.37 -47.44
N GLY G 73 -25.44 45.34 -46.77
CA GLY G 73 -25.30 45.83 -45.43
C GLY G 73 -25.14 47.32 -45.27
N VAL G 74 -25.15 48.07 -46.38
CA VAL G 74 -24.99 49.51 -46.32
C VAL G 74 -26.18 50.14 -45.59
N ASN G 75 -27.38 49.60 -45.81
CA ASN G 75 -28.60 50.13 -45.19
C ASN G 75 -28.59 49.73 -43.72
N LEU G 76 -27.78 50.45 -42.94
CA LEU G 76 -27.62 50.14 -41.52
C LEU G 76 -27.06 51.38 -40.83
N THR G 77 -27.58 51.65 -39.63
CA THR G 77 -27.14 52.83 -38.87
C THR G 77 -25.70 52.65 -38.40
N GLU G 78 -24.96 53.76 -38.39
CA GLU G 78 -23.60 53.74 -37.84
C GLU G 78 -23.62 53.45 -36.35
N ARG G 79 -24.69 53.85 -35.65
CA ARG G 79 -24.77 53.60 -34.22
C ARG G 79 -24.78 52.11 -33.92
N ALA G 80 -25.50 51.32 -34.72
CA ALA G 80 -25.59 49.89 -34.49
C ALA G 80 -24.23 49.21 -34.61
N LEU G 81 -23.31 49.81 -35.37
CA LEU G 81 -21.98 49.22 -35.52
C LEU G 81 -21.22 49.17 -34.20
N ARG G 82 -21.44 50.15 -33.33
CA ARG G 82 -20.79 50.20 -32.02
C ARG G 82 -21.60 49.50 -30.95
N TYR G 83 -22.47 48.56 -31.33
CA TYR G 83 -23.37 47.86 -30.40
C TYR G 83 -24.30 48.83 -29.67
N ASN G 84 -24.46 50.03 -30.21
CA ASN G 84 -25.44 51.00 -29.73
C ASN G 84 -26.81 50.64 -30.29
N GLY G 85 -27.73 51.59 -30.29
CA GLY G 85 -29.12 51.24 -30.58
C GLY G 85 -30.14 51.98 -29.75
N THR G 86 -29.71 53.08 -29.11
CA THR G 86 -30.65 53.97 -28.46
C THR G 86 -31.74 54.44 -29.42
N ARG G 87 -31.42 54.53 -30.72
CA ARG G 87 -32.39 54.84 -31.77
C ARG G 87 -33.12 56.16 -31.48
N PHE G 88 -32.33 57.23 -31.55
CA PHE G 88 -32.82 58.61 -31.55
C PHE G 88 -33.40 59.00 -30.20
N GLY G 89 -34.63 59.48 -30.19
CA GLY G 89 -35.27 59.97 -29.01
C GLY G 89 -36.13 61.18 -29.34
N GLN G 90 -36.53 61.91 -28.29
CA GLN G 90 -37.40 63.07 -28.47
C GLN G 90 -36.69 64.17 -29.24
N GLY G 91 -35.40 64.39 -28.98
CA GLY G 91 -34.66 65.47 -29.59
C GLY G 91 -33.94 65.15 -30.88
N GLU G 92 -34.15 63.96 -31.45
CA GLU G 92 -33.47 63.53 -32.66
C GLU G 92 -34.47 63.34 -33.78
N THR G 93 -34.15 63.91 -34.95
CA THR G 93 -34.98 63.76 -36.14
C THR G 93 -34.18 63.34 -37.36
N THR G 94 -32.91 62.99 -37.20
CA THR G 94 -32.04 62.62 -38.30
C THR G 94 -31.33 61.31 -37.96
N ALA G 95 -31.29 60.39 -38.92
CA ALA G 95 -30.62 59.11 -38.76
C ALA G 95 -29.35 59.10 -39.58
N THR G 96 -28.26 58.64 -38.98
CA THR G 96 -26.97 58.54 -39.66
C THR G 96 -26.69 57.07 -39.96
N LYS G 97 -26.50 56.76 -41.24
CA LYS G 97 -26.25 55.39 -41.66
C LYS G 97 -24.76 55.07 -41.54
N ALA G 98 -24.40 53.85 -41.96
CA ALA G 98 -23.00 53.43 -41.88
C ALA G 98 -22.10 54.29 -42.76
N ASN G 99 -22.57 54.61 -43.97
CA ASN G 99 -21.80 55.46 -44.87
C ASN G 99 -21.90 56.94 -44.51
N GLY G 100 -22.77 57.31 -43.57
CA GLY G 100 -22.93 58.69 -43.18
C GLY G 100 -23.97 59.41 -44.00
N ALA G 101 -25.11 58.76 -44.23
CA ALA G 101 -26.19 59.31 -45.03
C ALA G 101 -27.32 59.79 -44.15
N THR G 102 -27.75 61.03 -44.35
CA THR G 102 -28.84 61.58 -43.57
C THR G 102 -30.17 60.96 -43.98
N VAL G 103 -30.93 60.47 -43.00
CA VAL G 103 -32.23 59.87 -43.22
C VAL G 103 -33.26 60.62 -42.38
N GLN G 104 -34.33 61.06 -43.04
CA GLN G 104 -35.42 61.72 -42.35
C GLN G 104 -36.35 60.69 -41.71
N LEU G 105 -37.05 61.12 -40.66
CA LEU G 105 -37.97 60.28 -39.92
C LEU G 105 -39.43 60.68 -40.17
N ASN G 106 -39.73 61.08 -41.41
CA ASN G 106 -41.09 61.49 -41.75
C ASN G 106 -42.06 60.32 -41.64
N ASP G 107 -41.65 59.14 -42.11
CA ASP G 107 -42.54 57.98 -42.10
C ASP G 107 -41.71 56.73 -41.86
N GLU G 108 -42.41 55.66 -41.44
CA GLU G 108 -41.74 54.40 -41.16
C GLU G 108 -41.26 53.72 -42.44
N ALA G 109 -41.93 53.98 -43.57
CA ALA G 109 -41.59 53.30 -44.82
C ALA G 109 -40.16 53.62 -45.25
N THR G 110 -39.82 54.91 -45.33
CA THR G 110 -38.47 55.30 -45.72
C THR G 110 -37.45 54.83 -44.69
N ILE G 111 -37.81 54.87 -43.40
CA ILE G 111 -36.88 54.46 -42.36
C ILE G 111 -36.51 53.00 -42.51
N ILE G 112 -37.52 52.13 -42.66
CA ILE G 112 -37.25 50.71 -42.85
C ILE G 112 -36.62 50.43 -44.21
N LYS G 113 -36.83 51.31 -45.19
CA LYS G 113 -36.17 51.14 -46.48
C LYS G 113 -34.68 51.42 -46.37
N GLU G 114 -34.30 52.43 -45.60
CA GLU G 114 -32.91 52.83 -45.48
C GLU G 114 -32.19 52.21 -44.29
N LEU G 115 -32.92 51.67 -43.32
CA LEU G 115 -32.33 51.10 -42.12
C LEU G 115 -32.88 49.69 -41.91
N ALA G 116 -32.02 48.78 -41.46
CA ALA G 116 -32.40 47.40 -41.20
C ALA G 116 -32.64 47.11 -39.72
N ASP G 117 -31.80 47.65 -38.84
CA ASP G 117 -31.99 47.43 -37.41
C ASP G 117 -33.30 48.06 -36.93
N ALA G 118 -33.64 49.24 -37.45
CA ALA G 118 -34.89 49.89 -37.06
C ALA G 118 -36.10 49.06 -37.50
N ASP G 119 -36.01 48.43 -38.67
CA ASP G 119 -37.12 47.61 -39.16
C ASP G 119 -37.36 46.41 -38.25
N VAL G 120 -36.29 45.76 -37.80
CA VAL G 120 -36.44 44.54 -37.03
C VAL G 120 -36.71 44.83 -35.56
N HIS G 121 -35.82 45.57 -34.92
CA HIS G 121 -35.89 45.81 -33.49
C HIS G 121 -36.68 47.06 -33.11
N GLY G 122 -37.26 47.76 -34.07
CA GLY G 122 -38.10 48.90 -33.77
C GLY G 122 -37.30 50.14 -33.39
N PHE G 123 -38.05 51.21 -33.13
CA PHE G 123 -37.50 52.53 -32.84
C PHE G 123 -38.62 53.40 -32.29
N LEU G 124 -38.27 54.61 -31.87
CA LEU G 124 -39.27 55.59 -31.47
C LEU G 124 -38.82 56.95 -32.00
N ALA G 125 -39.80 57.76 -32.42
CA ALA G 125 -39.55 59.13 -32.84
C ALA G 125 -40.56 60.02 -32.13
N PRO G 126 -40.34 60.31 -30.84
CA PRO G 126 -41.31 61.14 -30.10
C PRO G 126 -41.52 62.52 -30.71
N LYS G 127 -40.53 63.05 -31.42
CA LYS G 127 -40.68 64.35 -32.06
C LYS G 127 -41.76 64.32 -33.13
N THR G 128 -41.81 63.26 -33.92
CA THR G 128 -42.75 63.18 -35.03
C THR G 128 -43.71 62.00 -34.96
N GLY G 129 -43.52 61.06 -34.05
CA GLY G 129 -44.41 59.92 -33.93
C GLY G 129 -43.82 58.69 -34.62
N ARG G 130 -44.62 58.04 -35.47
CA ARG G 130 -44.21 56.87 -36.24
C ARG G 130 -43.65 55.77 -35.33
N ARG G 131 -44.46 55.39 -34.34
CA ARG G 131 -44.08 54.34 -33.41
C ARG G 131 -44.01 53.00 -34.14
N ARG G 132 -42.93 52.26 -33.93
CA ARG G 132 -42.78 50.93 -34.51
C ARG G 132 -42.28 49.98 -33.43
N VAL G 133 -43.01 48.89 -33.21
CA VAL G 133 -42.64 47.93 -32.18
C VAL G 133 -41.65 46.92 -32.77
N SER G 134 -40.78 46.39 -31.91
CA SER G 134 -39.81 45.39 -32.32
C SER G 134 -40.53 44.13 -32.81
N LEU G 135 -39.99 43.53 -33.86
CA LEU G 135 -40.58 42.33 -34.44
C LEU G 135 -39.99 41.05 -33.88
N VAL G 136 -39.08 41.13 -32.92
CA VAL G 136 -38.48 39.97 -32.26
C VAL G 136 -38.63 40.15 -30.76
N LYS G 137 -39.17 39.13 -30.09
CA LYS G 137 -39.36 39.20 -28.65
C LYS G 137 -38.79 37.97 -27.97
N ALA G 138 -38.25 38.17 -26.78
CA ALA G 138 -37.60 37.12 -26.02
C ALA G 138 -38.11 37.12 -24.59
N SER G 139 -38.38 35.91 -24.08
CA SER G 139 -38.81 35.76 -22.70
C SER G 139 -37.59 35.74 -21.78
N PHE G 140 -37.85 35.65 -20.48
CA PHE G 140 -36.76 35.59 -19.51
C PHE G 140 -36.15 34.19 -19.50
N ILE G 141 -35.00 34.06 -18.84
CA ILE G 141 -34.27 32.80 -18.79
C ILE G 141 -34.32 32.32 -17.35
N LEU G 142 -35.25 31.42 -17.05
CA LEU G 142 -35.37 30.90 -15.70
C LEU G 142 -35.15 29.40 -15.69
N PRO G 143 -34.62 28.85 -14.60
CA PRO G 143 -34.60 27.38 -14.46
C PRO G 143 -36.02 26.84 -14.34
N THR G 144 -36.22 25.65 -14.89
CA THR G 144 -37.55 25.05 -14.87
C THR G 144 -37.96 24.69 -13.44
N GLU G 145 -39.28 24.66 -13.22
CA GLU G 145 -39.77 24.31 -11.89
C GLU G 145 -39.39 22.89 -11.50
N ASP G 146 -39.22 22.00 -12.47
CA ASP G 146 -38.77 20.65 -12.16
C ASP G 146 -37.38 20.65 -11.53
N PHE G 147 -36.47 21.46 -12.07
CA PHE G 147 -35.12 21.53 -11.52
C PHE G 147 -35.15 22.06 -10.09
N ILE G 148 -35.97 23.09 -9.83
CA ILE G 148 -36.08 23.63 -8.49
C ILE G 148 -36.66 22.58 -7.54
N LYS G 149 -37.68 21.85 -7.99
CA LYS G 149 -38.23 20.78 -7.17
C LYS G 149 -37.19 19.72 -6.84
N GLU G 150 -36.41 19.32 -7.84
CA GLU G 150 -35.41 18.26 -7.63
C GLU G 150 -34.31 18.73 -6.68
N VAL G 151 -33.88 19.99 -6.83
CA VAL G 151 -32.82 20.50 -5.95
C VAL G 151 -33.37 20.99 -4.63
N GLU G 152 -34.66 21.33 -4.56
CA GLU G 152 -35.28 21.88 -3.36
C GLU G 152 -34.56 23.14 -2.93
N GLY G 153 -33.63 23.00 -1.98
CA GLY G 153 -32.84 24.13 -1.52
C GLY G 153 -31.48 24.20 -2.18
N GLU G 154 -30.43 24.33 -1.35
CA GLU G 154 -29.04 24.37 -1.79
C GLU G 154 -28.73 25.66 -2.53
N ARG G 155 -27.50 26.15 -2.36
CA ARG G 155 -27.16 27.48 -2.86
C ARG G 155 -27.23 27.56 -4.37
N LEU G 156 -26.60 26.60 -5.07
CA LEU G 156 -26.52 26.58 -6.53
C LEU G 156 -25.77 27.80 -7.09
N ILE G 157 -25.19 28.61 -6.21
CA ILE G 157 -24.47 29.81 -6.60
C ILE G 157 -23.11 29.79 -5.91
N THR G 158 -22.05 29.92 -6.69
CA THR G 158 -20.69 29.87 -6.18
C THR G 158 -20.09 31.28 -6.19
N ALA G 159 -19.64 31.74 -5.04
CA ALA G 159 -18.98 33.05 -4.94
C ALA G 159 -17.48 32.84 -5.09
N ILE G 160 -16.92 33.39 -6.15
CA ILE G 160 -15.50 33.22 -6.46
C ILE G 160 -14.84 34.60 -6.52
N LYS G 161 -13.69 34.72 -5.90
CA LYS G 161 -12.99 36.00 -5.78
C LYS G 161 -11.81 36.06 -6.72
N HIS G 162 -11.60 37.23 -7.33
CA HIS G 162 -10.44 37.52 -8.16
C HIS G 162 -9.84 38.85 -7.74
N ASN G 163 -8.51 38.94 -7.82
CA ASN G 163 -7.79 40.13 -7.42
C ASN G 163 -7.30 40.93 -8.62
N ARG G 164 -7.09 42.22 -8.41
CA ARG G 164 -6.56 43.13 -9.42
C ARG G 164 -5.32 43.78 -8.82
N VAL G 165 -4.18 43.12 -8.97
CA VAL G 165 -2.92 43.64 -8.42
C VAL G 165 -2.34 44.66 -9.37
N ASP G 166 -1.96 45.82 -8.83
CA ASP G 166 -1.33 46.89 -9.59
C ASP G 166 -0.14 47.39 -8.78
N VAL G 167 1.04 46.83 -9.04
CA VAL G 167 2.24 47.17 -8.30
C VAL G 167 2.84 48.45 -8.84
N ASP G 168 3.80 49.02 -8.11
CA ASP G 168 4.51 50.21 -8.54
C ASP G 168 5.57 49.86 -9.56
N GLU G 169 6.51 50.78 -9.81
CA GLU G 169 7.45 50.62 -10.90
C GLU G 169 8.26 49.33 -10.76
N LYS G 170 8.80 49.06 -9.57
CA LYS G 170 9.62 47.86 -9.38
C LYS G 170 8.80 46.69 -8.84
N GLY G 171 8.35 46.80 -7.59
CA GLY G 171 7.51 45.76 -7.01
C GLY G 171 6.53 46.22 -5.97
N ALA G 172 6.42 47.52 -5.74
CA ALA G 172 5.70 48.04 -4.59
C ALA G 172 4.20 47.99 -4.84
N ILE G 173 3.47 47.32 -3.95
CA ILE G 173 2.03 47.23 -4.04
C ILE G 173 1.43 48.10 -2.94
N GLY G 174 0.24 48.64 -3.21
CA GLY G 174 -0.40 49.53 -2.27
C GLY G 174 -1.89 49.22 -2.16
N SER G 175 -2.45 49.54 -1.00
CA SER G 175 -3.84 49.22 -0.71
C SER G 175 -4.78 50.39 -1.03
N SER G 176 -4.61 51.51 -0.33
CA SER G 176 -5.52 52.64 -0.52
C SER G 176 -4.85 54.00 -0.47
N LYS G 177 -3.53 54.10 -0.35
CA LYS G 177 -2.87 55.38 -0.23
C LYS G 177 -1.65 55.54 -1.12
N GLU G 178 -1.24 54.52 -1.86
CA GLU G 178 -0.10 54.61 -2.76
C GLU G 178 -0.48 55.10 -4.15
N GLY G 179 -1.76 55.37 -4.39
CA GLY G 179 -2.21 55.78 -5.71
C GLY G 179 -2.43 54.67 -6.69
N THR G 180 -2.19 53.42 -6.30
CA THR G 180 -2.39 52.27 -7.17
C THR G 180 -3.75 51.65 -6.88
N ALA G 181 -4.11 50.65 -7.69
CA ALA G 181 -5.42 50.00 -7.60
C ALA G 181 -5.23 48.52 -7.28
N GLN G 182 -5.39 48.16 -6.01
CA GLN G 182 -5.37 46.77 -5.57
C GLN G 182 -6.71 46.48 -4.91
N MET G 183 -7.58 45.77 -5.61
CA MET G 183 -8.91 45.43 -5.12
C MET G 183 -9.21 43.97 -5.40
N LEU G 184 -9.85 43.31 -4.44
CA LEU G 184 -10.18 41.89 -4.53
C LEU G 184 -11.70 41.78 -4.56
N PHE G 185 -12.25 41.52 -5.74
CA PHE G 185 -13.69 41.48 -5.93
C PHE G 185 -14.20 40.05 -5.93
N SER G 186 -15.51 39.92 -5.74
CA SER G 186 -16.18 38.63 -5.69
C SER G 186 -17.31 38.62 -6.70
N ARG G 187 -17.42 37.53 -7.46
CA ARG G 187 -18.44 37.37 -8.49
C ARG G 187 -19.23 36.10 -8.21
N GLU G 188 -20.54 36.17 -8.45
CA GLU G 188 -21.41 35.03 -8.23
C GLU G 188 -21.65 34.30 -9.54
N TYR G 189 -21.43 32.98 -9.52
CA TYR G 189 -21.52 32.13 -10.70
C TYR G 189 -22.66 31.15 -10.51
N ALA G 190 -23.54 31.07 -11.51
CA ALA G 190 -24.74 30.24 -11.43
C ALA G 190 -24.61 29.03 -12.34
N THR G 191 -25.44 28.03 -12.07
CA THR G 191 -25.51 26.81 -12.87
C THR G 191 -26.99 26.44 -13.02
N GLY G 192 -27.24 25.25 -13.52
CA GLY G 192 -28.60 24.73 -13.55
C GLY G 192 -29.17 24.71 -14.95
N LEU G 193 -30.27 23.97 -15.08
CA LEU G 193 -30.97 23.83 -16.36
C LEU G 193 -32.05 24.90 -16.47
N TYR G 194 -31.90 25.82 -17.42
CA TYR G 194 -32.81 26.93 -17.57
C TYR G 194 -33.80 26.67 -18.71
N GLY G 195 -34.83 27.50 -18.76
CA GLY G 195 -35.83 27.43 -19.81
C GLY G 195 -35.91 28.76 -20.56
N PHE G 196 -36.01 28.67 -21.88
CA PHE G 196 -36.02 29.85 -22.74
C PHE G 196 -37.15 29.75 -23.76
N SER G 197 -37.61 30.92 -24.21
CA SER G 197 -38.67 30.98 -25.20
C SER G 197 -38.56 32.31 -25.96
N ILE G 198 -38.70 32.24 -27.27
CA ILE G 198 -38.54 33.40 -28.14
C ILE G 198 -39.55 33.32 -29.29
N VAL G 199 -40.01 34.51 -29.71
CA VAL G 199 -40.94 34.65 -30.82
C VAL G 199 -40.28 35.52 -31.88
N LEU G 200 -40.17 34.99 -33.09
CA LEU G 200 -39.53 35.66 -34.21
C LEU G 200 -40.62 35.98 -35.22
N ASP G 201 -41.03 37.26 -35.27
CA ASP G 201 -42.04 37.75 -36.20
C ASP G 201 -41.33 38.44 -37.36
N LEU G 202 -40.79 37.62 -38.27
CA LEU G 202 -40.00 38.15 -39.37
C LEU G 202 -40.82 38.48 -40.61
N GLY G 203 -42.01 37.91 -40.76
CA GLY G 203 -42.79 38.15 -41.97
C GLY G 203 -43.19 39.59 -42.18
N LEU G 204 -43.21 40.39 -41.11
CA LEU G 204 -43.56 41.80 -41.22
C LEU G 204 -42.35 42.69 -41.47
N VAL G 205 -41.15 42.11 -41.57
CA VAL G 205 -39.96 42.90 -41.87
C VAL G 205 -40.03 43.41 -43.30
N GLY G 206 -39.81 44.70 -43.48
CA GLY G 206 -39.94 45.33 -44.77
C GLY G 206 -41.34 45.80 -45.12
N ILE G 207 -42.28 45.69 -44.20
CA ILE G 207 -43.66 46.12 -44.40
C ILE G 207 -43.95 47.21 -43.38
N PRO G 208 -44.44 48.38 -43.79
CA PRO G 208 -44.79 49.41 -42.81
C PRO G 208 -45.88 48.94 -41.87
N GLN G 209 -45.81 49.40 -40.62
CA GLN G 209 -46.75 48.94 -39.61
C GLN G 209 -48.18 49.36 -39.93
N GLY G 210 -48.36 50.59 -40.41
CA GLY G 210 -49.69 51.09 -40.68
C GLY G 210 -50.36 50.51 -41.90
N LEU G 211 -49.57 50.00 -42.85
CA LEU G 211 -50.10 49.45 -44.11
C LEU G 211 -49.55 48.04 -44.29
N PRO G 212 -50.15 47.05 -43.62
CA PRO G 212 -49.69 45.67 -43.80
C PRO G 212 -49.80 45.17 -45.23
N VAL G 213 -50.83 45.59 -45.96
CA VAL G 213 -51.03 45.19 -47.34
C VAL G 213 -51.31 46.43 -48.19
N LYS G 214 -51.01 46.32 -49.49
CA LYS G 214 -51.21 47.45 -50.38
C LYS G 214 -52.65 47.58 -50.83
N PHE G 215 -53.29 46.47 -51.17
CA PHE G 215 -54.72 46.42 -51.53
C PHE G 215 -55.05 47.47 -52.59
N GLU G 216 -54.46 47.31 -53.76
CA GLU G 216 -54.66 48.23 -54.88
C GLU G 216 -55.37 47.60 -56.06
N GLU G 217 -55.01 46.37 -56.42
CA GLU G 217 -55.62 45.67 -57.55
C GLU G 217 -56.70 44.69 -57.12
N ASN G 218 -57.46 45.03 -56.08
CA ASN G 218 -58.50 44.18 -55.49
C ASN G 218 -57.93 42.89 -54.92
N GLN G 219 -56.62 42.87 -54.65
CA GLN G 219 -55.97 41.73 -54.02
C GLN G 219 -55.10 42.24 -52.87
N PRO G 220 -55.25 41.70 -51.67
CA PRO G 220 -54.49 42.21 -50.50
C PRO G 220 -53.06 41.70 -50.48
N ARG G 221 -52.28 42.10 -51.48
CA ARG G 221 -50.87 41.72 -51.52
C ARG G 221 -50.07 42.51 -50.50
N PRO G 222 -49.02 41.91 -49.93
CA PRO G 222 -48.23 42.61 -48.90
C PRO G 222 -47.61 43.88 -49.44
N ASN G 223 -47.54 44.90 -48.57
CA ASN G 223 -46.96 46.20 -48.93
C ASN G 223 -45.45 46.18 -48.64
N ILE G 224 -44.73 45.44 -49.48
CA ILE G 224 -43.28 45.35 -49.35
C ILE G 224 -42.65 46.57 -50.02
N VAL G 225 -42.42 47.62 -49.22
CA VAL G 225 -41.85 48.85 -49.76
C VAL G 225 -40.38 48.67 -50.13
N ILE G 226 -39.74 47.60 -49.67
CA ILE G 226 -38.32 47.38 -49.89
C ILE G 226 -38.14 46.30 -50.94
N ASP G 227 -36.90 46.13 -51.39
CA ASP G 227 -36.56 45.11 -52.37
C ASP G 227 -36.79 43.73 -51.78
N PRO G 228 -37.58 42.87 -52.42
CA PRO G 228 -37.81 41.52 -51.87
C PRO G 228 -36.53 40.71 -51.71
N ASN G 229 -35.54 40.91 -52.58
CA ASN G 229 -34.29 40.17 -52.45
C ASN G 229 -33.59 40.51 -51.13
N GLU G 230 -33.40 41.79 -50.86
CA GLU G 230 -32.78 42.16 -49.59
C GLU G 230 -33.72 41.99 -48.41
N ARG G 231 -35.03 41.93 -48.65
CA ARG G 231 -35.94 41.54 -47.58
C ARG G 231 -35.67 40.10 -47.15
N LYS G 232 -35.56 39.18 -48.11
CA LYS G 232 -35.21 37.81 -47.79
C LYS G 232 -33.81 37.73 -47.20
N ALA G 233 -32.90 38.59 -47.64
CA ALA G 233 -31.58 38.66 -47.03
C ALA G 233 -31.67 39.05 -45.56
N ARG G 234 -32.52 40.03 -45.24
CA ARG G 234 -32.73 40.41 -43.84
C ARG G 234 -33.32 39.25 -43.04
N ILE G 235 -34.26 38.53 -43.64
CA ILE G 235 -34.87 37.38 -42.96
C ILE G 235 -33.81 36.34 -42.65
N GLU G 236 -32.96 36.05 -43.63
CA GLU G 236 -31.89 35.07 -43.44
C GLU G 236 -30.91 35.54 -42.37
N SER G 237 -30.57 36.84 -42.39
CA SER G 237 -29.63 37.36 -41.40
C SER G 237 -30.20 37.25 -39.99
N ALA G 238 -31.48 37.60 -39.81
CA ALA G 238 -32.10 37.49 -38.50
C ALA G 238 -32.20 36.03 -38.06
N LEU G 239 -32.53 35.13 -38.99
CA LEU G 239 -32.64 33.72 -38.64
C LEU G 239 -31.28 33.15 -38.24
N LYS G 240 -30.21 33.52 -38.95
CA LYS G 240 -28.88 33.03 -38.63
C LYS G 240 -28.28 33.75 -37.42
N ALA G 241 -28.79 34.91 -37.05
CA ALA G 241 -28.40 35.52 -35.79
C ALA G 241 -28.78 34.65 -34.60
N LEU G 242 -29.79 33.80 -34.77
CA LEU G 242 -30.14 32.84 -33.73
C LEU G 242 -29.08 31.77 -33.56
N ILE G 243 -28.18 31.61 -34.53
CA ILE G 243 -27.13 30.61 -34.40
C ILE G 243 -26.19 30.94 -33.24
N PRO G 244 -25.66 32.17 -33.09
CA PRO G 244 -24.93 32.47 -31.86
C PRO G 244 -25.85 32.89 -30.72
N MET G 245 -27.01 32.26 -30.62
CA MET G 245 -27.94 32.40 -29.49
C MET G 245 -28.01 31.14 -28.66
N LEU G 246 -28.22 29.99 -29.30
CA LEU G 246 -28.12 28.71 -28.61
C LEU G 246 -26.72 28.12 -28.78
N SER G 247 -25.70 28.93 -28.53
CA SER G 247 -24.32 28.46 -28.64
C SER G 247 -23.40 28.94 -27.53
N GLY G 248 -23.76 29.97 -26.76
CA GLY G 248 -22.92 30.43 -25.68
C GLY G 248 -22.43 31.86 -25.82
N TYR G 249 -23.18 32.69 -26.53
CA TYR G 249 -22.86 34.10 -26.70
C TYR G 249 -23.85 35.00 -25.97
N ILE G 250 -24.25 34.63 -24.76
CA ILE G 250 -25.31 35.34 -24.06
C ILE G 250 -24.72 36.06 -22.87
N GLY G 251 -25.21 37.26 -22.60
CA GLY G 251 -24.89 37.91 -21.35
C GLY G 251 -23.60 38.70 -21.37
N ALA G 252 -23.03 38.83 -20.18
CA ALA G 252 -21.78 39.54 -19.98
C ALA G 252 -20.71 38.56 -19.51
N ASN G 253 -19.53 39.11 -19.22
CA ASN G 253 -18.42 38.31 -18.70
C ASN G 253 -18.09 37.15 -19.64
N LEU G 254 -18.22 37.39 -20.94
CA LEU G 254 -17.87 36.35 -21.91
C LEU G 254 -16.37 36.06 -21.91
N ALA G 255 -15.56 37.11 -21.77
CA ALA G 255 -14.10 36.92 -21.81
C ALA G 255 -13.63 36.04 -20.67
N ARG G 256 -14.15 36.26 -19.46
CA ARG G 256 -13.67 35.53 -18.29
C ARG G 256 -14.47 34.27 -18.00
N SER G 257 -15.73 34.19 -18.45
CA SER G 257 -16.56 33.04 -18.15
C SER G 257 -16.87 32.21 -19.40
N PHE G 258 -17.46 32.83 -20.44
CA PHE G 258 -17.89 32.11 -21.63
C PHE G 258 -18.77 30.92 -21.25
N PRO G 259 -20.04 31.15 -20.93
CA PRO G 259 -20.88 30.10 -20.35
C PRO G 259 -20.76 28.77 -21.08
N VAL G 260 -20.64 27.70 -20.30
CA VAL G 260 -20.59 26.35 -20.84
C VAL G 260 -22.01 25.99 -21.25
N PHE G 261 -22.30 26.11 -22.54
CA PHE G 261 -23.66 26.08 -23.06
C PHE G 261 -23.96 24.75 -23.72
N LYS G 262 -25.19 24.27 -23.52
CA LYS G 262 -25.67 23.06 -24.20
C LYS G 262 -27.19 23.07 -24.16
N VAL G 263 -27.81 23.09 -25.33
CA VAL G 263 -29.27 23.00 -25.40
C VAL G 263 -29.69 21.57 -25.15
N GLU G 264 -30.60 21.38 -24.19
CA GLU G 264 -31.09 20.04 -23.89
C GLU G 264 -32.23 19.64 -24.82
N GLU G 265 -33.28 20.44 -24.89
CA GLU G 265 -34.46 20.07 -25.66
C GLU G 265 -35.12 21.34 -26.18
N LEU G 266 -35.80 21.22 -27.32
CA LEU G 266 -36.54 22.38 -27.80
C LEU G 266 -37.63 21.94 -28.78
N VAL G 267 -38.66 22.77 -28.87
CA VAL G 267 -39.73 22.63 -29.84
C VAL G 267 -39.93 23.99 -30.52
N ALA G 268 -40.02 23.97 -31.83
CA ALA G 268 -40.25 25.19 -32.60
C ALA G 268 -41.38 24.94 -33.59
N ILE G 269 -42.21 25.96 -33.79
CA ILE G 269 -43.24 25.89 -34.83
C ILE G 269 -43.18 27.14 -35.67
N ALA G 270 -43.42 26.97 -36.97
CA ALA G 270 -43.32 28.06 -37.94
C ALA G 270 -44.48 28.00 -38.90
N SER G 271 -44.80 29.16 -39.47
CA SER G 271 -45.79 29.32 -40.54
C SER G 271 -45.73 30.75 -41.04
N GLU G 272 -46.37 30.98 -42.18
CA GLU G 272 -46.38 32.31 -42.79
C GLU G 272 -47.46 33.22 -42.21
N GLY G 273 -48.43 32.67 -41.48
CA GLY G 273 -49.48 33.48 -40.90
C GLY G 273 -49.20 33.77 -39.44
N PRO G 274 -50.07 34.57 -38.81
CA PRO G 274 -49.90 34.84 -37.38
C PRO G 274 -50.02 33.56 -36.56
N ILE G 275 -49.10 33.36 -35.63
CA ILE G 275 -49.01 32.12 -34.87
C ILE G 275 -49.05 32.43 -33.38
N PRO G 276 -49.84 31.71 -32.60
CA PRO G 276 -49.82 31.90 -31.14
C PRO G 276 -48.50 31.47 -30.54
N ALA G 277 -48.10 32.18 -29.48
CA ALA G 277 -46.97 31.74 -28.67
C ALA G 277 -47.32 30.44 -27.97
N LEU G 278 -46.36 29.52 -27.90
CA LEU G 278 -46.69 28.17 -27.45
C LEU G 278 -46.74 28.09 -25.93
N VAL G 279 -45.59 28.22 -25.29
CA VAL G 279 -45.45 28.11 -23.84
C VAL G 279 -44.03 28.51 -23.47
N HIS G 280 -43.82 28.97 -22.24
CA HIS G 280 -42.47 29.08 -21.73
C HIS G 280 -41.98 27.70 -21.28
N GLY G 281 -40.69 27.45 -21.43
CA GLY G 281 -40.11 26.20 -20.99
C GLY G 281 -40.00 26.04 -19.49
N PHE G 282 -40.41 27.06 -18.73
CA PHE G 282 -40.37 27.01 -17.28
C PHE G 282 -41.28 25.92 -16.71
N TYR G 283 -42.52 25.83 -17.22
CA TYR G 283 -43.48 24.91 -16.64
C TYR G 283 -43.04 23.47 -16.89
N GLU G 284 -43.34 22.61 -15.91
CA GLU G 284 -43.00 21.19 -16.03
C GLU G 284 -43.72 20.51 -17.19
N ASP G 285 -45.01 20.81 -17.36
CA ASP G 285 -45.81 20.17 -18.39
C ASP G 285 -45.87 20.99 -19.67
N TYR G 286 -44.77 21.65 -20.04
CA TYR G 286 -44.82 22.51 -21.21
C TYR G 286 -44.96 21.71 -22.49
N ILE G 287 -44.52 20.45 -22.48
CA ILE G 287 -44.60 19.61 -23.67
C ILE G 287 -46.05 19.25 -23.98
N GLU G 288 -46.83 18.90 -22.97
CA GLU G 288 -48.24 18.60 -23.18
C GLU G 288 -49.00 19.84 -23.61
N ALA G 289 -48.67 21.00 -23.02
CA ALA G 289 -49.28 22.25 -23.47
C ALA G 289 -48.93 22.55 -24.91
N ASN G 290 -47.68 22.30 -25.31
CA ASN G 290 -47.28 22.48 -26.70
C ASN G 290 -48.08 21.57 -27.62
N ARG G 291 -48.21 20.31 -27.22
CA ARG G 291 -48.98 19.35 -28.04
C ARG G 291 -50.42 19.80 -28.18
N SER G 292 -51.03 20.23 -27.08
CA SER G 292 -52.42 20.68 -27.13
C SER G 292 -52.57 21.92 -28.00
N ILE G 293 -51.64 22.87 -27.87
CA ILE G 293 -51.79 24.12 -28.61
C ILE G 293 -51.56 23.90 -30.10
N ILE G 294 -50.60 23.04 -30.47
CA ILE G 294 -50.39 22.78 -31.89
C ILE G 294 -51.54 21.96 -32.46
N LYS G 295 -52.10 21.05 -31.66
CA LYS G 295 -53.28 20.31 -32.13
C LYS G 295 -54.46 21.25 -32.37
N ASN G 296 -54.69 22.18 -31.44
CA ASN G 296 -55.77 23.14 -31.62
C ASN G 296 -55.53 24.02 -32.83
N ALA G 297 -54.29 24.50 -33.01
CA ALA G 297 -53.98 25.36 -34.14
C ALA G 297 -54.19 24.63 -35.47
N ARG G 298 -53.75 23.37 -35.55
CA ARG G 298 -53.92 22.62 -36.78
C ARG G 298 -55.38 22.24 -37.00
N ALA G 299 -56.15 22.09 -35.94
CA ALA G 299 -57.59 21.84 -36.09
C ALA G 299 -58.31 23.10 -36.54
N LEU G 300 -57.80 24.28 -36.19
CA LEU G 300 -58.42 25.53 -36.61
C LEU G 300 -58.00 25.95 -38.01
N GLY G 301 -57.13 25.20 -38.68
CA GLY G 301 -56.76 25.51 -40.04
C GLY G 301 -55.47 26.29 -40.17
N PHE G 302 -54.41 25.84 -39.50
CA PHE G 302 -53.10 26.47 -39.55
C PHE G 302 -52.08 25.48 -40.12
N ASN G 303 -51.32 25.93 -41.11
CA ASN G 303 -50.31 25.09 -41.76
C ASN G 303 -49.01 25.13 -40.95
N ILE G 304 -49.09 24.61 -39.73
CA ILE G 304 -47.98 24.66 -38.78
C ILE G 304 -46.94 23.63 -39.19
N GLU G 305 -45.68 24.05 -39.26
CA GLU G 305 -44.56 23.13 -39.39
C GLU G 305 -43.81 23.08 -38.07
N VAL G 306 -43.55 21.87 -37.57
CA VAL G 306 -43.01 21.66 -36.24
C VAL G 306 -41.65 21.01 -36.35
N PHE G 307 -40.66 21.57 -35.65
CA PHE G 307 -39.33 21.01 -35.54
C PHE G 307 -39.07 20.66 -34.08
N THR G 308 -38.56 19.45 -33.84
CA THR G 308 -38.37 18.95 -32.48
C THR G 308 -36.92 18.52 -32.29
N TYR G 309 -36.29 18.99 -31.22
CA TYR G 309 -34.95 18.59 -30.83
C TYR G 309 -35.00 17.91 -29.48
N ASN G 310 -34.63 16.63 -29.45
CA ASN G 310 -34.53 15.84 -28.22
C ASN G 310 -35.87 15.74 -27.50
N VAL G 311 -36.94 15.55 -28.27
CA VAL G 311 -38.27 15.38 -27.70
C VAL G 311 -39.11 14.59 -28.70
N ASP G 312 -40.10 13.86 -28.20
CA ASP G 312 -41.01 13.10 -29.05
C ASP G 312 -42.20 13.94 -29.48
N LEU G 313 -42.92 14.51 -28.51
CA LEU G 313 -44.10 15.34 -28.77
C LEU G 313 -45.13 14.57 -29.60
N GLY G 314 -45.32 13.30 -29.26
CA GLY G 314 -46.28 12.47 -29.95
C GLY G 314 -45.81 11.97 -31.31
N GLU G 315 -46.52 11.00 -31.87
CA GLU G 315 -46.17 10.47 -33.19
C GLU G 315 -47.08 10.98 -34.28
N ASP G 316 -48.38 11.11 -34.03
CA ASP G 316 -49.31 11.55 -35.05
C ASP G 316 -49.10 13.00 -35.47
N ILE G 317 -48.37 13.79 -34.68
CA ILE G 317 -47.94 15.10 -35.14
C ILE G 317 -46.79 14.93 -36.13
N GLU G 318 -46.92 15.55 -37.30
CA GLU G 318 -45.87 15.48 -38.32
C GLU G 318 -44.78 16.49 -37.94
N ALA G 319 -43.94 16.08 -37.00
CA ALA G 319 -42.83 16.89 -36.52
C ALA G 319 -41.52 16.36 -37.09
N THR G 320 -40.61 17.28 -37.41
CA THR G 320 -39.35 16.94 -38.03
C THR G 320 -38.27 16.81 -36.96
N LYS G 321 -37.57 15.66 -36.96
CA LYS G 321 -36.45 15.46 -36.06
C LYS G 321 -35.33 16.43 -36.40
N VAL G 322 -34.66 16.92 -35.35
CA VAL G 322 -33.63 17.94 -35.49
C VAL G 322 -32.38 17.44 -34.80
N SER G 323 -31.23 17.58 -35.48
CA SER G 323 -29.96 17.12 -34.93
C SER G 323 -29.23 18.20 -34.14
N SER G 324 -29.47 19.48 -34.45
CA SER G 324 -28.84 20.58 -33.75
C SER G 324 -29.59 21.86 -34.12
N VAL G 325 -29.33 22.92 -33.34
CA VAL G 325 -29.96 24.20 -33.65
C VAL G 325 -29.59 24.66 -35.06
N GLU G 326 -28.41 24.28 -35.54
CA GLU G 326 -28.04 24.56 -36.92
C GLU G 326 -28.96 23.84 -37.89
N GLU G 327 -29.40 22.62 -37.56
CA GLU G 327 -30.39 21.94 -38.39
C GLU G 327 -31.68 22.73 -38.45
N LEU G 328 -32.12 23.26 -37.31
CA LEU G 328 -33.34 24.07 -37.29
C LEU G 328 -33.20 25.31 -38.15
N VAL G 329 -32.06 25.99 -38.05
CA VAL G 329 -31.84 27.18 -38.87
C VAL G 329 -31.82 26.82 -40.35
N ALA G 330 -31.16 25.71 -40.69
CA ALA G 330 -31.11 25.28 -42.08
C ALA G 330 -32.50 24.95 -42.61
N ASN G 331 -33.32 24.30 -41.80
CA ASN G 331 -34.68 23.97 -42.24
C ASN G 331 -35.55 25.21 -42.33
N LEU G 332 -35.26 26.23 -41.51
CA LEU G 332 -36.06 27.46 -41.55
C LEU G 332 -35.71 28.34 -42.73
N VAL G 333 -34.45 28.38 -43.15
CA VAL G 333 -34.00 29.31 -44.18
C VAL G 333 -34.42 28.83 -45.56
N LYS G 334 -35.04 27.65 -45.64
CA LYS G 334 -35.52 27.17 -46.93
C LYS G 334 -36.69 27.98 -47.45
N MET G 335 -37.30 28.81 -46.62
CA MET G 335 -38.43 29.63 -47.04
C MET G 335 -38.18 31.11 -46.74
N MET H 1 -10.13 35.46 -39.50
CA MET H 1 -9.67 34.35 -38.68
C MET H 1 -10.52 34.17 -37.43
N TYR H 2 -11.51 33.29 -37.51
CA TYR H 2 -12.31 32.86 -36.37
C TYR H 2 -12.10 31.38 -36.19
N VAL H 3 -11.55 30.98 -35.04
CA VAL H 3 -11.24 29.59 -34.75
C VAL H 3 -11.75 29.23 -33.37
N ARG H 4 -12.31 28.03 -33.24
CA ARG H 4 -12.79 27.52 -31.97
C ARG H 4 -12.18 26.15 -31.71
N ILE H 5 -11.86 25.91 -30.44
CA ILE H 5 -11.24 24.67 -29.99
C ILE H 5 -12.13 24.07 -28.91
N SER H 6 -12.14 22.74 -28.83
CA SER H 6 -12.83 22.09 -27.72
C SER H 6 -12.32 20.66 -27.59
N GLY H 7 -11.95 20.27 -26.37
CA GLY H 7 -11.44 18.93 -26.18
C GLY H 7 -11.37 18.55 -24.72
N ARG H 8 -10.86 17.35 -24.47
CA ARG H 8 -10.71 16.79 -23.14
C ARG H 8 -9.23 16.65 -22.82
N ILE H 9 -8.83 17.10 -21.63
CA ILE H 9 -7.44 17.00 -21.19
C ILE H 9 -7.40 16.12 -19.96
N ARG H 10 -6.51 15.13 -19.97
CA ARG H 10 -6.22 14.39 -18.74
C ARG H 10 -5.31 15.23 -17.85
N LEU H 11 -5.69 15.34 -16.59
CA LEU H 11 -4.98 16.19 -15.65
C LEU H 11 -5.02 15.57 -14.27
N ASN H 12 -3.88 15.49 -13.61
CA ASN H 12 -3.80 14.91 -12.27
C ASN H 12 -2.68 15.56 -11.49
N ALA H 13 -2.85 15.61 -10.17
CA ALA H 13 -1.91 16.26 -9.25
C ALA H 13 -1.65 17.71 -9.67
N HIS H 14 -2.73 18.49 -9.72
CA HIS H 14 -2.63 19.89 -10.09
C HIS H 14 -3.23 20.74 -8.98
N SER H 15 -2.46 21.69 -8.47
CA SER H 15 -2.97 22.71 -7.55
C SER H 15 -3.18 24.04 -8.27
N LEU H 16 -4.10 24.04 -9.23
CA LEU H 16 -4.30 25.20 -10.07
C LEU H 16 -5.43 26.07 -9.53
N ASN H 17 -5.18 27.38 -9.46
CA ASN H 17 -6.17 28.37 -9.06
C ASN H 17 -6.72 28.07 -7.67
N ALA H 18 -5.83 28.17 -6.69
CA ALA H 18 -6.20 27.97 -5.30
C ALA H 18 -6.87 29.22 -4.74
N GLN H 19 -7.61 29.03 -3.64
CA GLN H 19 -8.35 30.13 -3.03
C GLN H 19 -7.54 30.86 -1.97
N GLY H 20 -7.07 30.16 -0.95
CA GLY H 20 -6.47 30.80 0.19
C GLY H 20 -5.12 31.44 -0.13
N GLY H 21 -4.77 32.43 0.69
CA GLY H 21 -3.51 33.12 0.52
C GLY H 21 -2.33 32.37 1.12
N GLY H 22 -1.13 32.90 0.84
CA GLY H 22 0.07 32.26 1.35
C GLY H 22 0.18 32.34 2.87
N GLY H 23 -0.17 33.49 3.45
CA GLY H 23 -0.05 33.65 4.88
C GLY H 23 -0.96 32.73 5.68
N THR H 24 -2.22 32.64 5.29
CA THR H 24 -3.15 31.73 5.95
C THR H 24 -2.85 30.30 5.53
N ASN H 25 -2.79 29.40 6.52
CA ASN H 25 -2.44 28.02 6.23
C ASN H 25 -3.59 27.30 5.53
N TYR H 26 -3.30 26.08 5.06
CA TYR H 26 -4.26 25.22 4.37
C TYR H 26 -4.81 25.92 3.14
N ILE H 27 -3.91 26.12 2.17
CA ILE H 27 -4.29 26.73 0.91
C ILE H 27 -5.25 25.80 0.17
N GLU H 28 -6.46 26.30 -0.10
CA GLU H 28 -7.55 25.49 -0.61
C GLU H 28 -7.80 25.80 -2.08
N ILE H 29 -8.08 24.75 -2.86
CA ILE H 29 -8.37 24.90 -4.28
C ILE H 29 -9.81 25.39 -4.46
N THR H 30 -10.06 25.99 -5.63
CA THR H 30 -11.40 26.48 -5.93
C THR H 30 -12.36 25.32 -6.20
N LYS H 31 -13.62 25.54 -5.86
CA LYS H 31 -14.67 24.55 -6.07
C LYS H 31 -15.85 25.21 -6.75
N THR H 32 -16.52 24.46 -7.62
CA THR H 32 -17.70 24.95 -8.32
C THR H 32 -18.72 23.82 -8.42
N LYS H 33 -19.99 24.18 -8.42
CA LYS H 33 -21.07 23.21 -8.54
C LYS H 33 -21.40 22.94 -9.99
N VAL H 34 -21.62 21.66 -10.32
CA VAL H 34 -22.00 21.25 -11.66
C VAL H 34 -23.23 20.36 -11.56
N THR H 35 -24.02 20.33 -12.63
CA THR H 35 -25.25 19.57 -12.70
C THR H 35 -25.04 18.34 -13.57
N VAL H 36 -25.45 17.18 -13.07
CA VAL H 36 -25.30 15.92 -13.78
C VAL H 36 -26.61 15.13 -13.68
N ARG H 37 -26.73 14.14 -14.57
CA ARG H 37 -27.94 13.33 -14.66
C ARG H 37 -27.95 12.18 -13.65
N THR H 38 -26.96 11.29 -13.74
CA THR H 38 -26.85 10.14 -12.85
C THR H 38 -28.14 9.32 -12.83
N GLU H 39 -28.66 9.04 -14.02
CA GLU H 39 -29.87 8.25 -14.28
C GLU H 39 -31.03 8.60 -13.34
N ASN H 40 -31.06 9.84 -12.87
CA ASN H 40 -32.17 10.35 -12.07
C ASN H 40 -32.25 11.85 -12.29
N GLY H 41 -32.93 12.56 -11.39
CA GLY H 41 -33.04 14.00 -11.49
C GLY H 41 -31.68 14.68 -11.50
N TRP H 42 -31.70 15.93 -11.93
CA TRP H 42 -30.45 16.69 -12.11
C TRP H 42 -29.82 17.00 -10.76
N THR H 43 -28.80 16.23 -10.38
CA THR H 43 -28.14 16.42 -9.10
C THR H 43 -26.91 17.30 -9.26
N VAL H 44 -26.61 18.08 -8.23
CA VAL H 44 -25.52 19.04 -8.23
C VAL H 44 -24.39 18.51 -7.36
N VAL H 45 -23.17 18.60 -7.88
CA VAL H 45 -21.97 18.13 -7.20
C VAL H 45 -20.92 19.23 -7.22
N GLU H 46 -20.31 19.49 -6.07
CA GLU H 46 -19.17 20.40 -6.01
C GLU H 46 -17.91 19.68 -6.45
N VAL H 47 -17.06 20.38 -7.20
CA VAL H 47 -15.90 19.74 -7.80
C VAL H 47 -14.83 20.80 -8.06
N PRO H 48 -13.54 20.45 -8.02
CA PRO H 48 -12.50 21.43 -8.34
C PRO H 48 -12.65 21.98 -9.75
N ALA H 49 -12.29 23.25 -9.91
CA ALA H 49 -12.46 23.95 -11.18
C ALA H 49 -11.33 24.95 -11.35
N ILE H 50 -11.11 25.33 -12.61
CA ILE H 50 -10.15 26.38 -12.97
C ILE H 50 -10.93 27.50 -13.64
N THR H 51 -10.85 28.70 -13.07
CA THR H 51 -11.61 29.82 -13.58
C THR H 51 -11.06 30.29 -14.91
N GLY H 52 -11.92 30.97 -15.68
CA GLY H 52 -11.52 31.46 -16.99
C GLY H 52 -10.50 32.58 -16.93
N ASN H 53 -10.42 33.29 -15.81
CA ASN H 53 -9.39 34.31 -15.67
C ASN H 53 -8.00 33.68 -15.71
N MET H 54 -7.87 32.49 -15.14
CA MET H 54 -6.62 31.72 -15.25
C MET H 54 -6.21 31.57 -16.72
N LEU H 55 -7.12 31.06 -17.55
CA LEU H 55 -6.81 30.81 -18.95
C LEU H 55 -6.55 32.12 -19.69
N LYS H 56 -7.33 33.16 -19.40
CA LYS H 56 -7.13 34.42 -20.10
C LYS H 56 -5.76 35.00 -19.79
N HIS H 57 -5.36 35.00 -18.53
CA HIS H 57 -4.05 35.54 -18.18
C HIS H 57 -2.93 34.70 -18.75
N TRP H 58 -3.07 33.38 -18.74
CA TRP H 58 -2.00 32.56 -19.30
C TRP H 58 -1.94 32.67 -20.82
N HIS H 59 -3.08 32.91 -21.47
CA HIS H 59 -3.06 33.23 -22.90
C HIS H 59 -2.34 34.56 -23.14
N PHE H 60 -2.57 35.54 -22.26
CA PHE H 60 -1.86 36.79 -22.37
C PHE H 60 -0.35 36.59 -22.24
N VAL H 61 0.06 35.75 -21.29
CA VAL H 61 1.49 35.47 -21.10
C VAL H 61 2.08 34.79 -22.33
N GLY H 62 1.39 33.76 -22.83
CA GLY H 62 1.88 33.09 -24.03
C GLY H 62 1.93 34.01 -25.23
N PHE H 63 0.95 34.91 -25.34
CA PHE H 63 0.90 35.85 -26.45
C PHE H 63 2.10 36.79 -26.42
N VAL H 64 2.39 37.38 -25.26
CA VAL H 64 3.54 38.29 -25.20
C VAL H 64 4.84 37.52 -25.38
N ASP H 65 4.89 36.29 -24.86
CA ASP H 65 6.11 35.48 -25.01
C ASP H 65 6.41 35.20 -26.48
N TYR H 66 5.38 34.83 -27.26
CA TYR H 66 5.59 34.52 -28.66
C TYR H 66 5.52 35.76 -29.55
N PHE H 67 5.18 36.91 -29.00
CA PHE H 67 5.16 38.16 -29.77
C PHE H 67 6.41 39.01 -29.59
N LYS H 68 7.14 38.82 -28.48
CA LYS H 68 8.36 39.60 -28.27
C LYS H 68 9.39 39.30 -29.34
N THR H 69 9.54 38.03 -29.72
CA THR H 69 10.56 37.64 -30.69
C THR H 69 10.30 38.21 -32.08
N THR H 70 9.06 38.55 -32.39
CA THR H 70 8.74 39.10 -33.69
C THR H 70 9.37 40.49 -33.86
N PRO H 71 9.66 40.90 -35.09
CA PRO H 71 10.27 42.24 -35.29
C PRO H 71 9.41 43.37 -34.79
N TYR H 72 8.10 43.20 -34.72
CA TYR H 72 7.19 44.23 -34.22
C TYR H 72 7.02 44.17 -32.71
N GLY H 73 7.97 43.57 -31.99
CA GLY H 73 7.83 43.42 -30.55
C GLY H 73 7.88 44.71 -29.77
N VAL H 74 8.41 45.78 -30.37
CA VAL H 74 8.46 47.06 -29.68
C VAL H 74 7.06 47.59 -29.42
N ASN H 75 6.08 47.19 -30.24
CA ASN H 75 4.70 47.63 -30.08
C ASN H 75 4.02 46.76 -29.02
N LEU H 76 4.45 46.95 -27.78
CA LEU H 76 3.91 46.17 -26.67
C LEU H 76 3.92 47.03 -25.41
N THR H 77 2.98 46.75 -24.52
CA THR H 77 2.84 47.52 -23.29
C THR H 77 3.96 47.20 -22.32
N GLU H 78 4.36 48.20 -21.54
CA GLU H 78 5.38 47.98 -20.52
C GLU H 78 4.92 46.96 -19.49
N ARG H 79 3.67 47.09 -19.02
CA ARG H 79 3.15 46.13 -18.05
C ARG H 79 3.05 44.73 -18.63
N ALA H 80 2.88 44.62 -19.95
CA ALA H 80 2.84 43.31 -20.59
C ALA H 80 4.17 42.59 -20.43
N LEU H 81 5.28 43.33 -20.49
CA LEU H 81 6.59 42.71 -20.33
C LEU H 81 6.74 42.08 -18.96
N ARG H 82 6.06 42.61 -17.95
CA ARG H 82 6.05 42.03 -16.61
C ARG H 82 4.99 40.97 -16.45
N TYR H 83 4.26 40.63 -17.53
CA TYR H 83 3.15 39.68 -17.48
C TYR H 83 2.06 40.16 -16.54
N ASN H 84 1.92 41.47 -16.40
CA ASN H 84 0.89 42.08 -15.57
C ASN H 84 -0.24 42.56 -16.47
N GLY H 85 -1.41 41.95 -16.32
CA GLY H 85 -2.54 42.20 -17.19
C GLY H 85 -3.45 43.33 -16.79
N THR H 86 -3.12 44.11 -15.78
CA THR H 86 -3.99 45.18 -15.34
C THR H 86 -3.98 46.33 -16.33
N ARG H 87 -4.49 46.08 -17.53
CA ARG H 87 -4.43 47.04 -18.62
C ARG H 87 -5.34 48.23 -18.30
N PHE H 88 -4.73 49.38 -18.03
CA PHE H 88 -5.43 50.65 -17.88
C PHE H 88 -6.48 50.57 -16.75
N GLY H 89 -5.97 50.39 -15.54
CA GLY H 89 -6.81 50.30 -14.38
C GLY H 89 -7.49 51.62 -14.06
N GLN H 90 -8.07 51.67 -12.86
CA GLN H 90 -8.80 52.85 -12.42
C GLN H 90 -7.84 53.89 -11.86
N GLY H 91 -7.90 55.10 -12.40
CA GLY H 91 -7.10 56.20 -11.91
C GLY H 91 -5.91 56.60 -12.75
N GLU H 92 -5.98 56.43 -14.07
CA GLU H 92 -4.90 56.89 -14.94
C GLU H 92 -5.48 57.23 -16.30
N THR H 93 -4.74 58.05 -17.04
CA THR H 93 -5.17 58.53 -18.36
C THR H 93 -4.25 58.08 -19.48
N THR H 94 -2.94 58.00 -19.24
CA THR H 94 -1.97 57.61 -20.25
C THR H 94 -1.17 56.42 -19.75
N ALA H 95 -0.51 55.74 -20.69
CA ALA H 95 0.28 54.56 -20.38
C ALA H 95 1.67 54.70 -20.99
N THR H 96 2.52 53.72 -20.71
CA THR H 96 3.91 53.72 -21.18
C THR H 96 4.15 52.50 -22.05
N LYS H 97 4.83 52.70 -23.18
CA LYS H 97 5.17 51.62 -24.08
C LYS H 97 6.34 50.82 -23.52
N ALA H 98 6.72 49.77 -24.25
CA ALA H 98 7.86 48.95 -23.83
C ALA H 98 9.16 49.73 -23.92
N ASN H 99 9.29 50.60 -24.91
CA ASN H 99 10.51 51.38 -25.08
C ASN H 99 10.52 52.65 -24.24
N GLY H 100 9.47 52.92 -23.47
CA GLY H 100 9.38 54.11 -22.66
C GLY H 100 8.54 55.22 -23.24
N ALA H 101 8.17 55.13 -24.51
CA ALA H 101 7.32 56.15 -25.11
C ALA H 101 5.94 56.14 -24.47
N THR H 102 5.38 57.33 -24.29
CA THR H 102 4.05 57.46 -23.69
C THR H 102 2.96 57.35 -24.75
N VAL H 103 1.82 56.85 -24.34
CA VAL H 103 0.65 56.69 -25.22
C VAL H 103 -0.56 57.27 -24.50
N GLN H 104 -1.33 58.08 -25.22
CA GLN H 104 -2.51 58.74 -24.69
C GLN H 104 -3.77 58.03 -25.15
N LEU H 105 -4.74 57.93 -24.25
CA LEU H 105 -5.99 57.22 -24.52
C LEU H 105 -7.04 58.25 -24.96
N ASN H 106 -7.09 58.51 -26.26
CA ASN H 106 -8.10 59.38 -26.84
C ASN H 106 -8.93 58.65 -27.89
N ASP H 107 -8.30 57.92 -28.80
CA ASP H 107 -8.98 57.15 -29.82
C ASP H 107 -8.49 55.71 -29.78
N GLU H 108 -9.36 54.79 -30.21
CA GLU H 108 -9.03 53.38 -30.17
C GLU H 108 -7.99 53.00 -31.22
N ALA H 109 -7.96 53.70 -32.35
CA ALA H 109 -7.07 53.34 -33.44
C ALA H 109 -5.60 53.44 -33.02
N THR H 110 -5.23 54.56 -32.41
CA THR H 110 -3.86 54.72 -31.96
C THR H 110 -3.51 53.72 -30.86
N ILE H 111 -4.45 53.46 -29.96
CA ILE H 111 -4.20 52.51 -28.87
C ILE H 111 -3.92 51.13 -29.43
N ILE H 112 -4.74 50.67 -30.38
CA ILE H 112 -4.54 49.33 -30.92
C ILE H 112 -3.38 49.28 -31.90
N LYS H 113 -2.96 50.43 -32.45
CA LYS H 113 -1.82 50.43 -33.36
C LYS H 113 -0.50 50.40 -32.60
N GLU H 114 -0.36 51.24 -31.58
CA GLU H 114 0.88 51.28 -30.82
C GLU H 114 1.01 50.10 -29.86
N LEU H 115 -0.10 49.65 -29.27
CA LEU H 115 -0.08 48.60 -28.27
C LEU H 115 -0.73 47.34 -28.85
N ALA H 116 -0.15 46.18 -28.52
CA ALA H 116 -0.64 44.91 -29.04
C ALA H 116 -1.56 44.18 -28.07
N ASP H 117 -1.16 44.09 -26.79
CA ASP H 117 -1.98 43.38 -25.82
C ASP H 117 -3.31 44.08 -25.61
N ALA H 118 -3.32 45.42 -25.60
CA ALA H 118 -4.56 46.16 -25.46
C ALA H 118 -5.50 45.94 -26.63
N ASP H 119 -4.99 45.43 -27.75
CA ASP H 119 -5.79 45.15 -28.93
C ASP H 119 -6.31 43.71 -28.92
N VAL H 120 -5.42 42.74 -28.75
CA VAL H 120 -5.83 41.33 -28.79
C VAL H 120 -6.71 41.00 -27.60
N HIS H 121 -6.30 41.40 -26.41
CA HIS H 121 -7.01 41.07 -25.19
C HIS H 121 -7.98 42.16 -24.73
N GLY H 122 -8.10 43.25 -25.49
CA GLY H 122 -9.03 44.30 -25.14
C GLY H 122 -8.55 45.17 -24.00
N PHE H 123 -9.25 46.27 -23.75
CA PHE H 123 -8.84 47.19 -22.68
C PHE H 123 -10.03 48.04 -22.26
N LEU H 124 -9.89 48.63 -21.08
CA LEU H 124 -10.91 49.45 -20.45
C LEU H 124 -10.26 50.75 -19.99
N ALA H 125 -10.92 51.88 -20.27
CA ALA H 125 -10.40 53.19 -19.84
C ALA H 125 -11.40 53.83 -18.88
N PRO H 126 -11.22 53.66 -17.57
CA PRO H 126 -12.14 54.29 -16.62
C PRO H 126 -12.16 55.81 -16.71
N LYS H 127 -11.00 56.44 -16.92
CA LYS H 127 -10.94 57.89 -16.92
C LYS H 127 -11.54 58.49 -18.20
N THR H 128 -11.24 57.90 -19.35
CA THR H 128 -11.68 58.44 -20.63
C THR H 128 -12.97 57.79 -21.14
N GLY H 129 -13.12 56.48 -20.94
CA GLY H 129 -14.27 55.76 -21.45
C GLY H 129 -14.00 54.86 -22.63
N ARG H 130 -12.74 54.67 -23.01
CA ARG H 130 -12.42 53.84 -24.16
C ARG H 130 -12.72 52.37 -23.86
N ARG H 131 -13.32 51.70 -24.85
CA ARG H 131 -13.82 50.34 -24.74
C ARG H 131 -13.13 49.46 -25.75
N ARG H 132 -12.77 48.24 -25.35
CA ARG H 132 -12.41 47.22 -26.33
C ARG H 132 -12.59 45.86 -25.68
N VAL H 133 -13.60 45.11 -26.16
CA VAL H 133 -13.82 43.78 -25.62
C VAL H 133 -12.69 42.85 -26.04
N SER H 134 -12.44 41.85 -25.20
CA SER H 134 -11.40 40.88 -25.51
C SER H 134 -11.74 40.10 -26.78
N LEU H 135 -10.74 39.90 -27.62
CA LEU H 135 -10.92 39.12 -28.83
C LEU H 135 -10.69 37.64 -28.60
N VAL H 136 -10.29 37.26 -27.39
CA VAL H 136 -10.13 35.86 -26.99
C VAL H 136 -10.96 35.65 -25.74
N LYS H 137 -11.84 34.64 -25.77
CA LYS H 137 -12.69 34.32 -24.64
C LYS H 137 -12.48 32.87 -24.22
N ALA H 138 -12.53 32.63 -22.92
CA ALA H 138 -12.19 31.34 -22.34
C ALA H 138 -13.34 30.83 -21.49
N SER H 139 -13.66 29.54 -21.65
CA SER H 139 -14.55 28.84 -20.74
C SER H 139 -13.74 28.34 -19.55
N PHE H 140 -14.33 27.45 -18.76
CA PHE H 140 -13.64 26.94 -17.59
C PHE H 140 -13.02 25.58 -17.89
N ILE H 141 -12.40 24.99 -16.88
CA ILE H 141 -11.81 23.66 -16.98
C ILE H 141 -12.52 22.80 -15.94
N LEU H 142 -13.61 22.16 -16.35
CA LEU H 142 -14.39 21.33 -15.45
C LEU H 142 -14.24 19.87 -15.81
N PRO H 143 -14.28 18.97 -14.83
CA PRO H 143 -14.25 17.54 -15.15
C PRO H 143 -15.49 17.16 -15.95
N THR H 144 -15.29 16.28 -16.93
CA THR H 144 -16.37 15.91 -17.84
C THR H 144 -17.43 15.08 -17.11
N GLU H 145 -18.65 15.14 -17.64
CA GLU H 145 -19.81 14.59 -16.93
C GLU H 145 -19.71 13.08 -16.74
N ASP H 146 -19.27 12.36 -17.77
CA ASP H 146 -19.17 10.91 -17.64
C ASP H 146 -18.13 10.52 -16.60
N PHE H 147 -17.04 11.28 -16.50
CA PHE H 147 -16.02 10.97 -15.50
C PHE H 147 -16.56 11.17 -14.09
N ILE H 148 -17.20 12.33 -13.83
CA ILE H 148 -17.71 12.59 -12.50
C ILE H 148 -18.84 11.62 -12.16
N LYS H 149 -19.60 11.17 -13.16
CA LYS H 149 -20.60 10.13 -12.92
C LYS H 149 -19.94 8.81 -12.56
N GLU H 150 -18.85 8.48 -13.22
CA GLU H 150 -18.20 7.18 -13.03
C GLU H 150 -17.30 7.13 -11.80
N VAL H 151 -17.02 8.28 -11.18
CA VAL H 151 -16.21 8.30 -9.96
C VAL H 151 -17.08 8.26 -8.70
N GLU H 152 -18.40 8.46 -8.85
CA GLU H 152 -19.38 8.43 -7.75
C GLU H 152 -18.90 9.21 -6.52
N GLY H 153 -18.18 10.31 -6.75
CA GLY H 153 -17.85 11.22 -5.67
C GLY H 153 -16.86 10.71 -4.64
N GLU H 154 -15.60 10.55 -5.05
CA GLU H 154 -14.51 10.25 -4.11
C GLU H 154 -13.70 11.49 -3.78
N ARG H 155 -14.29 12.67 -3.95
CA ARG H 155 -13.80 13.97 -3.51
C ARG H 155 -12.62 14.48 -4.34
N LEU H 156 -12.04 13.63 -5.18
CA LEU H 156 -11.06 14.02 -6.21
C LEU H 156 -9.99 14.98 -5.69
N ILE H 157 -9.70 14.98 -4.39
CA ILE H 157 -8.81 15.97 -3.80
C ILE H 157 -7.89 15.28 -2.80
N THR H 158 -6.60 15.60 -2.85
CA THR H 158 -5.64 15.18 -1.84
C THR H 158 -5.01 16.41 -1.23
N ALA H 159 -5.16 16.57 0.09
CA ALA H 159 -4.61 17.72 0.80
C ALA H 159 -3.27 17.31 1.39
N ILE H 160 -2.18 17.75 0.76
CA ILE H 160 -0.84 17.41 1.21
C ILE H 160 -0.26 18.64 1.92
N LYS H 161 0.21 18.44 3.15
CA LYS H 161 0.81 19.52 3.92
C LYS H 161 2.32 19.35 3.98
N HIS H 162 3.03 20.44 3.80
CA HIS H 162 4.49 20.44 3.89
C HIS H 162 4.95 21.78 4.45
N ASN H 163 6.25 21.88 4.69
CA ASN H 163 6.80 23.01 5.42
C ASN H 163 8.20 23.34 4.94
N ARG H 164 8.64 24.55 5.31
CA ARG H 164 10.01 24.97 5.12
C ARG H 164 10.87 24.46 6.27
N VAL H 165 12.14 24.86 6.28
CA VAL H 165 13.06 24.49 7.36
C VAL H 165 13.59 25.75 8.01
N ASP H 166 12.75 26.78 8.08
CA ASP H 166 13.14 28.07 8.64
C ASP H 166 13.71 27.90 10.05
N VAL H 167 15.00 28.21 10.21
CA VAL H 167 15.71 28.04 11.47
C VAL H 167 16.54 29.29 11.72
N ASP H 168 16.85 29.51 13.00
CA ASP H 168 17.73 30.62 13.37
C ASP H 168 19.15 30.36 12.86
N GLU H 169 19.93 31.44 12.78
CA GLU H 169 21.32 31.31 12.36
C GLU H 169 22.13 30.46 13.35
N LYS H 170 21.70 30.41 14.61
CA LYS H 170 22.35 29.57 15.60
C LYS H 170 22.03 28.09 15.41
N GLY H 171 21.07 27.75 14.56
CA GLY H 171 20.69 26.37 14.32
C GLY H 171 19.58 25.84 15.20
N ALA H 172 18.92 26.69 15.97
CA ALA H 172 17.83 26.28 16.85
C ALA H 172 16.52 26.83 16.31
N ILE H 173 15.54 25.93 16.14
CA ILE H 173 14.24 26.34 15.62
C ILE H 173 13.49 27.08 16.73
N GLY H 174 13.38 28.40 16.58
CA GLY H 174 12.65 29.19 17.56
C GLY H 174 11.15 29.13 17.35
N SER H 175 10.43 29.70 18.31
CA SER H 175 8.98 29.77 18.26
C SER H 175 8.56 31.07 17.58
N SER H 176 7.26 31.40 17.66
CA SER H 176 6.75 32.61 17.04
C SER H 176 7.33 33.87 17.67
N LYS H 177 7.85 33.78 18.89
CA LYS H 177 8.44 34.91 19.58
C LYS H 177 9.89 35.17 19.20
N GLU H 178 10.46 34.33 18.34
CA GLU H 178 11.86 34.48 17.91
C GLU H 178 11.98 35.21 16.58
N GLY H 179 11.19 34.81 15.58
CA GLY H 179 11.26 35.43 14.27
C GLY H 179 11.32 34.41 13.15
N THR H 180 11.15 33.14 13.48
CA THR H 180 11.14 32.07 12.49
C THR H 180 9.73 31.80 12.01
N ALA H 181 9.63 30.98 10.97
CA ALA H 181 8.35 30.63 10.34
C ALA H 181 8.26 29.12 10.13
N GLN H 182 8.61 28.35 11.16
CA GLN H 182 8.54 26.89 11.08
C GLN H 182 7.09 26.47 11.29
N MET H 183 6.32 26.57 10.21
CA MET H 183 4.92 26.18 10.22
C MET H 183 4.61 25.31 9.01
N LEU H 184 3.62 24.44 9.18
CA LEU H 184 3.17 23.55 8.12
C LEU H 184 2.02 24.23 7.38
N PHE H 185 2.05 24.17 6.05
CA PHE H 185 0.95 24.67 5.25
C PHE H 185 0.51 23.60 4.27
N SER H 186 -0.78 23.59 3.97
CA SER H 186 -1.40 22.53 3.20
C SER H 186 -1.79 23.04 1.82
N ARG H 187 -1.42 22.29 0.79
CA ARG H 187 -1.84 22.55 -0.58
C ARG H 187 -2.73 21.40 -1.04
N GLU H 188 -3.82 21.74 -1.71
CA GLU H 188 -4.76 20.75 -2.22
C GLU H 188 -4.45 20.47 -3.69
N TYR H 189 -4.29 19.20 -4.02
CA TYR H 189 -3.98 18.77 -5.38
C TYR H 189 -5.13 17.95 -5.91
N ALA H 190 -5.58 18.27 -7.12
CA ALA H 190 -6.73 17.66 -7.74
C ALA H 190 -6.31 16.80 -8.92
N THR H 191 -7.25 15.98 -9.39
CA THR H 191 -7.05 15.04 -10.48
C THR H 191 -8.33 14.94 -11.28
N GLY H 192 -8.22 14.41 -12.50
CA GLY H 192 -9.39 14.14 -13.30
C GLY H 192 -9.33 14.58 -14.75
N LEU H 193 -10.16 13.98 -15.58
CA LEU H 193 -10.22 14.27 -17.01
C LEU H 193 -11.17 15.45 -17.23
N TYR H 194 -10.61 16.61 -17.55
CA TYR H 194 -11.39 17.82 -17.70
C TYR H 194 -11.59 18.17 -19.17
N GLY H 195 -12.54 19.06 -19.44
CA GLY H 195 -12.79 19.56 -20.77
C GLY H 195 -12.64 21.06 -20.83
N PHE H 196 -12.19 21.57 -21.98
CA PHE H 196 -11.92 22.98 -22.16
C PHE H 196 -12.63 23.48 -23.40
N SER H 197 -12.75 24.81 -23.47
CA SER H 197 -13.21 25.48 -24.69
C SER H 197 -12.63 26.88 -24.72
N ILE H 198 -11.91 27.19 -25.79
CA ILE H 198 -11.34 28.51 -26.02
C ILE H 198 -11.85 29.00 -27.38
N VAL H 199 -12.28 30.25 -27.42
CA VAL H 199 -12.79 30.84 -28.66
C VAL H 199 -11.95 32.07 -29.00
N LEU H 200 -11.51 32.14 -30.24
CA LEU H 200 -10.65 33.22 -30.70
C LEU H 200 -11.37 33.99 -31.81
N ASP H 201 -11.35 35.31 -31.71
CA ASP H 201 -11.97 36.20 -32.68
C ASP H 201 -10.91 37.04 -33.40
N LEU H 202 -9.82 36.37 -33.80
CA LEU H 202 -8.66 37.08 -34.34
C LEU H 202 -8.94 37.78 -35.65
N GLY H 203 -10.08 37.49 -36.31
CA GLY H 203 -10.38 38.15 -37.56
C GLY H 203 -10.55 39.65 -37.44
N LEU H 204 -10.81 40.16 -36.23
CA LEU H 204 -11.02 41.57 -36.01
C LEU H 204 -9.79 42.26 -35.42
N VAL H 205 -8.63 41.58 -35.41
CA VAL H 205 -7.43 42.18 -34.83
C VAL H 205 -7.01 43.39 -35.63
N GLY H 206 -6.53 44.41 -34.93
CA GLY H 206 -6.11 45.63 -35.58
C GLY H 206 -7.24 46.45 -36.18
N ILE H 207 -8.47 46.24 -35.73
CA ILE H 207 -9.63 46.94 -36.23
C ILE H 207 -10.31 47.64 -35.06
N PRO H 208 -10.42 48.96 -35.07
CA PRO H 208 -11.12 49.65 -33.98
C PRO H 208 -12.61 49.31 -33.98
N GLN H 209 -13.19 49.32 -32.78
CA GLN H 209 -14.60 48.97 -32.64
C GLN H 209 -15.53 50.07 -33.12
N GLY H 210 -15.13 51.34 -32.98
CA GLY H 210 -16.01 52.42 -33.36
C GLY H 210 -16.32 52.45 -34.85
N LEU H 211 -15.29 52.32 -35.68
CA LEU H 211 -15.43 52.36 -37.14
C LEU H 211 -14.75 51.13 -37.73
N PRO H 212 -15.38 49.96 -37.64
CA PRO H 212 -14.77 48.76 -38.24
C PRO H 212 -14.65 48.83 -39.75
N VAL H 213 -15.42 49.68 -40.42
CA VAL H 213 -15.38 49.82 -41.87
C VAL H 213 -15.23 51.29 -42.22
N LYS H 214 -14.72 51.54 -43.42
CA LYS H 214 -14.47 52.90 -43.89
C LYS H 214 -15.16 53.23 -45.21
N PHE H 215 -15.36 52.25 -46.09
CA PHE H 215 -16.06 52.45 -47.37
C PHE H 215 -15.38 53.53 -48.21
N GLU H 216 -14.11 53.28 -48.52
CA GLU H 216 -13.36 54.22 -49.36
C GLU H 216 -13.82 54.13 -50.81
N GLU H 217 -14.00 52.91 -51.32
CA GLU H 217 -14.41 52.68 -52.71
C GLU H 217 -15.76 51.98 -52.74
N ASN H 218 -16.66 52.35 -51.82
CA ASN H 218 -17.98 51.75 -51.71
C ASN H 218 -17.88 50.23 -51.54
N GLN H 219 -16.86 49.79 -50.82
CA GLN H 219 -16.61 48.39 -50.55
C GLN H 219 -16.38 48.18 -49.06
N PRO H 220 -16.97 47.15 -48.47
CA PRO H 220 -16.80 46.94 -47.03
C PRO H 220 -15.38 46.50 -46.65
N ARG H 221 -14.42 47.39 -46.86
CA ARG H 221 -13.04 47.11 -46.49
C ARG H 221 -12.85 47.35 -44.99
N PRO H 222 -12.36 46.36 -44.24
CA PRO H 222 -12.11 46.60 -42.81
C PRO H 222 -11.04 47.67 -42.61
N ASN H 223 -11.21 48.44 -41.53
CA ASN H 223 -10.31 49.56 -41.22
C ASN H 223 -9.08 49.01 -40.50
N ILE H 224 -8.14 48.50 -41.30
CA ILE H 224 -6.89 47.96 -40.77
C ILE H 224 -5.97 49.15 -40.49
N VAL H 225 -5.88 49.53 -39.21
CA VAL H 225 -5.08 50.70 -38.83
C VAL H 225 -3.59 50.43 -38.83
N ILE H 226 -3.18 49.16 -38.84
CA ILE H 226 -1.77 48.79 -38.80
C ILE H 226 -1.37 48.20 -40.14
N ASP H 227 -0.08 47.92 -40.27
CA ASP H 227 0.43 47.30 -41.48
C ASP H 227 -0.11 45.87 -41.59
N PRO H 228 -0.47 45.42 -42.80
CA PRO H 228 -0.99 44.05 -42.95
C PRO H 228 -0.01 42.98 -42.48
N ASN H 229 1.30 43.19 -42.69
CA ASN H 229 2.28 42.23 -42.21
C ASN H 229 2.28 42.17 -40.68
N GLU H 230 2.12 43.32 -40.02
CA GLU H 230 2.02 43.33 -38.57
C GLU H 230 0.79 42.57 -38.10
N ARG H 231 -0.34 42.75 -38.80
CA ARG H 231 -1.55 42.01 -38.45
C ARG H 231 -1.33 40.51 -38.63
N LYS H 232 -0.67 40.09 -39.71
CA LYS H 232 -0.40 38.68 -39.92
C LYS H 232 0.50 38.12 -38.82
N ALA H 233 1.53 38.88 -38.44
CA ALA H 233 2.41 38.45 -37.36
C ALA H 233 1.66 38.33 -36.04
N ARG H 234 0.78 39.29 -35.75
CA ARG H 234 -0.01 39.24 -34.52
C ARG H 234 -0.93 38.03 -34.51
N ILE H 235 -1.58 37.74 -35.64
CA ILE H 235 -2.46 36.57 -35.71
C ILE H 235 -1.66 35.30 -35.53
N GLU H 236 -0.49 35.21 -36.16
CA GLU H 236 0.36 34.04 -36.02
C GLU H 236 0.80 33.85 -34.56
N SER H 237 1.16 34.95 -33.90
CA SER H 237 1.56 34.85 -32.50
C SER H 237 0.39 34.40 -31.62
N ALA H 238 -0.80 34.94 -31.87
CA ALA H 238 -1.97 34.54 -31.09
C ALA H 238 -2.28 33.06 -31.30
N LEU H 239 -2.17 32.58 -32.53
CA LEU H 239 -2.43 31.17 -32.79
C LEU H 239 -1.35 30.29 -32.18
N LYS H 240 -0.10 30.75 -32.17
CA LYS H 240 0.98 29.99 -31.55
C LYS H 240 0.90 30.03 -30.03
N ALA H 241 0.17 30.98 -29.47
CA ALA H 241 0.02 31.04 -28.02
C ALA H 241 -0.67 29.81 -27.45
N LEU H 242 -1.35 29.03 -28.30
CA LEU H 242 -1.99 27.80 -27.85
C LEU H 242 -1.01 26.65 -27.68
N ILE H 243 0.21 26.75 -28.21
CA ILE H 243 1.19 25.69 -28.01
C ILE H 243 1.59 25.56 -26.54
N PRO H 244 1.92 26.64 -25.81
CA PRO H 244 2.12 26.49 -24.37
C PRO H 244 0.83 26.28 -23.60
N MET H 245 -0.33 26.54 -24.21
CA MET H 245 -1.59 26.29 -23.55
C MET H 245 -1.73 24.81 -23.20
N LEU H 246 -1.79 23.96 -24.20
CA LEU H 246 -1.96 22.53 -23.99
C LEU H 246 -0.59 21.85 -23.81
N SER H 247 0.23 22.44 -22.94
CA SER H 247 1.53 21.88 -22.61
C SER H 247 1.83 21.91 -21.12
N GLY H 248 1.09 22.66 -20.32
CA GLY H 248 1.35 22.74 -18.89
C GLY H 248 1.66 24.13 -18.39
N TYR H 249 1.13 25.14 -19.07
CA TYR H 249 1.36 26.55 -18.72
C TYR H 249 0.05 27.31 -18.65
N ILE H 250 -0.96 26.74 -18.00
CA ILE H 250 -2.25 27.41 -17.89
C ILE H 250 -2.71 27.45 -16.44
N GLY H 251 -1.79 27.26 -15.50
CA GLY H 251 -2.14 27.26 -14.09
C GLY H 251 -1.14 28.03 -13.27
N ALA H 252 -1.43 28.11 -11.97
CA ALA H 252 -0.54 28.71 -11.00
C ALA H 252 0.24 27.62 -10.27
N ASN H 253 1.18 28.04 -9.42
CA ASN H 253 2.00 27.13 -8.65
C ASN H 253 2.75 26.15 -9.56
N LEU H 254 3.19 26.64 -10.72
CA LEU H 254 3.90 25.79 -11.66
C LEU H 254 5.28 25.40 -11.14
N ALA H 255 5.85 26.21 -10.25
CA ALA H 255 7.19 25.92 -9.74
C ALA H 255 7.21 24.60 -8.98
N ARG H 256 6.20 24.37 -8.12
CA ARG H 256 6.19 23.21 -7.26
C ARG H 256 5.23 22.12 -7.70
N SER H 257 4.29 22.41 -8.62
CA SER H 257 3.31 21.43 -9.06
C SER H 257 3.51 21.05 -10.52
N PHE H 258 3.49 22.02 -11.44
CA PHE H 258 3.63 21.77 -12.88
C PHE H 258 2.66 20.69 -13.35
N PRO H 259 1.39 21.05 -13.58
CA PRO H 259 0.35 20.03 -13.79
C PRO H 259 0.71 19.05 -14.89
N VAL H 260 0.39 17.78 -14.66
CA VAL H 260 0.73 16.69 -15.56
C VAL H 260 -0.32 16.64 -16.66
N PHE H 261 0.05 17.03 -17.87
CA PHE H 261 -0.87 17.28 -18.96
C PHE H 261 -0.73 16.23 -20.06
N LYS H 262 -1.88 15.93 -20.69
CA LYS H 262 -1.90 15.13 -21.90
C LYS H 262 -3.26 15.34 -22.56
N VAL H 263 -3.30 16.01 -23.70
CA VAL H 263 -4.55 16.21 -24.41
C VAL H 263 -5.04 14.87 -24.95
N GLU H 264 -6.22 14.44 -24.52
CA GLU H 264 -6.73 13.15 -24.94
C GLU H 264 -7.31 13.22 -26.35
N GLU H 265 -8.34 14.04 -26.53
CA GLU H 265 -8.94 14.25 -27.85
C GLU H 265 -9.42 15.68 -27.94
N LEU H 266 -9.52 16.19 -29.17
CA LEU H 266 -10.09 17.52 -29.36
C LEU H 266 -10.50 17.73 -30.80
N VAL H 267 -11.31 18.77 -31.01
CA VAL H 267 -11.78 19.19 -32.31
C VAL H 267 -11.64 20.69 -32.43
N ALA H 268 -11.21 21.15 -33.60
CA ALA H 268 -10.98 22.57 -33.85
C ALA H 268 -11.57 22.93 -35.21
N ILE H 269 -12.24 24.07 -35.28
CA ILE H 269 -12.81 24.52 -36.54
C ILE H 269 -12.46 25.97 -36.80
N ALA H 270 -12.35 26.32 -38.07
CA ALA H 270 -12.01 27.68 -38.47
C ALA H 270 -12.41 27.88 -39.93
N SER H 271 -13.03 29.03 -40.23
CA SER H 271 -13.51 29.27 -41.58
C SER H 271 -13.32 30.70 -42.08
N GLU H 272 -12.49 31.51 -41.42
CA GLU H 272 -12.24 32.90 -41.83
C GLU H 272 -13.54 33.70 -41.87
N GLY H 273 -14.45 33.38 -40.95
CA GLY H 273 -15.73 34.05 -40.89
C GLY H 273 -16.47 33.72 -39.61
N PRO H 274 -17.64 34.32 -39.41
CA PRO H 274 -18.40 34.07 -38.19
C PRO H 274 -18.74 32.59 -38.04
N ILE H 275 -18.69 32.12 -36.80
CA ILE H 275 -18.85 30.70 -36.48
C ILE H 275 -19.56 30.57 -35.14
N PRO H 276 -20.54 29.66 -35.02
CA PRO H 276 -21.16 29.44 -33.71
C PRO H 276 -20.18 28.84 -32.72
N ALA H 277 -20.36 29.17 -31.45
CA ALA H 277 -19.51 28.63 -30.40
C ALA H 277 -19.74 27.13 -30.26
N LEU H 278 -18.65 26.39 -30.09
CA LEU H 278 -18.73 24.94 -30.01
C LEU H 278 -19.26 24.50 -28.65
N VAL H 279 -19.71 23.25 -28.59
CA VAL H 279 -20.15 22.67 -27.33
C VAL H 279 -18.94 22.30 -26.49
N HIS H 280 -18.95 22.75 -25.23
CA HIS H 280 -17.84 22.48 -24.33
C HIS H 280 -17.69 20.98 -24.09
N GLY H 281 -16.47 20.56 -23.79
CA GLY H 281 -16.18 19.17 -23.53
C GLY H 281 -16.70 18.63 -22.22
N PHE H 282 -17.33 19.48 -21.42
CA PHE H 282 -17.90 19.06 -20.15
C PHE H 282 -18.94 17.96 -20.32
N TYR H 283 -19.81 18.10 -21.31
CA TYR H 283 -20.86 17.13 -21.53
C TYR H 283 -20.30 15.89 -22.25
N GLU H 284 -20.83 14.73 -21.87
CA GLU H 284 -20.36 13.47 -22.45
C GLU H 284 -20.70 13.37 -23.93
N ASP H 285 -21.77 14.02 -24.38
CA ASP H 285 -22.25 13.92 -25.75
C ASP H 285 -21.76 15.07 -26.62
N TYR H 286 -20.69 15.75 -26.22
CA TYR H 286 -20.22 16.90 -26.99
C TYR H 286 -19.69 16.49 -28.35
N ILE H 287 -19.21 15.25 -28.49
CA ILE H 287 -18.72 14.79 -29.78
C ILE H 287 -19.82 14.85 -30.84
N GLU H 288 -20.98 14.27 -30.52
CA GLU H 288 -22.05 14.22 -31.50
C GLU H 288 -22.62 15.60 -31.77
N ALA H 289 -22.75 16.41 -30.72
CA ALA H 289 -23.28 17.77 -30.90
C ALA H 289 -22.37 18.60 -31.79
N ASN H 290 -21.06 18.55 -31.53
CA ASN H 290 -20.12 19.28 -32.37
C ASN H 290 -20.12 18.74 -33.80
N ARG H 291 -20.20 17.41 -33.95
CA ARG H 291 -20.24 16.83 -35.29
C ARG H 291 -21.43 17.34 -36.07
N SER H 292 -22.62 17.31 -35.46
CA SER H 292 -23.81 17.81 -36.14
C SER H 292 -23.69 19.30 -36.44
N ILE H 293 -23.18 20.08 -35.48
CA ILE H 293 -23.07 21.52 -35.67
C ILE H 293 -22.18 21.83 -36.86
N ILE H 294 -21.00 21.22 -36.91
CA ILE H 294 -20.07 21.50 -38.00
C ILE H 294 -20.59 20.96 -39.33
N LYS H 295 -21.24 19.79 -39.34
CA LYS H 295 -21.76 19.26 -40.58
C LYS H 295 -22.83 20.17 -41.16
N ASN H 296 -23.75 20.65 -40.32
CA ASN H 296 -24.81 21.52 -40.81
C ASN H 296 -24.30 22.92 -41.14
N ALA H 297 -23.28 23.39 -40.42
CA ALA H 297 -22.67 24.68 -40.78
C ALA H 297 -22.01 24.60 -42.15
N ARG H 298 -21.30 23.50 -42.43
CA ARG H 298 -20.75 23.30 -43.76
C ARG H 298 -21.86 23.18 -44.79
N ALA H 299 -22.98 22.55 -44.42
CA ALA H 299 -24.12 22.44 -45.32
C ALA H 299 -24.75 23.80 -45.62
N LEU H 300 -24.63 24.77 -44.71
CA LEU H 300 -25.24 26.08 -44.92
C LEU H 300 -24.42 27.00 -45.81
N GLY H 301 -23.23 26.59 -46.22
CA GLY H 301 -22.42 27.42 -47.10
C GLY H 301 -21.28 28.11 -46.37
N PHE H 302 -20.79 27.50 -45.30
CA PHE H 302 -19.64 27.98 -44.57
C PHE H 302 -18.44 27.10 -44.90
N ASN H 303 -17.32 27.72 -45.27
CA ASN H 303 -16.11 26.98 -45.61
C ASN H 303 -15.39 26.54 -44.33
N ILE H 304 -16.09 25.72 -43.56
CA ILE H 304 -15.59 25.26 -42.27
C ILE H 304 -14.41 24.31 -42.49
N GLU H 305 -13.31 24.58 -41.81
CA GLU H 305 -12.16 23.68 -41.78
C GLU H 305 -12.11 23.01 -40.41
N VAL H 306 -12.03 21.69 -40.41
CA VAL H 306 -12.16 20.89 -39.20
C VAL H 306 -10.91 20.03 -39.03
N PHE H 307 -10.29 20.13 -37.85
CA PHE H 307 -9.16 19.30 -37.47
C PHE H 307 -9.52 18.53 -36.22
N THR H 308 -9.25 17.23 -36.22
CA THR H 308 -9.61 16.36 -35.11
C THR H 308 -8.38 15.59 -34.64
N TYR H 309 -8.33 15.36 -33.32
CA TYR H 309 -7.29 14.54 -32.71
C TYR H 309 -7.94 13.53 -31.80
N ASN H 310 -7.70 12.25 -32.08
CA ASN H 310 -8.21 11.11 -31.29
C ASN H 310 -9.73 11.13 -31.17
N VAL H 311 -10.41 11.43 -32.27
CA VAL H 311 -11.87 11.32 -32.32
C VAL H 311 -12.28 10.99 -33.74
N ASP H 312 -13.23 10.06 -33.88
CA ASP H 312 -13.69 9.65 -35.20
C ASP H 312 -14.57 10.71 -35.84
N LEU H 313 -15.25 11.53 -35.02
CA LEU H 313 -16.14 12.57 -35.49
C LEU H 313 -17.24 11.99 -36.38
N GLY H 314 -17.08 12.10 -37.70
CA GLY H 314 -18.09 11.62 -38.61
C GLY H 314 -17.58 10.62 -39.63
N GLU H 315 -16.27 10.64 -39.89
CA GLU H 315 -15.60 9.71 -40.78
C GLU H 315 -16.02 9.94 -42.24
N ASP H 316 -16.95 10.87 -42.46
CA ASP H 316 -17.40 11.22 -43.80
C ASP H 316 -17.15 12.67 -44.17
N ILE H 317 -17.26 13.60 -43.22
CA ILE H 317 -17.00 15.00 -43.51
C ILE H 317 -15.49 15.25 -43.51
N GLU H 318 -15.09 16.36 -44.12
CA GLU H 318 -13.68 16.70 -44.24
C GLU H 318 -13.10 17.01 -42.86
N ALA H 319 -12.26 16.11 -42.37
CA ALA H 319 -11.60 16.29 -41.08
C ALA H 319 -10.14 15.92 -41.23
N THR H 320 -9.26 16.78 -40.71
CA THR H 320 -7.82 16.54 -40.79
C THR H 320 -7.34 15.86 -39.51
N LYS H 321 -6.70 14.70 -39.65
CA LYS H 321 -6.25 13.92 -38.51
C LYS H 321 -4.96 14.53 -37.97
N VAL H 322 -5.12 15.61 -37.21
CA VAL H 322 -3.97 16.25 -36.58
C VAL H 322 -3.47 15.38 -35.42
N SER H 323 -2.16 15.41 -35.19
CA SER H 323 -1.54 14.57 -34.18
C SER H 323 -1.04 15.33 -32.96
N SER H 324 -0.90 16.65 -33.05
CA SER H 324 -0.41 17.42 -31.92
C SER H 324 -0.99 18.83 -32.00
N VAL H 325 -1.01 19.51 -30.86
CA VAL H 325 -1.61 20.83 -30.78
C VAL H 325 -0.86 21.82 -31.66
N GLU H 326 0.47 21.78 -31.62
CA GLU H 326 1.24 22.72 -32.44
C GLU H 326 1.09 22.40 -33.91
N GLU H 327 0.85 21.13 -34.27
CA GLU H 327 0.50 20.82 -35.65
C GLU H 327 -0.82 21.48 -36.03
N LEU H 328 -1.78 21.49 -35.10
CA LEU H 328 -3.05 22.16 -35.36
C LEU H 328 -2.85 23.64 -35.58
N VAL H 329 -2.04 24.29 -34.73
CA VAL H 329 -1.86 25.73 -34.91
C VAL H 329 -1.01 26.01 -36.15
N ALA H 330 -0.14 25.07 -36.54
CA ALA H 330 0.58 25.23 -37.80
C ALA H 330 -0.37 25.18 -38.98
N ASN H 331 -1.33 24.25 -38.95
CA ASN H 331 -2.35 24.20 -40.00
C ASN H 331 -3.17 25.48 -39.99
N LEU H 332 -3.45 26.02 -38.81
CA LEU H 332 -4.20 27.27 -38.71
C LEU H 332 -3.43 28.43 -39.33
N VAL H 333 -2.14 28.55 -39.02
CA VAL H 333 -1.36 29.67 -39.54
C VAL H 333 -0.96 29.46 -41.00
N LYS H 334 -1.09 28.23 -41.51
CA LYS H 334 -0.79 27.99 -42.91
C LYS H 334 -1.75 28.73 -43.83
N MET H 335 -3.02 28.83 -43.44
CA MET H 335 -4.08 29.38 -44.28
C MET H 335 -4.58 30.74 -43.80
N VAL H 336 -3.78 31.47 -43.03
CA VAL H 336 -4.16 32.80 -42.60
C VAL H 336 -4.25 33.76 -43.79
N MET I 1 18.53 29.85 -22.40
CA MET I 1 18.47 28.60 -23.16
C MET I 1 17.58 27.59 -22.43
N TYR I 2 16.50 27.20 -23.08
CA TYR I 2 15.44 26.43 -22.44
C TYR I 2 15.64 24.94 -22.62
N VAL I 3 15.33 24.18 -21.57
CA VAL I 3 15.50 22.73 -21.53
C VAL I 3 14.25 22.09 -20.94
N ARG I 4 13.80 21.00 -21.55
CA ARG I 4 12.73 20.19 -21.01
C ARG I 4 13.18 18.73 -20.99
N ILE I 5 12.81 18.02 -19.94
CA ILE I 5 13.22 16.62 -19.75
C ILE I 5 12.02 15.82 -19.26
N SER I 6 11.90 14.59 -19.76
CA SER I 6 10.89 13.66 -19.25
C SER I 6 11.43 12.26 -19.38
N GLY I 7 10.83 11.33 -18.63
CA GLY I 7 11.25 9.95 -18.74
C GLY I 7 10.73 9.12 -17.58
N ARG I 8 11.14 7.85 -17.61
CA ARG I 8 10.77 6.85 -16.63
C ARG I 8 12.01 6.41 -15.88
N ILE I 9 11.92 6.43 -14.55
CA ILE I 9 13.00 6.03 -13.66
C ILE I 9 12.45 4.97 -12.72
N ARG I 10 13.21 3.89 -12.53
CA ARG I 10 12.79 2.79 -11.67
C ARG I 10 13.24 3.06 -10.24
N LEU I 11 12.34 2.82 -9.29
CA LEU I 11 12.60 3.02 -7.87
C LEU I 11 12.36 1.72 -7.12
N ASN I 12 13.16 1.50 -6.08
CA ASN I 12 12.99 0.32 -5.23
C ASN I 12 13.34 0.69 -3.79
N ALA I 13 12.51 0.24 -2.86
CA ALA I 13 12.78 0.40 -1.42
C ALA I 13 13.08 1.85 -1.07
N HIS I 14 12.29 2.77 -1.63
CA HIS I 14 12.46 4.18 -1.36
C HIS I 14 11.50 4.62 -0.27
N SER I 15 11.92 5.61 0.50
CA SER I 15 11.08 6.21 1.54
C SER I 15 11.10 7.73 1.41
N LEU I 16 11.18 8.21 0.18
CA LEU I 16 11.35 9.64 -0.06
C LEU I 16 10.05 10.39 0.23
N ASN I 17 10.16 11.50 0.96
CA ASN I 17 9.05 12.41 1.18
C ASN I 17 7.86 11.72 1.86
N ALA I 18 8.10 11.31 3.10
CA ALA I 18 7.04 10.80 3.97
C ALA I 18 6.41 11.96 4.76
N GLN I 19 5.20 11.71 5.27
CA GLN I 19 4.60 12.68 6.17
C GLN I 19 5.42 12.91 7.43
N GLY I 20 6.26 11.96 7.80
CA GLY I 20 7.17 12.13 8.92
C GLY I 20 6.57 11.94 10.29
N GLY I 21 5.27 11.65 10.39
CA GLY I 21 4.66 11.42 11.68
C GLY I 21 4.50 12.69 12.47
N GLY I 22 5.62 13.28 12.88
CA GLY I 22 5.60 14.50 13.66
C GLY I 22 5.40 14.23 15.14
N GLY I 23 4.31 13.55 15.47
CA GLY I 23 4.00 13.23 16.86
C GLY I 23 3.54 11.81 17.05
N THR I 24 4.05 10.88 16.24
CA THR I 24 3.68 9.48 16.37
C THR I 24 4.83 8.62 15.90
N ASN I 25 4.76 7.33 16.24
CA ASN I 25 5.78 6.38 15.85
C ASN I 25 5.61 5.85 14.44
N TYR I 26 4.53 6.22 13.76
CA TYR I 26 4.28 5.78 12.39
C TYR I 26 4.69 6.87 11.41
N ILE I 27 5.52 6.52 10.44
CA ILE I 27 5.97 7.47 9.45
C ILE I 27 5.30 7.16 8.12
N GLU I 28 4.16 7.79 7.86
CA GLU I 28 3.39 7.53 6.65
C GLU I 28 4.05 8.15 5.44
N ILE I 29 4.09 7.39 4.35
CA ILE I 29 4.55 7.90 3.06
C ILE I 29 3.41 8.66 2.40
N THR I 30 3.74 9.74 1.71
CA THR I 30 2.71 10.59 1.14
C THR I 30 1.93 9.87 0.05
N LYS I 31 0.65 10.17 -0.04
CA LYS I 31 -0.27 9.52 -0.96
C LYS I 31 -0.91 10.58 -1.84
N THR I 32 -1.28 10.19 -3.05
CA THR I 32 -2.06 11.10 -3.88
C THR I 32 -2.97 10.28 -4.80
N LYS I 33 -4.05 10.92 -5.23
CA LYS I 33 -5.07 10.27 -6.05
C LYS I 33 -4.83 10.64 -7.50
N VAL I 34 -4.69 9.61 -8.34
CA VAL I 34 -4.47 9.82 -9.77
C VAL I 34 -5.55 9.08 -10.55
N THR I 35 -5.80 9.57 -11.76
CA THR I 35 -6.86 9.06 -12.62
C THR I 35 -6.28 8.06 -13.60
N VAL I 36 -6.80 6.84 -13.57
CA VAL I 36 -6.39 5.77 -14.47
C VAL I 36 -7.52 5.52 -15.45
N ARG I 37 -7.18 5.45 -16.74
CA ARG I 37 -8.20 5.30 -17.77
C ARG I 37 -8.98 4.00 -17.60
N THR I 38 -8.29 2.87 -17.75
CA THR I 38 -8.84 1.53 -17.53
C THR I 38 -9.89 1.17 -18.58
N GLU I 39 -9.95 -0.10 -18.96
CA GLU I 39 -10.97 -0.54 -19.91
C GLU I 39 -12.36 -0.53 -19.31
N ASN I 40 -12.47 -0.46 -17.99
CA ASN I 40 -13.77 -0.44 -17.31
C ASN I 40 -14.26 0.97 -17.03
N GLY I 41 -13.56 1.99 -17.53
CA GLY I 41 -13.90 3.37 -17.25
C GLY I 41 -12.93 4.01 -16.29
N TRP I 42 -12.86 5.34 -16.34
CA TRP I 42 -11.89 6.07 -15.55
C TRP I 42 -12.13 5.87 -14.06
N THR I 43 -11.05 5.57 -13.34
CA THR I 43 -11.09 5.38 -11.89
C THR I 43 -10.02 6.24 -11.26
N VAL I 44 -10.06 6.33 -9.93
CA VAL I 44 -9.07 7.08 -9.17
C VAL I 44 -8.43 6.14 -8.17
N VAL I 45 -7.10 6.16 -8.10
CA VAL I 45 -6.35 5.29 -7.20
C VAL I 45 -5.37 6.12 -6.38
N GLU I 46 -5.13 5.65 -5.16
CA GLU I 46 -4.19 6.29 -4.24
C GLU I 46 -2.83 5.61 -4.38
N VAL I 47 -1.82 6.38 -4.75
CA VAL I 47 -0.48 5.84 -4.97
C VAL I 47 0.55 6.71 -4.25
N PRO I 48 1.69 6.15 -3.86
CA PRO I 48 2.76 6.97 -3.31
C PRO I 48 3.33 7.91 -4.35
N ALA I 49 3.79 9.07 -3.89
CA ALA I 49 4.30 10.08 -4.79
C ALA I 49 5.29 10.97 -4.07
N ILE I 50 6.05 11.72 -4.85
CA ILE I 50 7.00 12.71 -4.37
C ILE I 50 6.53 14.08 -4.83
N THR I 51 6.30 14.97 -3.88
CA THR I 51 5.86 16.31 -4.24
C THR I 51 6.94 17.03 -5.02
N GLY I 52 6.52 17.93 -5.91
CA GLY I 52 7.48 18.67 -6.70
C GLY I 52 8.29 19.67 -5.90
N ASN I 53 7.76 20.11 -4.76
CA ASN I 53 8.49 21.07 -3.94
C ASN I 53 9.81 20.49 -3.46
N MET I 54 9.79 19.25 -2.97
CA MET I 54 11.01 18.63 -2.47
C MET I 54 11.97 18.30 -3.61
N LEU I 55 11.45 17.95 -4.77
CA LEU I 55 12.30 17.78 -5.95
C LEU I 55 12.99 19.08 -6.31
N LYS I 56 12.27 20.20 -6.26
CA LYS I 56 12.87 21.49 -6.54
C LYS I 56 13.93 21.83 -5.50
N HIS I 57 13.68 21.49 -4.23
CA HIS I 57 14.69 21.71 -3.20
C HIS I 57 15.95 20.91 -3.48
N TRP I 58 15.80 19.66 -3.90
CA TRP I 58 16.99 18.87 -4.22
C TRP I 58 17.72 19.44 -5.43
N HIS I 59 16.99 19.96 -6.41
CA HIS I 59 17.65 20.61 -7.54
C HIS I 59 18.43 21.83 -7.08
N PHE I 60 17.85 22.60 -6.15
CA PHE I 60 18.58 23.74 -5.60
C PHE I 60 19.83 23.30 -4.85
N VAL I 61 19.73 22.19 -4.12
CA VAL I 61 20.89 21.67 -3.40
C VAL I 61 22.00 21.28 -4.37
N GLY I 62 21.63 20.56 -5.43
CA GLY I 62 22.63 20.20 -6.44
C GLY I 62 23.22 21.41 -7.12
N PHE I 63 22.39 22.43 -7.38
CA PHE I 63 22.88 23.65 -8.00
C PHE I 63 23.90 24.35 -7.11
N VAL I 64 23.61 24.44 -5.81
CA VAL I 64 24.57 25.04 -4.89
C VAL I 64 25.85 24.20 -4.84
N ASP I 65 25.71 22.88 -4.82
CA ASP I 65 26.88 22.01 -4.75
C ASP I 65 27.80 22.21 -5.95
N TYR I 66 27.22 22.32 -7.14
CA TYR I 66 28.02 22.50 -8.34
C TYR I 66 28.32 23.95 -8.65
N PHE I 67 27.79 24.89 -7.87
CA PHE I 67 28.14 26.30 -8.03
C PHE I 67 29.19 26.78 -7.03
N LYS I 68 29.36 26.07 -5.91
CA LYS I 68 30.43 26.43 -4.99
C LYS I 68 31.80 26.25 -5.63
N THR I 69 31.98 25.18 -6.40
CA THR I 69 33.26 24.93 -7.05
C THR I 69 33.60 26.02 -8.05
N THR I 70 32.59 26.62 -8.68
CA THR I 70 32.82 27.70 -9.61
C THR I 70 33.51 28.87 -8.90
N PRO I 71 34.50 29.52 -9.54
CA PRO I 71 35.20 30.63 -8.87
C PRO I 71 34.28 31.76 -8.46
N TYR I 72 33.11 31.88 -9.07
CA TYR I 72 32.14 32.92 -8.72
C TYR I 72 31.18 32.49 -7.62
N GLY I 73 31.58 31.55 -6.78
CA GLY I 73 30.70 31.03 -5.74
C GLY I 73 30.45 31.98 -4.60
N VAL I 74 31.08 33.15 -4.61
CA VAL I 74 30.87 34.11 -3.53
C VAL I 74 29.45 34.69 -3.56
N ASN I 75 28.79 34.67 -4.71
CA ASN I 75 27.46 35.26 -4.83
C ASN I 75 26.37 34.29 -4.38
N LEU I 76 26.49 33.78 -3.15
CA LEU I 76 25.51 32.86 -2.60
C LEU I 76 25.04 33.35 -1.24
N THR I 77 23.85 32.92 -0.87
CA THR I 77 23.24 33.31 0.39
C THR I 77 23.80 32.46 1.53
N GLU I 78 23.86 33.06 2.73
CA GLU I 78 24.27 32.31 3.90
C GLU I 78 23.35 31.13 4.15
N ARG I 79 22.04 31.35 4.05
CA ARG I 79 21.10 30.24 4.20
C ARG I 79 21.26 29.22 3.08
N ALA I 80 21.51 29.68 1.86
CA ALA I 80 21.72 28.77 0.75
C ALA I 80 22.93 27.88 0.98
N LEU I 81 23.99 28.46 1.55
CA LEU I 81 25.20 27.68 1.84
C LEU I 81 24.94 26.59 2.86
N ARG I 82 23.89 26.73 3.67
CA ARG I 82 23.47 25.71 4.62
C ARG I 82 22.34 24.83 4.08
N TYR I 83 22.01 24.98 2.79
CA TYR I 83 20.88 24.27 2.17
C TYR I 83 19.56 24.64 2.82
N ASN I 84 19.46 25.85 3.35
CA ASN I 84 18.22 26.36 3.94
C ASN I 84 17.34 26.87 2.80
N GLY I 85 16.22 26.18 2.57
CA GLY I 85 15.38 26.47 1.42
C GLY I 85 14.57 27.74 1.52
N THR I 86 14.53 28.37 2.70
CA THR I 86 13.75 29.60 2.83
C THR I 86 14.44 30.75 2.13
N ARG I 87 13.64 31.64 1.54
CA ARG I 87 14.14 32.84 0.88
C ARG I 87 13.37 34.05 1.41
N PHE I 88 14.01 34.83 2.29
CA PHE I 88 13.52 36.14 2.70
C PHE I 88 12.11 36.04 3.29
N GLY I 89 12.04 35.38 4.43
CA GLY I 89 10.79 35.25 5.15
C GLY I 89 10.22 36.61 5.55
N GLN I 90 8.96 36.58 5.96
CA GLN I 90 8.26 37.82 6.30
C GLN I 90 8.94 38.52 7.47
N GLY I 91 8.98 39.84 7.42
CA GLY I 91 9.55 40.64 8.47
C GLY I 91 11.02 40.97 8.32
N GLU I 92 11.70 40.45 7.30
CA GLU I 92 13.11 40.72 7.09
C GLU I 92 13.31 41.46 5.78
N THR I 93 14.33 42.32 5.76
CA THR I 93 14.61 43.15 4.59
C THR I 93 16.04 43.02 4.09
N THR I 94 16.88 42.23 4.76
CA THR I 94 18.28 42.10 4.37
C THR I 94 18.63 40.64 4.17
N ALA I 95 19.60 40.39 3.30
CA ALA I 95 20.10 39.06 3.00
C ALA I 95 21.56 38.97 3.41
N THR I 96 21.91 37.91 4.11
CA THR I 96 23.29 37.69 4.53
C THR I 96 24.02 36.92 3.43
N LYS I 97 24.90 37.62 2.72
CA LYS I 97 25.70 36.97 1.70
C LYS I 97 26.68 35.99 2.34
N ALA I 98 27.06 34.96 1.59
CA ALA I 98 28.00 33.97 2.10
C ALA I 98 29.34 34.61 2.44
N ASN I 99 29.68 35.73 1.78
CA ASN I 99 30.90 36.45 2.09
C ASN I 99 30.81 37.24 3.39
N GLY I 100 29.62 37.32 3.99
CA GLY I 100 29.40 38.14 5.17
C GLY I 100 28.84 39.52 4.88
N ALA I 101 28.79 39.91 3.62
CA ALA I 101 28.21 41.20 3.26
C ALA I 101 26.70 41.16 3.37
N THR I 102 26.08 42.34 3.42
CA THR I 102 24.64 42.49 3.54
C THR I 102 24.08 42.99 2.21
N VAL I 103 23.02 42.35 1.74
CA VAL I 103 22.37 42.70 0.48
C VAL I 103 20.98 43.23 0.79
N GLN I 104 20.68 44.43 0.31
CA GLN I 104 19.37 45.02 0.50
C GLN I 104 18.35 44.32 -0.39
N LEU I 105 17.08 44.46 -0.03
CA LEU I 105 15.98 43.83 -0.76
C LEU I 105 15.07 44.85 -1.43
N ASN I 106 15.55 46.08 -1.63
CA ASN I 106 14.72 47.11 -2.26
C ASN I 106 14.77 47.07 -3.77
N ASP I 107 15.65 46.27 -4.36
CA ASP I 107 15.78 46.19 -5.81
C ASP I 107 16.00 44.76 -6.24
N GLU I 108 15.31 44.36 -7.31
CA GLU I 108 15.42 42.99 -7.80
C GLU I 108 16.74 42.75 -8.54
N ALA I 109 17.20 43.76 -9.30
CA ALA I 109 18.43 43.59 -10.08
C ALA I 109 19.64 43.36 -9.17
N THR I 110 19.73 44.13 -8.09
CA THR I 110 20.85 43.93 -7.15
C THR I 110 20.79 42.56 -6.52
N ILE I 111 19.59 42.11 -6.15
CA ILE I 111 19.44 40.79 -5.52
C ILE I 111 19.89 39.70 -6.47
N ILE I 112 19.40 39.72 -7.71
CA ILE I 112 19.79 38.68 -8.65
C ILE I 112 21.26 38.80 -9.06
N LYS I 113 21.83 39.99 -8.94
CA LYS I 113 23.24 40.16 -9.28
C LYS I 113 24.14 39.56 -8.20
N GLU I 114 23.82 39.79 -6.93
CA GLU I 114 24.67 39.33 -5.84
C GLU I 114 24.25 37.99 -5.24
N LEU I 115 23.10 37.45 -5.64
CA LEU I 115 22.61 36.18 -5.09
C LEU I 115 22.25 35.25 -6.24
N ALA I 116 22.94 34.12 -6.33
CA ALA I 116 22.67 33.16 -7.40
C ALA I 116 21.37 32.39 -7.14
N ASP I 117 21.12 31.98 -5.90
CA ASP I 117 19.94 31.19 -5.60
C ASP I 117 18.66 31.98 -5.87
N ALA I 118 18.63 33.25 -5.46
CA ALA I 118 17.44 34.06 -5.69
C ALA I 118 17.21 34.29 -7.18
N ASP I 119 18.29 34.36 -7.95
CA ASP I 119 18.15 34.53 -9.39
C ASP I 119 17.61 33.28 -10.05
N VAL I 120 18.16 32.11 -9.70
CA VAL I 120 17.83 30.89 -10.41
C VAL I 120 16.48 30.34 -9.95
N HIS I 121 16.30 30.20 -8.64
CA HIS I 121 15.12 29.56 -8.08
C HIS I 121 14.05 30.55 -7.63
N GLY I 122 14.17 31.81 -8.01
CA GLY I 122 13.16 32.79 -7.66
C GLY I 122 13.16 33.13 -6.18
N PHE I 123 12.44 34.18 -5.81
CA PHE I 123 12.42 34.59 -4.41
C PHE I 123 11.18 35.44 -4.16
N LEU I 124 10.86 35.62 -2.88
CA LEU I 124 9.77 36.46 -2.43
C LEU I 124 10.20 37.21 -1.19
N ALA I 125 9.88 38.51 -1.15
CA ALA I 125 10.18 39.35 0.01
C ALA I 125 8.88 40.03 0.44
N PRO I 126 8.09 39.37 1.29
CA PRO I 126 6.78 39.93 1.65
C PRO I 126 6.86 41.29 2.33
N LYS I 127 7.97 41.59 3.01
CA LYS I 127 8.10 42.87 3.68
C LYS I 127 8.13 44.02 2.68
N THR I 128 8.84 43.84 1.56
CA THR I 128 8.95 44.88 0.55
C THR I 128 8.17 44.59 -0.72
N GLY I 129 7.69 43.36 -0.91
CA GLY I 129 6.88 43.02 -2.05
C GLY I 129 7.65 42.58 -3.28
N ARG I 130 8.97 42.58 -3.25
CA ARG I 130 9.75 42.16 -4.41
C ARG I 130 9.61 40.66 -4.62
N ARG I 131 9.22 40.27 -5.84
CA ARG I 131 8.97 38.89 -6.17
C ARG I 131 9.65 38.53 -7.48
N ARG I 132 10.02 37.26 -7.62
CA ARG I 132 10.61 36.77 -8.86
C ARG I 132 10.28 35.29 -8.98
N VAL I 133 9.54 34.93 -10.02
CA VAL I 133 9.16 33.53 -10.23
C VAL I 133 10.39 32.70 -10.50
N SER I 134 10.37 31.46 -10.01
CA SER I 134 11.51 30.56 -10.19
C SER I 134 11.69 30.22 -11.66
N LEU I 135 12.93 29.95 -12.04
CA LEU I 135 13.26 29.57 -13.40
C LEU I 135 13.32 28.07 -13.60
N VAL I 136 13.02 27.28 -12.58
CA VAL I 136 12.99 25.83 -12.68
C VAL I 136 11.64 25.34 -12.18
N LYS I 137 10.96 24.54 -13.00
CA LYS I 137 9.68 23.96 -12.65
C LYS I 137 9.83 22.46 -12.50
N ALA I 138 9.25 21.91 -11.45
CA ALA I 138 9.30 20.48 -11.18
C ALA I 138 7.89 19.94 -11.04
N SER I 139 7.61 18.83 -11.71
CA SER I 139 6.33 18.16 -11.61
C SER I 139 6.42 17.02 -10.60
N PHE I 140 5.26 16.54 -10.17
CA PHE I 140 5.21 15.46 -9.21
C PHE I 140 5.85 14.20 -9.79
N ILE I 141 6.10 13.24 -8.91
CA ILE I 141 6.69 11.96 -9.30
C ILE I 141 5.63 10.90 -9.04
N LEU I 142 5.12 10.29 -10.11
CA LEU I 142 4.05 9.32 -9.96
C LEU I 142 4.41 8.00 -10.62
N PRO I 143 3.90 6.88 -10.12
CA PRO I 143 4.07 5.62 -10.83
C PRO I 143 3.35 5.67 -12.17
N THR I 144 4.01 5.17 -13.20
CA THR I 144 3.47 5.23 -14.55
C THR I 144 2.20 4.38 -14.66
N GLU I 145 1.31 4.80 -15.56
CA GLU I 145 -0.05 4.25 -15.59
C GLU I 145 -0.06 2.77 -15.93
N ASP I 146 0.72 2.35 -16.93
CA ASP I 146 0.70 0.94 -17.34
C ASP I 146 1.24 0.04 -16.23
N PHE I 147 2.10 0.58 -15.35
CA PHE I 147 2.53 -0.17 -14.19
C PHE I 147 1.35 -0.49 -13.28
N ILE I 148 0.51 0.52 -13.01
CA ILE I 148 -0.69 0.30 -12.21
C ILE I 148 -1.62 -0.68 -12.91
N LYS I 149 -1.70 -0.59 -14.23
CA LYS I 149 -2.50 -1.54 -14.99
C LYS I 149 -2.02 -2.97 -14.78
N GLU I 150 -0.70 -3.17 -14.83
CA GLU I 150 -0.14 -4.52 -14.79
C GLU I 150 -0.17 -5.11 -13.39
N VAL I 151 0.11 -4.32 -12.36
CA VAL I 151 0.24 -4.87 -11.02
C VAL I 151 -1.08 -5.00 -10.28
N GLU I 152 -2.15 -4.38 -10.79
CA GLU I 152 -3.46 -4.38 -10.12
C GLU I 152 -3.33 -3.86 -8.68
N GLY I 153 -2.48 -2.86 -8.50
CA GLY I 153 -2.26 -2.25 -7.21
C GLY I 153 -1.25 -2.96 -6.32
N GLU I 154 -1.67 -4.05 -5.68
CA GLU I 154 -0.86 -4.80 -4.72
C GLU I 154 -0.44 -3.96 -3.52
N ARG I 155 -0.92 -2.72 -3.43
CA ARG I 155 -0.70 -1.78 -2.33
C ARG I 155 0.73 -1.24 -2.34
N LEU I 156 1.62 -1.85 -3.11
CA LEU I 156 2.95 -1.32 -3.44
C LEU I 156 3.72 -0.75 -2.26
N ILE I 157 3.47 -1.21 -1.04
CA ILE I 157 4.03 -0.57 0.15
C ILE I 157 4.27 -1.61 1.21
N THR I 158 5.39 -1.49 1.92
CA THR I 158 5.68 -2.30 3.09
C THR I 158 6.01 -1.39 4.27
N ALA I 159 5.83 -1.93 5.47
CA ALA I 159 6.16 -1.22 6.71
C ALA I 159 7.25 -1.99 7.44
N ILE I 160 8.35 -1.31 7.74
CA ILE I 160 9.49 -1.91 8.42
C ILE I 160 9.70 -1.18 9.73
N LYS I 161 9.85 -1.95 10.82
CA LYS I 161 9.99 -1.37 12.15
C LYS I 161 11.45 -1.25 12.53
N HIS I 162 11.83 -0.06 12.99
CA HIS I 162 13.18 0.23 13.47
C HIS I 162 13.10 0.67 14.92
N ASN I 163 14.00 0.13 15.74
CA ASN I 163 14.00 0.43 17.16
C ASN I 163 15.01 1.53 17.48
N ARG I 164 14.92 2.04 18.71
CA ARG I 164 15.86 3.03 19.22
C ARG I 164 16.52 2.40 20.44
N VAL I 165 17.61 1.67 20.20
CA VAL I 165 18.30 0.96 21.28
C VAL I 165 18.91 1.99 22.22
N ASP I 166 18.34 2.11 23.41
CA ASP I 166 18.80 3.06 24.41
C ASP I 166 19.51 2.29 25.51
N VAL I 167 20.82 2.12 25.34
CA VAL I 167 21.65 1.45 26.33
C VAL I 167 22.33 2.51 27.18
N ASP I 168 22.03 2.51 28.48
CA ASP I 168 22.60 3.48 29.40
C ASP I 168 23.98 2.99 29.84
N GLU I 169 24.57 3.68 30.83
CA GLU I 169 25.88 3.27 31.33
C GLU I 169 25.82 1.91 32.01
N LYS I 170 24.66 1.52 32.53
CA LYS I 170 24.47 0.22 33.15
C LYS I 170 23.96 -0.83 32.18
N GLY I 171 23.65 -0.45 30.93
CA GLY I 171 23.12 -1.38 29.96
C GLY I 171 21.71 -1.83 30.27
N ALA I 172 20.77 -0.89 30.27
CA ALA I 172 19.38 -1.18 30.58
C ALA I 172 18.48 -0.46 29.58
N ILE I 173 17.27 -1.01 29.40
CA ILE I 173 16.31 -0.40 28.49
C ILE I 173 15.38 0.58 29.20
N GLY I 174 15.26 0.51 30.53
CA GLY I 174 14.40 1.40 31.26
C GLY I 174 12.95 0.96 31.26
N SER I 175 12.14 1.70 32.00
CA SER I 175 10.71 1.43 32.13
C SER I 175 9.92 2.71 31.99
N SER I 176 10.38 3.62 31.13
CA SER I 176 9.74 4.91 30.88
C SER I 176 9.59 5.74 32.16
N LYS I 177 10.51 5.56 33.10
CA LYS I 177 10.49 6.29 34.36
C LYS I 177 11.83 6.88 34.75
N GLU I 178 12.95 6.36 34.25
CA GLU I 178 14.26 6.89 34.59
C GLU I 178 14.70 8.00 33.64
N GLY I 179 14.21 7.98 32.40
CA GLY I 179 14.62 8.96 31.40
C GLY I 179 15.05 8.30 30.11
N THR I 180 14.74 7.00 29.99
CA THR I 180 15.12 6.26 28.80
C THR I 180 14.29 6.70 27.59
N ALA I 181 14.82 6.40 26.41
CA ALA I 181 14.19 6.76 25.14
C ALA I 181 14.18 5.57 24.20
N GLN I 182 13.76 4.41 24.71
CA GLN I 182 13.70 3.18 23.92
C GLN I 182 12.25 2.94 23.49
N MET I 183 12.00 3.03 22.19
CA MET I 183 10.76 2.57 21.60
C MET I 183 11.06 2.03 20.20
N LEU I 184 10.01 1.80 19.42
CA LEU I 184 10.10 1.09 18.16
C LEU I 184 9.19 1.79 17.15
N PHE I 185 9.78 2.62 16.30
CA PHE I 185 9.00 3.32 15.29
C PHE I 185 8.98 2.47 14.02
N SER I 186 8.31 2.98 12.97
CA SER I 186 8.22 2.24 11.73
C SER I 186 8.22 3.19 10.55
N ARG I 187 8.71 2.69 9.42
CA ARG I 187 8.87 3.47 8.20
C ARG I 187 8.17 2.76 7.06
N GLU I 188 7.63 3.53 6.12
CA GLU I 188 6.93 3.01 4.96
C GLU I 188 7.85 3.06 3.75
N TYR I 189 8.05 1.92 3.11
CA TYR I 189 8.92 1.82 1.94
C TYR I 189 8.11 1.37 0.73
N ALA I 190 8.36 2.02 -0.40
CA ALA I 190 7.62 1.77 -1.62
C ALA I 190 8.59 1.47 -2.76
N THR I 191 8.03 1.11 -3.91
CA THR I 191 8.80 0.81 -5.10
C THR I 191 7.97 1.21 -6.32
N GLY I 192 8.36 0.73 -7.49
CA GLY I 192 7.62 0.96 -8.72
C GLY I 192 8.46 1.65 -9.77
N LEU I 193 7.82 1.88 -10.92
CA LEU I 193 8.44 2.52 -12.06
C LEU I 193 7.81 3.90 -12.21
N TYR I 194 8.47 4.91 -11.68
CA TYR I 194 7.93 6.26 -11.62
C TYR I 194 8.28 7.05 -12.87
N GLY I 195 7.57 8.15 -13.06
CA GLY I 195 7.82 9.06 -14.17
C GLY I 195 8.10 10.46 -13.65
N PHE I 196 9.01 11.17 -14.31
CA PHE I 196 9.43 12.49 -13.88
C PHE I 196 9.51 13.43 -15.07
N SER I 197 9.31 14.71 -14.81
CA SER I 197 9.42 15.73 -15.85
C SER I 197 9.90 17.02 -15.21
N ILE I 198 11.01 17.55 -15.70
CA ILE I 198 11.64 18.74 -15.15
C ILE I 198 11.76 19.78 -16.25
N VAL I 199 11.37 21.02 -15.96
CA VAL I 199 11.43 22.11 -16.91
C VAL I 199 12.50 23.08 -16.45
N LEU I 200 13.49 23.34 -17.30
CA LEU I 200 14.57 24.26 -16.98
C LEU I 200 14.37 25.50 -17.86
N ASP I 201 13.79 26.54 -17.28
CA ASP I 201 13.53 27.79 -18.00
C ASP I 201 14.71 28.75 -17.84
N LEU I 202 15.89 28.26 -18.19
CA LEU I 202 17.13 29.01 -18.01
C LEU I 202 17.31 29.98 -19.19
N GLY I 203 16.56 31.07 -19.15
CA GLY I 203 16.68 32.10 -20.15
C GLY I 203 16.62 33.49 -19.56
N LEU I 204 16.50 33.56 -18.23
CA LEU I 204 16.41 34.84 -17.54
C LEU I 204 17.44 34.94 -16.41
N VAL I 205 18.43 34.05 -16.37
CA VAL I 205 19.46 34.14 -15.35
C VAL I 205 20.25 35.42 -15.55
N GLY I 206 20.38 36.20 -14.48
CA GLY I 206 21.02 37.49 -14.59
C GLY I 206 20.17 38.55 -15.25
N ILE I 207 18.89 38.26 -15.51
CA ILE I 207 18.01 39.19 -16.20
C ILE I 207 16.81 39.50 -15.32
N PRO I 208 16.68 40.74 -14.81
CA PRO I 208 15.50 41.07 -14.02
C PRO I 208 14.24 41.01 -14.86
N GLN I 209 13.14 40.62 -14.21
CA GLN I 209 11.87 40.49 -14.89
C GLN I 209 11.07 41.79 -14.95
N GLY I 210 11.51 42.83 -14.24
CA GLY I 210 10.87 44.12 -14.35
C GLY I 210 11.13 44.79 -15.68
N LEU I 211 12.38 44.76 -16.13
CA LEU I 211 12.80 45.39 -17.39
C LEU I 211 13.67 44.40 -18.16
N PRO I 212 13.05 43.38 -18.77
CA PRO I 212 13.85 42.37 -19.49
C PRO I 212 14.56 42.90 -20.73
N VAL I 213 14.15 44.04 -21.26
CA VAL I 213 14.78 44.61 -22.45
C VAL I 213 15.09 46.08 -22.21
N LYS I 214 15.94 46.63 -23.08
CA LYS I 214 16.40 48.01 -22.95
C LYS I 214 15.91 48.93 -24.06
N PHE I 215 15.93 48.48 -25.32
CA PHE I 215 15.48 49.27 -26.46
C PHE I 215 16.25 50.60 -26.56
N GLU I 216 17.55 50.48 -26.83
CA GLU I 216 18.40 51.65 -26.94
C GLU I 216 18.02 52.51 -28.15
N GLU I 217 17.83 51.88 -29.31
CA GLU I 217 17.20 52.54 -30.46
C GLU I 217 16.17 51.61 -31.08
N ASN I 218 15.32 51.02 -30.23
CA ASN I 218 14.16 50.24 -30.65
C ASN I 218 14.55 48.94 -31.34
N GLN I 219 15.46 48.19 -30.71
CA GLN I 219 15.69 46.81 -31.11
C GLN I 219 15.78 45.98 -29.83
N PRO I 220 15.29 44.74 -29.85
CA PRO I 220 15.35 43.91 -28.65
C PRO I 220 16.78 43.54 -28.30
N ARG I 221 17.03 43.42 -27.00
CA ARG I 221 18.30 42.91 -26.49
C ARG I 221 18.10 42.52 -25.04
N PRO I 222 18.75 41.46 -24.57
CA PRO I 222 18.61 41.08 -23.16
C PRO I 222 19.18 42.15 -22.25
N ASN I 223 18.56 42.30 -21.08
CA ASN I 223 19.02 43.22 -20.06
C ASN I 223 19.74 42.41 -18.99
N ILE I 224 21.06 42.28 -19.15
CA ILE I 224 21.87 41.46 -18.27
C ILE I 224 22.61 42.38 -17.30
N VAL I 225 22.45 42.12 -16.00
CA VAL I 225 23.11 42.89 -14.96
C VAL I 225 24.42 42.24 -14.52
N ILE I 226 24.86 41.19 -15.21
CA ILE I 226 26.10 40.50 -14.89
C ILE I 226 26.90 40.33 -16.17
N ASP I 227 28.21 40.11 -16.00
CA ASP I 227 29.06 39.83 -17.14
C ASP I 227 28.71 38.47 -17.73
N PRO I 228 28.95 38.27 -19.03
CA PRO I 228 28.54 37.01 -19.66
C PRO I 228 29.18 35.78 -19.05
N ASN I 229 30.37 35.90 -18.45
CA ASN I 229 30.99 34.75 -17.80
C ASN I 229 30.16 34.28 -16.61
N GLU I 230 29.61 35.22 -15.84
CA GLU I 230 28.75 34.83 -14.72
C GLU I 230 27.51 34.11 -15.20
N ARG I 231 26.89 34.60 -16.28
CA ARG I 231 25.72 33.94 -16.84
C ARG I 231 26.06 32.55 -17.33
N LYS I 232 27.20 32.40 -18.00
CA LYS I 232 27.63 31.09 -18.48
C LYS I 232 27.86 30.13 -17.33
N ALA I 233 28.52 30.59 -16.27
CA ALA I 233 28.78 29.74 -15.12
C ALA I 233 27.48 29.32 -14.44
N ARG I 234 26.54 30.27 -14.30
CA ARG I 234 25.27 29.94 -13.67
C ARG I 234 24.50 28.91 -14.50
N ILE I 235 24.48 29.08 -15.81
CA ILE I 235 23.77 28.13 -16.67
C ILE I 235 24.42 26.76 -16.61
N GLU I 236 25.76 26.72 -16.64
CA GLU I 236 26.45 25.44 -16.56
C GLU I 236 26.19 24.74 -15.23
N SER I 237 26.19 25.50 -14.13
CA SER I 237 25.89 24.91 -12.84
C SER I 237 24.46 24.37 -12.79
N ALA I 238 23.51 25.13 -13.34
CA ALA I 238 22.13 24.67 -13.36
C ALA I 238 21.99 23.39 -14.18
N LEU I 239 22.67 23.33 -15.32
CA LEU I 239 22.62 22.12 -16.15
C LEU I 239 23.26 20.93 -15.44
N LYS I 240 24.38 21.16 -14.75
CA LYS I 240 25.02 20.07 -14.03
C LYS I 240 24.24 19.66 -12.79
N ALA I 241 23.34 20.52 -12.30
CA ALA I 241 22.53 20.17 -11.15
C ALA I 241 21.58 19.00 -11.44
N LEU I 242 21.38 18.65 -12.70
CA LEU I 242 20.59 17.46 -13.02
C LEU I 242 21.34 16.17 -12.77
N ILE I 243 22.67 16.24 -12.61
CA ILE I 243 23.43 15.03 -12.31
C ILE I 243 23.05 14.44 -10.95
N PRO I 244 22.98 15.21 -9.84
CA PRO I 244 22.52 14.62 -8.59
C PRO I 244 21.00 14.62 -8.46
N MET I 245 20.32 14.30 -9.54
CA MET I 245 18.92 13.88 -9.60
C MET I 245 18.77 12.54 -10.30
N LEU I 246 19.48 12.33 -11.39
CA LEU I 246 19.39 11.10 -12.16
C LEU I 246 20.42 10.07 -11.70
N SER I 247 21.14 10.35 -10.62
CA SER I 247 22.05 9.40 -10.02
C SER I 247 21.53 8.80 -8.72
N GLY I 248 20.58 9.47 -8.05
CA GLY I 248 19.97 8.89 -6.87
C GLY I 248 19.89 9.81 -5.66
N TYR I 249 20.20 11.10 -5.83
CA TYR I 249 20.20 12.05 -4.74
C TYR I 249 18.86 12.76 -4.59
N ILE I 250 17.77 12.11 -5.01
CA ILE I 250 16.43 12.65 -4.87
C ILE I 250 15.76 12.00 -3.67
N GLY I 251 15.23 12.82 -2.77
CA GLY I 251 14.39 12.34 -1.70
C GLY I 251 15.04 12.52 -0.34
N ALA I 252 14.23 12.26 0.68
CA ALA I 252 14.65 12.32 2.06
C ALA I 252 15.09 10.93 2.53
N ASN I 253 15.52 10.86 3.79
CA ASN I 253 15.94 9.61 4.41
C ASN I 253 17.05 8.93 3.60
N LEU I 254 17.97 9.73 3.05
CA LEU I 254 19.05 9.17 2.27
C LEU I 254 20.05 8.43 3.14
N ALA I 255 20.14 8.77 4.43
CA ALA I 255 21.09 8.12 5.31
C ALA I 255 20.79 6.63 5.44
N ARG I 256 19.51 6.27 5.52
CA ARG I 256 19.11 4.88 5.71
C ARG I 256 18.47 4.25 4.48
N SER I 257 17.67 4.99 3.73
CA SER I 257 17.00 4.41 2.56
C SER I 257 17.90 4.44 1.33
N PHE I 258 18.27 5.64 0.87
CA PHE I 258 19.06 5.83 -0.34
C PHE I 258 18.46 5.08 -1.52
N PRO I 259 17.41 5.61 -2.14
CA PRO I 259 16.66 4.86 -3.15
C PRO I 259 17.56 4.24 -4.21
N VAL I 260 17.18 3.04 -4.65
CA VAL I 260 18.01 2.27 -5.58
C VAL I 260 18.17 3.01 -6.90
N PHE I 261 17.06 3.49 -7.47
CA PHE I 261 17.05 4.61 -8.41
C PHE I 261 17.91 4.37 -9.65
N LYS I 262 17.47 3.44 -10.49
CA LYS I 262 18.00 3.32 -11.83
C LYS I 262 17.11 4.05 -12.82
N VAL I 263 17.72 4.90 -13.64
CA VAL I 263 16.98 5.54 -14.72
C VAL I 263 16.72 4.52 -15.81
N GLU I 264 15.47 4.48 -16.31
CA GLU I 264 15.08 3.51 -17.33
C GLU I 264 15.15 4.11 -18.73
N GLU I 265 14.41 5.19 -18.98
CA GLU I 265 14.43 5.79 -20.30
C GLU I 265 14.14 7.28 -20.15
N LEU I 266 14.56 8.06 -21.15
CA LEU I 266 14.36 9.50 -21.05
C LEU I 266 14.46 10.16 -22.41
N VAL I 267 13.78 11.29 -22.53
CA VAL I 267 13.85 12.16 -23.70
C VAL I 267 13.96 13.60 -23.22
N ALA I 268 14.87 14.35 -23.84
CA ALA I 268 15.11 15.74 -23.48
C ALA I 268 15.17 16.59 -24.73
N ILE I 269 14.63 17.81 -24.64
CA ILE I 269 14.68 18.77 -25.73
C ILE I 269 15.32 20.05 -25.21
N ALA I 270 16.00 20.74 -26.10
CA ALA I 270 16.72 21.96 -25.72
C ALA I 270 16.72 22.94 -26.88
N SER I 271 16.35 24.19 -26.61
CA SER I 271 16.35 25.20 -27.65
C SER I 271 16.38 26.58 -27.02
N GLU I 272 16.87 27.54 -27.81
CA GLU I 272 16.97 28.91 -27.30
C GLU I 272 15.61 29.60 -27.22
N GLY I 273 14.72 29.33 -28.18
CA GLY I 273 13.42 29.94 -28.19
C GLY I 273 12.46 29.26 -27.25
N PRO I 274 11.28 29.85 -27.04
CA PRO I 274 10.29 29.23 -26.16
C PRO I 274 9.77 27.93 -26.77
N ILE I 275 9.80 26.86 -25.98
CA ILE I 275 9.45 25.53 -26.45
C ILE I 275 8.34 24.98 -25.56
N PRO I 276 7.32 24.31 -26.12
CA PRO I 276 6.33 23.65 -25.28
C PRO I 276 6.95 22.50 -24.50
N ALA I 277 6.43 22.28 -23.30
CA ALA I 277 6.92 21.20 -22.46
C ALA I 277 6.48 19.85 -23.02
N LEU I 278 7.30 18.83 -22.76
CA LEU I 278 7.00 17.48 -23.23
C LEU I 278 5.89 16.87 -22.39
N VAL I 279 5.38 15.74 -22.87
CA VAL I 279 4.37 14.97 -22.14
C VAL I 279 5.04 14.25 -20.99
N HIS I 280 4.50 14.43 -19.79
CA HIS I 280 5.07 13.81 -18.60
C HIS I 280 5.05 12.29 -18.74
N GLY I 281 6.08 11.64 -18.20
CA GLY I 281 6.29 10.21 -18.42
C GLY I 281 5.29 9.31 -17.72
N PHE I 282 4.39 9.86 -16.91
CA PHE I 282 3.42 9.02 -16.21
C PHE I 282 2.50 8.30 -17.19
N TYR I 283 2.07 8.99 -18.24
CA TYR I 283 1.18 8.38 -19.23
C TYR I 283 1.90 7.28 -20.00
N GLU I 284 1.18 6.19 -20.25
CA GLU I 284 1.78 5.06 -20.98
C GLU I 284 2.08 5.43 -22.42
N ASP I 285 1.20 6.19 -23.06
CA ASP I 285 1.39 6.59 -24.46
C ASP I 285 1.98 8.00 -24.51
N TYR I 286 3.23 8.10 -24.06
CA TYR I 286 3.97 9.36 -24.12
C TYR I 286 5.10 9.34 -25.12
N ILE I 287 5.53 8.18 -25.60
CA ILE I 287 6.56 8.11 -26.62
C ILE I 287 6.04 8.69 -27.93
N GLU I 288 4.86 8.25 -28.36
CA GLU I 288 4.30 8.74 -29.61
C GLU I 288 3.89 10.20 -29.50
N ALA I 289 3.32 10.58 -28.35
CA ALA I 289 2.94 11.98 -28.14
C ALA I 289 4.16 12.89 -28.19
N ASN I 290 5.26 12.48 -27.54
CA ASN I 290 6.48 13.26 -27.59
C ASN I 290 7.08 13.30 -28.99
N ARG I 291 7.03 12.18 -29.70
CA ARG I 291 7.54 12.14 -31.07
C ARG I 291 6.78 13.15 -31.95
N SER I 292 5.46 13.14 -31.86
CA SER I 292 4.67 14.10 -32.63
C SER I 292 4.94 15.53 -32.19
N ILE I 293 5.04 15.75 -30.86
CA ILE I 293 5.17 17.10 -30.36
C ILE I 293 6.55 17.69 -30.66
N ILE I 294 7.55 16.86 -30.93
CA ILE I 294 8.83 17.39 -31.37
C ILE I 294 8.88 17.49 -32.89
N LYS I 295 8.28 16.54 -33.61
CA LYS I 295 8.30 16.61 -35.08
C LYS I 295 7.58 17.86 -35.58
N ASN I 296 6.35 18.08 -35.11
CA ASN I 296 5.60 19.24 -35.56
C ASN I 296 6.25 20.53 -35.10
N ALA I 297 6.78 20.56 -33.87
CA ALA I 297 7.45 21.75 -33.38
C ALA I 297 8.65 22.11 -34.24
N ARG I 298 9.45 21.11 -34.62
CA ARG I 298 10.54 21.36 -35.54
C ARG I 298 10.03 21.78 -36.91
N ALA I 299 8.86 21.28 -37.32
CA ALA I 299 8.27 21.68 -38.58
C ALA I 299 7.85 23.14 -38.59
N LEU I 300 7.40 23.68 -37.46
CA LEU I 300 7.04 25.11 -37.41
C LEU I 300 8.23 26.01 -37.67
N GLY I 301 9.44 25.56 -37.32
CA GLY I 301 10.62 26.38 -37.49
C GLY I 301 11.37 26.62 -36.21
N PHE I 302 11.21 25.71 -35.24
CA PHE I 302 11.94 25.79 -33.98
C PHE I 302 13.24 25.02 -34.10
N ASN I 303 14.36 25.67 -33.75
CA ASN I 303 15.66 25.04 -33.81
C ASN I 303 15.91 24.27 -32.51
N ILE I 304 15.18 23.17 -32.37
CA ILE I 304 15.25 22.36 -31.17
C ILE I 304 16.27 21.24 -31.37
N GLU I 305 16.80 20.75 -30.25
CA GLU I 305 17.69 19.61 -30.23
C GLU I 305 17.10 18.53 -29.33
N VAL I 306 17.13 17.29 -29.78
CA VAL I 306 16.49 16.18 -29.10
C VAL I 306 17.54 15.13 -28.74
N PHE I 307 17.59 14.78 -27.46
CA PHE I 307 18.46 13.74 -26.96
C PHE I 307 17.60 12.64 -26.38
N THR I 308 17.88 11.39 -26.75
CA THR I 308 17.08 10.26 -26.30
C THR I 308 17.98 9.20 -25.69
N TYR I 309 17.53 8.63 -24.57
CA TYR I 309 18.21 7.51 -23.92
C TYR I 309 17.22 6.37 -23.77
N ASN I 310 17.56 5.23 -24.36
CA ASN I 310 16.76 4.00 -24.31
C ASN I 310 15.38 4.18 -24.94
N VAL I 311 15.24 5.16 -25.83
CA VAL I 311 14.03 5.35 -26.61
C VAL I 311 14.43 5.54 -28.07
N ASP I 312 13.59 5.03 -28.97
CA ASP I 312 13.92 5.01 -30.39
C ASP I 312 13.57 6.31 -31.10
N LEU I 313 12.39 6.86 -30.84
CA LEU I 313 11.85 8.03 -31.56
C LEU I 313 11.77 7.80 -33.06
N GLY I 314 11.67 6.55 -33.50
CA GLY I 314 11.64 6.28 -34.92
C GLY I 314 12.97 6.60 -35.58
N GLU I 315 12.88 6.90 -36.88
CA GLU I 315 14.06 7.26 -37.66
C GLU I 315 13.94 8.61 -38.36
N ASP I 316 12.73 9.10 -38.60
CA ASP I 316 12.57 10.41 -39.25
C ASP I 316 13.11 11.53 -38.36
N ILE I 317 12.89 11.41 -37.05
CA ILE I 317 13.37 12.43 -36.12
C ILE I 317 14.88 12.37 -36.02
N GLU I 318 15.53 13.52 -36.19
CA GLU I 318 16.98 13.62 -36.04
C GLU I 318 17.28 13.87 -34.57
N ALA I 319 17.46 12.79 -33.82
CA ALA I 319 17.74 12.85 -32.39
C ALA I 319 19.03 12.11 -32.09
N THR I 320 19.73 12.56 -31.05
CA THR I 320 21.00 11.99 -30.68
C THR I 320 20.82 10.96 -29.57
N LYS I 321 21.39 9.77 -29.76
CA LYS I 321 21.32 8.71 -28.76
C LYS I 321 22.35 8.99 -27.68
N VAL I 322 21.87 9.23 -26.46
CA VAL I 322 22.73 9.52 -25.32
C VAL I 322 22.79 8.29 -24.42
N SER I 323 24.00 7.87 -24.06
CA SER I 323 24.17 6.63 -23.31
C SER I 323 23.77 6.78 -21.85
N SER I 324 24.07 7.93 -21.24
CA SER I 324 23.77 8.12 -19.82
C SER I 324 23.60 9.61 -19.56
N VAL I 325 23.04 9.91 -18.38
CA VAL I 325 22.57 11.26 -18.08
C VAL I 325 23.72 12.26 -18.06
N GLU I 326 24.91 11.85 -17.60
CA GLU I 326 26.04 12.78 -17.61
C GLU I 326 26.48 13.09 -19.03
N GLU I 327 26.36 12.14 -19.95
CA GLU I 327 26.57 12.46 -21.36
C GLU I 327 25.54 13.48 -21.84
N LEU I 328 24.30 13.36 -21.36
CA LEU I 328 23.27 14.31 -21.74
C LEU I 328 23.62 15.72 -21.26
N VAL I 329 24.06 15.84 -20.01
CA VAL I 329 24.39 17.17 -19.52
C VAL I 329 25.65 17.70 -20.20
N ALA I 330 26.58 16.82 -20.58
CA ALA I 330 27.73 17.25 -21.34
C ALA I 330 27.31 17.82 -22.70
N ASN I 331 26.39 17.13 -23.37
CA ASN I 331 25.88 17.63 -24.65
C ASN I 331 25.15 18.95 -24.46
N LEU I 332 24.39 19.08 -23.38
CA LEU I 332 23.69 20.33 -23.10
C LEU I 332 24.67 21.49 -22.89
N VAL I 333 25.72 21.26 -22.11
CA VAL I 333 26.67 22.34 -21.84
C VAL I 333 27.58 22.61 -23.03
N LYS I 334 27.69 21.68 -23.98
CA LYS I 334 28.46 21.95 -25.18
C LYS I 334 27.86 23.10 -25.97
N MET I 335 26.53 23.12 -26.10
CA MET I 335 25.84 24.20 -26.81
C MET I 335 25.44 25.26 -25.79
N VAL I 336 26.41 26.12 -25.47
CA VAL I 336 26.29 27.22 -24.49
C VAL I 336 25.38 26.88 -23.32
N MET J 1 36.73 14.17 0.29
CA MET J 1 36.87 12.98 -0.56
C MET J 1 35.61 12.12 -0.49
N TYR J 2 34.96 11.94 -1.64
CA TYR J 2 33.72 11.20 -1.75
C TYR J 2 33.98 9.88 -2.45
N VAL J 3 33.43 8.79 -1.91
CA VAL J 3 33.64 7.46 -2.48
C VAL J 3 32.31 6.72 -2.52
N ARG J 4 32.04 6.10 -3.67
CA ARG J 4 30.81 5.36 -3.91
C ARG J 4 31.18 3.95 -4.33
N ILE J 5 30.69 2.96 -3.59
CA ILE J 5 30.97 1.56 -3.88
C ILE J 5 29.64 0.83 -4.03
N SER J 6 29.53 0.01 -5.07
CA SER J 6 28.33 -0.79 -5.28
C SER J 6 28.72 -2.09 -5.94
N GLY J 7 28.05 -3.17 -5.54
CA GLY J 7 28.41 -4.46 -6.08
C GLY J 7 27.43 -5.54 -5.65
N ARG J 8 27.78 -6.77 -6.01
CA ARG J 8 26.97 -7.95 -5.73
C ARG J 8 27.73 -8.90 -4.84
N ILE J 9 27.03 -9.44 -3.84
CA ILE J 9 27.59 -10.36 -2.86
C ILE J 9 26.67 -11.58 -2.79
N ARG J 10 27.21 -12.67 -2.26
CA ARG J 10 26.47 -13.92 -2.10
C ARG J 10 26.27 -14.21 -0.62
N LEU J 11 25.04 -14.47 -0.22
CA LEU J 11 24.70 -14.79 1.16
C LEU J 11 24.03 -16.15 1.22
N ASN J 12 24.32 -16.90 2.26
CA ASN J 12 23.70 -18.21 2.48
C ASN J 12 23.52 -18.41 3.97
N ALA J 13 22.37 -18.98 4.35
CA ALA J 13 22.10 -19.33 5.74
C ALA J 13 22.17 -18.10 6.65
N HIS J 14 21.88 -16.93 6.10
CA HIS J 14 21.87 -15.68 6.85
C HIS J 14 20.49 -15.45 7.44
N SER J 15 20.45 -14.74 8.56
CA SER J 15 19.18 -14.35 9.17
C SER J 15 19.25 -12.91 9.64
N LEU J 16 19.94 -12.07 8.87
CA LEU J 16 20.18 -10.70 9.28
C LEU J 16 18.90 -9.89 9.24
N ASN J 17 18.77 -8.98 10.22
CA ASN J 17 17.67 -8.01 10.28
C ASN J 17 16.31 -8.71 10.27
N ALA J 18 16.08 -9.51 11.31
CA ALA J 18 14.79 -10.18 11.46
C ALA J 18 13.75 -9.23 12.02
N GLN J 19 12.48 -9.56 11.79
CA GLN J 19 11.36 -8.77 12.29
C GLN J 19 11.06 -9.03 13.76
N GLY J 20 11.91 -9.77 14.46
CA GLY J 20 11.71 -10.03 15.87
C GLY J 20 10.51 -10.93 16.10
N GLY J 21 10.20 -11.12 17.38
CA GLY J 21 9.07 -11.95 17.76
C GLY J 21 8.13 -11.26 18.71
N GLY J 22 8.60 -10.19 19.35
CA GLY J 22 7.80 -9.53 20.37
C GLY J 22 7.50 -10.42 21.56
N GLY J 23 8.49 -11.23 21.96
CA GLY J 23 8.29 -12.17 23.04
C GLY J 23 7.65 -13.47 22.65
N THR J 24 7.42 -13.71 21.36
CA THR J 24 6.77 -14.92 20.90
C THR J 24 7.83 -15.95 20.49
N ASN J 25 7.38 -17.05 19.90
CA ASN J 25 8.25 -18.15 19.51
C ASN J 25 8.54 -18.18 18.02
N TYR J 26 8.22 -17.12 17.29
CA TYR J 26 8.51 -17.05 15.86
C TYR J 26 9.17 -15.73 15.55
N ILE J 27 10.35 -15.79 14.92
CA ILE J 27 11.08 -14.61 14.48
C ILE J 27 11.40 -14.77 13.00
N GLU J 28 11.06 -13.76 12.20
CA GLU J 28 11.14 -13.84 10.75
C GLU J 28 11.93 -12.66 10.21
N ILE J 29 12.58 -12.89 9.06
CA ILE J 29 13.41 -11.86 8.45
C ILE J 29 12.53 -10.81 7.77
N THR J 30 13.05 -9.59 7.67
CA THR J 30 12.31 -8.52 7.03
C THR J 30 12.16 -8.80 5.53
N LYS J 31 10.98 -8.47 5.00
CA LYS J 31 10.68 -8.65 3.59
C LYS J 31 10.11 -7.38 3.01
N THR J 32 10.35 -7.16 1.72
CA THR J 32 9.88 -5.96 1.05
C THR J 32 9.63 -6.25 -0.41
N LYS J 33 8.89 -5.35 -1.06
CA LYS J 33 8.45 -5.53 -2.43
C LYS J 33 9.46 -4.93 -3.41
N VAL J 34 9.68 -5.62 -4.53
CA VAL J 34 10.50 -5.14 -5.63
C VAL J 34 9.75 -5.40 -6.93
N THR J 35 10.16 -4.69 -7.97
CA THR J 35 9.52 -4.75 -9.28
C THR J 35 10.51 -5.30 -10.30
N VAL J 36 10.07 -6.28 -11.09
CA VAL J 36 10.92 -6.88 -12.10
C VAL J 36 10.15 -6.95 -13.42
N ARG J 37 10.91 -6.96 -14.53
CA ARG J 37 10.31 -6.96 -15.85
C ARG J 37 9.69 -8.31 -16.19
N THR J 38 10.42 -9.40 -15.90
CA THR J 38 10.01 -10.79 -16.13
C THR J 38 9.38 -11.02 -17.50
N GLU J 39 9.76 -10.20 -18.49
CA GLU J 39 9.34 -10.30 -19.89
C GLU J 39 7.83 -10.44 -20.06
N ASN J 40 7.06 -10.15 -19.00
CA ASN J 40 5.61 -10.24 -19.04
C ASN J 40 4.96 -9.07 -18.32
N GLY J 41 5.60 -7.90 -18.37
CA GLY J 41 5.11 -6.77 -17.61
C GLY J 41 5.75 -6.69 -16.23
N TRP J 42 5.84 -5.47 -15.71
CA TRP J 42 6.50 -5.22 -14.44
C TRP J 42 5.65 -5.81 -13.32
N THR J 43 6.10 -6.94 -12.79
CA THR J 43 5.42 -7.59 -11.67
C THR J 43 6.14 -7.28 -10.36
N VAL J 44 5.38 -7.35 -9.27
CA VAL J 44 5.87 -7.02 -7.94
C VAL J 44 5.99 -8.31 -7.15
N VAL J 45 7.17 -8.58 -6.62
CA VAL J 45 7.43 -9.76 -5.82
C VAL J 45 8.01 -9.34 -4.48
N GLU J 46 7.70 -10.12 -3.44
CA GLU J 46 8.16 -9.85 -2.09
C GLU J 46 9.38 -10.72 -1.79
N VAL J 47 10.48 -10.08 -1.41
CA VAL J 47 11.74 -10.78 -1.19
C VAL J 47 12.33 -10.38 0.15
N PRO J 48 13.11 -11.24 0.79
CA PRO J 48 13.78 -10.84 2.03
C PRO J 48 14.83 -9.78 1.78
N ALA J 49 15.02 -8.90 2.77
CA ALA J 49 15.99 -7.82 2.65
C ALA J 49 16.39 -7.38 4.04
N ILE J 50 17.53 -6.69 4.11
CA ILE J 50 18.02 -6.11 5.36
C ILE J 50 18.06 -4.60 5.19
N THR J 51 17.47 -3.89 6.14
CA THR J 51 17.28 -2.46 6.00
C THR J 51 18.62 -1.73 6.02
N GLY J 52 18.64 -0.57 5.38
CA GLY J 52 19.84 0.24 5.35
C GLY J 52 20.21 0.83 6.69
N ASN J 53 19.24 0.96 7.60
CA ASN J 53 19.54 1.47 8.93
C ASN J 53 20.51 0.55 9.66
N MET J 54 20.27 -0.76 9.59
CA MET J 54 21.16 -1.73 10.23
C MET J 54 22.54 -1.73 9.59
N LEU J 55 22.59 -1.60 8.26
CA LEU J 55 23.89 -1.52 7.58
C LEU J 55 24.66 -0.29 8.02
N LYS J 56 23.97 0.85 8.14
CA LYS J 56 24.62 2.07 8.61
C LYS J 56 25.13 1.90 10.04
N HIS J 57 24.33 1.24 10.89
CA HIS J 57 24.80 1.01 12.26
C HIS J 57 26.02 0.11 12.29
N TRP J 58 26.06 -0.91 11.44
CA TRP J 58 27.24 -1.78 11.42
C TRP J 58 28.45 -1.04 10.87
N HIS J 59 28.24 -0.13 9.92
CA HIS J 59 29.34 0.74 9.48
C HIS J 59 29.84 1.59 10.64
N PHE J 60 28.92 2.11 11.45
CA PHE J 60 29.33 2.89 12.61
C PHE J 60 30.11 2.04 13.60
N VAL J 61 29.71 0.79 13.77
CA VAL J 61 30.44 -0.13 14.65
C VAL J 61 31.86 -0.33 14.13
N GLY J 62 32.00 -0.57 12.82
CA GLY J 62 33.32 -0.70 12.25
C GLY J 62 34.16 0.55 12.42
N PHE J 63 33.54 1.72 12.22
CA PHE J 63 34.26 2.98 12.34
C PHE J 63 34.75 3.20 13.77
N VAL J 64 33.89 2.99 14.75
CA VAL J 64 34.28 3.17 16.14
C VAL J 64 35.24 2.09 16.60
N ASP J 65 35.24 0.93 15.94
CA ASP J 65 36.21 -0.11 16.26
C ASP J 65 37.59 0.28 15.74
N TYR J 66 37.66 0.81 14.52
CA TYR J 66 38.95 1.16 13.94
C TYR J 66 39.45 2.53 14.36
N PHE J 67 38.62 3.34 15.03
CA PHE J 67 39.07 4.64 15.49
C PHE J 67 39.70 4.60 16.87
N LYS J 68 39.43 3.56 17.66
CA LYS J 68 40.00 3.49 19.01
C LYS J 68 41.52 3.37 18.96
N THR J 69 42.06 2.53 18.06
CA THR J 69 43.49 2.32 17.98
C THR J 69 44.23 3.58 17.52
N THR J 70 43.55 4.50 16.87
CA THR J 70 44.16 5.76 16.48
C THR J 70 44.52 6.56 17.73
N PRO J 71 45.70 7.19 17.76
CA PRO J 71 46.07 8.00 18.93
C PRO J 71 45.09 9.11 19.24
N TYR J 72 44.31 9.56 18.27
CA TYR J 72 43.29 10.58 18.48
C TYR J 72 41.95 9.97 18.92
N GLY J 73 41.96 8.77 19.48
CA GLY J 73 40.75 8.09 19.86
C GLY J 73 40.08 8.60 21.11
N VAL J 74 40.73 9.51 21.84
CA VAL J 74 40.10 10.08 23.04
C VAL J 74 38.88 10.90 22.64
N ASN J 75 38.95 11.59 21.50
CA ASN J 75 37.83 12.39 21.01
C ASN J 75 36.75 11.46 20.46
N LEU J 76 35.94 10.94 21.38
CA LEU J 76 34.89 10.00 21.01
C LEU J 76 33.80 10.05 22.07
N THR J 77 32.59 9.73 21.66
CA THR J 77 31.47 9.68 22.59
C THR J 77 31.58 8.41 23.44
N GLU J 78 31.46 8.57 24.76
CA GLU J 78 31.55 7.42 25.65
C GLU J 78 30.46 6.40 25.36
N ARG J 79 29.26 6.88 25.05
CA ARG J 79 28.16 5.98 24.71
C ARG J 79 28.47 5.15 23.48
N ALA J 80 29.31 5.67 22.58
CA ALA J 80 29.67 4.95 21.37
C ALA J 80 30.67 3.82 21.61
N LEU J 81 31.32 3.79 22.78
CA LEU J 81 32.26 2.71 23.06
C LEU J 81 31.56 1.36 23.08
N ARG J 82 30.36 1.31 23.67
CA ARG J 82 29.56 0.09 23.72
C ARG J 82 28.66 -0.06 22.51
N TYR J 83 28.98 0.61 21.41
CA TYR J 83 28.25 0.48 20.14
C TYR J 83 26.78 0.84 20.31
N ASN J 84 26.50 1.84 21.13
CA ASN J 84 25.13 2.32 21.34
C ASN J 84 24.84 3.41 20.33
N GLY J 85 24.05 3.09 19.32
CA GLY J 85 23.70 4.05 18.30
C GLY J 85 22.57 4.97 18.72
N THR J 86 22.88 5.93 19.58
CA THR J 86 21.88 6.88 20.07
C THR J 86 22.20 8.32 19.72
N ARG J 87 23.47 8.67 19.50
CA ARG J 87 23.89 10.04 19.28
C ARG J 87 23.51 10.92 20.45
N PHE J 88 22.37 11.60 20.37
CA PHE J 88 21.93 12.48 21.44
C PHE J 88 20.56 12.16 21.99
N GLY J 89 19.87 11.14 21.46
CA GLY J 89 18.58 10.80 22.00
C GLY J 89 17.57 11.91 21.79
N GLN J 90 16.62 12.00 22.73
CA GLN J 90 15.58 13.03 22.68
C GLN J 90 15.69 14.00 23.85
N GLY J 91 15.61 13.51 25.08
CA GLY J 91 15.67 14.38 26.24
C GLY J 91 17.06 14.50 26.84
N GLU J 92 18.04 14.91 26.04
CA GLU J 92 19.42 15.02 26.50
C GLU J 92 19.95 16.42 26.22
N THR J 93 20.73 16.94 27.16
CA THR J 93 21.37 18.24 27.05
C THR J 93 22.88 18.15 27.04
N THR J 94 23.48 17.34 27.91
CA THR J 94 24.91 17.15 27.98
C THR J 94 25.25 15.73 27.54
N ALA J 95 26.19 15.61 26.61
CA ALA J 95 26.62 14.31 26.11
C ALA J 95 27.89 13.88 26.82
N THR J 96 27.94 12.61 27.20
CA THR J 96 29.12 12.06 27.86
C THR J 96 30.29 11.95 26.89
N LYS J 97 31.49 12.09 27.42
CA LYS J 97 32.73 12.00 26.66
C LYS J 97 33.46 10.72 27.08
N ALA J 98 34.14 10.09 26.12
CA ALA J 98 34.88 8.87 26.41
C ALA J 98 35.90 9.10 27.51
N ASN J 99 36.56 10.27 27.50
CA ASN J 99 37.50 10.60 28.55
C ASN J 99 36.81 10.68 29.91
N GLY J 100 35.58 11.19 29.93
CA GLY J 100 34.84 11.33 31.17
C GLY J 100 34.28 12.72 31.34
N ALA J 101 34.59 13.61 30.40
CA ALA J 101 34.13 14.99 30.46
C ALA J 101 32.70 15.07 29.95
N THR J 102 32.19 16.30 29.84
CA THR J 102 30.84 16.55 29.35
C THR J 102 30.89 17.52 28.19
N VAL J 103 29.95 17.35 27.26
CA VAL J 103 29.90 18.15 26.04
C VAL J 103 28.53 18.82 25.97
N GLN J 104 28.53 20.14 25.82
CA GLN J 104 27.28 20.86 25.63
C GLN J 104 26.73 20.60 24.24
N LEU J 105 25.42 20.39 24.15
CA LEU J 105 24.81 19.97 22.89
C LEU J 105 24.93 21.06 21.83
N ASN J 106 24.81 22.32 22.25
CA ASN J 106 24.89 23.44 21.31
C ASN J 106 26.33 23.60 20.83
N ASP J 107 26.54 24.60 19.97
CA ASP J 107 27.85 24.88 19.37
C ASP J 107 28.35 23.66 18.61
N GLU J 108 27.64 23.37 17.53
CA GLU J 108 27.90 22.21 16.66
C GLU J 108 29.37 22.03 16.34
N ALA J 109 30.12 23.13 16.26
CA ALA J 109 31.56 23.03 16.04
C ALA J 109 32.23 22.26 17.16
N THR J 110 31.86 22.54 18.41
CA THR J 110 32.40 21.76 19.53
C THR J 110 31.98 20.30 19.43
N ILE J 111 30.73 20.06 19.04
CA ILE J 111 30.23 18.69 18.94
C ILE J 111 31.07 17.90 17.94
N ILE J 112 31.36 18.50 16.79
CA ILE J 112 32.09 17.77 15.75
C ILE J 112 33.57 17.71 16.07
N LYS J 113 34.11 18.68 16.81
CA LYS J 113 35.53 18.64 17.14
C LYS J 113 35.84 17.73 18.32
N GLU J 114 34.85 17.39 19.13
CA GLU J 114 35.09 16.57 20.30
C GLU J 114 34.56 15.14 20.16
N LEU J 115 33.45 14.96 19.45
CA LEU J 115 32.89 13.63 19.19
C LEU J 115 33.15 13.26 17.74
N ALA J 116 33.70 12.06 17.52
CA ALA J 116 34.04 11.62 16.17
C ALA J 116 32.88 10.93 15.48
N ASP J 117 32.09 10.14 16.20
CA ASP J 117 30.95 9.47 15.57
C ASP J 117 29.92 10.48 15.10
N ALA J 118 29.67 11.53 15.89
CA ALA J 118 28.76 12.57 15.47
C ALA J 118 29.29 13.32 14.25
N ASP J 119 30.62 13.38 14.11
CA ASP J 119 31.20 14.01 12.93
C ASP J 119 30.85 13.25 11.66
N VAL J 120 30.92 11.93 11.70
CA VAL J 120 30.76 11.11 10.50
C VAL J 120 29.31 10.80 10.22
N HIS J 121 28.59 10.29 11.22
CA HIS J 121 27.22 9.81 11.02
C HIS J 121 26.17 10.85 11.34
N GLY J 122 26.56 12.08 11.66
CA GLY J 122 25.60 13.11 11.99
C GLY J 122 24.97 12.86 13.35
N PHE J 123 24.11 13.78 13.74
CA PHE J 123 23.47 13.69 15.06
C PHE J 123 22.24 14.59 15.06
N LEU J 124 21.40 14.39 16.07
CA LEU J 124 20.22 15.22 16.28
C LEU J 124 20.04 15.46 17.76
N ALA J 125 20.01 16.73 18.17
CA ALA J 125 19.76 17.13 19.55
C ALA J 125 18.50 17.98 19.54
N PRO J 126 17.34 17.37 19.81
CA PRO J 126 16.07 18.11 19.73
C PRO J 126 15.83 19.05 20.89
N LYS J 127 16.54 18.88 22.02
CA LYS J 127 16.32 19.77 23.16
C LYS J 127 16.65 21.22 22.81
N THR J 128 17.76 21.43 22.11
CA THR J 128 18.06 22.74 21.53
C THR J 128 17.64 22.85 20.08
N GLY J 129 17.79 21.77 19.30
CA GLY J 129 17.43 21.77 17.90
C GLY J 129 18.59 21.61 16.94
N ARG J 130 19.73 21.10 17.40
CA ARG J 130 20.91 21.00 16.54
C ARG J 130 20.83 19.76 15.66
N ARG J 131 21.18 19.93 14.39
CA ARG J 131 21.11 18.85 13.43
C ARG J 131 22.42 18.76 12.67
N ARG J 132 22.80 17.55 12.28
CA ARG J 132 23.94 17.36 11.39
C ARG J 132 23.69 16.10 10.57
N VAL J 133 23.53 16.28 9.26
CA VAL J 133 23.20 15.17 8.38
C VAL J 133 24.34 14.16 8.36
N SER J 134 23.97 12.88 8.22
CA SER J 134 24.97 11.84 8.15
C SER J 134 25.80 11.97 6.89
N LEU J 135 27.12 11.84 7.05
CA LEU J 135 28.02 11.86 5.91
C LEU J 135 28.23 10.49 5.29
N VAL J 136 27.57 9.46 5.82
CA VAL J 136 27.58 8.13 5.25
C VAL J 136 26.14 7.75 4.95
N LYS J 137 25.86 7.42 3.70
CA LYS J 137 24.52 7.05 3.26
C LYS J 137 24.54 5.58 2.85
N ALA J 138 23.66 4.78 3.45
CA ALA J 138 23.58 3.36 3.16
C ALA J 138 22.24 3.05 2.52
N SER J 139 22.27 2.22 1.49
CA SER J 139 21.07 1.80 0.78
C SER J 139 20.66 0.40 1.21
N PHE J 140 19.46 0.00 0.78
CA PHE J 140 18.95 -1.32 1.12
C PHE J 140 19.79 -2.39 0.44
N ILE J 141 19.59 -3.64 0.88
CA ILE J 141 20.30 -4.79 0.33
C ILE J 141 19.24 -5.76 -0.16
N LEU J 142 18.92 -5.69 -1.45
CA LEU J 142 17.93 -6.56 -2.05
C LEU J 142 18.60 -7.65 -2.89
N PRO J 143 17.97 -8.82 -3.02
CA PRO J 143 18.46 -9.79 -3.98
C PRO J 143 18.40 -9.24 -5.39
N THR J 144 19.41 -9.54 -6.19
CA THR J 144 19.54 -8.93 -7.51
C THR J 144 18.40 -9.39 -8.43
N GLU J 145 18.06 -8.50 -9.38
CA GLU J 145 16.85 -8.69 -10.17
C GLU J 145 16.92 -9.94 -11.03
N ASP J 146 18.06 -10.17 -11.68
CA ASP J 146 18.14 -11.33 -12.58
C ASP J 146 18.06 -12.64 -11.82
N PHE J 147 18.54 -12.68 -10.57
CA PHE J 147 18.39 -13.88 -9.76
C PHE J 147 16.92 -14.18 -9.50
N ILE J 148 16.15 -13.16 -9.15
CA ILE J 148 14.70 -13.34 -8.94
C ILE J 148 14.04 -13.78 -10.24
N LYS J 149 14.44 -13.17 -11.35
CA LYS J 149 13.82 -13.49 -12.64
C LYS J 149 14.11 -14.93 -13.05
N GLU J 150 15.34 -15.41 -12.80
CA GLU J 150 15.74 -16.74 -13.24
C GLU J 150 15.48 -17.83 -12.21
N VAL J 151 15.03 -17.47 -11.00
CA VAL J 151 14.64 -18.50 -10.04
C VAL J 151 13.17 -18.89 -10.22
N GLU J 152 12.37 -18.06 -10.90
CA GLU J 152 10.98 -18.36 -11.21
C GLU J 152 10.16 -18.58 -9.93
N GLY J 153 10.03 -17.52 -9.14
CA GLY J 153 9.34 -17.63 -7.87
C GLY J 153 10.05 -18.62 -6.98
N GLU J 154 9.31 -19.59 -6.45
CA GLU J 154 9.87 -20.69 -5.67
C GLU J 154 10.67 -20.16 -4.48
N ARG J 155 9.92 -19.55 -3.55
CA ARG J 155 10.48 -18.82 -2.41
C ARG J 155 11.64 -19.58 -1.77
N LEU J 156 12.65 -18.83 -1.37
CA LEU J 156 13.92 -19.38 -0.90
C LEU J 156 14.16 -19.12 0.59
N ILE J 157 13.12 -18.78 1.33
CA ILE J 157 13.20 -18.57 2.78
C ILE J 157 12.78 -19.86 3.46
N THR J 158 13.66 -20.40 4.30
CA THR J 158 13.38 -21.65 5.01
C THR J 158 13.28 -21.37 6.50
N ALA J 159 12.26 -21.91 7.14
CA ALA J 159 12.02 -21.69 8.56
C ALA J 159 12.58 -22.87 9.33
N ILE J 160 13.69 -22.64 10.04
CA ILE J 160 14.33 -23.67 10.84
C ILE J 160 13.96 -23.44 12.30
N LYS J 161 13.53 -24.50 12.98
CA LYS J 161 13.14 -24.44 14.37
C LYS J 161 14.18 -25.17 15.19
N HIS J 162 14.89 -24.42 16.04
CA HIS J 162 15.89 -24.96 16.95
C HIS J 162 15.61 -24.48 18.36
N ASN J 163 15.66 -25.41 19.31
CA ASN J 163 14.95 -25.28 20.57
C ASN J 163 15.73 -24.45 21.59
N ARG J 164 15.27 -24.52 22.85
CA ARG J 164 15.88 -23.85 23.98
C ARG J 164 15.86 -24.85 25.13
N VAL J 165 16.98 -25.52 25.35
CA VAL J 165 17.06 -26.54 26.40
C VAL J 165 17.07 -25.87 27.76
N ASP J 166 16.22 -26.34 28.67
CA ASP J 166 16.10 -25.80 30.02
C ASP J 166 16.19 -26.98 31.00
N VAL J 167 17.40 -27.32 31.41
CA VAL J 167 17.62 -28.36 32.40
C VAL J 167 17.58 -27.72 33.78
N ASP J 168 16.63 -28.16 34.60
CA ASP J 168 16.51 -27.65 35.95
C ASP J 168 17.59 -28.25 36.84
N GLU J 169 17.69 -27.73 38.07
CA GLU J 169 18.66 -28.26 39.03
C GLU J 169 18.39 -29.73 39.36
N LYS J 170 17.15 -30.19 39.18
CA LYS J 170 16.82 -31.60 39.32
C LYS J 170 16.89 -32.36 38.00
N GLY J 171 17.30 -31.71 36.92
CA GLY J 171 17.31 -32.34 35.62
C GLY J 171 15.93 -32.69 35.08
N ALA J 172 14.98 -31.76 35.20
CA ALA J 172 13.61 -31.97 34.76
C ALA J 172 13.18 -30.87 33.80
N ILE J 173 12.26 -31.22 32.92
CA ILE J 173 11.71 -30.28 31.93
C ILE J 173 10.19 -30.29 32.08
N GLY J 174 9.62 -29.09 32.24
CA GLY J 174 8.18 -28.97 32.41
C GLY J 174 7.59 -27.81 31.65
N SER J 175 6.54 -27.20 32.20
CA SER J 175 5.87 -26.07 31.60
C SER J 175 5.95 -24.87 32.54
N SER J 176 5.24 -23.79 32.18
CA SER J 176 5.24 -22.57 32.98
C SER J 176 4.54 -22.74 34.31
N LYS J 177 3.77 -23.83 34.49
CA LYS J 177 3.09 -24.05 35.76
C LYS J 177 4.06 -24.32 36.90
N GLU J 178 5.28 -24.80 36.59
CA GLU J 178 6.28 -25.10 37.60
C GLU J 178 7.36 -24.04 37.72
N GLY J 179 7.39 -23.06 36.84
CA GLY J 179 8.40 -22.04 36.83
C GLY J 179 9.53 -22.23 35.84
N THR J 180 9.30 -22.98 34.77
CA THR J 180 10.32 -23.25 33.78
C THR J 180 10.07 -22.42 32.51
N ALA J 181 11.02 -22.52 31.58
CA ALA J 181 10.93 -21.80 30.30
C ALA J 181 11.40 -22.75 29.21
N GLN J 182 10.45 -23.35 28.49
CA GLN J 182 10.74 -24.29 27.43
C GLN J 182 9.91 -23.90 26.20
N MET J 183 10.54 -23.21 25.25
CA MET J 183 9.90 -22.83 24.00
C MET J 183 10.78 -23.24 22.84
N LEU J 184 10.16 -23.71 21.77
CA LEU J 184 10.87 -24.11 20.55
C LEU J 184 10.73 -22.98 19.53
N PHE J 185 11.49 -21.91 19.76
CA PHE J 185 11.41 -20.75 18.88
C PHE J 185 11.96 -21.09 17.50
N SER J 186 11.36 -20.50 16.48
CA SER J 186 11.71 -20.76 15.09
C SER J 186 12.25 -19.48 14.47
N ARG J 187 13.27 -19.63 13.62
CA ARG J 187 13.86 -18.49 12.91
C ARG J 187 13.93 -18.79 11.43
N GLU J 188 13.77 -17.74 10.61
CA GLU J 188 13.78 -17.86 9.16
C GLU J 188 15.17 -17.53 8.64
N TYR J 189 15.75 -18.46 7.90
CA TYR J 189 17.05 -18.28 7.27
C TYR J 189 16.87 -18.22 5.75
N ALA J 190 17.67 -17.38 5.10
CA ALA J 190 17.55 -17.19 3.66
C ALA J 190 18.90 -17.27 2.97
N THR J 191 18.91 -16.97 1.67
CA THR J 191 20.13 -17.00 0.87
C THR J 191 19.91 -16.12 -0.35
N GLY J 192 20.86 -16.15 -1.27
CA GLY J 192 20.72 -15.48 -2.55
C GLY J 192 21.85 -14.52 -2.83
N LEU J 193 21.77 -13.92 -4.02
CA LEU J 193 22.78 -12.99 -4.50
C LEU J 193 22.21 -11.58 -4.38
N TYR J 194 22.73 -10.83 -3.41
CA TYR J 194 22.22 -9.51 -3.09
C TYR J 194 23.14 -8.42 -3.62
N GLY J 195 22.67 -7.18 -3.54
CA GLY J 195 23.44 -6.05 -4.00
C GLY J 195 23.52 -4.96 -2.94
N PHE J 196 24.64 -4.25 -2.96
CA PHE J 196 24.91 -3.18 -2.00
C PHE J 196 25.36 -1.93 -2.75
N SER J 197 24.96 -0.77 -2.22
CA SER J 197 25.22 0.52 -2.85
C SER J 197 25.72 1.52 -1.83
N ILE J 198 26.74 1.13 -1.06
CA ILE J 198 27.27 2.00 -0.01
C ILE J 198 27.88 3.24 -0.65
N VAL J 199 27.35 4.41 -0.26
CA VAL J 199 27.85 5.71 -0.73
C VAL J 199 28.22 6.54 0.49
N LEU J 200 29.42 7.13 0.47
CA LEU J 200 29.83 7.91 1.62
C LEU J 200 30.71 9.07 1.20
N ASP J 201 30.33 10.26 1.66
CA ASP J 201 31.01 11.51 1.37
C ASP J 201 31.78 11.93 2.61
N LEU J 202 33.08 12.16 2.45
CA LEU J 202 33.93 12.52 3.57
C LEU J 202 34.53 13.91 3.43
N GLY J 203 34.05 14.71 2.46
CA GLY J 203 34.56 16.06 2.32
C GLY J 203 34.14 17.01 3.41
N LEU J 204 33.07 16.68 4.13
CA LEU J 204 32.57 17.51 5.23
C LEU J 204 33.00 17.00 6.59
N VAL J 205 33.93 16.05 6.65
CA VAL J 205 34.40 15.53 7.92
C VAL J 205 35.11 16.64 8.68
N GLY J 206 34.62 16.94 9.87
CA GLY J 206 35.17 18.03 10.65
C GLY J 206 34.73 19.41 10.22
N ILE J 207 33.83 19.51 9.27
CA ILE J 207 33.36 20.78 8.73
C ILE J 207 31.96 21.04 9.27
N PRO J 208 31.76 22.07 10.07
CA PRO J 208 30.40 22.38 10.56
C PRO J 208 29.49 22.76 9.41
N GLN J 209 28.22 22.37 9.53
CA GLN J 209 27.24 22.66 8.49
C GLN J 209 26.72 24.09 8.54
N GLY J 210 26.97 24.82 9.63
CA GLY J 210 26.53 26.20 9.70
C GLY J 210 27.37 27.15 8.86
N LEU J 211 28.59 26.77 8.54
CA LEU J 211 29.48 27.62 7.76
C LEU J 211 30.60 26.77 7.15
N PRO J 212 30.34 26.08 6.05
CA PRO J 212 31.38 25.20 5.47
C PRO J 212 32.63 25.94 5.04
N VAL J 213 32.51 27.18 4.57
CA VAL J 213 33.66 27.93 4.09
C VAL J 213 33.76 29.24 4.86
N LYS J 214 34.95 29.82 4.86
CA LYS J 214 35.24 31.01 5.65
C LYS J 214 35.26 32.29 4.85
N PHE J 215 35.75 32.26 3.60
CA PHE J 215 35.89 33.45 2.77
C PHE J 215 36.74 34.52 3.46
N GLU J 216 37.98 34.14 3.77
CA GLU J 216 38.91 35.07 4.39
C GLU J 216 39.24 36.22 3.45
N GLU J 217 39.54 35.90 2.19
CA GLU J 217 39.89 36.91 1.18
C GLU J 217 39.18 36.57 -0.13
N ASN J 218 37.89 36.23 -0.04
CA ASN J 218 37.09 35.83 -1.20
C ASN J 218 37.67 34.58 -1.86
N GLN J 219 37.97 33.58 -1.05
CA GLN J 219 38.43 32.29 -1.54
C GLN J 219 37.68 31.18 -0.83
N PRO J 220 37.40 30.08 -1.53
CA PRO J 220 36.70 28.94 -0.90
C PRO J 220 37.61 28.17 0.04
N ARG J 221 37.84 28.74 1.22
CA ARG J 221 38.69 28.11 2.22
C ARG J 221 37.87 27.17 3.08
N PRO J 222 38.15 25.87 3.07
CA PRO J 222 37.40 24.95 3.94
C PRO J 222 37.58 25.31 5.41
N ASN J 223 36.50 25.16 6.17
CA ASN J 223 36.50 25.51 7.58
C ASN J 223 36.67 24.24 8.41
N ILE J 224 37.92 23.82 8.56
CA ILE J 224 38.26 22.65 9.37
C ILE J 224 38.45 23.12 10.81
N VAL J 225 37.66 22.57 11.73
CA VAL J 225 37.75 22.94 13.13
C VAL J 225 38.62 21.99 13.93
N ILE J 226 39.16 20.95 13.30
CA ILE J 226 40.03 20.00 13.99
C ILE J 226 41.42 20.05 13.36
N ASP J 227 42.36 19.32 13.95
CA ASP J 227 43.70 19.25 13.36
C ASP J 227 43.64 18.50 12.04
N PRO J 228 44.40 18.94 11.04
CA PRO J 228 44.41 18.21 9.75
C PRO J 228 44.83 16.76 9.90
N ASN J 229 45.77 16.47 10.81
CA ASN J 229 46.13 15.09 11.08
C ASN J 229 44.94 14.31 11.63
N GLU J 230 44.17 14.94 12.52
CA GLU J 230 42.98 14.29 13.05
C GLU J 230 41.96 14.02 11.94
N ARG J 231 41.78 14.97 11.02
CA ARG J 231 40.87 14.77 9.91
C ARG J 231 41.34 13.61 9.03
N LYS J 232 42.64 13.55 8.76
CA LYS J 232 43.16 12.44 7.96
C LYS J 232 42.96 11.11 8.67
N ALA J 233 43.17 11.07 9.99
CA ALA J 233 42.96 9.83 10.74
C ALA J 233 41.50 9.42 10.71
N ARG J 234 40.59 10.39 10.84
CA ARG J 234 39.16 10.08 10.78
C ARG J 234 38.78 9.52 9.42
N ILE J 235 39.28 10.12 8.34
CA ILE J 235 38.97 9.64 7.00
C ILE J 235 39.54 8.24 6.80
N GLU J 236 40.77 8.00 7.27
CA GLU J 236 41.38 6.68 7.13
C GLU J 236 40.59 5.63 7.90
N SER J 237 40.14 5.97 9.11
CA SER J 237 39.34 5.04 9.89
C SER J 237 38.02 4.73 9.19
N ALA J 238 37.36 5.76 8.66
CA ALA J 238 36.10 5.54 7.95
C ALA J 238 36.30 4.65 6.74
N LEU J 239 37.39 4.87 5.99
CA LEU J 239 37.66 4.06 4.81
C LEU J 239 37.99 2.63 5.19
N LYS J 240 38.75 2.42 6.27
CA LYS J 240 39.08 1.08 6.71
C LYS J 240 37.91 0.40 7.41
N ALA J 241 36.86 1.14 7.75
CA ALA J 241 35.67 0.53 8.33
C ALA J 241 34.95 -0.40 7.36
N LEU J 242 35.29 -0.37 6.08
CA LEU J 242 34.73 -1.31 5.11
C LEU J 242 35.37 -2.68 5.18
N ILE J 243 36.46 -2.84 5.94
CA ILE J 243 37.07 -4.16 6.09
C ILE J 243 36.12 -5.17 6.73
N PRO J 244 35.47 -4.90 7.87
CA PRO J 244 34.54 -5.89 8.42
C PRO J 244 33.19 -5.93 7.73
N MET J 245 32.73 -4.80 7.15
CA MET J 245 31.42 -4.77 6.54
C MET J 245 31.32 -5.75 5.37
N LEU J 246 32.35 -5.80 4.52
CA LEU J 246 32.35 -6.68 3.37
C LEU J 246 33.07 -7.99 3.63
N SER J 247 33.44 -8.26 4.89
CA SER J 247 34.01 -9.54 5.28
C SER J 247 33.01 -10.44 5.99
N GLY J 248 31.84 -9.92 6.35
CA GLY J 248 30.81 -10.75 6.95
C GLY J 248 30.32 -10.25 8.30
N TYR J 249 30.74 -9.05 8.70
CA TYR J 249 30.38 -8.49 10.00
C TYR J 249 29.19 -7.55 9.91
N ILE J 250 28.26 -7.82 8.99
CA ILE J 250 27.03 -7.05 8.87
C ILE J 250 25.85 -7.96 9.15
N GLY J 251 24.89 -7.42 9.89
CA GLY J 251 23.68 -8.15 10.21
C GLY J 251 23.59 -8.50 11.69
N ALA J 252 22.42 -8.99 12.07
CA ALA J 252 22.16 -9.45 13.42
C ALA J 252 22.33 -10.96 13.50
N ASN J 253 22.30 -11.46 14.74
CA ASN J 253 22.42 -12.89 15.02
C ASN J 253 23.71 -13.45 14.40
N LEU J 254 24.82 -12.75 14.63
CA LEU J 254 26.09 -13.26 14.16
C LEU J 254 26.61 -14.40 15.02
N ALA J 255 26.16 -14.46 16.28
CA ALA J 255 26.64 -15.51 17.18
C ALA J 255 26.20 -16.89 16.70
N ARG J 256 24.96 -17.01 16.24
CA ARG J 256 24.39 -18.30 15.87
C ARG J 256 24.24 -18.50 14.37
N SER J 257 24.33 -17.44 13.56
CA SER J 257 24.20 -17.56 12.12
C SER J 257 25.50 -17.23 11.40
N PHE J 258 26.06 -16.03 11.62
CA PHE J 258 27.29 -15.58 10.96
C PHE J 258 27.22 -15.79 9.46
N PRO J 259 26.52 -14.91 8.74
CA PRO J 259 26.19 -15.19 7.33
C PRO J 259 27.39 -15.62 6.51
N VAL J 260 27.20 -16.70 5.75
CA VAL J 260 28.22 -17.20 4.84
C VAL J 260 28.42 -16.15 3.75
N PHE J 261 29.55 -15.47 3.78
CA PHE J 261 29.76 -14.24 3.02
C PHE J 261 30.84 -14.42 1.96
N LYS J 262 30.62 -13.80 0.80
CA LYS J 262 31.62 -13.72 -0.24
C LYS J 262 31.21 -12.62 -1.21
N VAL J 263 32.13 -11.67 -1.45
CA VAL J 263 31.84 -10.57 -2.36
C VAL J 263 32.03 -11.08 -3.78
N GLU J 264 30.93 -11.19 -4.52
CA GLU J 264 31.02 -11.70 -5.89
C GLU J 264 31.74 -10.70 -6.80
N GLU J 265 31.33 -9.44 -6.76
CA GLU J 265 32.04 -8.39 -7.50
C GLU J 265 31.61 -7.04 -6.96
N LEU J 266 32.38 -6.01 -7.31
CA LEU J 266 32.03 -4.65 -6.94
C LEU J 266 32.80 -3.67 -7.80
N VAL J 267 32.28 -2.44 -7.85
CA VAL J 267 32.95 -1.32 -8.50
C VAL J 267 32.85 -0.12 -7.56
N ALA J 268 33.94 0.62 -7.44
CA ALA J 268 34.01 1.78 -6.57
C ALA J 268 34.65 2.94 -7.32
N ILE J 269 34.14 4.15 -7.08
CA ILE J 269 34.68 5.36 -7.66
C ILE J 269 34.96 6.35 -6.54
N ALA J 270 36.10 7.02 -6.64
CA ALA J 270 36.53 7.99 -5.64
C ALA J 270 36.91 9.29 -6.33
N SER J 271 36.54 10.41 -5.71
CA SER J 271 36.91 11.70 -6.27
C SER J 271 36.97 12.73 -5.16
N GLU J 272 37.67 13.83 -5.43
CA GLU J 272 37.72 14.95 -4.50
C GLU J 272 36.56 15.90 -4.70
N GLY J 273 36.02 15.99 -5.91
CA GLY J 273 34.86 16.81 -6.18
C GLY J 273 33.59 15.99 -6.19
N PRO J 274 32.44 16.65 -6.08
CA PRO J 274 31.18 15.92 -6.06
C PRO J 274 30.97 15.14 -7.35
N ILE J 275 30.42 13.94 -7.21
CA ILE J 275 30.23 13.03 -8.34
C ILE J 275 28.90 12.33 -8.22
N PRO J 276 28.34 11.89 -9.35
CA PRO J 276 27.12 11.08 -9.28
C PRO J 276 27.39 9.74 -8.60
N ALA J 277 26.39 9.27 -7.84
CA ALA J 277 26.50 7.98 -7.20
C ALA J 277 26.29 6.87 -8.23
N LEU J 278 27.09 5.81 -8.12
CA LEU J 278 26.96 4.69 -9.03
C LEU J 278 25.61 3.99 -8.84
N VAL J 279 25.08 3.46 -9.94
CA VAL J 279 23.83 2.74 -9.87
C VAL J 279 24.01 1.45 -9.09
N HIS J 280 22.96 1.03 -8.40
CA HIS J 280 23.01 -0.14 -7.55
C HIS J 280 23.25 -1.40 -8.39
N GLY J 281 23.87 -2.39 -7.76
CA GLY J 281 24.09 -3.67 -8.40
C GLY J 281 22.91 -4.61 -8.41
N PHE J 282 21.77 -4.16 -7.88
CA PHE J 282 20.57 -4.99 -7.87
C PHE J 282 20.08 -5.26 -9.29
N TYR J 283 20.17 -4.26 -10.17
CA TYR J 283 19.69 -4.42 -11.54
C TYR J 283 20.64 -5.30 -12.34
N GLU J 284 20.08 -5.97 -13.35
CA GLU J 284 20.89 -6.88 -14.16
C GLU J 284 21.89 -6.13 -15.01
N ASP J 285 21.44 -5.08 -15.71
CA ASP J 285 22.31 -4.29 -16.57
C ASP J 285 22.85 -3.07 -15.85
N TYR J 286 23.42 -3.27 -14.67
CA TYR J 286 24.04 -2.15 -13.97
C TYR J 286 25.46 -1.92 -14.46
N ILE J 287 26.23 -3.00 -14.64
CA ILE J 287 27.64 -2.88 -14.98
C ILE J 287 27.83 -2.01 -16.20
N GLU J 288 27.15 -2.34 -17.31
CA GLU J 288 27.26 -1.55 -18.51
C GLU J 288 26.90 -0.10 -18.24
N ALA J 289 25.80 0.13 -17.54
CA ALA J 289 25.41 1.49 -17.20
C ALA J 289 26.54 2.18 -16.44
N ASN J 290 27.10 1.49 -15.45
CA ASN J 290 28.18 2.06 -14.68
C ASN J 290 29.35 2.43 -15.59
N ARG J 291 29.65 1.55 -16.56
CA ARG J 291 30.70 1.87 -17.52
C ARG J 291 30.42 3.23 -18.17
N SER J 292 29.20 3.41 -18.67
CA SER J 292 28.85 4.70 -19.24
C SER J 292 28.98 5.80 -18.19
N ILE J 293 28.48 5.53 -16.98
CA ILE J 293 28.54 6.51 -15.90
C ILE J 293 29.98 6.91 -15.65
N ILE J 294 30.93 6.01 -15.88
CA ILE J 294 32.33 6.38 -15.79
C ILE J 294 32.79 7.06 -17.08
N LYS J 295 32.51 6.43 -18.22
CA LYS J 295 33.14 6.85 -19.47
C LYS J 295 32.72 8.27 -19.85
N ASN J 296 31.49 8.64 -19.57
CA ASN J 296 30.99 9.96 -19.90
C ASN J 296 31.16 10.97 -18.77
N ALA J 297 31.73 10.56 -17.65
CA ALA J 297 31.98 11.49 -16.55
C ALA J 297 33.42 11.99 -16.51
N ARG J 298 34.38 11.16 -16.91
CA ARG J 298 35.77 11.61 -16.95
C ARG J 298 35.94 12.74 -17.96
N ALA J 299 35.27 12.63 -19.11
CA ALA J 299 35.35 13.67 -20.12
C ALA J 299 34.68 14.97 -19.69
N LEU J 300 33.77 14.91 -18.72
CA LEU J 300 33.11 16.12 -18.25
C LEU J 300 34.02 17.00 -17.41
N GLY J 301 35.06 16.43 -16.83
CA GLY J 301 35.99 17.23 -16.02
C GLY J 301 36.05 16.81 -14.57
N PHE J 302 35.85 15.52 -14.29
CA PHE J 302 35.99 14.97 -12.95
C PHE J 302 37.15 13.99 -12.92
N ASN J 303 38.00 14.12 -11.91
CA ASN J 303 39.15 13.22 -11.75
C ASN J 303 38.75 11.97 -10.99
N ILE J 304 37.83 11.22 -11.59
CA ILE J 304 37.26 10.03 -10.97
C ILE J 304 38.26 8.89 -11.06
N GLU J 305 38.52 8.24 -9.92
CA GLU J 305 39.35 7.05 -9.88
C GLU J 305 38.44 5.84 -9.71
N VAL J 306 38.70 4.80 -10.51
CA VAL J 306 37.80 3.65 -10.61
C VAL J 306 38.55 2.38 -10.23
N PHE J 307 37.97 1.61 -9.31
CA PHE J 307 38.50 0.31 -8.92
C PHE J 307 37.42 -0.74 -9.10
N THR J 308 37.80 -1.89 -9.63
CA THR J 308 36.87 -2.98 -9.87
C THR J 308 37.41 -4.29 -9.32
N TYR J 309 36.50 -5.14 -8.86
CA TYR J 309 36.84 -6.50 -8.42
C TYR J 309 36.25 -7.48 -9.42
N ASN J 310 37.13 -8.16 -10.17
CA ASN J 310 36.80 -9.07 -11.26
C ASN J 310 35.65 -8.55 -12.12
N VAL J 311 35.68 -7.25 -12.41
CA VAL J 311 34.72 -6.61 -13.31
C VAL J 311 35.50 -6.05 -14.50
N ASP J 312 35.09 -6.42 -15.70
CA ASP J 312 35.81 -6.02 -16.90
C ASP J 312 35.66 -4.54 -17.20
N LEU J 313 34.42 -4.06 -17.23
CA LEU J 313 34.12 -2.67 -17.59
C LEU J 313 34.72 -2.30 -18.95
N GLY J 314 34.71 -3.25 -19.88
CA GLY J 314 35.27 -3.00 -21.19
C GLY J 314 36.75 -2.67 -21.11
N GLU J 315 37.14 -1.62 -21.82
CA GLU J 315 38.53 -1.18 -21.88
C GLU J 315 38.53 0.34 -21.94
N ASP J 316 39.68 0.92 -22.31
CA ASP J 316 39.86 2.36 -22.50
C ASP J 316 39.34 3.17 -21.31
N ILE J 317 39.32 2.56 -20.13
CA ILE J 317 38.92 3.22 -18.90
C ILE J 317 39.99 2.93 -17.85
N GLU J 318 40.47 3.99 -17.19
CA GLU J 318 41.54 3.86 -16.21
C GLU J 318 40.97 3.23 -14.94
N ALA J 319 40.77 1.92 -15.00
CA ALA J 319 40.24 1.15 -13.89
C ALA J 319 41.33 0.24 -13.33
N THR J 320 41.38 0.13 -12.01
CA THR J 320 42.36 -0.70 -11.32
C THR J 320 41.70 -1.97 -10.82
N LYS J 321 42.31 -3.11 -11.14
CA LYS J 321 41.77 -4.41 -10.76
C LYS J 321 42.27 -4.74 -9.35
N VAL J 322 41.38 -4.68 -8.37
CA VAL J 322 41.73 -5.01 -6.99
C VAL J 322 41.43 -6.48 -6.74
N SER J 323 42.39 -7.18 -6.14
CA SER J 323 42.21 -8.60 -5.88
C SER J 323 41.20 -8.87 -4.76
N SER J 324 40.98 -7.90 -3.88
CA SER J 324 40.01 -8.06 -2.80
C SER J 324 39.68 -6.69 -2.26
N VAL J 325 38.68 -6.66 -1.37
CA VAL J 325 38.25 -5.39 -0.78
C VAL J 325 39.36 -4.75 0.03
N GLU J 326 40.20 -5.57 0.67
CA GLU J 326 41.29 -5.02 1.47
C GLU J 326 42.26 -4.23 0.60
N GLU J 327 42.61 -4.78 -0.57
CA GLU J 327 43.45 -4.04 -1.50
C GLU J 327 42.74 -2.80 -2.00
N LEU J 328 41.42 -2.85 -2.14
CA LEU J 328 40.68 -1.66 -2.53
C LEU J 328 40.83 -0.55 -1.51
N VAL J 329 40.59 -0.86 -0.23
CA VAL J 329 40.69 0.21 0.76
C VAL J 329 42.14 0.64 0.92
N ALA J 330 43.10 -0.27 0.67
CA ALA J 330 44.50 0.13 0.67
C ALA J 330 44.77 1.16 -0.41
N ASN J 331 44.20 0.97 -1.60
CA ASN J 331 44.33 1.97 -2.66
C ASN J 331 43.64 3.27 -2.30
N LEU J 332 42.46 3.18 -1.69
CA LEU J 332 41.72 4.39 -1.31
C LEU J 332 42.47 5.23 -0.27
N VAL J 333 43.05 4.58 0.75
CA VAL J 333 43.69 5.34 1.81
C VAL J 333 44.97 6.04 1.36
N LYS J 334 45.49 5.69 0.19
CA LYS J 334 46.70 6.36 -0.32
C LYS J 334 46.40 7.76 -0.85
N MET J 335 45.20 7.99 -1.39
CA MET J 335 44.88 9.26 -2.01
C MET J 335 44.17 10.23 -1.07
N VAL J 336 44.09 9.91 0.21
CA VAL J 336 43.45 10.79 1.18
C VAL J 336 44.29 12.05 1.39
N MET K 1 43.51 -12.04 20.66
CA MET K 1 43.43 -13.26 19.87
C MET K 1 42.18 -13.31 19.00
N TYR K 2 42.02 -12.33 18.13
CA TYR K 2 40.89 -12.30 17.20
C TYR K 2 41.13 -13.36 16.14
N VAL K 3 40.82 -14.59 16.48
CA VAL K 3 41.21 -15.73 15.65
C VAL K 3 40.04 -16.17 14.78
N ARG K 4 40.32 -16.32 13.48
CA ARG K 4 39.31 -16.75 12.52
C ARG K 4 39.82 -17.98 11.79
N ILE K 5 39.02 -19.04 11.78
CA ILE K 5 39.39 -20.30 11.15
C ILE K 5 38.27 -20.76 10.24
N SER K 6 38.62 -21.28 9.07
CA SER K 6 37.64 -21.77 8.12
C SER K 6 38.25 -22.92 7.33
N GLY K 7 37.44 -23.93 7.04
CA GLY K 7 37.99 -25.07 6.33
C GLY K 7 36.92 -26.06 5.91
N ARG K 8 37.38 -27.09 5.21
CA ARG K 8 36.55 -28.16 4.69
C ARG K 8 36.78 -29.43 5.50
N ILE K 9 35.68 -30.08 5.88
CA ILE K 9 35.68 -31.31 6.65
C ILE K 9 34.79 -32.34 5.96
N ARG K 10 35.24 -33.59 5.93
CA ARG K 10 34.49 -34.66 5.31
C ARG K 10 33.62 -35.33 6.35
N LEU K 11 32.39 -34.85 6.49
CA LEU K 11 31.42 -35.39 7.43
C LEU K 11 30.67 -36.53 6.76
N ASN K 12 30.99 -37.76 7.15
CA ASN K 12 30.42 -38.96 6.53
C ASN K 12 29.58 -39.72 7.53
N ALA K 13 28.37 -40.08 7.14
CA ALA K 13 27.45 -40.89 7.95
C ALA K 13 27.19 -40.24 9.30
N HIS K 14 26.58 -39.06 9.26
CA HIS K 14 26.24 -38.31 10.45
C HIS K 14 24.72 -38.15 10.53
N SER K 15 24.25 -37.77 11.72
CA SER K 15 22.85 -37.42 11.92
C SER K 15 22.71 -36.20 12.80
N LEU K 16 23.68 -35.30 12.76
CA LEU K 16 23.69 -34.16 13.65
C LEU K 16 22.55 -33.20 13.34
N ASN K 17 21.94 -32.66 14.39
CA ASN K 17 20.94 -31.61 14.28
C ASN K 17 19.76 -32.05 13.42
N ALA K 18 19.03 -33.02 13.96
CA ALA K 18 17.80 -33.48 13.34
C ALA K 18 16.72 -32.40 13.49
N GLN K 19 15.49 -32.71 13.08
CA GLN K 19 14.39 -31.78 13.22
C GLN K 19 13.48 -32.11 14.39
N GLY K 20 13.83 -33.08 15.22
CA GLY K 20 13.06 -33.39 16.41
C GLY K 20 11.86 -34.26 16.16
N GLY K 21 11.07 -33.92 15.14
CA GLY K 21 9.94 -34.74 14.76
C GLY K 21 8.80 -34.77 15.75
N GLY K 22 8.87 -34.00 16.82
CA GLY K 22 7.81 -33.96 17.81
C GLY K 22 7.66 -35.25 18.60
N GLY K 23 8.62 -36.17 18.45
CA GLY K 23 8.56 -37.43 19.14
C GLY K 23 7.87 -38.55 18.40
N THR K 24 7.61 -38.41 17.11
CA THR K 24 6.97 -39.45 16.33
C THR K 24 8.02 -40.47 15.90
N ASN K 25 7.63 -41.38 14.99
CA ASN K 25 8.54 -42.43 14.57
C ASN K 25 9.50 -41.97 13.49
N TYR K 26 9.27 -40.80 12.91
CA TYR K 26 10.12 -40.27 11.85
C TYR K 26 10.72 -38.94 12.29
N ILE K 27 12.05 -38.85 12.24
CA ILE K 27 12.78 -37.63 12.54
C ILE K 27 13.84 -37.43 11.46
N GLU K 28 13.94 -36.19 10.96
CA GLU K 28 14.74 -35.89 9.79
C GLU K 28 15.80 -34.84 10.10
N ILE K 29 16.90 -34.90 9.35
CA ILE K 29 17.96 -33.92 9.49
C ILE K 29 17.49 -32.58 8.95
N THR K 30 17.80 -31.50 9.68
CA THR K 30 17.37 -30.18 9.25
C THR K 30 18.00 -29.82 7.91
N LYS K 31 17.24 -29.10 7.10
CA LYS K 31 17.66 -28.78 5.73
C LYS K 31 17.50 -27.29 5.48
N THR K 32 18.40 -26.76 4.66
CA THR K 32 18.34 -25.37 4.24
C THR K 32 18.67 -25.27 2.77
N LYS K 33 18.24 -24.17 2.16
CA LYS K 33 18.41 -23.96 0.72
C LYS K 33 19.60 -23.03 0.47
N VAL K 34 20.47 -23.45 -0.44
CA VAL K 34 21.66 -22.68 -0.79
C VAL K 34 21.67 -22.47 -2.30
N THR K 35 22.37 -21.41 -2.71
CA THR K 35 22.41 -21.00 -4.10
C THR K 35 23.70 -21.47 -4.76
N VAL K 36 23.59 -22.00 -5.97
CA VAL K 36 24.73 -22.47 -6.74
C VAL K 36 24.57 -21.98 -8.17
N ARG K 37 25.68 -21.58 -8.79
CA ARG K 37 25.64 -20.95 -10.10
C ARG K 37 25.28 -21.95 -11.20
N THR K 38 25.93 -23.12 -11.19
CA THR K 38 25.76 -24.18 -12.18
C THR K 38 26.09 -23.74 -13.59
N GLU K 39 26.66 -22.55 -13.76
CA GLU K 39 27.11 -22.01 -15.05
C GLU K 39 25.98 -21.85 -16.07
N ASN K 40 24.72 -22.03 -15.65
CA ASN K 40 23.58 -21.82 -16.54
C ASN K 40 22.43 -21.14 -15.81
N GLY K 41 22.74 -20.30 -14.84
CA GLY K 41 21.71 -19.63 -14.05
C GLY K 41 21.69 -20.11 -12.61
N TRP K 42 21.68 -19.17 -11.67
CA TRP K 42 21.72 -19.53 -10.26
C TRP K 42 20.46 -20.28 -9.87
N THR K 43 20.64 -21.39 -9.14
CA THR K 43 19.54 -22.21 -8.67
C THR K 43 19.73 -22.53 -7.20
N VAL K 44 18.61 -22.69 -6.49
CA VAL K 44 18.62 -22.99 -5.07
C VAL K 44 18.31 -24.46 -4.88
N VAL K 45 19.06 -25.10 -3.98
CA VAL K 45 18.91 -26.52 -3.69
C VAL K 45 18.85 -26.70 -2.17
N GLU K 46 18.00 -27.63 -1.73
CA GLU K 46 17.79 -27.90 -0.32
C GLU K 46 18.68 -29.06 0.10
N VAL K 47 19.53 -28.83 1.10
CA VAL K 47 20.52 -29.81 1.54
C VAL K 47 20.62 -29.78 3.05
N PRO K 48 21.09 -30.88 3.64
CA PRO K 48 21.24 -30.92 5.11
C PRO K 48 22.29 -29.93 5.59
N ALA K 49 22.14 -29.48 6.83
CA ALA K 49 23.00 -28.47 7.39
C ALA K 49 23.09 -28.66 8.90
N ILE K 50 24.09 -28.02 9.50
CA ILE K 50 24.25 -27.97 10.95
C ILE K 50 24.12 -26.51 11.37
N THR K 51 23.10 -26.22 12.17
CA THR K 51 22.86 -24.85 12.60
C THR K 51 23.98 -24.36 13.50
N GLY K 52 24.27 -23.06 13.40
CA GLY K 52 25.33 -22.48 14.20
C GLY K 52 25.07 -22.52 15.68
N ASN K 53 23.81 -22.61 16.09
CA ASN K 53 23.50 -22.73 17.51
C ASN K 53 24.12 -23.99 18.09
N MET K 54 24.02 -25.10 17.36
CA MET K 54 24.61 -26.35 17.82
C MET K 54 26.13 -26.23 17.96
N LEU K 55 26.78 -25.61 16.96
CA LEU K 55 28.22 -25.45 17.01
C LEU K 55 28.63 -24.57 18.19
N LYS K 56 27.90 -23.49 18.43
CA LYS K 56 28.21 -22.63 19.56
C LYS K 56 28.04 -23.36 20.88
N HIS K 57 26.98 -24.15 21.00
CA HIS K 57 26.76 -24.89 22.25
C HIS K 57 27.86 -25.91 22.47
N TRP K 58 28.28 -26.60 21.41
CA TRP K 58 29.37 -27.57 21.56
C TRP K 58 30.69 -26.89 21.88
N HIS K 59 30.90 -25.68 21.34
CA HIS K 59 32.06 -24.89 21.74
C HIS K 59 31.99 -24.55 23.21
N PHE K 60 30.81 -24.21 23.72
CA PHE K 60 30.66 -23.93 25.14
C PHE K 60 30.96 -25.17 25.97
N VAL K 61 30.51 -26.34 25.51
CA VAL K 61 30.78 -27.58 26.22
C VAL K 61 32.28 -27.84 26.27
N GLY K 62 32.96 -27.70 25.14
CA GLY K 62 34.40 -27.86 25.14
C GLY K 62 35.10 -26.85 26.03
N PHE K 63 34.59 -25.61 26.06
CA PHE K 63 35.19 -24.57 26.88
C PHE K 63 35.10 -24.92 28.35
N VAL K 64 33.92 -25.31 28.84
CA VAL K 64 33.80 -25.65 30.25
C VAL K 64 34.58 -26.92 30.55
N ASP K 65 34.61 -27.87 29.61
CA ASP K 65 35.35 -29.10 29.84
C ASP K 65 36.84 -28.84 30.02
N TYR K 66 37.41 -27.94 29.22
CA TYR K 66 38.82 -27.64 29.33
C TYR K 66 39.12 -26.52 30.32
N PHE K 67 38.09 -25.88 30.87
CA PHE K 67 38.27 -24.88 31.91
C PHE K 67 38.10 -25.43 33.32
N LYS K 68 37.42 -26.56 33.47
CA LYS K 68 37.30 -27.18 34.79
C LYS K 68 38.66 -27.60 35.33
N THR K 69 39.52 -28.15 34.46
CA THR K 69 40.82 -28.64 34.91
C THR K 69 41.70 -27.51 35.42
N THR K 70 41.60 -26.34 34.81
CA THR K 70 42.39 -25.20 35.27
C THR K 70 41.99 -24.84 36.70
N PRO K 71 42.97 -24.55 37.57
CA PRO K 71 42.63 -24.23 38.97
C PRO K 71 41.74 -23.00 39.11
N TYR K 72 41.68 -22.15 38.09
CA TYR K 72 40.77 -21.01 38.09
C TYR K 72 39.36 -21.38 37.66
N GLY K 73 39.01 -22.65 37.69
CA GLY K 73 37.73 -23.15 37.23
C GLY K 73 36.59 -23.06 38.23
N VAL K 74 36.81 -22.48 39.40
CA VAL K 74 35.74 -22.36 40.38
C VAL K 74 34.67 -21.40 39.86
N ASN K 75 35.07 -20.36 39.14
CA ASN K 75 34.15 -19.31 38.70
C ASN K 75 33.32 -19.77 37.51
N LEU K 76 32.56 -20.84 37.72
CA LEU K 76 31.68 -21.40 36.70
C LEU K 76 30.27 -21.50 37.25
N THR K 77 29.29 -21.17 36.41
CA THR K 77 27.89 -21.25 36.82
C THR K 77 27.51 -22.69 37.12
N GLU K 78 26.63 -22.88 38.11
CA GLU K 78 26.22 -24.23 38.49
C GLU K 78 25.55 -24.95 37.33
N ARG K 79 24.69 -24.26 36.59
CA ARG K 79 24.06 -24.87 35.42
C ARG K 79 25.06 -25.19 34.34
N ALA K 80 26.22 -24.52 34.31
CA ALA K 80 27.22 -24.78 33.28
C ALA K 80 27.96 -26.09 33.51
N LEU K 81 28.05 -26.56 34.76
CA LEU K 81 28.74 -27.82 35.02
C LEU K 81 28.05 -29.00 34.35
N ARG K 82 26.72 -29.00 34.35
CA ARG K 82 25.95 -30.07 33.72
C ARG K 82 25.76 -29.86 32.22
N TYR K 83 26.55 -28.97 31.62
CA TYR K 83 26.50 -28.70 30.18
C TYR K 83 25.12 -28.19 29.75
N ASN K 84 24.42 -27.53 30.66
CA ASN K 84 23.12 -26.95 30.32
C ASN K 84 23.33 -25.75 29.41
N GLY K 85 22.69 -25.78 28.24
CA GLY K 85 22.91 -24.75 27.25
C GLY K 85 22.35 -23.39 27.62
N THR K 86 21.42 -23.34 28.57
CA THR K 86 20.84 -22.07 28.97
C THR K 86 21.89 -21.21 29.65
N ARG K 87 21.70 -19.89 29.55
CA ARG K 87 22.58 -18.93 30.20
C ARG K 87 21.90 -18.21 31.35
N PHE K 88 20.71 -17.66 31.11
CA PHE K 88 19.93 -17.05 32.18
C PHE K 88 18.45 -17.17 31.85
N GLY K 89 17.66 -17.51 32.86
CA GLY K 89 16.24 -17.72 32.66
C GLY K 89 15.50 -16.43 32.37
N GLN K 90 14.23 -16.60 32.00
CA GLN K 90 13.42 -15.46 31.62
C GLN K 90 13.18 -14.52 32.81
N GLY K 91 12.98 -15.08 34.00
CA GLY K 91 12.61 -14.27 35.14
C GLY K 91 13.44 -14.48 36.39
N GLU K 92 14.65 -15.01 36.25
CA GLU K 92 15.51 -15.23 37.41
C GLU K 92 16.46 -14.04 37.58
N THR K 93 16.73 -13.72 38.85
CA THR K 93 17.54 -12.57 39.19
C THR K 93 18.92 -12.94 39.72
N THR K 94 19.10 -14.15 40.23
CA THR K 94 20.36 -14.59 40.77
C THR K 94 20.88 -15.79 39.99
N ALA K 95 22.18 -16.04 40.13
CA ALA K 95 22.84 -17.17 39.49
C ALA K 95 23.60 -17.97 40.54
N THR K 96 23.79 -19.25 40.26
CA THR K 96 24.45 -20.17 41.19
C THR K 96 25.81 -20.58 40.61
N LYS K 97 26.86 -20.43 41.40
CA LYS K 97 28.19 -20.83 41.00
C LYS K 97 28.39 -22.32 41.26
N ALA K 98 29.57 -22.82 40.88
CA ALA K 98 29.88 -24.24 41.10
C ALA K 98 29.94 -24.55 42.59
N ASN K 99 30.55 -23.67 43.39
CA ASN K 99 30.66 -23.91 44.82
C ASN K 99 29.34 -23.70 45.54
N GLY K 100 28.32 -23.15 44.88
CA GLY K 100 27.04 -22.92 45.49
C GLY K 100 26.78 -21.50 45.93
N ALA K 101 27.65 -20.55 45.58
CA ALA K 101 27.44 -19.17 45.96
C ALA K 101 26.34 -18.54 45.11
N THR K 102 26.02 -17.28 45.40
CA THR K 102 24.98 -16.54 44.70
C THR K 102 25.59 -15.32 44.04
N VAL K 103 25.27 -15.12 42.76
CA VAL K 103 25.79 -14.01 41.98
C VAL K 103 24.62 -13.15 41.53
N GLN K 104 24.71 -11.85 41.78
CA GLN K 104 23.67 -10.93 41.35
C GLN K 104 23.74 -10.73 39.84
N LEU K 105 22.64 -10.21 39.28
CA LEU K 105 22.52 -10.00 37.85
C LEU K 105 22.43 -8.52 37.50
N ASN K 106 23.20 -7.69 38.20
CA ASN K 106 23.37 -6.29 37.86
C ASN K 106 24.84 -5.95 37.95
N ASP K 107 25.24 -4.89 37.23
CA ASP K 107 26.64 -4.48 37.12
C ASP K 107 27.49 -5.64 36.56
N GLU K 108 27.23 -5.93 35.29
CA GLU K 108 27.74 -7.12 34.61
C GLU K 108 29.26 -7.31 34.75
N ALA K 109 29.97 -6.28 35.21
CA ALA K 109 31.38 -6.45 35.50
C ALA K 109 31.60 -7.57 36.51
N THR K 110 30.87 -7.56 37.61
CA THR K 110 31.00 -8.63 38.58
C THR K 110 30.47 -9.97 38.04
N ILE K 111 29.49 -9.92 37.13
CA ILE K 111 28.96 -11.14 36.55
C ILE K 111 30.03 -11.84 35.73
N ILE K 112 30.72 -11.09 34.86
CA ILE K 112 31.79 -11.69 34.08
C ILE K 112 33.02 -11.95 34.94
N LYS K 113 33.15 -11.27 36.08
CA LYS K 113 34.25 -11.55 36.98
C LYS K 113 34.09 -12.91 37.65
N GLU K 114 32.89 -13.21 38.13
CA GLU K 114 32.66 -14.43 38.90
C GLU K 114 32.15 -15.60 38.07
N LEU K 115 31.83 -15.38 36.80
CA LEU K 115 31.33 -16.43 35.92
C LEU K 115 32.23 -16.53 34.69
N ALA K 116 32.51 -17.76 34.26
CA ALA K 116 33.40 -17.97 33.13
C ALA K 116 32.64 -18.13 31.82
N ASP K 117 31.65 -19.03 31.78
CA ASP K 117 30.93 -19.27 30.53
C ASP K 117 30.16 -18.04 30.08
N ALA K 118 29.51 -17.35 31.02
CA ALA K 118 28.80 -16.13 30.67
C ALA K 118 29.74 -15.03 30.23
N ASP K 119 31.00 -15.09 30.63
CA ASP K 119 31.98 -14.08 30.21
C ASP K 119 32.39 -14.27 28.76
N VAL K 120 32.60 -15.52 28.34
CA VAL K 120 33.14 -15.79 27.02
C VAL K 120 32.08 -16.07 25.97
N HIS K 121 30.86 -16.42 26.38
CA HIS K 121 29.80 -16.71 25.43
C HIS K 121 28.65 -15.70 25.47
N GLY K 122 28.66 -14.78 26.42
CA GLY K 122 27.59 -13.81 26.54
C GLY K 122 26.41 -14.36 27.32
N PHE K 123 25.50 -13.45 27.68
CA PHE K 123 24.34 -13.82 28.47
C PHE K 123 23.22 -12.81 28.21
N LEU K 124 22.11 -12.99 28.92
CA LEU K 124 20.95 -12.12 28.76
C LEU K 124 20.09 -12.25 30.00
N ALA K 125 19.88 -11.14 30.71
CA ALA K 125 19.02 -11.13 31.89
C ALA K 125 17.79 -10.29 31.60
N PRO K 126 16.66 -10.89 31.25
CA PRO K 126 15.49 -10.09 30.86
C PRO K 126 14.97 -9.19 31.96
N LYS K 127 15.08 -9.60 33.23
CA LYS K 127 14.54 -8.79 34.31
C LYS K 127 15.36 -7.52 34.52
N THR K 128 16.64 -7.68 34.85
CA THR K 128 17.48 -6.52 35.08
C THR K 128 17.81 -5.77 33.79
N GLY K 129 17.93 -6.51 32.69
CA GLY K 129 18.25 -5.91 31.41
C GLY K 129 19.70 -6.04 30.99
N ARG K 130 20.52 -6.77 31.75
CA ARG K 130 21.92 -6.94 31.39
C ARG K 130 22.04 -7.76 30.12
N ARG K 131 23.07 -7.46 29.32
CA ARG K 131 23.33 -8.20 28.10
C ARG K 131 24.83 -8.17 27.82
N ARG K 132 25.26 -9.11 26.98
CA ARG K 132 26.67 -9.20 26.61
C ARG K 132 26.77 -9.94 25.29
N VAL K 133 27.40 -9.31 24.30
CA VAL K 133 27.54 -9.92 22.98
C VAL K 133 28.49 -11.11 23.07
N SER K 134 28.11 -12.20 22.42
CA SER K 134 28.94 -13.40 22.45
C SER K 134 30.30 -13.12 21.83
N LEU K 135 31.36 -13.56 22.51
CA LEU K 135 32.70 -13.41 22.00
C LEU K 135 33.09 -14.53 21.05
N VAL K 136 32.26 -15.55 20.90
CA VAL K 136 32.47 -16.64 19.95
C VAL K 136 31.27 -16.67 19.02
N LYS K 137 31.53 -16.51 17.73
CA LYS K 137 30.50 -16.54 16.71
C LYS K 137 30.80 -17.64 15.72
N ALA K 138 29.79 -18.45 15.40
CA ALA K 138 29.95 -19.58 14.50
C ALA K 138 28.94 -19.48 13.37
N SER K 139 29.32 -20.04 12.22
CA SER K 139 28.48 -20.02 11.04
C SER K 139 27.93 -21.42 10.76
N PHE K 140 27.03 -21.49 9.79
CA PHE K 140 26.42 -22.76 9.42
C PHE K 140 27.47 -23.72 8.85
N ILE K 141 27.12 -24.99 8.84
CA ILE K 141 27.96 -26.03 8.25
C ILE K 141 27.19 -26.57 7.04
N LEU K 142 27.61 -26.16 5.85
CA LEU K 142 26.91 -26.46 4.62
C LEU K 142 27.80 -27.27 3.68
N PRO K 143 27.22 -28.17 2.88
CA PRO K 143 28.02 -28.84 1.86
C PRO K 143 28.56 -27.84 0.85
N THR K 144 29.77 -28.07 0.38
CA THR K 144 30.48 -27.10 -0.43
C THR K 144 29.91 -27.04 -1.85
N GLU K 145 30.12 -25.89 -2.50
CA GLU K 145 29.58 -25.67 -3.83
C GLU K 145 30.14 -26.66 -4.84
N ASP K 146 31.46 -26.89 -4.81
CA ASP K 146 32.07 -27.79 -5.78
C ASP K 146 31.55 -29.22 -5.62
N PHE K 147 31.18 -29.60 -4.40
CA PHE K 147 30.61 -30.92 -4.17
C PHE K 147 29.12 -30.96 -4.45
N ILE K 148 28.39 -29.94 -3.99
CA ILE K 148 26.95 -29.90 -4.18
C ILE K 148 26.58 -29.79 -5.65
N LYS K 149 27.49 -29.29 -6.48
CA LYS K 149 27.21 -29.08 -7.89
C LYS K 149 27.61 -30.26 -8.77
N GLU K 150 28.67 -30.97 -8.41
CA GLU K 150 29.14 -32.08 -9.23
C GLU K 150 28.41 -33.40 -8.97
N VAL K 151 27.61 -33.48 -7.90
CA VAL K 151 26.86 -34.70 -7.65
C VAL K 151 25.73 -34.84 -8.66
N GLU K 152 25.06 -33.74 -9.00
CA GLU K 152 23.97 -33.71 -9.99
C GLU K 152 22.84 -34.66 -9.56
N GLY K 153 22.23 -34.30 -8.44
CA GLY K 153 21.21 -35.13 -7.83
C GLY K 153 21.72 -35.68 -6.52
N GLU K 154 21.67 -37.02 -6.36
CA GLU K 154 22.35 -37.70 -5.27
C GLU K 154 21.88 -37.18 -3.90
N ARG K 155 20.63 -37.52 -3.58
CA ARG K 155 19.93 -36.97 -2.43
C ARG K 155 20.68 -37.14 -1.09
N LEU K 156 21.78 -37.90 -1.09
CA LEU K 156 22.62 -38.09 0.08
C LEU K 156 21.89 -38.81 1.22
N ILE K 157 20.85 -38.18 1.75
CA ILE K 157 20.16 -38.73 2.92
C ILE K 157 19.58 -40.10 2.59
N THR K 158 19.67 -41.03 3.55
CA THR K 158 19.29 -42.42 3.33
C THR K 158 18.12 -42.89 4.21
N ALA K 159 17.89 -42.26 5.36
CA ALA K 159 16.77 -42.58 6.23
C ALA K 159 16.80 -44.05 6.68
N ILE K 160 17.83 -44.40 7.43
CA ILE K 160 17.90 -45.73 8.04
C ILE K 160 16.85 -45.81 9.15
N LYS K 161 16.11 -46.90 9.16
CA LYS K 161 15.02 -47.12 10.11
C LYS K 161 15.43 -48.20 11.09
N HIS K 162 15.60 -47.82 12.35
CA HIS K 162 15.98 -48.77 13.39
C HIS K 162 15.07 -48.59 14.59
N ASN K 163 14.53 -49.70 15.09
CA ASN K 163 13.47 -49.68 16.09
C ASN K 163 13.91 -50.36 17.38
N ARG K 164 13.18 -50.06 18.45
CA ARG K 164 13.44 -50.62 19.77
C ARG K 164 12.67 -51.92 19.94
N VAL K 165 13.35 -52.92 20.51
CA VAL K 165 12.72 -54.19 20.88
C VAL K 165 12.48 -54.16 22.39
N ASP K 166 11.28 -54.55 22.79
CA ASP K 166 10.90 -54.57 24.21
C ASP K 166 10.30 -55.92 24.55
N VAL K 167 10.81 -56.55 25.60
CA VAL K 167 10.31 -57.83 26.08
C VAL K 167 10.05 -57.72 27.58
N ASP K 168 8.91 -58.25 28.01
CA ASP K 168 8.54 -58.22 29.42
C ASP K 168 9.20 -59.40 30.13
N GLU K 169 8.78 -59.66 31.37
CA GLU K 169 9.37 -60.75 32.15
C GLU K 169 8.95 -62.12 31.63
N LYS K 170 7.94 -62.20 30.78
CA LYS K 170 7.53 -63.44 30.14
C LYS K 170 8.03 -63.56 28.71
N GLY K 171 8.88 -62.65 28.27
CA GLY K 171 9.39 -62.69 26.91
C GLY K 171 8.33 -62.50 25.85
N ALA K 172 7.42 -61.55 26.05
CA ALA K 172 6.35 -61.28 25.10
C ALA K 172 6.52 -59.89 24.50
N ILE K 173 6.37 -59.81 23.18
CA ILE K 173 6.49 -58.53 22.49
C ILE K 173 5.40 -57.57 22.93
N GLY K 174 4.16 -58.07 23.04
CA GLY K 174 3.04 -57.24 23.41
C GLY K 174 2.33 -56.66 22.21
N SER K 175 1.33 -55.82 22.50
CA SER K 175 0.52 -55.20 21.48
C SER K 175 0.33 -53.72 21.83
N SER K 176 -0.50 -53.04 21.05
CA SER K 176 -0.73 -51.62 21.28
C SER K 176 -1.57 -51.36 22.52
N LYS K 177 -2.46 -52.30 22.86
CA LYS K 177 -3.29 -52.12 24.05
C LYS K 177 -2.46 -52.17 25.34
N GLU K 178 -1.40 -52.97 25.35
CA GLU K 178 -0.49 -53.01 26.49
C GLU K 178 0.65 -51.99 26.38
N GLY K 179 0.79 -51.35 25.23
CA GLY K 179 1.80 -50.33 25.04
C GLY K 179 3.18 -50.89 24.75
N THR K 180 3.84 -51.39 25.80
CA THR K 180 5.17 -51.99 25.73
C THR K 180 6.23 -51.00 25.25
N ALA K 181 5.83 -49.74 25.03
CA ALA K 181 6.73 -48.67 24.63
C ALA K 181 7.59 -49.06 23.42
N GLN K 182 6.91 -49.36 22.32
CA GLN K 182 7.58 -49.71 21.07
C GLN K 182 7.28 -48.66 20.02
N MET K 183 8.33 -48.16 19.37
CA MET K 183 8.21 -47.23 18.26
C MET K 183 9.26 -47.59 17.22
N LEU K 184 8.95 -47.29 15.96
CA LEU K 184 9.87 -47.64 14.88
C LEU K 184 11.09 -46.72 14.84
N PHE K 185 10.89 -45.43 15.08
CA PHE K 185 11.99 -44.49 15.30
C PHE K 185 12.94 -44.47 14.10
N SER K 186 12.42 -43.97 12.99
CA SER K 186 13.22 -43.82 11.78
C SER K 186 14.01 -42.52 11.83
N ARG K 187 15.28 -42.59 11.43
CA ARG K 187 16.19 -41.46 11.50
C ARG K 187 16.90 -41.26 10.17
N GLU K 188 17.16 -40.00 9.83
CA GLU K 188 17.84 -39.66 8.59
C GLU K 188 19.35 -39.60 8.81
N TYR K 189 20.10 -40.15 7.86
CA TYR K 189 21.56 -40.13 7.89
C TYR K 189 22.08 -39.53 6.60
N ALA K 190 22.97 -38.56 6.72
CA ALA K 190 23.49 -37.80 5.59
C ALA K 190 24.98 -38.06 5.40
N THR K 191 25.59 -37.32 4.48
CA THR K 191 27.01 -37.41 4.20
C THR K 191 27.42 -36.13 3.46
N GLY K 192 28.63 -36.13 2.92
CA GLY K 192 29.11 -35.03 2.11
C GLY K 192 30.31 -34.33 2.72
N LEU K 193 30.79 -33.33 1.99
CA LEU K 193 31.93 -32.52 2.40
C LEU K 193 31.45 -31.10 2.68
N TYR K 194 31.73 -30.61 3.88
CA TYR K 194 31.14 -29.38 4.38
C TYR K 194 32.24 -28.38 4.72
N GLY K 195 31.82 -27.15 5.03
CA GLY K 195 32.74 -26.10 5.41
C GLY K 195 32.29 -25.43 6.70
N PHE K 196 33.27 -24.85 7.40
CA PHE K 196 33.01 -24.16 8.65
C PHE K 196 33.85 -22.90 8.72
N SER K 197 33.29 -21.84 9.29
CA SER K 197 33.98 -20.55 9.38
C SER K 197 33.77 -19.93 10.76
N ILE K 198 34.00 -20.70 11.82
CA ILE K 198 33.82 -20.16 13.16
C ILE K 198 34.87 -19.08 13.43
N VAL K 199 34.48 -18.09 14.22
CA VAL K 199 35.36 -16.98 14.57
C VAL K 199 35.33 -16.81 16.09
N LEU K 200 36.37 -16.19 16.62
CA LEU K 200 36.50 -15.98 18.06
C LEU K 200 37.14 -14.62 18.29
N ASP K 201 36.35 -13.67 18.79
CA ASP K 201 36.87 -12.36 19.18
C ASP K 201 37.25 -12.36 20.66
N LEU K 202 38.17 -13.27 21.00
CA LEU K 202 38.52 -13.54 22.38
C LEU K 202 39.31 -12.42 23.04
N GLY K 203 39.77 -11.42 22.29
CA GLY K 203 40.52 -10.34 22.88
C GLY K 203 39.75 -9.47 23.85
N LEU K 204 38.42 -9.60 23.87
CA LEU K 204 37.58 -8.80 24.73
C LEU K 204 37.16 -9.54 26.00
N VAL K 205 37.75 -10.71 26.26
CA VAL K 205 37.35 -11.50 27.42
C VAL K 205 37.71 -10.78 28.71
N GLY K 206 36.89 -10.95 29.73
CA GLY K 206 37.14 -10.35 31.02
C GLY K 206 37.03 -8.84 31.05
N ILE K 207 36.38 -8.25 30.05
CA ILE K 207 36.25 -6.80 29.94
C ILE K 207 34.76 -6.46 29.90
N PRO K 208 34.26 -5.63 30.81
CA PRO K 208 32.84 -5.24 30.75
C PRO K 208 32.54 -4.49 29.46
N GLN K 209 31.35 -4.75 28.90
CA GLN K 209 30.97 -4.11 27.66
C GLN K 209 30.52 -2.66 27.86
N GLY K 210 30.15 -2.28 29.08
CA GLY K 210 29.78 -0.90 29.33
C GLY K 210 30.94 0.06 29.16
N LEU K 211 32.09 -0.29 29.72
CA LEU K 211 33.31 0.53 29.63
C LEU K 211 34.45 -0.37 29.15
N PRO K 212 34.48 -0.71 27.88
CA PRO K 212 35.55 -1.59 27.38
C PRO K 212 36.94 -1.01 27.57
N VAL K 213 37.09 0.30 27.48
CA VAL K 213 38.39 0.95 27.60
C VAL K 213 38.29 2.04 28.67
N LYS K 214 39.24 2.04 29.59
CA LYS K 214 39.33 3.07 30.61
C LYS K 214 40.41 4.08 30.22
N PHE K 215 40.28 5.29 30.75
CA PHE K 215 41.21 6.38 30.46
C PHE K 215 41.82 6.86 31.77
N GLU K 216 43.09 6.52 31.98
CA GLU K 216 43.79 6.99 33.18
C GLU K 216 44.14 8.46 33.06
N GLU K 217 44.97 8.82 32.08
CA GLU K 217 45.24 10.21 31.75
C GLU K 217 45.30 10.32 30.22
N ASN K 218 44.14 10.56 29.62
CA ASN K 218 44.02 10.75 28.17
C ASN K 218 44.69 9.62 27.38
N GLN K 219 44.78 8.43 27.98
CA GLN K 219 45.40 7.30 27.31
C GLN K 219 44.54 6.06 27.53
N PRO K 220 44.36 5.24 26.50
CA PRO K 220 43.50 4.06 26.64
C PRO K 220 44.18 2.96 27.42
N ARG K 221 43.36 2.17 28.13
CA ARG K 221 43.84 0.97 28.77
C ARG K 221 42.70 -0.04 28.82
N PRO K 222 42.96 -1.32 28.56
CA PRO K 222 41.90 -2.33 28.68
C PRO K 222 41.40 -2.42 30.11
N ASN K 223 40.10 -2.64 30.24
CA ASN K 223 39.47 -2.71 31.56
C ASN K 223 39.36 -4.18 31.99
N ILE K 224 40.52 -4.75 32.31
CA ILE K 224 40.62 -6.14 32.72
C ILE K 224 40.23 -6.22 34.19
N VAL K 225 38.95 -6.52 34.46
CA VAL K 225 38.49 -6.61 35.84
C VAL K 225 39.09 -7.83 36.53
N ILE K 226 39.24 -8.94 35.81
CA ILE K 226 39.76 -10.17 36.38
C ILE K 226 41.28 -10.12 36.39
N ASP K 227 41.90 -11.05 37.11
CA ASP K 227 43.35 -11.12 37.14
C ASP K 227 43.90 -11.51 35.77
N PRO K 228 45.06 -10.97 35.39
CA PRO K 228 45.65 -11.33 34.10
C PRO K 228 45.91 -12.83 33.94
N ASN K 229 46.29 -13.52 35.01
CA ASN K 229 46.45 -14.96 34.93
C ASN K 229 45.11 -15.65 34.65
N GLU K 230 44.04 -15.15 35.27
CA GLU K 230 42.71 -15.68 34.98
C GLU K 230 42.35 -15.45 33.51
N ARG K 231 42.68 -14.28 32.98
CA ARG K 231 42.42 -14.00 31.57
C ARG K 231 43.20 -14.95 30.67
N LYS K 232 44.47 -15.19 30.99
CA LYS K 232 45.26 -16.11 30.19
C LYS K 232 44.70 -17.53 30.26
N ALA K 233 44.26 -17.96 31.44
CA ALA K 233 43.67 -19.28 31.57
C ALA K 233 42.39 -19.40 30.77
N ARG K 234 41.54 -18.37 30.81
CA ARG K 234 40.31 -18.39 30.03
C ARG K 234 40.61 -18.44 28.54
N ILE K 235 41.59 -17.67 28.09
CA ILE K 235 41.97 -17.68 26.68
C ILE K 235 42.49 -19.06 26.27
N GLU K 236 43.33 -19.66 27.12
CA GLU K 236 43.86 -20.98 26.80
C GLU K 236 42.75 -22.01 26.72
N SER K 237 41.80 -21.97 27.65
CA SER K 237 40.68 -22.90 27.60
C SER K 237 39.84 -22.69 26.34
N ALA K 238 39.58 -21.43 25.98
CA ALA K 238 38.79 -21.16 24.79
C ALA K 238 39.49 -21.67 23.54
N LEU K 239 40.80 -21.46 23.43
CA LEU K 239 41.54 -21.95 22.28
C LEU K 239 41.56 -23.48 22.25
N LYS K 240 41.77 -24.12 23.40
CA LYS K 240 41.80 -25.58 23.43
C LYS K 240 40.42 -26.19 23.23
N ALA K 241 39.36 -25.40 23.38
CA ALA K 241 38.02 -25.92 23.15
C ALA K 241 37.81 -26.37 21.72
N LEU K 242 38.61 -25.87 20.77
CA LEU K 242 38.49 -26.33 19.39
C LEU K 242 39.01 -27.73 19.19
N ILE K 243 39.80 -28.26 20.13
CA ILE K 243 40.30 -29.63 19.99
C ILE K 243 39.18 -30.65 19.95
N PRO K 244 38.19 -30.64 20.87
CA PRO K 244 37.04 -31.54 20.70
C PRO K 244 35.94 -30.89 19.87
N MET K 245 36.33 -30.23 18.77
CA MET K 245 35.40 -29.76 17.76
C MET K 245 35.76 -30.29 16.39
N LEU K 246 37.05 -30.35 16.07
CA LEU K 246 37.53 -30.91 14.82
C LEU K 246 37.96 -32.36 14.97
N SER K 247 37.48 -33.04 16.02
CA SER K 247 37.75 -34.45 16.23
C SER K 247 36.51 -35.32 16.13
N GLY K 248 35.32 -34.72 16.12
CA GLY K 248 34.09 -35.49 15.99
C GLY K 248 33.19 -35.39 17.19
N TYR K 249 33.23 -34.26 17.89
CA TYR K 249 32.43 -34.02 19.08
C TYR K 249 31.46 -32.87 18.87
N ILE K 250 30.84 -32.81 17.70
CA ILE K 250 29.89 -31.75 17.38
C ILE K 250 28.59 -32.41 16.93
N GLY K 251 27.49 -31.69 17.11
CA GLY K 251 26.19 -32.18 16.72
C GLY K 251 25.49 -32.91 17.85
N ALA K 252 24.50 -33.71 17.46
CA ALA K 252 23.72 -34.52 18.39
C ALA K 252 23.76 -35.98 17.97
N ASN K 253 23.01 -36.81 18.69
CA ASN K 253 22.96 -38.25 18.44
C ASN K 253 24.36 -38.86 18.48
N LEU K 254 25.21 -38.34 19.36
CA LEU K 254 26.57 -38.86 19.47
C LEU K 254 26.59 -40.29 19.97
N ALA K 255 25.62 -40.67 20.82
CA ALA K 255 25.60 -42.00 21.38
C ALA K 255 25.35 -43.08 20.34
N ARG K 256 24.84 -42.71 19.16
CA ARG K 256 24.52 -43.70 18.14
C ARG K 256 25.18 -43.36 16.81
N SER K 257 25.34 -42.08 16.51
CA SER K 257 25.91 -41.70 15.22
C SER K 257 27.43 -41.49 15.31
N PHE K 258 27.87 -40.50 16.10
CA PHE K 258 29.29 -40.15 16.24
C PHE K 258 29.95 -40.05 14.88
N PRO K 259 29.76 -38.94 14.15
CA PRO K 259 30.06 -38.91 12.72
C PRO K 259 31.49 -39.33 12.41
N VAL K 260 31.63 -40.08 11.31
CA VAL K 260 32.95 -40.41 10.79
C VAL K 260 33.56 -39.11 10.28
N PHE K 261 34.53 -38.59 11.02
CA PHE K 261 34.97 -37.21 10.88
C PHE K 261 36.41 -37.15 10.40
N LYS K 262 36.70 -36.15 9.58
CA LYS K 262 38.07 -35.84 9.17
C LYS K 262 38.09 -34.43 8.60
N VAL K 263 39.11 -33.66 8.98
CA VAL K 263 39.28 -32.31 8.44
C VAL K 263 40.05 -32.42 7.13
N GLU K 264 39.41 -32.05 6.02
CA GLU K 264 40.07 -32.13 4.73
C GLU K 264 41.12 -31.04 4.58
N GLU K 265 40.78 -29.80 4.95
CA GLU K 265 41.72 -28.70 4.86
C GLU K 265 41.22 -27.56 5.73
N LEU K 266 42.13 -26.64 6.07
CA LEU K 266 41.72 -25.52 6.89
C LEU K 266 42.77 -24.41 6.82
N VAL K 267 42.32 -23.19 7.11
CA VAL K 267 43.19 -22.03 7.25
C VAL K 267 42.72 -21.22 8.44
N ALA K 268 43.68 -20.74 9.24
CA ALA K 268 43.39 -19.95 10.42
C ALA K 268 44.31 -18.75 10.48
N ILE K 269 43.79 -17.65 11.02
CA ILE K 269 44.56 -16.43 11.20
C ILE K 269 44.30 -15.89 12.61
N ALA K 270 45.37 -15.56 13.33
CA ALA K 270 45.25 -15.14 14.73
C ALA K 270 45.31 -13.63 14.89
N SER K 271 46.41 -13.00 14.46
CA SER K 271 46.61 -11.57 14.58
C SER K 271 46.48 -11.07 16.02
N GLU K 272 46.44 -9.76 16.20
CA GLU K 272 46.28 -9.15 17.51
C GLU K 272 45.17 -8.12 17.57
N GLY K 273 44.99 -7.33 16.50
CA GLY K 273 43.96 -6.33 16.47
C GLY K 273 42.78 -6.75 15.62
N PRO K 274 41.80 -5.87 15.48
CA PRO K 274 40.64 -6.19 14.63
C PRO K 274 41.07 -6.48 13.20
N ILE K 275 40.53 -7.56 12.65
CA ILE K 275 40.94 -8.04 11.32
C ILE K 275 39.70 -8.49 10.55
N PRO K 276 39.79 -8.54 9.22
CA PRO K 276 38.64 -8.96 8.42
C PRO K 276 38.21 -10.38 8.77
N ALA K 277 36.89 -10.60 8.75
CA ALA K 277 36.38 -11.94 8.95
C ALA K 277 36.75 -12.80 7.77
N LEU K 278 37.34 -13.96 8.05
CA LEU K 278 37.75 -14.87 6.99
C LEU K 278 36.52 -15.42 6.28
N VAL K 279 36.59 -15.52 4.96
CA VAL K 279 35.43 -15.97 4.20
C VAL K 279 35.21 -17.46 4.44
N HIS K 280 33.95 -17.88 4.32
CA HIS K 280 33.58 -19.25 4.57
C HIS K 280 34.22 -20.18 3.55
N GLY K 281 34.45 -21.43 3.96
CA GLY K 281 34.98 -22.44 3.07
C GLY K 281 33.98 -23.09 2.16
N PHE K 282 32.70 -22.71 2.27
CA PHE K 282 31.66 -23.33 1.45
C PHE K 282 31.91 -23.08 -0.02
N TYR K 283 32.36 -21.89 -0.38
CA TYR K 283 32.64 -21.57 -1.77
C TYR K 283 33.84 -22.36 -2.28
N GLU K 284 33.85 -22.60 -3.59
CA GLU K 284 34.88 -23.47 -4.17
C GLU K 284 36.25 -22.79 -4.20
N ASP K 285 36.29 -21.51 -4.55
CA ASP K 285 37.54 -20.79 -4.75
C ASP K 285 37.97 -20.00 -3.53
N TYR K 286 37.44 -20.33 -2.35
CA TYR K 286 37.72 -19.54 -1.15
C TYR K 286 39.22 -19.43 -0.88
N ILE K 287 39.98 -20.49 -1.20
CA ILE K 287 41.42 -20.44 -1.01
C ILE K 287 42.02 -19.25 -1.74
N GLU K 288 41.65 -19.09 -3.01
CA GLU K 288 42.09 -17.92 -3.76
C GLU K 288 41.55 -16.66 -3.10
N ALA K 289 40.27 -16.67 -2.72
CA ALA K 289 39.68 -15.54 -2.01
C ALA K 289 40.37 -15.29 -0.69
N ASN K 290 41.07 -16.29 -0.16
CA ASN K 290 41.90 -16.08 1.03
C ASN K 290 43.31 -15.66 0.67
N ARG K 291 43.84 -16.16 -0.44
CA ARG K 291 45.20 -15.79 -0.84
C ARG K 291 45.29 -14.31 -1.16
N SER K 292 44.17 -13.70 -1.54
CA SER K 292 44.12 -12.27 -1.78
C SER K 292 43.57 -11.48 -0.60
N ILE K 293 43.31 -12.13 0.53
CA ILE K 293 42.81 -11.45 1.71
C ILE K 293 43.83 -11.42 2.84
N ILE K 294 44.88 -12.22 2.79
CA ILE K 294 45.93 -12.17 3.79
C ILE K 294 47.26 -11.67 3.21
N LYS K 295 47.51 -11.90 1.92
CA LYS K 295 48.75 -11.40 1.33
C LYS K 295 48.79 -9.89 1.32
N ASN K 296 47.67 -9.25 0.99
CA ASN K 296 47.58 -7.80 0.96
C ASN K 296 47.17 -7.21 2.30
N ALA K 297 46.60 -8.01 3.20
CA ALA K 297 46.24 -7.51 4.53
C ALA K 297 47.48 -7.09 5.29
N ARG K 298 48.56 -7.87 5.19
CA ARG K 298 49.80 -7.52 5.85
C ARG K 298 50.39 -6.22 5.34
N ALA K 299 50.01 -5.79 4.13
CA ALA K 299 50.52 -4.54 3.58
C ALA K 299 49.88 -3.32 4.23
N LEU K 300 48.67 -3.45 4.75
CA LEU K 300 47.98 -2.32 5.36
C LEU K 300 48.48 -2.02 6.77
N GLY K 301 49.20 -2.94 7.39
CA GLY K 301 49.71 -2.70 8.73
C GLY K 301 49.15 -3.66 9.76
N PHE K 302 48.62 -4.79 9.29
CA PHE K 302 48.07 -5.82 10.16
C PHE K 302 49.11 -6.91 10.36
N ASN K 303 49.34 -7.31 11.62
CA ASN K 303 50.29 -8.36 11.94
C ASN K 303 49.61 -9.73 11.88
N ILE K 304 49.02 -10.02 10.73
CA ILE K 304 48.34 -11.29 10.52
C ILE K 304 49.37 -12.41 10.49
N GLU K 305 49.12 -13.46 11.26
CA GLU K 305 49.92 -14.68 11.23
C GLU K 305 49.00 -15.84 10.88
N VAL K 306 49.32 -16.54 9.80
CA VAL K 306 48.42 -17.50 9.18
C VAL K 306 49.00 -18.90 9.29
N PHE K 307 48.15 -19.85 9.72
CA PHE K 307 48.46 -21.26 9.73
C PHE K 307 47.56 -21.96 8.72
N THR K 308 48.11 -22.94 8.02
CA THR K 308 47.38 -23.63 6.97
C THR K 308 47.59 -25.13 7.07
N TYR K 309 46.53 -25.88 6.79
CA TYR K 309 46.57 -27.35 6.76
C TYR K 309 45.97 -27.81 5.45
N ASN K 310 46.78 -28.47 4.63
CA ASN K 310 46.38 -29.01 3.33
C ASN K 310 45.90 -27.92 2.38
N VAL K 311 46.42 -26.71 2.53
CA VAL K 311 46.18 -25.61 1.59
C VAL K 311 47.52 -24.96 1.27
N ASP K 312 47.78 -24.75 -0.03
CA ASP K 312 49.05 -24.19 -0.44
C ASP K 312 49.17 -22.72 -0.02
N LEU K 313 48.14 -21.92 -0.30
CA LEU K 313 48.13 -20.49 0.02
C LEU K 313 49.35 -19.78 -0.57
N GLY K 314 49.73 -20.18 -1.79
CA GLY K 314 50.86 -19.56 -2.43
C GLY K 314 52.16 -19.91 -1.75
N GLU K 315 53.19 -19.12 -2.06
CA GLU K 315 54.51 -19.31 -1.47
C GLU K 315 55.05 -18.01 -0.89
N ASP K 316 54.65 -16.88 -1.48
CA ASP K 316 55.12 -15.58 -1.00
C ASP K 316 54.53 -15.23 0.35
N ILE K 317 53.43 -15.84 0.74
CA ILE K 317 52.79 -15.58 2.03
C ILE K 317 53.45 -16.47 3.08
N GLU K 318 53.92 -15.86 4.17
CA GLU K 318 54.53 -16.63 5.24
C GLU K 318 53.45 -17.37 6.03
N ALA K 319 53.19 -18.61 5.64
CA ALA K 319 52.15 -19.42 6.25
C ALA K 319 52.79 -20.62 6.94
N THR K 320 52.39 -20.86 8.19
CA THR K 320 52.91 -21.99 8.93
C THR K 320 52.13 -23.25 8.56
N LYS K 321 52.83 -24.27 8.08
CA LYS K 321 52.20 -25.51 7.62
C LYS K 321 51.93 -26.39 8.84
N VAL K 322 50.73 -26.27 9.40
CA VAL K 322 50.33 -27.10 10.52
C VAL K 322 49.95 -28.48 10.02
N SER K 323 50.27 -29.50 10.79
CA SER K 323 50.05 -30.89 10.38
C SER K 323 48.79 -31.50 11.00
N SER K 324 48.26 -30.92 12.06
CA SER K 324 47.06 -31.44 12.70
C SER K 324 46.29 -30.25 13.29
N VAL K 325 45.35 -30.53 14.17
CA VAL K 325 44.49 -29.49 14.75
C VAL K 325 45.00 -29.04 16.10
N GLU K 326 45.38 -29.98 16.98
CA GLU K 326 45.74 -29.60 18.34
C GLU K 326 47.07 -28.83 18.38
N GLU K 327 48.00 -29.13 17.48
CA GLU K 327 49.21 -28.33 17.41
C GLU K 327 48.97 -26.97 16.78
N LEU K 328 47.93 -26.84 15.94
CA LEU K 328 47.47 -25.51 15.58
C LEU K 328 47.04 -24.74 16.83
N VAL K 329 46.35 -25.43 17.74
CA VAL K 329 45.97 -24.80 19.00
C VAL K 329 47.20 -24.45 19.82
N ALA K 330 48.22 -25.30 19.79
CA ALA K 330 49.46 -25.01 20.50
C ALA K 330 50.13 -23.76 19.96
N ASN K 331 50.20 -23.64 18.64
CA ASN K 331 50.75 -22.43 18.02
C ASN K 331 49.91 -21.22 18.39
N LEU K 332 48.59 -21.38 18.42
CA LEU K 332 47.73 -20.26 18.78
C LEU K 332 47.95 -19.81 20.22
N VAL K 333 48.13 -20.76 21.14
CA VAL K 333 48.30 -20.42 22.56
C VAL K 333 49.73 -20.05 22.91
N LYS K 334 50.69 -20.26 22.00
CA LYS K 334 52.06 -19.83 22.28
C LYS K 334 52.13 -18.33 22.49
N MET K 335 51.33 -17.57 21.76
CA MET K 335 51.31 -16.12 21.85
C MET K 335 50.37 -15.61 22.93
N VAL K 336 49.68 -16.51 23.63
CA VAL K 336 48.67 -16.21 24.66
C VAL K 336 47.87 -14.95 24.35
N MET L 1 38.43 -42.22 33.43
CA MET L 1 39.42 -42.64 32.45
C MET L 1 38.77 -42.73 31.08
N TYR L 2 39.31 -41.98 30.12
CA TYR L 2 38.77 -41.91 28.77
C TYR L 2 39.62 -42.77 27.83
N VAL L 3 38.96 -43.36 26.83
CA VAL L 3 39.65 -44.20 25.87
C VAL L 3 38.95 -44.07 24.51
N ARG L 4 39.75 -44.14 23.45
CA ARG L 4 39.26 -44.16 22.09
C ARG L 4 39.92 -45.29 21.34
N ILE L 5 39.12 -46.09 20.64
CA ILE L 5 39.60 -47.24 19.88
C ILE L 5 39.13 -47.06 18.44
N SER L 6 39.99 -47.43 17.48
CA SER L 6 39.60 -47.34 16.09
C SER L 6 40.42 -48.35 15.29
N GLY L 7 39.97 -48.61 14.07
CA GLY L 7 40.75 -49.47 13.19
C GLY L 7 39.90 -50.05 12.08
N ARG L 8 40.45 -51.10 11.48
CA ARG L 8 39.84 -51.77 10.34
C ARG L 8 39.73 -53.27 10.63
N ILE L 9 38.56 -53.83 10.30
CA ILE L 9 38.20 -55.21 10.59
C ILE L 9 37.57 -55.82 9.36
N ARG L 10 37.83 -57.11 9.15
CA ARG L 10 37.31 -57.84 7.99
C ARG L 10 36.03 -58.56 8.38
N LEU L 11 34.89 -58.00 7.99
CA LEU L 11 33.59 -58.67 8.12
C LEU L 11 33.33 -59.40 6.82
N ASN L 12 33.60 -60.70 6.81
CA ASN L 12 33.55 -61.50 5.59
C ASN L 12 32.35 -62.42 5.63
N ALA L 13 31.46 -62.29 4.66
CA ALA L 13 30.25 -63.11 4.55
C ALA L 13 29.38 -62.98 5.80
N HIS L 14 28.93 -61.75 6.06
CA HIS L 14 28.10 -61.45 7.21
C HIS L 14 26.69 -61.10 6.76
N SER L 15 25.80 -60.94 7.75
CA SER L 15 24.46 -60.43 7.48
C SER L 15 23.99 -59.47 8.57
N LEU L 16 24.91 -58.83 9.28
CA LEU L 16 24.55 -58.06 10.46
C LEU L 16 23.73 -56.84 10.09
N ASN L 17 22.74 -56.54 10.93
CA ASN L 17 21.91 -55.34 10.82
C ASN L 17 21.23 -55.26 9.45
N ALA L 18 20.36 -56.24 9.20
CA ALA L 18 19.56 -56.22 7.98
C ALA L 18 18.41 -55.23 8.12
N GLN L 19 17.99 -54.67 6.99
CA GLN L 19 16.88 -53.73 7.00
C GLN L 19 15.58 -54.40 7.41
N GLY L 20 15.37 -55.65 7.00
CA GLY L 20 14.21 -56.39 7.41
C GLY L 20 13.00 -56.14 6.53
N GLY L 21 12.43 -57.22 5.99
CA GLY L 21 11.25 -57.10 5.16
C GLY L 21 9.96 -57.27 5.93
N GLY L 22 10.06 -57.76 7.16
CA GLY L 22 8.89 -57.99 7.97
C GLY L 22 7.99 -59.07 7.39
N GLY L 23 6.83 -58.66 6.88
CA GLY L 23 5.92 -59.63 6.27
C GLY L 23 6.52 -60.27 5.03
N THR L 24 7.07 -59.45 4.14
CA THR L 24 7.61 -59.98 2.89
C THR L 24 8.86 -60.81 3.16
N ASN L 25 9.18 -61.68 2.19
CA ASN L 25 10.26 -62.65 2.34
C ASN L 25 11.56 -62.20 1.71
N TYR L 26 11.81 -60.89 1.68
CA TYR L 26 13.09 -60.34 1.24
C TYR L 26 13.76 -59.63 2.41
N ILE L 27 15.00 -60.03 2.71
CA ILE L 27 15.77 -59.46 3.80
C ILE L 27 17.01 -58.81 3.21
N GLU L 28 17.13 -57.50 3.39
CA GLU L 28 18.21 -56.72 2.79
C GLU L 28 19.03 -56.04 3.87
N ILE L 29 20.33 -55.91 3.60
CA ILE L 29 21.24 -55.23 4.51
C ILE L 29 21.03 -53.73 4.40
N THR L 30 21.17 -53.03 5.53
CA THR L 30 20.97 -51.59 5.56
C THR L 30 21.97 -50.90 4.64
N LYS L 31 21.49 -49.83 3.98
CA LYS L 31 22.27 -49.13 2.97
C LYS L 31 22.49 -47.69 3.40
N THR L 32 23.72 -47.20 3.23
CA THR L 32 24.00 -45.80 3.51
C THR L 32 24.87 -45.24 2.39
N LYS L 33 24.79 -43.93 2.21
CA LYS L 33 25.52 -43.24 1.17
C LYS L 33 26.80 -42.63 1.74
N VAL L 34 27.93 -42.93 1.09
CA VAL L 34 29.22 -42.42 1.51
C VAL L 34 29.86 -41.69 0.34
N THR L 35 30.78 -40.78 0.66
CA THR L 35 31.45 -39.96 -0.34
C THR L 35 32.89 -40.42 -0.50
N VAL L 36 33.32 -40.62 -1.74
CA VAL L 36 34.66 -41.09 -2.04
C VAL L 36 35.29 -40.15 -3.07
N ARG L 37 36.59 -39.92 -2.93
CA ARG L 37 37.28 -38.93 -3.76
C ARG L 37 37.37 -39.37 -5.21
N THR L 38 37.63 -40.66 -5.46
CA THR L 38 37.90 -41.18 -6.79
C THR L 38 39.01 -40.38 -7.47
N GLU L 39 38.80 -40.00 -8.72
CA GLU L 39 39.76 -39.18 -9.46
C GLU L 39 39.14 -38.00 -10.17
N ASN L 40 37.84 -38.01 -10.46
CA ASN L 40 37.17 -36.93 -11.17
C ASN L 40 36.24 -36.13 -10.27
N GLY L 41 36.45 -36.19 -8.96
CA GLY L 41 35.62 -35.50 -8.00
C GLY L 41 34.86 -36.46 -7.10
N TRP L 42 34.25 -35.87 -6.08
CA TRP L 42 33.53 -36.65 -5.08
C TRP L 42 32.36 -37.39 -5.72
N THR L 43 32.26 -38.69 -5.45
CA THR L 43 31.14 -39.49 -5.90
C THR L 43 30.53 -40.21 -4.71
N VAL L 44 29.21 -40.32 -4.70
CA VAL L 44 28.48 -40.95 -3.62
C VAL L 44 28.15 -42.39 -3.99
N VAL L 45 28.40 -43.31 -3.08
CA VAL L 45 28.20 -44.74 -3.29
C VAL L 45 27.31 -45.26 -2.17
N GLU L 46 26.34 -46.09 -2.53
CA GLU L 46 25.47 -46.75 -1.56
C GLU L 46 26.09 -48.07 -1.16
N VAL L 47 26.39 -48.22 0.13
CA VAL L 47 27.14 -49.37 0.63
C VAL L 47 26.45 -49.97 1.85
N PRO L 48 26.63 -51.25 2.11
CA PRO L 48 26.10 -51.84 3.36
C PRO L 48 26.81 -51.27 4.57
N ALA L 49 26.10 -51.25 5.69
CA ALA L 49 26.62 -50.64 6.90
C ALA L 49 25.98 -51.30 8.12
N ILE L 50 26.60 -51.04 9.28
CA ILE L 50 26.07 -51.43 10.57
C ILE L 50 25.91 -50.14 11.39
N THR L 51 24.67 -49.83 11.76
CA THR L 51 24.42 -48.58 12.46
C THR L 51 25.05 -48.59 13.84
N GLY L 52 25.30 -47.39 14.36
CA GLY L 52 25.92 -47.29 15.67
C GLY L 52 25.06 -47.84 16.78
N ASN L 53 23.74 -47.85 16.57
CA ASN L 53 22.84 -48.41 17.58
C ASN L 53 23.09 -49.90 17.78
N MET L 54 23.33 -50.63 16.68
CA MET L 54 23.63 -52.05 16.76
C MET L 54 24.87 -52.29 17.62
N LEU L 55 25.96 -51.59 17.30
CA LEU L 55 27.21 -51.77 18.03
C LEU L 55 27.06 -51.36 19.49
N LYS L 56 26.34 -50.27 19.75
CA LYS L 56 26.14 -49.83 21.12
C LYS L 56 25.36 -50.85 21.94
N HIS L 57 24.30 -51.41 21.35
CA HIS L 57 23.53 -52.42 22.07
C HIS L 57 24.36 -53.67 22.31
N TRP L 58 25.18 -54.08 21.34
CA TRP L 58 25.99 -55.27 21.57
C TRP L 58 27.05 -55.02 22.62
N HIS L 59 27.62 -53.81 22.65
CA HIS L 59 28.55 -53.47 23.72
C HIS L 59 27.85 -53.50 25.07
N PHE L 60 26.60 -53.04 25.13
CA PHE L 60 25.82 -53.14 26.36
C PHE L 60 25.62 -54.59 26.77
N VAL L 61 25.35 -55.46 25.80
CA VAL L 61 25.21 -56.89 26.08
C VAL L 61 26.50 -57.44 26.68
N GLY L 62 27.63 -57.11 26.07
CA GLY L 62 28.90 -57.56 26.62
C GLY L 62 29.18 -57.02 28.00
N PHE L 63 28.80 -55.76 28.24
CA PHE L 63 29.00 -55.15 29.55
C PHE L 63 28.18 -55.89 30.61
N VAL L 64 26.93 -56.21 30.31
CA VAL L 64 26.13 -56.99 31.26
C VAL L 64 26.74 -58.37 31.46
N ASP L 65 27.21 -58.98 30.37
CA ASP L 65 27.76 -60.33 30.47
C ASP L 65 28.97 -60.37 31.40
N TYR L 66 29.86 -59.38 31.28
CA TYR L 66 31.04 -59.35 32.12
C TYR L 66 30.82 -58.66 33.47
N PHE L 67 29.66 -58.03 33.67
CA PHE L 67 29.33 -57.48 34.98
C PHE L 67 28.52 -58.43 35.83
N LYS L 68 27.95 -59.48 35.24
CA LYS L 68 27.26 -60.50 36.04
C LYS L 68 28.23 -61.18 37.00
N THR L 69 29.43 -61.55 36.51
CA THR L 69 30.36 -62.31 37.32
C THR L 69 30.92 -61.49 38.49
N THR L 70 30.90 -60.18 38.39
CA THR L 70 31.37 -59.35 39.49
C THR L 70 30.46 -59.54 40.71
N PRO L 71 31.03 -59.66 41.91
CA PRO L 71 30.19 -59.81 43.11
C PRO L 71 29.24 -58.66 43.33
N TYR L 72 29.49 -57.50 42.71
CA TYR L 72 28.61 -56.35 42.79
C TYR L 72 27.55 -56.36 41.69
N GLY L 73 27.22 -57.55 41.17
CA GLY L 73 26.32 -57.69 40.04
C GLY L 73 24.84 -57.58 40.36
N VAL L 74 24.48 -57.40 41.63
CA VAL L 74 23.08 -57.22 41.97
C VAL L 74 22.55 -55.87 41.50
N ASN L 75 23.43 -54.91 41.23
CA ASN L 75 23.04 -53.56 40.86
C ASN L 75 22.74 -53.47 39.36
N LEU L 76 21.76 -54.26 38.92
CA LEU L 76 21.34 -54.28 37.54
C LEU L 76 19.82 -54.25 37.46
N THR L 77 19.30 -53.66 36.39
CA THR L 77 17.86 -53.70 36.16
C THR L 77 17.44 -55.09 35.73
N GLU L 78 16.17 -55.40 35.99
CA GLU L 78 15.63 -56.70 35.57
C GLU L 78 15.67 -56.83 34.04
N ARG L 79 15.42 -55.73 33.33
CA ARG L 79 15.47 -55.74 31.88
C ARG L 79 16.88 -56.08 31.39
N ALA L 80 17.90 -55.53 32.05
CA ALA L 80 19.27 -55.79 31.62
C ALA L 80 19.66 -57.25 31.78
N LEU L 81 18.99 -57.97 32.69
CA LEU L 81 19.29 -59.39 32.87
C LEU L 81 18.97 -60.18 31.61
N ARG L 82 17.86 -59.85 30.95
CA ARG L 82 17.45 -60.51 29.72
C ARG L 82 17.92 -59.76 28.47
N TYR L 83 18.88 -58.86 28.62
CA TYR L 83 19.41 -58.06 27.51
C TYR L 83 18.30 -57.25 26.82
N ASN L 84 17.34 -56.76 27.62
CA ASN L 84 16.30 -55.89 27.07
C ASN L 84 16.90 -54.53 26.80
N GLY L 85 16.94 -54.14 25.53
CA GLY L 85 17.65 -52.94 25.14
C GLY L 85 17.09 -51.67 25.76
N THR L 86 15.76 -51.60 25.93
CA THR L 86 15.16 -50.39 26.47
C THR L 86 15.66 -50.14 27.89
N ARG L 87 15.90 -48.86 28.19
CA ARG L 87 16.33 -48.47 29.53
C ARG L 87 15.13 -48.10 30.40
N PHE L 88 14.36 -47.10 29.96
CA PHE L 88 13.16 -46.69 30.68
C PHE L 88 12.16 -46.17 29.65
N GLY L 89 11.17 -47.00 29.34
CA GLY L 89 10.20 -46.64 28.31
C GLY L 89 9.24 -45.56 28.77
N GLN L 90 8.44 -45.10 27.83
CA GLN L 90 7.44 -44.09 28.13
C GLN L 90 6.30 -44.69 28.94
N GLY L 91 5.94 -44.03 30.04
CA GLY L 91 4.81 -44.48 30.84
C GLY L 91 5.17 -44.89 32.24
N GLU L 92 6.29 -45.58 32.42
CA GLU L 92 6.67 -46.09 33.72
C GLU L 92 7.45 -45.03 34.51
N THR L 93 7.40 -45.16 35.84
CA THR L 93 8.10 -44.27 36.73
C THR L 93 8.98 -44.99 37.75
N THR L 94 9.06 -46.32 37.68
CA THR L 94 9.89 -47.08 38.59
C THR L 94 10.64 -48.15 37.80
N ALA L 95 11.73 -48.63 38.40
CA ALA L 95 12.57 -49.64 37.77
C ALA L 95 12.55 -50.92 38.60
N THR L 96 12.74 -52.05 37.92
CA THR L 96 12.80 -53.34 38.58
C THR L 96 14.25 -53.79 38.64
N LYS L 97 14.80 -53.86 39.85
CA LYS L 97 16.18 -54.28 40.04
C LYS L 97 16.33 -55.77 39.79
N ALA L 98 17.59 -56.21 39.64
CA ALA L 98 17.86 -57.63 39.44
C ALA L 98 17.41 -58.44 40.65
N ASN L 99 17.63 -57.92 41.85
CA ASN L 99 17.16 -58.60 43.05
C ASN L 99 15.63 -58.69 43.07
N GLY L 100 14.96 -57.62 42.66
CA GLY L 100 13.51 -57.60 42.64
C GLY L 100 12.93 -56.36 43.29
N ALA L 101 13.71 -55.72 44.14
CA ALA L 101 13.25 -54.51 44.81
C ALA L 101 13.05 -53.38 43.82
N THR L 102 11.97 -52.63 43.98
CA THR L 102 11.70 -51.50 43.11
C THR L 102 12.66 -50.35 43.39
N VAL L 103 12.99 -49.62 42.33
CA VAL L 103 13.89 -48.48 42.41
C VAL L 103 13.14 -47.24 41.92
N GLN L 104 13.12 -46.21 42.75
CA GLN L 104 12.47 -44.97 42.37
C GLN L 104 13.29 -44.25 41.31
N LEU L 105 12.60 -43.39 40.55
CA LEU L 105 13.24 -42.65 39.47
C LEU L 105 13.11 -41.14 39.65
N ASN L 106 12.94 -40.68 40.88
CA ASN L 106 12.77 -39.26 41.14
C ASN L 106 14.09 -38.49 41.16
N ASP L 107 15.22 -39.18 41.27
CA ASP L 107 16.52 -38.51 41.34
C ASP L 107 17.54 -39.28 40.51
N GLU L 108 18.55 -38.57 40.03
CA GLU L 108 19.58 -39.20 39.22
C GLU L 108 20.54 -40.02 40.08
N ALA L 109 20.90 -39.50 41.26
CA ALA L 109 21.90 -40.16 42.07
C ALA L 109 21.43 -41.53 42.56
N THR L 110 20.16 -41.63 42.96
CA THR L 110 19.65 -42.92 43.44
C THR L 110 19.61 -43.94 42.30
N ILE L 111 19.23 -43.52 41.10
CA ILE L 111 19.25 -44.42 39.95
C ILE L 111 20.68 -44.88 39.66
N ILE L 112 21.63 -43.95 39.75
CA ILE L 112 23.03 -44.27 39.50
C ILE L 112 23.53 -45.29 40.51
N LYS L 113 23.21 -45.08 41.79
CA LYS L 113 23.75 -45.95 42.83
C LYS L 113 23.10 -47.32 42.80
N GLU L 114 21.77 -47.37 42.65
CA GLU L 114 21.05 -48.63 42.81
C GLU L 114 21.37 -49.60 41.67
N LEU L 115 21.47 -49.10 40.45
CA LEU L 115 21.60 -49.96 39.27
C LEU L 115 22.68 -49.44 38.35
N ALA L 116 23.46 -50.35 37.78
CA ALA L 116 24.54 -50.00 36.86
C ALA L 116 24.11 -50.06 35.40
N ASP L 117 22.86 -50.41 35.12
CA ASP L 117 22.39 -50.47 33.75
C ASP L 117 22.42 -49.09 33.09
N ALA L 118 21.94 -48.08 33.81
CA ALA L 118 21.84 -46.73 33.25
C ALA L 118 23.11 -45.92 33.42
N ASP L 119 24.09 -46.41 34.18
CA ASP L 119 25.29 -45.63 34.43
C ASP L 119 26.18 -45.56 33.20
N VAL L 120 26.39 -46.71 32.54
CA VAL L 120 27.35 -46.76 31.44
C VAL L 120 26.73 -46.25 30.15
N HIS L 121 25.52 -46.71 29.82
CA HIS L 121 24.92 -46.42 28.54
C HIS L 121 23.85 -45.33 28.61
N GLY L 122 23.75 -44.62 29.73
CA GLY L 122 22.80 -43.53 29.84
C GLY L 122 21.37 -44.00 29.91
N PHE L 123 20.43 -43.08 30.10
CA PHE L 123 19.02 -43.44 30.20
C PHE L 123 18.16 -42.21 29.99
N LEU L 124 16.88 -42.45 29.75
CA LEU L 124 15.88 -41.39 29.67
C LEU L 124 14.56 -41.90 30.22
N ALA L 125 14.03 -41.22 31.23
CA ALA L 125 12.71 -41.50 31.78
C ALA L 125 11.85 -40.27 31.56
N PRO L 126 10.93 -40.29 30.58
CA PRO L 126 10.18 -39.06 30.25
C PRO L 126 9.10 -38.74 31.27
N LYS L 127 8.56 -39.72 31.98
CA LYS L 127 7.52 -39.45 32.96
C LYS L 127 8.03 -38.53 34.06
N THR L 128 9.16 -38.87 34.66
CA THR L 128 9.82 -38.02 35.64
C THR L 128 10.83 -37.06 35.01
N GLY L 129 11.08 -37.19 33.72
CA GLY L 129 11.96 -36.27 33.02
C GLY L 129 13.44 -36.49 33.25
N ARG L 130 13.84 -37.60 33.86
CA ARG L 130 15.25 -37.82 34.13
C ARG L 130 15.99 -38.17 32.85
N ARG L 131 17.24 -37.73 32.77
CA ARG L 131 18.06 -38.02 31.60
C ARG L 131 19.52 -38.12 32.01
N ARG L 132 20.24 -39.01 31.34
CA ARG L 132 21.68 -39.16 31.59
C ARG L 132 22.35 -39.57 30.29
N VAL L 133 23.30 -38.75 29.84
CA VAL L 133 23.96 -38.97 28.56
C VAL L 133 24.76 -40.27 28.60
N SER L 134 24.66 -41.05 27.53
CA SER L 134 25.42 -42.29 27.45
C SER L 134 26.91 -42.01 27.46
N LEU L 135 27.66 -42.86 28.16
CA LEU L 135 29.11 -42.73 28.26
C LEU L 135 29.85 -43.55 27.21
N VAL L 136 29.14 -44.24 26.33
CA VAL L 136 29.74 -45.01 25.25
C VAL L 136 29.13 -44.54 23.94
N LYS L 137 29.99 -44.18 22.99
CA LYS L 137 29.55 -43.66 21.70
C LYS L 137 30.20 -44.46 20.59
N ALA L 138 29.39 -44.99 19.69
CA ALA L 138 29.87 -45.82 18.60
C ALA L 138 29.48 -45.21 17.26
N SER L 139 30.35 -45.34 16.28
CA SER L 139 30.08 -44.88 14.92
C SER L 139 29.68 -46.06 14.04
N PHE L 140 29.36 -45.75 12.79
CA PHE L 140 28.95 -46.76 11.84
C PHE L 140 30.10 -47.71 11.54
N ILE L 141 29.79 -48.78 10.82
CA ILE L 141 30.79 -49.73 10.34
C ILE L 141 30.71 -49.69 8.82
N LEU L 142 31.49 -48.82 8.21
CA LEU L 142 31.45 -48.63 6.78
C LEU L 142 32.65 -49.28 6.12
N PRO L 143 32.50 -49.75 4.88
CA PRO L 143 33.67 -50.22 4.13
C PRO L 143 34.65 -49.08 3.95
N THR L 144 35.94 -49.37 4.13
CA THR L 144 36.95 -48.32 4.08
C THR L 144 37.06 -47.76 2.67
N GLU L 145 37.43 -46.47 2.59
CA GLU L 145 37.57 -45.82 1.29
C GLU L 145 38.59 -46.53 0.42
N ASP L 146 39.64 -47.09 1.02
CA ASP L 146 40.64 -47.83 0.25
C ASP L 146 39.98 -49.00 -0.48
N PHE L 147 39.19 -49.79 0.23
CA PHE L 147 38.54 -50.95 -0.39
C PHE L 147 37.53 -50.52 -1.45
N ILE L 148 36.72 -49.49 -1.15
CA ILE L 148 35.73 -49.04 -2.11
C ILE L 148 36.38 -48.42 -3.33
N LYS L 149 37.63 -47.98 -3.23
CA LYS L 149 38.30 -47.41 -4.40
C LYS L 149 38.56 -48.47 -5.46
N GLU L 150 38.98 -49.66 -5.07
CA GLU L 150 39.31 -50.73 -6.01
C GLU L 150 38.27 -51.84 -6.04
N VAL L 151 37.10 -51.64 -5.41
CA VAL L 151 36.02 -52.59 -5.62
C VAL L 151 35.26 -52.30 -6.90
N GLU L 152 35.28 -51.05 -7.36
CA GLU L 152 34.61 -50.57 -8.58
C GLU L 152 33.21 -51.15 -8.78
N GLY L 153 32.43 -51.25 -7.71
CA GLY L 153 31.01 -51.50 -7.82
C GLY L 153 30.65 -52.96 -7.54
N GLU L 154 29.93 -53.58 -8.48
CA GLU L 154 29.34 -54.93 -8.37
C GLU L 154 28.57 -55.14 -7.07
N ARG L 155 28.15 -54.06 -6.42
CA ARG L 155 27.12 -54.05 -5.39
C ARG L 155 27.57 -54.73 -4.08
N LEU L 156 28.72 -55.38 -4.09
CA LEU L 156 29.37 -55.91 -2.88
C LEU L 156 28.44 -56.79 -2.04
N ILE L 157 27.36 -57.29 -2.61
CA ILE L 157 26.33 -58.00 -1.86
C ILE L 157 25.73 -59.10 -2.73
N THR L 158 25.55 -60.28 -2.14
CA THR L 158 24.94 -61.41 -2.82
C THR L 158 23.74 -61.91 -2.02
N ALA L 159 22.66 -62.23 -2.72
CA ALA L 159 21.42 -62.67 -2.09
C ALA L 159 21.35 -64.19 -2.13
N ILE L 160 21.08 -64.80 -0.98
CA ILE L 160 20.94 -66.25 -0.86
C ILE L 160 19.57 -66.54 -0.26
N LYS L 161 18.87 -67.51 -0.85
CA LYS L 161 17.53 -67.86 -0.39
C LYS L 161 17.58 -69.12 0.46
N HIS L 162 16.71 -69.18 1.46
CA HIS L 162 16.55 -70.32 2.34
C HIS L 162 15.08 -70.73 2.37
N ASN L 163 14.85 -72.01 2.61
CA ASN L 163 13.52 -72.61 2.58
C ASN L 163 13.11 -73.00 3.99
N ARG L 164 11.97 -73.69 4.08
CA ARG L 164 11.46 -74.16 5.37
C ARG L 164 11.04 -75.63 5.28
N THR L 180 0.13 -74.80 5.46
CA THR L 180 1.26 -74.91 4.55
C THR L 180 2.58 -74.69 5.26
N ALA L 181 2.83 -73.43 5.64
CA ALA L 181 4.05 -73.03 6.34
C ALA L 181 5.30 -73.43 5.56
N GLN L 182 5.25 -73.27 4.24
CA GLN L 182 6.37 -73.57 3.36
C GLN L 182 6.61 -72.36 2.46
N MET L 183 7.61 -71.55 2.80
CA MET L 183 7.95 -70.37 2.04
C MET L 183 9.45 -70.31 1.85
N LEU L 184 9.87 -69.63 0.79
CA LEU L 184 11.28 -69.39 0.52
C LEU L 184 11.55 -67.91 0.72
N PHE L 185 12.49 -67.59 1.62
CA PHE L 185 12.84 -66.21 1.93
C PHE L 185 14.32 -66.01 1.66
N SER L 186 14.65 -64.88 1.03
CA SER L 186 16.01 -64.60 0.61
C SER L 186 16.59 -63.46 1.44
N ARG L 187 17.83 -63.62 1.86
CA ARG L 187 18.54 -62.64 2.67
C ARG L 187 19.83 -62.23 1.96
N GLU L 188 20.21 -60.97 2.15
CA GLU L 188 21.41 -60.43 1.54
C GLU L 188 22.61 -60.59 2.47
N TYR L 189 23.74 -60.99 1.90
CA TYR L 189 24.99 -61.15 2.61
C TYR L 189 26.05 -60.28 1.97
N ALA L 190 26.84 -59.60 2.81
CA ALA L 190 27.87 -58.68 2.36
C ALA L 190 29.25 -59.18 2.78
N THR L 191 30.26 -58.42 2.39
CA THR L 191 31.64 -58.68 2.79
C THR L 191 32.40 -57.36 2.72
N GLY L 192 33.72 -57.43 2.92
CA GLY L 192 34.54 -56.25 2.76
C GLY L 192 35.26 -55.79 4.02
N LEU L 193 36.37 -55.09 3.84
CA LEU L 193 37.19 -54.59 4.94
C LEU L 193 36.57 -53.29 5.44
N TYR L 194 35.89 -53.35 6.58
CA TYR L 194 35.18 -52.20 7.12
C TYR L 194 36.06 -51.48 8.14
N GLY L 195 35.66 -50.25 8.45
CA GLY L 195 36.33 -49.45 9.45
C GLY L 195 35.38 -49.15 10.60
N PHE L 196 35.95 -49.07 11.81
CA PHE L 196 35.14 -48.89 13.01
C PHE L 196 35.89 -48.02 14.00
N SER L 197 35.12 -47.40 14.90
CA SER L 197 35.68 -46.55 15.94
C SER L 197 34.67 -46.45 17.08
N ILE L 198 35.16 -46.59 18.32
CA ILE L 198 34.35 -46.48 19.51
C ILE L 198 35.03 -45.51 20.48
N VAL L 199 34.22 -44.80 21.25
CA VAL L 199 34.69 -43.84 22.23
C VAL L 199 34.05 -44.18 23.57
N LEU L 200 34.86 -44.35 24.61
CA LEU L 200 34.37 -44.60 25.95
C LEU L 200 34.86 -43.47 26.85
N ASP L 201 33.96 -42.55 27.19
CA ASP L 201 34.28 -41.44 28.10
C ASP L 201 34.00 -41.85 29.54
N LEU L 202 34.68 -42.93 29.95
CA LEU L 202 34.42 -43.58 31.24
C LEU L 202 35.13 -42.84 32.37
N GLY L 203 34.75 -41.58 32.55
CA GLY L 203 35.23 -40.78 33.65
C GLY L 203 34.11 -40.29 34.52
N LEU L 204 32.89 -40.38 34.00
CA LEU L 204 31.69 -39.97 34.71
C LEU L 204 30.93 -41.17 35.30
N VAL L 205 31.52 -42.36 35.28
CA VAL L 205 30.84 -43.54 35.79
C VAL L 205 30.61 -43.38 37.29
N GLY L 206 29.37 -43.57 37.71
CA GLY L 206 29.02 -43.39 39.11
C GLY L 206 29.02 -41.96 39.57
N ILE L 207 28.87 -41.00 38.66
CA ILE L 207 28.90 -39.59 38.98
C ILE L 207 27.65 -38.93 38.39
N PRO L 208 26.85 -38.23 39.18
CA PRO L 208 25.65 -37.59 38.64
C PRO L 208 25.99 -36.47 37.67
N GLN L 209 25.13 -36.31 36.66
CA GLN L 209 25.33 -35.23 35.69
C GLN L 209 25.05 -33.87 36.31
N GLY L 210 24.05 -33.79 37.20
CA GLY L 210 23.71 -32.51 37.79
C GLY L 210 24.81 -31.94 38.66
N LEU L 211 25.45 -32.79 39.48
CA LEU L 211 26.49 -32.37 40.41
C LEU L 211 27.72 -33.24 40.18
N PRO L 212 28.46 -32.98 39.10
CA PRO L 212 29.68 -33.76 38.85
C PRO L 212 30.84 -33.41 39.78
N VAL L 213 30.76 -32.29 40.49
CA VAL L 213 31.82 -31.88 41.40
C VAL L 213 31.19 -31.46 42.72
N LYS L 214 32.00 -31.49 43.78
CA LYS L 214 31.55 -31.16 45.12
C LYS L 214 32.04 -29.82 45.62
N PHE L 215 33.32 -29.50 45.42
CA PHE L 215 33.91 -28.22 45.83
C PHE L 215 33.74 -28.01 47.34
N GLU L 216 34.37 -28.90 48.12
CA GLU L 216 34.27 -28.81 49.57
C GLU L 216 35.13 -27.67 50.11
N GLU L 217 36.45 -27.80 49.97
CA GLU L 217 37.37 -26.74 50.36
C GLU L 217 37.76 -25.89 49.16
N ASN L 218 36.76 -25.42 48.42
CA ASN L 218 36.95 -24.53 47.27
C ASN L 218 37.92 -25.12 46.25
N GLN L 219 37.88 -26.44 46.09
CA GLN L 219 38.73 -27.11 45.11
C GLN L 219 37.92 -28.18 44.38
N PRO L 220 38.21 -28.41 43.10
CA PRO L 220 37.45 -29.42 42.35
C PRO L 220 37.66 -30.81 42.92
N ARG L 221 36.56 -31.46 43.29
CA ARG L 221 36.59 -32.82 43.79
C ARG L 221 35.52 -33.64 43.05
N PRO L 222 35.89 -34.77 42.46
CA PRO L 222 34.89 -35.60 41.78
C PRO L 222 33.83 -36.08 42.76
N ASN L 223 32.58 -36.09 42.29
CA ASN L 223 31.44 -36.45 43.14
C ASN L 223 31.09 -37.92 42.92
N ILE L 224 31.96 -38.79 43.44
CA ILE L 224 31.72 -40.22 43.37
C ILE L 224 30.65 -40.58 44.39
N VAL L 225 29.51 -41.10 43.92
CA VAL L 225 28.39 -41.39 44.80
C VAL L 225 28.34 -42.85 45.21
N ILE L 226 29.10 -43.73 44.57
CA ILE L 226 29.10 -45.15 44.88
C ILE L 226 30.44 -45.52 45.51
N ASP L 227 30.53 -46.77 45.93
CA ASP L 227 31.77 -47.28 46.52
C ASP L 227 32.87 -47.28 45.48
N PRO L 228 34.03 -46.67 45.76
CA PRO L 228 35.08 -46.60 44.73
C PRO L 228 35.52 -47.93 44.19
N ASN L 229 35.56 -48.99 45.02
CA ASN L 229 35.88 -50.31 44.49
C ASN L 229 34.82 -50.77 43.49
N GLU L 230 33.56 -50.46 43.77
CA GLU L 230 32.48 -50.76 42.82
C GLU L 230 32.68 -49.96 41.53
N ARG L 231 33.13 -48.72 41.64
CA ARG L 231 33.40 -47.93 40.44
C ARG L 231 34.50 -48.57 39.62
N LYS L 232 35.57 -49.04 40.28
CA LYS L 232 36.64 -49.72 39.57
C LYS L 232 36.14 -50.99 38.90
N ALA L 233 35.30 -51.75 39.60
CA ALA L 233 34.75 -52.98 39.00
C ALA L 233 33.89 -52.66 37.79
N ARG L 234 33.06 -51.62 37.89
CA ARG L 234 32.23 -51.23 36.75
C ARG L 234 33.08 -50.78 35.58
N ILE L 235 34.15 -50.01 35.84
CA ILE L 235 35.02 -49.56 34.76
C ILE L 235 35.70 -50.74 34.09
N GLU L 236 36.26 -51.65 34.88
CA GLU L 236 36.96 -52.78 34.29
C GLU L 236 35.99 -53.68 33.51
N SER L 237 34.76 -53.84 34.00
CA SER L 237 33.78 -54.60 33.24
C SER L 237 33.41 -53.90 31.94
N ALA L 238 33.27 -52.57 31.97
CA ALA L 238 32.92 -51.84 30.76
C ALA L 238 34.01 -51.97 29.71
N LEU L 239 35.28 -51.87 30.12
CA LEU L 239 36.36 -52.06 29.16
C LEU L 239 36.47 -53.51 28.70
N LYS L 240 36.23 -54.47 29.59
CA LYS L 240 36.25 -55.87 29.17
C LYS L 240 35.08 -56.19 28.24
N ALA L 241 34.04 -55.36 28.22
CA ALA L 241 32.94 -55.55 27.28
C ALA L 241 33.41 -55.48 25.83
N LEU L 242 34.56 -54.87 25.57
CA LEU L 242 35.11 -54.86 24.23
C LEU L 242 35.64 -56.21 23.80
N ILE L 243 35.77 -57.17 24.73
CA ILE L 243 36.28 -58.49 24.36
C ILE L 243 35.36 -59.20 23.39
N PRO L 244 34.04 -59.36 23.65
CA PRO L 244 33.18 -59.93 22.61
C PRO L 244 32.63 -58.90 21.64
N MET L 245 33.46 -57.93 21.24
CA MET L 245 33.14 -56.99 20.18
C MET L 245 33.98 -57.22 18.94
N LEU L 246 35.27 -57.47 19.12
CA LEU L 246 36.18 -57.73 18.02
C LEU L 246 36.43 -59.22 17.83
N SER L 247 35.66 -60.07 18.50
CA SER L 247 35.75 -61.50 18.33
C SER L 247 34.63 -62.08 17.48
N GLY L 248 33.52 -61.36 17.32
CA GLY L 248 32.45 -61.83 16.48
C GLY L 248 31.04 -61.53 17.00
N TYR L 249 30.91 -61.37 18.31
CA TYR L 249 29.59 -61.13 18.89
C TYR L 249 29.14 -59.71 18.61
N ILE L 250 28.93 -59.39 17.33
CA ILE L 250 28.49 -58.07 16.90
C ILE L 250 27.46 -58.26 15.79
N GLY L 251 26.40 -57.46 15.83
CA GLY L 251 25.40 -57.50 14.78
C GLY L 251 24.22 -58.38 15.12
N ALA L 252 23.47 -58.73 14.08
CA ALA L 252 22.26 -59.54 14.19
C ALA L 252 22.45 -60.83 13.42
N ASN L 253 21.43 -61.69 13.51
CA ASN L 253 21.41 -62.99 12.81
C ASN L 253 22.65 -63.82 13.16
N LEU L 254 23.03 -63.80 14.44
CA LEU L 254 24.19 -64.56 14.88
C LEU L 254 23.94 -66.06 14.86
N ALA L 255 22.69 -66.50 14.82
CA ALA L 255 22.40 -67.92 14.88
C ALA L 255 22.83 -68.64 13.61
N ARG L 256 22.59 -68.02 12.44
CA ARG L 256 22.83 -68.69 11.17
C ARG L 256 23.93 -68.06 10.33
N SER L 257 24.49 -66.92 10.74
CA SER L 257 25.52 -66.25 9.97
C SER L 257 26.88 -66.27 10.67
N PHE L 258 26.97 -65.73 11.89
CA PHE L 258 28.22 -65.67 12.64
C PHE L 258 29.34 -65.07 11.80
N PRO L 259 29.38 -63.76 11.63
CA PRO L 259 30.29 -63.14 10.67
C PRO L 259 31.73 -63.60 10.86
N VAL L 260 32.37 -63.98 9.76
CA VAL L 260 33.78 -64.37 9.76
C VAL L 260 34.59 -63.12 10.09
N PHE L 261 35.16 -63.08 11.30
CA PHE L 261 35.71 -61.87 11.88
C PHE L 261 37.21 -62.01 12.10
N LYS L 262 37.95 -60.94 11.78
CA LYS L 262 39.37 -60.87 12.08
C LYS L 262 39.78 -59.41 12.07
N VAL L 263 40.30 -58.93 13.19
CA VAL L 263 40.78 -57.55 13.25
C VAL L 263 42.03 -57.42 12.39
N GLU L 264 42.05 -56.38 11.56
CA GLU L 264 43.18 -56.14 10.65
C GLU L 264 44.13 -55.09 11.19
N GLU L 265 43.64 -53.90 11.50
CA GLU L 265 44.47 -52.85 12.05
C GLU L 265 43.76 -52.22 13.24
N LEU L 266 44.53 -51.90 14.29
CA LEU L 266 43.92 -51.38 15.51
C LEU L 266 44.81 -50.31 16.14
N VAL L 267 44.19 -49.21 16.57
CA VAL L 267 44.87 -48.19 17.34
C VAL L 267 43.98 -47.80 18.53
N ALA L 268 44.60 -47.63 19.69
CA ALA L 268 43.87 -47.28 20.90
C ALA L 268 44.65 -46.25 21.68
N ILE L 269 43.95 -45.24 22.19
CA ILE L 269 44.54 -44.21 23.03
C ILE L 269 43.75 -44.13 24.33
N ALA L 270 44.47 -43.98 25.44
CA ALA L 270 43.87 -43.90 26.75
C ALA L 270 44.45 -42.73 27.52
N SER L 271 43.62 -42.12 28.38
CA SER L 271 44.09 -40.98 29.14
C SER L 271 43.20 -40.81 30.37
N GLU L 272 43.68 -39.97 31.29
CA GLU L 272 42.91 -39.60 32.47
C GLU L 272 42.09 -38.34 32.29
N GLY L 273 42.54 -37.43 31.44
CA GLY L 273 41.82 -36.20 31.19
C GLY L 273 41.23 -36.17 29.79
N PRO L 274 40.44 -35.13 29.49
CA PRO L 274 39.79 -35.06 28.18
C PRO L 274 40.80 -35.02 27.05
N ILE L 275 40.49 -35.77 25.98
CA ILE L 275 41.39 -35.89 24.84
C ILE L 275 40.58 -35.91 23.55
N PRO L 276 41.20 -35.50 22.45
CA PRO L 276 40.48 -35.48 21.18
C PRO L 276 40.10 -36.87 20.72
N ALA L 277 38.98 -36.93 20.00
CA ALA L 277 38.52 -38.20 19.44
C ALA L 277 39.40 -38.61 18.27
N LEU L 278 39.87 -39.86 18.30
CA LEU L 278 40.73 -40.36 17.24
C LEU L 278 39.95 -40.50 15.94
N VAL L 279 40.63 -40.24 14.82
CA VAL L 279 39.95 -40.22 13.53
C VAL L 279 39.49 -41.62 13.13
N HIS L 280 38.32 -41.69 12.50
CA HIS L 280 37.77 -42.98 12.11
C HIS L 280 38.67 -43.67 11.10
N GLY L 281 38.69 -45.00 11.16
CA GLY L 281 39.52 -45.79 10.28
C GLY L 281 38.97 -46.00 8.89
N PHE L 282 37.79 -45.44 8.61
CA PHE L 282 37.19 -45.57 7.28
C PHE L 282 38.06 -44.93 6.22
N TYR L 283 38.64 -43.76 6.51
CA TYR L 283 39.44 -43.06 5.52
C TYR L 283 40.71 -43.83 5.20
N GLU L 284 41.19 -43.64 3.97
CA GLU L 284 42.36 -44.38 3.51
C GLU L 284 43.62 -43.95 4.27
N ASP L 285 43.77 -42.66 4.53
CA ASP L 285 44.99 -42.11 5.09
C ASP L 285 44.78 -41.70 6.55
N TYR L 286 44.06 -42.53 7.30
CA TYR L 286 43.83 -42.21 8.71
C TYR L 286 45.07 -42.43 9.58
N ILE L 287 46.00 -43.27 9.13
CA ILE L 287 47.21 -43.50 9.92
C ILE L 287 48.08 -42.25 9.97
N GLU L 288 48.26 -41.58 8.83
CA GLU L 288 49.09 -40.39 8.81
C GLU L 288 48.47 -39.27 9.64
N ALA L 289 47.16 -39.10 9.55
CA ALA L 289 46.50 -38.11 10.39
C ALA L 289 46.60 -38.47 11.86
N ASN L 290 46.49 -39.76 12.17
CA ASN L 290 46.59 -40.21 13.57
C ASN L 290 47.96 -39.93 14.14
N ARG L 291 49.01 -40.13 13.33
CA ARG L 291 50.37 -39.86 13.80
C ARG L 291 50.48 -38.44 14.36
N SER L 292 50.02 -37.46 13.58
CA SER L 292 50.08 -36.07 14.05
C SER L 292 49.13 -35.83 15.21
N ILE L 293 47.87 -36.30 15.08
CA ILE L 293 46.87 -36.02 16.10
C ILE L 293 47.23 -36.65 17.43
N ILE L 294 48.18 -37.58 17.44
CA ILE L 294 48.64 -38.19 18.68
C ILE L 294 49.95 -37.59 19.16
N LYS L 295 50.91 -37.36 18.26
CA LYS L 295 52.20 -36.82 18.67
C LYS L 295 52.04 -35.40 19.19
N ASN L 296 51.31 -34.56 18.45
CA ASN L 296 51.12 -33.20 18.90
C ASN L 296 50.23 -33.14 20.13
N ALA L 297 49.24 -34.03 20.23
CA ALA L 297 48.41 -34.07 21.43
C ALA L 297 49.25 -34.38 22.66
N ARG L 298 50.18 -35.32 22.54
CA ARG L 298 51.10 -35.58 23.65
C ARG L 298 52.04 -34.40 23.87
N ALA L 299 52.40 -33.68 22.81
CA ALA L 299 53.27 -32.52 22.95
C ALA L 299 52.60 -31.42 23.78
N LEU L 300 51.29 -31.22 23.59
CA LEU L 300 50.58 -30.20 24.37
C LEU L 300 50.59 -30.50 25.86
N GLY L 301 50.77 -31.76 26.26
CA GLY L 301 50.82 -32.10 27.66
C GLY L 301 49.71 -33.00 28.13
N PHE L 302 49.23 -33.87 27.26
CA PHE L 302 48.20 -34.85 27.60
C PHE L 302 48.85 -36.19 27.87
N ASN L 303 48.52 -36.79 29.02
CA ASN L 303 49.04 -38.10 29.38
C ASN L 303 48.31 -39.15 28.56
N ILE L 304 48.87 -39.48 27.40
CA ILE L 304 48.22 -40.34 26.43
C ILE L 304 49.03 -41.63 26.31
N GLU L 305 48.36 -42.76 26.51
CA GLU L 305 48.95 -44.08 26.31
C GLU L 305 48.44 -44.67 25.01
N VAL L 306 49.36 -45.22 24.21
CA VAL L 306 49.07 -45.64 22.84
C VAL L 306 49.34 -47.13 22.70
N PHE L 307 48.36 -47.85 22.14
CA PHE L 307 48.49 -49.26 21.84
C PHE L 307 48.17 -49.48 20.37
N THR L 308 49.03 -50.19 19.67
CA THR L 308 48.89 -50.36 18.23
C THR L 308 49.01 -51.84 17.86
N TYR L 309 48.01 -52.35 17.14
CA TYR L 309 48.01 -53.73 16.66
C TYR L 309 48.09 -53.71 15.13
N ASN L 310 49.13 -54.36 14.61
CA ASN L 310 49.33 -54.55 13.17
C ASN L 310 49.31 -53.21 12.43
N VAL L 311 50.04 -52.24 12.98
CA VAL L 311 50.21 -50.94 12.33
C VAL L 311 51.50 -50.32 12.83
N ASP L 312 52.22 -49.65 11.94
CA ASP L 312 53.48 -48.98 12.27
C ASP L 312 53.25 -47.49 12.09
N LEU L 313 53.29 -46.75 13.19
CA LEU L 313 53.13 -45.30 13.18
C LEU L 313 54.46 -44.57 13.36
N GLY L 314 55.57 -45.27 13.17
CA GLY L 314 56.88 -44.66 13.24
C GLY L 314 57.41 -44.51 14.65
N GLU L 315 58.53 -43.81 14.75
CA GLU L 315 59.19 -43.56 16.02
C GLU L 315 58.66 -42.28 16.64
N ASP L 316 59.35 -41.78 17.66
CA ASP L 316 59.02 -40.57 18.40
C ASP L 316 57.71 -40.72 19.17
N ILE L 317 57.09 -41.89 19.15
CA ILE L 317 55.84 -42.15 19.84
C ILE L 317 55.99 -43.45 20.61
N GLU L 318 55.78 -43.40 21.93
CA GLU L 318 55.93 -44.59 22.78
C GLU L 318 54.64 -45.40 22.73
N ALA L 319 54.39 -45.98 21.56
CA ALA L 319 53.22 -46.82 21.33
C ALA L 319 53.61 -48.28 21.48
N THR L 320 52.84 -49.02 22.26
CA THR L 320 53.12 -50.43 22.48
C THR L 320 52.63 -51.25 21.29
N LYS L 321 53.55 -51.90 20.60
CA LYS L 321 53.20 -52.81 19.52
C LYS L 321 52.68 -54.11 20.13
N VAL L 322 51.48 -54.52 19.72
CA VAL L 322 50.77 -55.60 20.37
C VAL L 322 50.38 -56.64 19.33
N SER L 323 49.70 -57.69 19.79
CA SER L 323 49.40 -58.83 18.93
C SER L 323 47.95 -59.30 18.99
N SER L 324 47.13 -58.79 19.89
CA SER L 324 45.75 -59.23 19.99
C SER L 324 44.92 -58.11 20.61
N VAL L 325 43.71 -58.43 21.04
CA VAL L 325 42.78 -57.42 21.56
C VAL L 325 42.68 -57.54 23.08
N GLU L 326 42.79 -58.76 23.61
CA GLU L 326 42.62 -58.94 25.05
C GLU L 326 43.78 -58.35 25.85
N GLU L 327 44.98 -58.33 25.29
CA GLU L 327 46.06 -57.60 25.95
C GLU L 327 45.75 -56.12 26.05
N LEU L 328 45.00 -55.59 25.09
CA LEU L 328 44.66 -54.17 25.10
C LEU L 328 43.80 -53.85 26.32
N VAL L 329 42.75 -54.64 26.53
CA VAL L 329 41.91 -54.43 27.70
C VAL L 329 42.66 -54.77 28.98
N ALA L 330 43.57 -55.75 28.92
CA ALA L 330 44.38 -56.05 30.11
C ALA L 330 45.24 -54.86 30.51
N ASN L 331 45.91 -54.24 29.53
CA ASN L 331 46.73 -53.06 29.81
C ASN L 331 45.89 -51.90 30.27
N LEU L 332 44.71 -51.72 29.66
CA LEU L 332 43.83 -50.64 30.09
C LEU L 332 43.34 -50.85 31.51
N VAL L 333 43.02 -52.09 31.89
CA VAL L 333 42.57 -52.38 33.24
C VAL L 333 43.70 -52.15 34.24
N LYS L 334 44.89 -52.69 33.93
CA LYS L 334 46.01 -52.48 34.84
C LYS L 334 46.45 -51.02 34.89
N MET L 335 46.07 -50.21 33.89
CA MET L 335 46.36 -48.79 33.94
C MET L 335 45.47 -48.08 34.96
N VAL L 336 44.23 -48.53 35.13
CA VAL L 336 43.33 -47.95 36.10
C VAL L 336 43.34 -48.78 37.38
N MET M 1 28.69 -73.25 30.42
CA MET M 1 29.65 -73.86 29.50
C MET M 1 29.64 -73.17 28.15
N TYR M 2 30.83 -72.85 27.66
CA TYR M 2 31.00 -72.22 26.35
C TYR M 2 32.09 -72.96 25.60
N VAL M 3 31.81 -73.34 24.35
CA VAL M 3 32.75 -74.08 23.52
C VAL M 3 32.81 -73.41 22.16
N ARG M 4 34.02 -73.30 21.62
CA ARG M 4 34.22 -72.69 20.31
C ARG M 4 35.19 -73.55 19.50
N ILE M 5 34.81 -73.90 18.28
CA ILE M 5 35.64 -74.75 17.43
C ILE M 5 35.86 -74.06 16.10
N SER M 6 37.09 -74.11 15.59
CA SER M 6 37.41 -73.55 14.28
C SER M 6 38.43 -74.45 13.60
N GLY M 7 38.24 -74.68 12.31
CA GLY M 7 39.16 -75.56 11.61
C GLY M 7 38.95 -75.57 10.12
N ARG M 8 39.64 -76.49 9.46
CA ARG M 8 39.53 -76.70 8.03
C ARG M 8 39.22 -78.16 7.73
N ILE M 9 38.49 -78.38 6.64
CA ILE M 9 38.14 -79.70 6.16
C ILE M 9 38.32 -79.75 4.64
N ARG M 10 38.76 -80.90 4.13
CA ARG M 10 38.93 -81.10 2.70
C ARG M 10 37.63 -81.66 2.13
N LEU M 11 36.82 -80.80 1.54
CA LEU M 11 35.49 -81.17 1.07
C LEU M 11 35.48 -81.40 -0.43
N ASN M 12 34.67 -82.36 -0.85
CA ASN M 12 34.41 -82.61 -2.27
C ASN M 12 32.92 -82.87 -2.45
N ALA M 13 32.40 -82.47 -3.62
CA ALA M 13 31.00 -82.64 -3.97
C ALA M 13 30.09 -81.96 -2.94
N HIS M 14 30.21 -80.63 -2.91
CA HIS M 14 29.46 -79.80 -1.97
C HIS M 14 27.95 -80.01 -2.14
N SER M 15 27.21 -79.55 -1.14
CA SER M 15 25.77 -79.78 -1.04
C SER M 15 25.01 -78.48 -0.77
N LEU M 16 25.33 -77.45 -1.55
CA LEU M 16 24.60 -76.19 -1.42
C LEU M 16 23.18 -76.34 -1.98
N ASN M 17 22.42 -75.25 -1.87
CA ASN M 17 21.04 -75.22 -2.39
C ASN M 17 21.04 -75.07 -3.91
N THR M 30 25.04 -71.37 -4.55
CA THR M 30 24.80 -70.38 -3.52
C THR M 30 26.08 -69.66 -3.14
N LYS M 31 26.90 -69.36 -4.15
CA LYS M 31 28.17 -68.69 -3.90
C LYS M 31 27.95 -67.27 -3.39
N THR M 32 28.91 -66.79 -2.60
CA THR M 32 28.84 -65.47 -2.02
C THR M 32 30.18 -64.77 -2.20
N LYS M 33 30.14 -63.44 -2.14
CA LYS M 33 31.35 -62.65 -2.32
C LYS M 33 32.29 -62.85 -1.15
N VAL M 34 33.59 -62.96 -1.46
CA VAL M 34 34.63 -63.09 -0.46
C VAL M 34 35.82 -62.26 -0.90
N THR M 35 36.44 -61.56 0.06
CA THR M 35 37.58 -60.69 -0.22
C THR M 35 38.87 -61.44 0.11
N VAL M 36 39.64 -61.77 -0.92
CA VAL M 36 40.87 -62.52 -0.76
C VAL M 36 41.99 -61.59 -0.29
N ARG M 37 43.12 -62.17 0.11
CA ARG M 37 44.23 -61.39 0.65
C ARG M 37 44.73 -60.36 -0.35
N THR M 38 45.28 -60.83 -1.47
CA THR M 38 45.69 -59.99 -2.62
C THR M 38 46.28 -58.65 -2.16
N GLU M 39 47.42 -58.76 -1.46
CA GLU M 39 48.07 -57.59 -0.88
C GLU M 39 48.24 -56.45 -1.87
N ASN M 40 48.31 -56.76 -3.16
CA ASN M 40 48.39 -55.73 -4.20
C ASN M 40 46.99 -55.25 -4.59
N GLY M 41 46.26 -54.79 -3.58
CA GLY M 41 44.91 -54.29 -3.77
C GLY M 41 43.83 -55.32 -3.51
N TRP M 42 42.93 -55.02 -2.58
CA TRP M 42 41.86 -55.95 -2.23
C TRP M 42 40.93 -56.16 -3.43
N THR M 43 40.60 -57.42 -3.69
CA THR M 43 39.63 -57.76 -4.72
C THR M 43 38.67 -58.82 -4.18
N VAL M 44 37.46 -58.83 -4.72
CA VAL M 44 36.43 -59.76 -4.30
C VAL M 44 36.29 -60.85 -5.36
N VAL M 45 35.78 -62.00 -4.95
CA VAL M 45 35.59 -63.13 -5.85
C VAL M 45 34.42 -63.95 -5.34
N GLU M 46 33.73 -64.61 -6.27
CA GLU M 46 32.59 -65.46 -5.94
C GLU M 46 33.06 -66.91 -5.89
N VAL M 47 32.81 -67.58 -4.78
CA VAL M 47 33.27 -68.95 -4.59
C VAL M 47 32.15 -69.75 -3.94
N PRO M 48 31.96 -71.02 -4.29
CA PRO M 48 30.88 -71.81 -3.67
C PRO M 48 31.09 -71.96 -2.17
N ALA M 49 29.97 -71.98 -1.45
CA ALA M 49 30.00 -72.07 0.01
C ALA M 49 28.75 -72.78 0.48
N ILE M 50 28.83 -73.31 1.70
CA ILE M 50 27.71 -73.97 2.37
C ILE M 50 27.14 -73.01 3.39
N THR M 51 25.84 -72.73 3.29
CA THR M 51 25.20 -71.76 4.16
C THR M 51 25.23 -72.22 5.62
N GLY M 52 25.25 -71.25 6.53
CA GLY M 52 25.27 -71.57 7.94
C GLY M 52 24.02 -72.29 8.41
N ASN M 53 22.88 -71.98 7.80
CA ASN M 53 21.64 -72.64 8.20
C ASN M 53 21.71 -74.14 7.99
N MET M 54 22.40 -74.59 6.94
CA MET M 54 22.59 -76.02 6.73
C MET M 54 23.40 -76.64 7.87
N LEU M 55 24.46 -75.95 8.31
CA LEU M 55 25.22 -76.43 9.45
C LEU M 55 24.35 -76.52 10.70
N LYS M 56 23.53 -75.50 10.93
CA LYS M 56 22.66 -75.52 12.11
C LYS M 56 21.67 -76.66 12.03
N HIS M 57 21.11 -76.92 10.85
CA HIS M 57 20.18 -78.04 10.70
C HIS M 57 20.87 -79.38 10.92
N TRP M 58 22.09 -79.55 10.40
CA TRP M 58 22.84 -80.77 10.67
C TRP M 58 23.09 -80.94 12.16
N HIS M 59 23.49 -79.87 12.84
CA HIS M 59 23.71 -79.97 14.27
C HIS M 59 22.42 -80.33 15.00
N PHE M 60 21.30 -79.76 14.56
CA PHE M 60 20.02 -80.07 15.18
C PHE M 60 19.65 -81.54 15.01
N VAL M 61 19.83 -82.07 13.80
CA VAL M 61 19.45 -83.47 13.58
C VAL M 61 20.39 -84.40 14.33
N GLY M 62 21.68 -84.06 14.40
CA GLY M 62 22.60 -84.86 15.20
C GLY M 62 22.24 -84.83 16.68
N PHE M 63 21.86 -83.65 17.18
CA PHE M 63 21.44 -83.54 18.58
C PHE M 63 20.19 -84.37 18.85
N VAL M 64 19.22 -84.33 17.94
CA VAL M 64 18.01 -85.13 18.12
C VAL M 64 18.35 -86.62 18.11
N ASP M 65 19.22 -87.03 17.17
CA ASP M 65 19.58 -88.44 17.09
C ASP M 65 20.28 -88.91 18.35
N TYR M 66 21.20 -88.11 18.89
CA TYR M 66 21.92 -88.52 20.09
C TYR M 66 21.12 -88.29 21.37
N PHE M 67 20.02 -87.54 21.31
CA PHE M 67 19.16 -87.33 22.45
C PHE M 67 18.03 -88.35 22.53
N LYS M 68 17.63 -88.95 21.41
CA LYS M 68 16.61 -89.98 21.45
C LYS M 68 17.06 -91.18 22.25
N THR M 69 18.33 -91.60 22.08
CA THR M 69 18.84 -92.74 22.82
C THR M 69 18.97 -92.46 24.32
N THR M 70 18.96 -91.20 24.72
CA THR M 70 19.01 -90.87 26.14
C THR M 70 17.72 -91.36 26.81
N PRO M 71 17.82 -91.97 28.00
CA PRO M 71 16.59 -92.39 28.70
C PRO M 71 15.65 -91.24 28.99
N TYR M 72 16.15 -90.02 29.11
CA TYR M 72 15.33 -88.85 29.33
C TYR M 72 14.81 -88.25 28.02
N GLY M 73 15.12 -88.86 26.88
CA GLY M 73 14.73 -88.33 25.59
C GLY M 73 13.27 -88.53 25.28
N VAL M 74 12.40 -87.87 26.05
CA VAL M 74 10.96 -87.94 25.83
C VAL M 74 10.45 -86.52 25.61
N ASN M 75 11.16 -85.54 26.16
CA ASN M 75 10.76 -84.14 26.08
C ASN M 75 11.20 -83.52 24.74
N LEU M 76 10.70 -84.13 23.67
CA LEU M 76 11.01 -83.69 22.31
C LEU M 76 9.71 -83.53 21.53
N THR M 77 9.76 -82.71 20.50
CA THR M 77 8.60 -82.47 19.65
C THR M 77 8.50 -83.55 18.58
N GLU M 78 7.27 -83.76 18.10
CA GLU M 78 7.06 -84.68 16.98
C GLU M 78 7.80 -84.20 15.74
N ARG M 79 7.95 -82.89 15.57
CA ARG M 79 8.71 -82.36 14.45
C ARG M 79 10.17 -82.81 14.52
N ALA M 80 10.76 -82.78 15.71
CA ALA M 80 12.15 -83.19 15.86
C ALA M 80 12.33 -84.67 15.58
N LEU M 81 11.33 -85.50 15.90
CA LEU M 81 11.46 -86.93 15.67
C LEU M 81 11.63 -87.25 14.20
N ARG M 82 10.89 -86.56 13.34
CA ARG M 82 11.00 -86.71 11.90
C ARG M 82 12.06 -85.80 11.30
N TYR M 83 12.88 -85.16 12.14
CA TYR M 83 13.96 -84.26 11.76
C TYR M 83 13.47 -82.98 11.09
N ASN M 84 12.15 -82.76 11.01
CA ASN M 84 11.60 -81.55 10.42
C ASN M 84 11.81 -80.42 11.41
N GLY M 85 12.99 -79.80 11.37
CA GLY M 85 13.34 -78.77 12.32
C GLY M 85 12.76 -77.41 12.00
N THR M 86 11.48 -77.37 11.60
CA THR M 86 10.82 -76.10 11.36
C THR M 86 10.55 -75.33 12.64
N ARG M 87 10.70 -75.96 13.80
CA ARG M 87 10.50 -75.33 15.12
C ARG M 87 9.07 -74.80 15.15
N PHE M 88 8.85 -73.59 15.65
CA PHE M 88 7.51 -73.03 15.75
C PHE M 88 7.25 -72.06 14.61
N GLY M 89 6.12 -72.25 13.93
CA GLY M 89 5.72 -71.40 12.84
C GLY M 89 4.60 -70.45 13.25
N GLN M 90 4.22 -69.59 12.31
CA GLN M 90 3.16 -68.64 12.56
C GLN M 90 1.82 -69.35 12.70
N GLY M 91 1.00 -68.88 13.63
CA GLY M 91 -0.33 -69.43 13.84
C GLY M 91 -0.41 -70.60 14.78
N GLU M 92 0.72 -71.13 15.24
CA GLU M 92 0.73 -72.26 16.17
C GLU M 92 0.74 -71.73 17.59
N THR M 93 -0.33 -72.01 18.33
CA THR M 93 -0.44 -71.61 19.73
C THR M 93 -0.12 -72.75 20.69
N THR M 94 0.24 -73.93 20.18
CA THR M 94 0.56 -75.07 21.02
C THR M 94 1.48 -76.00 20.24
N ALA M 95 2.11 -76.92 20.97
CA ALA M 95 3.05 -77.85 20.36
C ALA M 95 2.76 -79.27 20.82
N THR M 96 3.22 -80.23 20.03
CA THR M 96 3.01 -81.65 20.29
C THR M 96 4.33 -82.28 20.70
N LYS M 97 4.31 -83.04 21.80
CA LYS M 97 5.50 -83.69 22.29
C LYS M 97 5.74 -85.01 21.55
N ALA M 98 6.83 -85.69 21.91
CA ALA M 98 7.16 -86.96 21.28
C ALA M 98 6.12 -88.03 21.59
N ASN M 99 5.65 -88.08 22.84
CA ASN M 99 4.68 -89.08 23.25
C ASN M 99 3.26 -88.72 22.82
N GLY M 100 3.04 -87.55 22.24
CA GLY M 100 1.74 -87.11 21.81
C GLY M 100 1.09 -86.09 22.73
N ALA M 101 1.65 -85.85 23.91
CA ALA M 101 1.10 -84.85 24.81
C ALA M 101 1.26 -83.46 24.22
N THR M 102 0.32 -82.59 24.55
CA THR M 102 0.33 -81.22 24.06
C THR M 102 0.89 -80.28 25.12
N VAL M 103 1.51 -79.20 24.66
CA VAL M 103 2.10 -78.19 25.52
C VAL M 103 1.68 -76.81 25.04
N GLN M 104 1.40 -75.94 25.99
CA GLN M 104 0.86 -74.60 25.73
C GLN M 104 1.99 -73.64 25.44
N LEU M 105 1.79 -72.76 24.46
CA LEU M 105 2.80 -71.78 24.06
C LEU M 105 2.47 -70.42 24.66
N ASN M 106 2.79 -70.27 25.94
CA ASN M 106 2.58 -68.99 26.62
C ASN M 106 3.71 -68.58 27.55
N ASP M 107 4.75 -69.39 27.73
CA ASP M 107 5.85 -69.03 28.61
C ASP M 107 7.09 -69.81 28.19
N GLU M 108 8.26 -69.21 28.47
CA GLU M 108 9.51 -69.88 28.15
C GLU M 108 9.73 -71.09 29.04
N ALA M 109 9.51 -70.94 30.35
CA ALA M 109 9.83 -72.01 31.29
C ALA M 109 8.97 -73.24 31.05
N THR M 110 7.67 -73.05 30.80
CA THR M 110 6.79 -74.19 30.56
C THR M 110 7.15 -74.94 29.28
N ILE M 111 7.80 -74.27 28.33
CA ILE M 111 8.28 -74.94 27.12
C ILE M 111 9.61 -75.63 27.36
N ILE M 112 10.47 -75.02 28.19
CA ILE M 112 11.79 -75.56 28.43
C ILE M 112 11.72 -76.95 29.06
N LYS M 113 10.81 -77.12 30.03
CA LYS M 113 10.76 -78.36 30.79
C LYS M 113 10.26 -79.54 29.97
N GLU M 114 9.73 -79.32 28.77
CA GLU M 114 9.19 -80.40 27.95
C GLU M 114 9.68 -80.40 26.51
N LEU M 115 10.54 -79.46 26.13
CA LEU M 115 11.01 -79.34 24.75
C LEU M 115 12.53 -79.21 24.75
N ALA M 116 13.23 -80.30 24.42
CA ALA M 116 14.68 -80.23 24.34
C ALA M 116 15.14 -79.48 23.10
N ASP M 117 14.48 -79.70 21.96
CA ASP M 117 14.90 -79.05 20.73
C ASP M 117 14.73 -77.54 20.81
N ALA M 118 13.64 -77.08 21.43
CA ALA M 118 13.41 -75.64 21.58
C ALA M 118 14.35 -75.00 22.58
N ASP M 119 15.13 -75.79 23.32
CA ASP M 119 16.04 -75.26 24.32
C ASP M 119 17.44 -75.04 23.76
N VAL M 120 18.02 -76.07 23.15
CA VAL M 120 19.40 -75.99 22.69
C VAL M 120 19.52 -75.21 21.39
N HIS M 121 18.43 -75.02 20.66
CA HIS M 121 18.48 -74.34 19.36
C HIS M 121 17.61 -73.11 19.30
N GLY M 122 17.02 -72.68 20.41
CA GLY M 122 16.17 -71.51 20.42
C GLY M 122 14.87 -71.72 19.67
N PHE M 123 13.93 -70.80 19.81
CA PHE M 123 12.65 -70.94 19.14
C PHE M 123 11.97 -69.59 19.04
N LEU M 124 10.93 -69.53 18.22
CA LEU M 124 10.11 -68.32 18.09
C LEU M 124 8.69 -68.72 17.75
N ALA M 125 7.76 -68.39 18.63
CA ALA M 125 6.33 -68.55 18.37
C ALA M 125 5.74 -67.17 18.13
N PRO M 126 5.42 -66.81 16.89
CA PRO M 126 4.95 -65.44 16.62
C PRO M 126 3.54 -65.19 17.10
N LYS M 127 2.68 -66.22 17.14
CA LYS M 127 1.29 -66.00 17.54
C LYS M 127 1.21 -65.49 18.98
N THR M 128 1.99 -66.07 19.88
CA THR M 128 2.10 -65.58 21.24
C THR M 128 3.30 -64.68 21.46
N GLY M 129 4.15 -64.53 20.45
CA GLY M 129 5.31 -63.65 20.57
C GLY M 129 6.32 -64.10 21.60
N ARG M 130 6.63 -65.40 21.64
CA ARG M 130 7.59 -65.94 22.60
C ARG M 130 8.88 -66.26 21.87
N ARG M 131 10.00 -65.72 22.35
CA ARG M 131 11.28 -65.85 21.69
C ARG M 131 12.33 -66.39 22.64
N ARG M 132 13.24 -67.22 22.10
CA ARG M 132 14.36 -67.74 22.86
C ARG M 132 15.56 -67.85 21.93
N VAL M 133 16.63 -67.12 22.26
CA VAL M 133 17.79 -67.08 21.39
C VAL M 133 18.44 -68.45 21.32
N SER M 134 18.88 -68.82 20.12
CA SER M 134 19.54 -70.10 19.92
C SER M 134 20.84 -70.15 20.70
N LEU M 135 21.12 -71.30 21.31
CA LEU M 135 22.34 -71.51 22.06
C LEU M 135 23.47 -72.06 21.20
N VAL M 136 23.21 -72.34 19.92
CA VAL M 136 24.22 -72.82 18.98
C VAL M 136 24.26 -71.87 17.80
N LYS M 137 25.44 -71.41 17.45
CA LYS M 137 25.62 -70.47 16.35
C LYS M 137 26.64 -71.03 15.36
N ALA M 138 26.35 -70.87 14.08
CA ALA M 138 27.18 -71.45 13.03
C ALA M 138 27.56 -70.37 12.02
N SER M 139 28.71 -70.56 11.39
CA SER M 139 29.18 -69.70 10.32
C SER M 139 29.27 -70.48 9.02
N PHE M 140 29.65 -69.78 7.97
CA PHE M 140 29.67 -70.38 6.64
C PHE M 140 30.81 -71.38 6.50
N ILE M 141 30.71 -72.21 5.46
CA ILE M 141 31.79 -73.11 5.08
C ILE M 141 32.51 -72.43 3.91
N LEU M 142 33.49 -71.64 4.24
CA LEU M 142 34.10 -70.95 3.11
C LEU M 142 35.43 -71.57 2.74
N PRO M 143 35.78 -71.54 1.45
CA PRO M 143 37.10 -72.04 1.04
C PRO M 143 38.19 -71.07 1.48
N THR M 144 39.17 -71.60 2.19
CA THR M 144 40.18 -70.76 2.81
C THR M 144 41.02 -70.03 1.77
N GLU M 145 41.55 -68.87 2.16
CA GLU M 145 42.40 -68.09 1.25
C GLU M 145 43.66 -68.88 0.89
N ASP M 146 44.18 -69.65 1.84
CA ASP M 146 45.35 -70.50 1.59
C ASP M 146 45.12 -71.43 0.41
N PHE M 147 43.87 -71.86 0.18
CA PHE M 147 43.55 -72.70 -0.96
C PHE M 147 43.21 -71.88 -2.20
N ILE M 148 42.46 -70.78 -2.04
CA ILE M 148 42.03 -70.01 -3.19
C ILE M 148 43.20 -69.30 -3.87
N LYS M 149 44.30 -69.06 -3.16
CA LYS M 149 45.43 -68.39 -3.79
C LYS M 149 46.14 -69.29 -4.79
N GLU M 150 46.09 -70.60 -4.59
CA GLU M 150 46.73 -71.56 -5.49
C GLU M 150 45.81 -72.01 -6.62
N VAL M 151 44.56 -71.57 -6.64
CA VAL M 151 43.62 -71.91 -7.70
C VAL M 151 43.46 -70.77 -8.69
N GLU M 152 43.22 -69.56 -8.19
CA GLU M 152 43.05 -68.34 -8.99
C GLU M 152 42.24 -68.55 -10.26
N GLY M 192 38.36 -79.36 -2.51
CA GLY M 192 38.82 -78.06 -2.05
C GLY M 192 38.84 -77.92 -0.55
N LEU M 193 39.75 -77.09 -0.05
CA LEU M 193 39.85 -76.86 1.39
C LEU M 193 38.83 -75.81 1.82
N TYR M 194 38.22 -76.03 2.98
CA TYR M 194 37.18 -75.15 3.48
C TYR M 194 37.43 -74.86 4.95
N GLY M 195 37.08 -73.66 5.38
CA GLY M 195 37.23 -73.25 6.76
C GLY M 195 35.88 -73.05 7.42
N PHE M 196 35.75 -73.54 8.65
CA PHE M 196 34.49 -73.50 9.37
C PHE M 196 34.71 -73.10 10.81
N SER M 197 33.67 -72.52 11.40
CA SER M 197 33.66 -72.15 12.81
C SER M 197 32.28 -72.43 13.39
N ILE M 198 32.25 -72.94 14.61
CA ILE M 198 31.01 -73.28 15.30
C ILE M 198 31.12 -72.82 16.75
N VAL M 199 30.02 -72.29 17.28
CA VAL M 199 29.96 -71.76 18.63
C VAL M 199 28.85 -72.48 19.38
N LEU M 200 29.17 -73.05 20.53
CA LEU M 200 28.20 -73.73 21.38
C LEU M 200 28.12 -72.92 22.68
N ASP M 201 27.07 -72.12 22.80
CA ASP M 201 26.84 -71.33 24.01
C ASP M 201 25.85 -72.08 24.90
N LEU M 202 26.31 -73.23 25.38
CA LEU M 202 25.49 -74.13 26.17
C LEU M 202 25.44 -73.74 27.64
N GLY M 203 25.80 -72.51 27.98
CA GLY M 203 25.74 -72.08 29.37
C GLY M 203 24.35 -71.78 29.87
N LEU M 204 23.37 -71.69 28.98
CA LEU M 204 21.99 -71.37 29.35
C LEU M 204 21.04 -72.53 29.04
N VAL M 205 21.56 -73.75 29.02
CA VAL M 205 20.73 -74.92 28.73
C VAL M 205 19.74 -75.10 29.87
N GLY M 206 18.45 -75.06 29.55
CA GLY M 206 17.42 -75.20 30.55
C GLY M 206 17.19 -73.97 31.40
N ILE M 207 17.83 -72.86 31.09
CA ILE M 207 17.73 -71.62 31.86
C ILE M 207 16.93 -70.63 31.03
N PRO M 208 15.75 -70.21 31.48
CA PRO M 208 14.99 -69.23 30.71
C PRO M 208 15.70 -67.88 30.66
N GLN M 209 15.52 -67.18 29.55
CA GLN M 209 16.10 -65.85 29.41
C GLN M 209 15.37 -64.80 30.23
N GLY M 210 14.10 -65.05 30.57
CA GLY M 210 13.36 -64.07 31.34
C GLY M 210 13.92 -63.86 32.74
N LEU M 211 14.22 -64.95 33.44
CA LEU M 211 14.77 -64.91 34.79
C LEU M 211 15.96 -65.85 34.88
N PRO M 212 17.10 -65.48 34.30
CA PRO M 212 18.28 -66.34 34.38
C PRO M 212 18.79 -66.55 35.79
N VAL M 213 18.57 -65.59 36.69
CA VAL M 213 19.03 -65.68 38.07
C VAL M 213 17.85 -65.38 38.99
N LYS M 214 17.97 -65.85 40.24
CA LYS M 214 16.87 -65.79 41.19
C LYS M 214 17.10 -64.82 42.34
N PHE M 215 18.34 -64.71 42.85
CA PHE M 215 18.66 -63.86 44.00
C PHE M 215 17.82 -64.25 45.22
N GLU M 216 18.07 -65.46 45.72
CA GLU M 216 17.40 -65.91 46.93
C GLU M 216 17.75 -65.01 48.11
N GLU M 217 19.03 -64.82 48.36
CA GLU M 217 19.50 -63.89 49.39
C GLU M 217 20.67 -63.07 48.85
N ASN M 218 20.47 -62.49 47.67
CA ASN M 218 21.44 -61.59 47.03
C ASN M 218 22.72 -62.31 46.63
N GLN M 219 22.57 -63.41 45.87
CA GLN M 219 23.69 -64.05 45.19
C GLN M 219 23.22 -64.46 43.80
N PRO M 220 24.11 -64.40 42.81
CA PRO M 220 23.75 -64.92 41.48
C PRO M 220 23.71 -66.44 41.46
N ARG M 221 22.55 -67.01 41.17
CA ARG M 221 22.39 -68.46 41.12
C ARG M 221 21.72 -68.86 39.81
N PRO M 222 22.10 -70.01 39.24
CA PRO M 222 21.50 -70.44 37.98
C PRO M 222 20.07 -70.90 38.19
N ASN M 223 19.13 -70.19 37.59
CA ASN M 223 17.70 -70.50 37.73
C ASN M 223 17.37 -71.67 36.81
N ILE M 224 17.48 -72.88 37.35
CA ILE M 224 17.20 -74.10 36.61
C ILE M 224 15.74 -74.47 36.82
N VAL M 225 15.00 -74.61 35.73
CA VAL M 225 13.60 -75.01 35.80
C VAL M 225 13.41 -76.47 35.42
N ILE M 226 14.50 -77.25 35.40
CA ILE M 226 14.45 -78.66 35.04
C ILE M 226 15.29 -79.45 36.02
N ASP M 227 15.26 -80.77 35.87
CA ASP M 227 16.10 -81.64 36.68
C ASP M 227 17.57 -81.40 36.35
N PRO M 228 18.43 -81.12 37.33
CA PRO M 228 19.85 -80.94 37.03
C PRO M 228 20.48 -82.12 36.32
N ASN M 229 20.07 -83.34 36.66
CA ASN M 229 20.53 -84.51 35.90
C ASN M 229 20.04 -84.45 34.46
N GLU M 230 18.80 -84.03 34.26
CA GLU M 230 18.27 -83.88 32.90
C GLU M 230 19.03 -82.80 32.14
N ARG M 231 19.35 -81.69 32.81
CA ARG M 231 20.13 -80.64 32.16
C ARG M 231 21.51 -81.16 31.78
N LYS M 232 22.16 -81.92 32.66
CA LYS M 232 23.46 -82.49 32.35
C LYS M 232 23.37 -83.44 31.17
N ALA M 233 22.32 -84.26 31.13
CA ALA M 233 22.14 -85.16 29.99
C ALA M 233 21.94 -84.39 28.70
N ARG M 234 21.17 -83.31 28.74
CA ARG M 234 20.95 -82.50 27.55
C ARG M 234 22.26 -81.88 27.06
N ILE M 235 23.06 -81.36 27.99
CA ILE M 235 24.35 -80.77 27.61
C ILE M 235 25.26 -81.84 27.03
N GLU M 236 25.28 -83.03 27.63
CA GLU M 236 26.10 -84.11 27.11
C GLU M 236 25.67 -84.50 25.70
N SER M 237 24.37 -84.57 25.46
CA SER M 237 23.88 -84.88 24.12
C SER M 237 24.27 -83.79 23.12
N ALA M 238 24.15 -82.52 23.53
CA ALA M 238 24.53 -81.43 22.63
C ALA M 238 26.00 -81.50 22.29
N LEU M 239 26.85 -81.80 23.26
CA LEU M 239 28.28 -81.94 23.00
C LEU M 239 28.55 -83.13 22.09
N LYS M 240 27.86 -84.25 22.31
CA LYS M 240 28.05 -85.43 21.48
C LYS M 240 27.51 -85.24 20.08
N ALA M 241 26.65 -84.23 19.86
CA ALA M 241 26.09 -83.99 18.55
C ALA M 241 27.14 -83.60 17.51
N LEU M 242 28.35 -83.25 17.93
CA LEU M 242 29.40 -82.90 16.98
C LEU M 242 30.07 -84.11 16.35
N ILE M 243 29.74 -85.33 16.78
CA ILE M 243 30.32 -86.52 16.17
C ILE M 243 30.03 -86.62 14.68
N PRO M 244 28.78 -86.45 14.21
CA PRO M 244 28.55 -86.49 12.77
C PRO M 244 28.94 -85.23 12.03
N MET M 245 29.15 -84.11 12.75
CA MET M 245 29.44 -82.85 12.09
C MET M 245 30.80 -82.86 11.41
N LEU M 246 31.69 -83.75 11.82
CA LEU M 246 33.03 -83.86 11.25
C LEU M 246 33.24 -85.23 10.63
N SER M 247 32.18 -85.79 10.06
CA SER M 247 32.25 -87.10 9.43
C SER M 247 31.12 -87.28 8.42
N PRO M 259 30.46 -85.55 1.34
CA PRO M 259 30.30 -86.85 1.98
C PRO M 259 31.61 -87.62 2.11
N VAL M 260 32.72 -86.98 1.69
CA VAL M 260 34.03 -87.61 1.75
C VAL M 260 35.00 -86.69 2.48
N PHE M 261 34.46 -85.70 3.19
CA PHE M 261 35.32 -84.71 3.83
C PHE M 261 36.01 -85.32 5.07
N LYS M 262 37.29 -85.02 5.22
CA LYS M 262 38.06 -85.42 6.38
C LYS M 262 38.71 -84.18 7.00
N VAL M 263 38.60 -84.06 8.32
CA VAL M 263 39.12 -82.89 9.00
C VAL M 263 40.64 -82.92 8.97
N GLU M 264 41.24 -81.79 8.58
CA GLU M 264 42.69 -81.66 8.50
C GLU M 264 43.25 -80.93 9.72
N GLU M 265 42.78 -79.72 9.99
CA GLU M 265 43.29 -78.91 11.09
C GLU M 265 42.11 -78.45 11.92
N LEU M 266 42.29 -78.40 13.25
CA LEU M 266 41.18 -78.11 14.13
C LEU M 266 41.68 -77.58 15.47
N VAL M 267 41.01 -76.56 15.99
CA VAL M 267 41.30 -75.99 17.30
C VAL M 267 39.98 -75.76 18.02
N ALA M 268 39.89 -76.26 19.25
CA ALA M 268 38.69 -76.11 20.08
C ALA M 268 39.08 -75.53 21.43
N ILE M 269 38.21 -74.69 21.98
CA ILE M 269 38.42 -74.11 23.29
C ILE M 269 37.14 -74.23 24.09
N ALA M 270 37.27 -74.51 25.39
CA ALA M 270 36.13 -74.65 26.28
C ALA M 270 36.38 -73.88 27.56
N SER M 271 35.32 -73.33 28.12
CA SER M 271 35.45 -72.58 29.36
C SER M 271 34.13 -72.55 30.09
N GLU M 272 34.21 -72.49 31.42
CA GLU M 272 32.99 -72.32 32.22
C GLU M 272 32.49 -70.89 32.18
N GLY M 273 33.39 -69.91 32.10
CA GLY M 273 32.99 -68.53 31.98
C GLY M 273 33.01 -68.07 30.54
N PRO M 274 32.38 -66.92 30.27
CA PRO M 274 32.33 -66.42 28.90
C PRO M 274 33.73 -66.13 28.36
N ILE M 275 33.92 -66.41 27.08
CA ILE M 275 35.20 -66.18 26.42
C ILE M 275 34.96 -65.58 25.05
N PRO M 276 35.93 -64.83 24.52
CA PRO M 276 35.79 -64.29 23.17
C PRO M 276 35.70 -65.39 22.12
N ALA M 277 34.94 -65.12 21.07
CA ALA M 277 34.77 -66.09 20.00
C ALA M 277 36.11 -66.37 19.33
N LEU M 278 36.37 -67.65 19.07
CA LEU M 278 37.64 -68.04 18.45
C LEU M 278 37.66 -67.56 17.01
N VAL M 279 38.82 -67.08 16.57
CA VAL M 279 38.94 -66.52 15.23
C VAL M 279 38.73 -67.61 14.19
N HIS M 280 37.99 -67.27 13.13
CA HIS M 280 37.61 -68.25 12.11
C HIS M 280 38.84 -68.84 11.44
N GLY M 281 38.73 -70.11 11.06
CA GLY M 281 39.79 -70.82 10.36
C GLY M 281 39.87 -70.54 8.88
N PHE M 282 39.00 -69.67 8.37
CA PHE M 282 39.06 -69.27 6.97
C PHE M 282 40.40 -68.64 6.62
N TYR M 283 40.89 -67.73 7.47
CA TYR M 283 42.09 -66.98 7.15
C TYR M 283 43.33 -67.87 7.24
N GLU M 284 44.35 -67.50 6.46
CA GLU M 284 45.57 -68.30 6.44
C GLU M 284 46.32 -68.23 7.77
N ASP M 285 46.26 -67.08 8.44
CA ASP M 285 47.01 -66.86 9.68
C ASP M 285 46.16 -67.12 10.91
N TYR M 286 45.19 -68.02 10.83
CA TYR M 286 44.32 -68.25 11.99
C TYR M 286 45.07 -68.98 13.10
N ILE M 287 46.10 -69.74 12.77
CA ILE M 287 46.85 -70.46 13.79
C ILE M 287 47.52 -69.47 14.74
N GLU M 288 48.25 -68.50 14.19
CA GLU M 288 48.95 -67.52 15.02
C GLU M 288 47.96 -66.64 15.78
N ALA M 289 46.89 -66.21 15.12
CA ALA M 289 45.91 -65.38 15.79
C ALA M 289 45.29 -66.11 16.97
N ASN M 290 44.94 -67.38 16.79
CA ASN M 290 44.28 -68.12 17.87
C ASN M 290 45.26 -68.47 18.99
N ARG M 291 46.51 -68.79 18.64
CA ARG M 291 47.49 -69.05 19.70
C ARG M 291 47.76 -67.80 20.52
N SER M 292 47.81 -66.64 19.86
CA SER M 292 47.92 -65.38 20.60
C SER M 292 46.70 -65.16 21.46
N ILE M 293 45.50 -65.44 20.92
CA ILE M 293 44.27 -65.26 21.68
C ILE M 293 44.30 -66.08 22.96
N ILE M 294 44.68 -67.36 22.86
CA ILE M 294 44.68 -68.22 24.03
C ILE M 294 45.76 -67.79 25.02
N LYS M 295 47.01 -67.67 24.54
CA LYS M 295 48.11 -67.35 25.43
C LYS M 295 47.96 -65.96 26.06
N ASN M 296 47.11 -65.12 25.49
CA ASN M 296 46.90 -63.78 25.99
C ASN M 296 45.70 -63.69 26.93
N ALA M 297 44.59 -64.35 26.59
CA ALA M 297 43.39 -64.32 27.42
C ALA M 297 43.49 -65.27 28.61
N ARG M 298 44.45 -66.19 28.63
CA ARG M 298 44.64 -66.99 29.83
C ARG M 298 45.08 -66.12 31.00
N ALA M 299 45.73 -64.99 30.73
CA ALA M 299 46.20 -64.10 31.79
C ALA M 299 45.14 -63.12 32.28
N LEU M 300 44.03 -62.97 31.56
CA LEU M 300 42.98 -62.06 32.01
C LEU M 300 42.26 -62.59 33.25
N GLY M 301 42.24 -63.90 33.45
CA GLY M 301 41.57 -64.46 34.60
C GLY M 301 40.50 -65.47 34.25
N PHE M 302 40.55 -66.01 33.03
CA PHE M 302 39.64 -67.06 32.61
C PHE M 302 40.40 -68.37 32.44
N ASN M 303 39.75 -69.47 32.79
CA ASN M 303 40.31 -70.80 32.64
C ASN M 303 39.79 -71.39 31.34
N ILE M 304 40.69 -71.68 30.41
CA ILE M 304 40.34 -72.17 29.08
C ILE M 304 41.05 -73.49 28.86
N GLU M 305 40.28 -74.52 28.48
CA GLU M 305 40.83 -75.80 28.07
C GLU M 305 40.91 -75.81 26.55
N VAL M 306 42.12 -76.00 26.03
CA VAL M 306 42.39 -75.91 24.59
C VAL M 306 42.75 -77.29 24.07
N PHE M 307 42.11 -77.70 22.99
CA PHE M 307 42.38 -78.96 22.33
C PHE M 307 42.73 -78.68 20.88
N THR M 308 43.73 -79.41 20.38
CA THR M 308 44.23 -79.23 19.02
C THR M 308 44.19 -80.57 18.28
N TYR M 309 44.04 -80.49 16.96
CA TYR M 309 43.97 -81.68 16.11
C TYR M 309 45.06 -81.55 15.05
N ASN M 310 46.22 -82.15 15.31
CA ASN M 310 47.35 -82.14 14.39
C ASN M 310 47.84 -80.72 14.08
N VAL M 311 47.65 -79.80 15.03
CA VAL M 311 48.16 -78.45 14.92
C VAL M 311 48.87 -78.09 16.21
N ASP M 312 50.03 -77.45 16.09
CA ASP M 312 50.83 -77.06 17.25
C ASP M 312 50.73 -75.55 17.45
N LEU M 313 50.36 -75.15 18.65
CA LEU M 313 50.28 -73.74 19.01
C LEU M 313 51.60 -73.18 19.51
N GLY M 314 52.64 -74.01 19.59
CA GLY M 314 53.94 -73.55 20.04
C GLY M 314 54.34 -74.17 21.37
N GLU M 315 55.04 -73.40 22.20
CA GLU M 315 55.48 -73.84 23.51
C GLU M 315 54.86 -72.96 24.58
N ASP M 316 55.31 -73.15 25.83
CA ASP M 316 54.83 -72.45 27.00
C ASP M 316 53.31 -72.31 27.02
N ILE M 317 52.61 -73.35 26.59
CA ILE M 317 51.16 -73.38 26.58
C ILE M 317 50.71 -74.82 26.75
N GLU M 318 49.67 -75.04 27.56
CA GLU M 318 49.16 -76.37 27.83
C GLU M 318 47.90 -76.61 27.01
N ALA M 319 47.92 -77.69 26.23
CA ALA M 319 46.78 -78.07 25.40
C ALA M 319 46.89 -79.54 25.06
N THR M 320 45.77 -80.23 25.09
CA THR M 320 45.73 -81.67 24.83
C THR M 320 45.69 -81.91 23.33
N LYS M 321 46.61 -82.74 22.85
CA LYS M 321 46.70 -83.07 21.42
C LYS M 321 45.87 -84.31 21.16
N VAL M 322 44.66 -84.13 20.66
CA VAL M 322 43.79 -85.24 20.32
C VAL M 322 44.12 -85.73 18.90
N SER M 323 43.87 -87.01 18.65
CA SER M 323 44.13 -87.62 17.35
C SER M 323 42.86 -87.89 16.56
N SER M 324 41.69 -87.70 17.15
CA SER M 324 40.43 -87.90 16.44
C SER M 324 39.34 -87.07 17.09
N VAL M 325 38.26 -86.86 16.35
CA VAL M 325 37.16 -86.04 16.84
C VAL M 325 36.43 -86.72 17.99
N GLU M 326 36.28 -88.05 17.93
CA GLU M 326 35.52 -88.74 18.98
C GLU M 326 36.18 -88.60 20.34
N GLU M 327 37.51 -88.70 20.40
CA GLU M 327 38.19 -88.50 21.68
C GLU M 327 38.20 -87.02 22.07
N LEU M 328 38.14 -86.12 21.09
CA LEU M 328 37.93 -84.72 21.41
C LEU M 328 36.61 -84.51 22.14
N VAL M 329 35.54 -85.13 21.64
CA VAL M 329 34.25 -85.01 22.30
C VAL M 329 34.26 -85.70 23.66
N ALA M 330 34.98 -86.82 23.76
CA ALA M 330 35.09 -87.51 25.05
C ALA M 330 35.78 -86.62 26.08
N ASN M 331 36.87 -85.96 25.69
CA ASN M 331 37.55 -85.06 26.61
C ASN M 331 36.69 -83.85 26.94
N LEU M 332 35.92 -83.36 25.97
CA LEU M 332 35.08 -82.21 26.21
C LEU M 332 33.93 -82.55 27.16
N VAL M 333 33.40 -83.77 27.09
CA VAL M 333 32.28 -84.14 27.93
C VAL M 333 32.70 -84.65 29.30
N LYS M 334 33.90 -85.24 29.42
CA LYS M 334 34.34 -85.76 30.71
C LYS M 334 34.57 -84.66 31.73
N MET M 335 34.82 -83.43 31.29
CA MET M 335 35.03 -82.33 32.21
C MET M 335 33.72 -81.74 32.75
N VAL M 336 32.58 -82.15 32.22
CA VAL M 336 31.30 -81.68 32.71
C VAL M 336 30.45 -82.87 33.18
N MET N 1 -75.97 36.38 -22.74
CA MET N 1 -74.71 37.12 -22.80
C MET N 1 -73.53 36.18 -23.00
N ASP N 2 -72.97 36.21 -24.21
CA ASP N 2 -71.82 35.37 -24.53
C ASP N 2 -70.61 35.85 -23.74
N ILE N 3 -69.92 34.91 -23.11
CA ILE N 3 -68.74 35.20 -22.29
C ILE N 3 -67.54 34.50 -22.91
N LEU N 4 -66.48 35.26 -23.16
CA LEU N 4 -65.25 34.73 -23.74
C LEU N 4 -64.33 34.32 -22.60
N LEU N 5 -64.20 33.02 -22.36
CA LEU N 5 -63.37 32.52 -21.28
C LEU N 5 -62.09 31.93 -21.84
N VAL N 6 -60.95 32.46 -21.39
CA VAL N 6 -59.65 32.03 -21.87
C VAL N 6 -58.71 31.82 -20.69
N CYS N 7 -57.79 30.88 -20.85
CA CYS N 7 -56.75 30.60 -19.87
C CYS N 7 -55.42 31.10 -20.41
N LEU N 8 -54.76 31.97 -19.64
CA LEU N 8 -53.49 32.57 -20.00
C LEU N 8 -52.44 32.07 -19.02
N ARG N 9 -51.33 31.56 -19.54
CA ARG N 9 -50.24 31.02 -18.75
C ARG N 9 -48.97 31.80 -19.12
N PHE N 10 -48.78 32.95 -18.48
CA PHE N 10 -47.62 33.78 -18.75
C PHE N 10 -46.82 33.95 -17.46
N PRO N 11 -45.50 33.78 -17.52
CA PRO N 11 -44.69 33.76 -16.30
C PRO N 11 -44.61 35.11 -15.58
N PHE N 12 -44.26 36.17 -16.30
CA PHE N 12 -43.92 37.45 -15.69
C PHE N 12 -44.81 38.55 -16.25
N PHE N 13 -45.33 39.39 -15.36
CA PHE N 13 -46.20 40.50 -15.75
C PHE N 13 -45.44 41.81 -15.63
N SER N 14 -45.73 42.76 -16.53
CA SER N 14 -44.82 43.89 -16.69
C SER N 14 -45.45 45.28 -16.80
N VAL N 15 -46.77 45.43 -16.64
CA VAL N 15 -47.36 46.76 -16.73
C VAL N 15 -47.21 47.47 -15.38
N ALA N 16 -46.63 48.66 -15.40
CA ALA N 16 -46.33 49.42 -14.19
C ALA N 16 -47.48 50.35 -13.82
N LYS N 17 -47.38 50.94 -12.63
CA LYS N 17 -48.43 51.82 -12.12
C LYS N 17 -48.13 53.27 -12.48
N ARG N 18 -48.95 54.17 -11.94
CA ARG N 18 -48.74 55.60 -12.07
C ARG N 18 -47.59 56.02 -11.18
N SER N 19 -46.36 55.87 -11.68
CA SER N 19 -45.17 56.05 -10.85
C SER N 19 -43.97 56.31 -11.73
N TYR N 20 -42.85 56.63 -11.09
CA TYR N 20 -41.60 56.94 -11.78
C TYR N 20 -40.45 56.32 -10.99
N GLN N 21 -39.24 56.42 -11.55
CA GLN N 21 -38.04 55.85 -10.94
C GLN N 21 -38.22 54.37 -10.70
N VAL N 22 -38.63 54.00 -9.49
CA VAL N 22 -39.02 52.62 -9.21
C VAL N 22 -40.48 52.44 -9.62
N ARG N 23 -40.69 51.70 -10.71
CA ARG N 23 -42.02 51.57 -11.31
C ARG N 23 -42.76 50.41 -10.64
N THR N 24 -43.59 50.74 -9.66
CA THR N 24 -44.47 49.74 -9.08
C THR N 24 -45.45 49.24 -10.14
N SER N 25 -45.83 47.97 -10.03
CA SER N 25 -46.69 47.33 -11.01
C SER N 25 -48.00 46.90 -10.37
N PHE N 26 -49.01 46.70 -11.22
CA PHE N 26 -50.30 46.19 -10.76
C PHE N 26 -50.15 44.78 -10.19
N LEU N 27 -51.03 44.44 -9.25
CA LEU N 27 -51.06 43.06 -8.76
C LEU N 27 -51.71 42.14 -9.79
N LEU N 28 -52.69 42.66 -10.54
CA LEU N 28 -53.41 41.93 -11.57
C LEU N 28 -53.31 42.68 -12.89
N PRO N 29 -53.36 41.98 -14.02
CA PRO N 29 -53.27 42.66 -15.32
C PRO N 29 -54.41 43.63 -15.51
N PRO N 30 -54.16 44.80 -16.10
CA PRO N 30 -55.21 45.82 -16.23
C PRO N 30 -56.12 45.52 -17.39
N PRO N 31 -57.37 45.99 -17.34
CA PRO N 31 -58.24 45.87 -18.52
C PRO N 31 -57.71 46.60 -19.73
N SER N 32 -56.99 47.72 -19.54
CA SER N 32 -56.45 48.46 -20.66
C SER N 32 -55.44 47.64 -21.44
N ALA N 33 -54.57 46.91 -20.74
CA ALA N 33 -53.58 46.08 -21.43
C ALA N 33 -54.23 44.97 -22.23
N LEU N 34 -55.26 44.32 -21.65
CA LEU N 34 -55.97 43.29 -22.38
C LEU N 34 -56.70 43.87 -23.60
N LYS N 35 -57.29 45.05 -23.43
CA LYS N 35 -57.96 45.70 -24.56
C LYS N 35 -56.96 46.01 -25.67
N GLY N 36 -55.77 46.50 -25.31
CA GLY N 36 -54.75 46.75 -26.31
C GLY N 36 -54.25 45.48 -26.98
N ALA N 37 -54.13 44.39 -26.21
CA ALA N 37 -53.71 43.12 -26.78
C ALA N 37 -54.73 42.62 -27.80
N LEU N 38 -56.02 42.70 -27.45
CA LEU N 38 -57.05 42.31 -28.41
C LEU N 38 -57.11 43.26 -29.60
N ALA N 39 -56.85 44.55 -29.38
CA ALA N 39 -56.77 45.48 -30.51
C ALA N 39 -55.66 45.06 -31.47
N LYS N 40 -54.49 44.74 -30.94
CA LYS N 40 -53.39 44.27 -31.78
C LYS N 40 -53.74 42.98 -32.49
N GLY N 41 -54.44 42.07 -31.78
CA GLY N 41 -54.89 40.84 -32.41
C GLY N 41 -55.80 41.11 -33.60
N LEU N 42 -56.74 42.03 -33.44
CA LEU N 42 -57.56 42.46 -34.58
C LEU N 42 -56.71 43.09 -35.67
N ILE N 43 -55.65 43.80 -35.29
CA ILE N 43 -54.78 44.42 -36.29
C ILE N 43 -54.13 43.37 -37.18
N LEU N 44 -53.50 42.36 -36.57
CA LEU N 44 -52.76 41.42 -37.40
C LEU N 44 -53.61 40.26 -37.91
N LEU N 45 -54.85 40.13 -37.44
CA LEU N 45 -55.69 39.04 -37.92
C LEU N 45 -56.61 39.47 -39.07
N LYS N 46 -57.22 40.65 -38.98
CA LYS N 46 -58.07 41.19 -40.03
C LYS N 46 -57.62 42.62 -40.32
N PRO N 47 -56.53 42.78 -41.09
CA PRO N 47 -55.99 44.12 -41.32
C PRO N 47 -56.75 44.94 -42.35
N GLU N 48 -57.68 44.33 -43.09
CA GLU N 48 -58.43 45.09 -44.08
C GLU N 48 -59.32 46.14 -43.43
N LYS N 49 -59.97 45.80 -42.32
CA LYS N 49 -60.83 46.76 -41.64
C LYS N 49 -60.02 47.81 -40.91
N TYR N 50 -58.95 47.40 -40.24
CA TYR N 50 -58.10 48.31 -39.47
C TYR N 50 -56.82 48.56 -40.26
N ALA N 51 -56.78 49.69 -40.96
CA ALA N 51 -55.59 50.07 -41.74
C ALA N 51 -55.53 51.60 -41.76
N SER N 52 -54.70 52.15 -40.89
CA SER N 52 -54.56 53.60 -40.75
C SER N 52 -53.16 54.03 -41.17
N SER N 53 -53.00 55.36 -41.28
CA SER N 53 -51.69 55.90 -41.64
C SER N 53 -50.65 55.62 -40.56
N SER N 54 -51.04 55.72 -39.30
CA SER N 54 -50.14 55.49 -38.18
C SER N 54 -50.73 54.42 -37.27
N LEU N 55 -49.84 53.69 -36.58
CA LEU N 55 -50.27 52.65 -35.67
C LEU N 55 -51.09 53.20 -34.52
N ASP N 56 -50.83 54.45 -34.11
CA ASP N 56 -51.57 55.03 -33.00
C ASP N 56 -53.06 55.13 -33.31
N GLU N 57 -53.40 55.64 -34.50
CA GLU N 57 -54.80 55.76 -34.89
C GLU N 57 -55.45 54.40 -35.07
N ALA N 58 -54.73 53.42 -35.61
CA ALA N 58 -55.29 52.09 -35.76
C ALA N 58 -55.60 51.46 -34.40
N ALA N 59 -54.67 51.60 -33.46
CA ALA N 59 -54.90 51.07 -32.11
C ALA N 59 -56.08 51.79 -31.45
N LEU N 60 -56.15 53.11 -31.60
CA LEU N 60 -57.25 53.86 -31.00
C LEU N 60 -58.59 53.45 -31.57
N LYS N 61 -58.67 53.29 -32.90
CA LYS N 61 -59.94 52.91 -33.51
C LYS N 61 -60.31 51.47 -33.16
N ALA N 62 -59.32 50.58 -33.04
CA ALA N 62 -59.61 49.21 -32.62
C ALA N 62 -60.14 49.17 -31.19
N ILE N 63 -59.54 49.96 -30.30
CA ILE N 63 -60.01 50.01 -28.92
C ILE N 63 -61.41 50.61 -28.86
N LYS N 64 -61.67 51.64 -29.68
CA LYS N 64 -63.00 52.23 -29.72
C LYS N 64 -64.03 51.21 -30.20
N GLU N 65 -63.69 50.43 -31.22
CA GLU N 65 -64.61 49.41 -31.73
C GLU N 65 -64.85 48.33 -30.67
N ILE N 66 -63.79 47.92 -29.96
CA ILE N 66 -63.95 46.93 -28.90
C ILE N 66 -64.86 47.45 -27.80
N GLU N 67 -64.66 48.72 -27.41
CA GLU N 67 -65.53 49.32 -26.40
C GLU N 67 -66.97 49.40 -26.89
N SER N 68 -67.16 49.67 -28.18
CA SER N 68 -68.50 49.66 -28.74
C SER N 68 -69.12 48.28 -28.64
N LYS N 69 -68.34 47.23 -28.89
CA LYS N 69 -68.81 45.87 -28.67
C LYS N 69 -68.95 45.53 -27.19
N LEU N 70 -68.26 46.25 -26.32
CA LEU N 70 -68.33 45.98 -24.89
C LEU N 70 -69.68 46.43 -24.32
N VAL N 71 -70.08 45.80 -23.22
CA VAL N 71 -71.37 46.09 -22.62
C VAL N 71 -71.40 47.49 -22.01
N ASP N 72 -70.30 47.91 -21.40
CA ASP N 72 -70.25 49.19 -20.69
C ASP N 72 -68.80 49.61 -20.57
N ILE N 73 -68.58 50.77 -19.95
CA ILE N 73 -67.21 51.23 -19.69
C ILE N 73 -66.51 50.26 -18.73
N LYS N 74 -67.25 49.69 -17.78
CA LYS N 74 -66.69 48.67 -16.90
C LYS N 74 -66.21 47.49 -17.72
N ALA N 75 -64.91 47.28 -17.77
CA ALA N 75 -64.29 46.37 -18.72
C ALA N 75 -64.14 44.98 -18.12
N VAL N 76 -63.34 44.15 -18.80
CA VAL N 76 -63.16 42.76 -18.40
C VAL N 76 -62.47 42.67 -17.04
N SER N 77 -62.76 41.59 -16.31
CA SER N 77 -62.06 41.25 -15.08
C SER N 77 -61.18 40.04 -15.32
N VAL N 78 -60.29 39.79 -14.36
CA VAL N 78 -59.35 38.67 -14.43
C VAL N 78 -59.41 37.88 -13.13
N ALA N 79 -58.94 36.65 -13.20
CA ALA N 79 -58.93 35.75 -12.05
C ALA N 79 -57.56 35.10 -11.91
N PRO N 80 -56.81 35.41 -10.85
CA PRO N 80 -55.53 34.73 -10.60
C PRO N 80 -55.77 33.42 -9.87
N LEU N 81 -55.41 32.31 -10.52
CA LEU N 81 -55.53 30.99 -9.93
C LEU N 81 -54.23 30.51 -9.29
N SER N 82 -53.21 31.37 -9.26
CA SER N 82 -51.93 31.05 -8.67
C SER N 82 -51.51 32.18 -7.74
N PRO N 83 -50.68 31.89 -6.74
CA PRO N 83 -50.24 32.94 -5.81
C PRO N 83 -49.45 34.02 -6.53
N LEU N 84 -49.58 35.25 -6.03
CA LEU N 84 -48.90 36.41 -6.60
C LEU N 84 -47.79 36.86 -5.65
N ILE N 85 -46.63 37.19 -6.24
CA ILE N 85 -45.49 37.71 -5.50
C ILE N 85 -44.93 38.90 -6.26
N ARG N 86 -44.20 39.75 -5.53
CA ARG N 86 -43.55 40.92 -6.10
C ARG N 86 -42.08 40.57 -6.31
N ASN N 87 -41.62 40.65 -7.55
CA ASN N 87 -40.27 40.22 -7.93
C ASN N 87 -39.52 41.43 -8.48
N ALA N 88 -38.90 42.20 -7.59
CA ALA N 88 -38.22 43.42 -8.00
C ALA N 88 -36.94 43.09 -8.77
N PHE N 89 -36.78 43.72 -9.92
CA PHE N 89 -35.62 43.52 -10.78
C PHE N 89 -34.88 44.84 -10.98
N LEU N 90 -33.76 44.75 -11.69
CA LEU N 90 -32.96 45.90 -12.08
C LEU N 90 -32.70 45.85 -13.58
N LEU N 91 -32.95 46.96 -14.27
CA LEU N 91 -32.73 47.03 -15.70
C LEU N 91 -32.10 48.37 -16.05
N LYS N 92 -31.42 48.40 -17.20
CA LYS N 92 -30.73 49.60 -17.66
C LYS N 92 -31.65 50.42 -18.57
N ARG N 93 -32.75 50.87 -17.98
CA ARG N 93 -33.71 51.72 -18.68
C ARG N 93 -33.09 53.12 -18.80
N LEU N 94 -32.61 53.45 -19.99
CA LEU N 94 -31.89 54.70 -20.17
C LEU N 94 -32.83 55.90 -19.98
N ARG N 95 -32.31 56.94 -19.34
CA ARG N 95 -33.06 58.17 -19.07
C ARG N 95 -32.58 59.23 -20.06
N ASN N 96 -33.19 59.23 -21.25
CA ASN N 96 -32.84 60.18 -22.29
C ASN N 96 -34.08 60.87 -22.86
N LEU N 97 -35.26 60.57 -22.34
CA LEU N 97 -36.50 61.13 -22.86
C LEU N 97 -36.80 62.52 -22.30
N GLU N 98 -35.97 63.03 -21.40
CA GLU N 98 -36.15 64.37 -20.87
C GLU N 98 -35.37 65.38 -21.71
N SER N 99 -35.52 66.66 -21.38
CA SER N 99 -34.83 67.72 -22.11
C SER N 99 -33.33 67.62 -21.91
N GLY N 100 -32.59 67.81 -22.99
CA GLY N 100 -31.15 67.67 -22.92
C GLY N 100 -30.74 66.26 -22.57
N SER N 101 -29.75 66.15 -21.69
CA SER N 101 -29.24 64.86 -21.21
C SER N 101 -28.78 63.98 -22.38
N ASN N 102 -28.09 64.62 -23.35
CA ASN N 102 -27.55 63.99 -24.55
C ASN N 102 -28.49 62.94 -25.14
N ALA N 103 -27.93 61.81 -25.58
CA ALA N 103 -28.72 60.74 -26.15
C ALA N 103 -28.42 59.37 -25.56
N GLU N 104 -27.34 59.21 -24.79
CA GLU N 104 -26.97 57.94 -24.16
C GLU N 104 -26.80 58.20 -22.67
N LYS N 105 -27.90 58.12 -21.93
CA LYS N 105 -27.90 58.29 -20.47
C LYS N 105 -28.61 57.06 -19.90
N SER N 106 -27.85 55.99 -19.68
CA SER N 106 -28.38 54.73 -19.19
C SER N 106 -28.10 54.59 -17.71
N ASP N 107 -29.15 54.33 -16.93
CA ASP N 107 -29.05 54.17 -15.49
C ASP N 107 -29.82 52.93 -15.06
N ALA N 108 -29.38 52.34 -13.96
CA ALA N 108 -30.07 51.17 -13.41
C ALA N 108 -31.37 51.60 -12.75
N MET N 109 -32.47 50.96 -13.16
CA MET N 109 -33.78 51.29 -12.63
C MET N 109 -34.52 50.02 -12.23
N ARG N 110 -35.46 50.17 -11.30
CA ARG N 110 -36.23 49.05 -10.77
C ARG N 110 -37.55 48.94 -11.52
N ARG N 111 -37.93 47.70 -11.85
CA ARG N 111 -39.20 47.42 -12.50
C ARG N 111 -39.55 45.97 -12.19
N GLU N 112 -40.44 45.76 -11.22
CA GLU N 112 -40.72 44.41 -10.78
C GLU N 112 -41.61 43.68 -11.78
N TYR N 113 -41.46 42.36 -11.81
CA TYR N 113 -42.24 41.50 -12.70
C TYR N 113 -42.93 40.45 -11.82
N THR N 114 -44.20 40.68 -11.51
CA THR N 114 -44.93 39.74 -10.66
C THR N 114 -45.00 38.37 -11.32
N PHE N 115 -44.78 37.33 -10.52
CA PHE N 115 -44.75 35.96 -11.01
C PHE N 115 -46.15 35.37 -11.01
N THR N 116 -46.56 34.83 -12.16
CA THR N 116 -47.86 34.20 -12.32
C THR N 116 -47.67 32.84 -12.97
N ARG N 117 -48.41 31.84 -12.50
CA ARG N 117 -48.37 30.50 -13.08
C ARG N 117 -49.59 30.20 -13.94
N GLU N 118 -50.77 30.70 -13.54
CA GLU N 118 -51.98 30.54 -14.33
C GLU N 118 -52.86 31.76 -14.11
N LEU N 119 -53.73 32.03 -15.08
CA LEU N 119 -54.65 33.15 -14.96
C LEU N 119 -55.82 32.91 -15.91
N LEU N 120 -56.98 33.47 -15.56
CA LEU N 120 -58.19 33.33 -16.37
C LEU N 120 -58.73 34.71 -16.74
N VAL N 121 -59.21 34.84 -17.97
CA VAL N 121 -59.80 36.07 -18.46
C VAL N 121 -61.21 35.77 -18.97
N ALA N 122 -62.19 36.54 -18.50
CA ALA N 122 -63.60 36.36 -18.86
C ALA N 122 -64.13 37.65 -19.46
N TYR N 123 -63.95 37.81 -20.77
CA TYR N 123 -64.55 38.94 -21.48
C TYR N 123 -66.06 38.85 -21.46
N ILE N 124 -66.70 39.99 -21.20
CA ILE N 124 -68.15 40.08 -21.12
C ILE N 124 -68.64 40.78 -22.39
N PHE N 125 -69.50 40.09 -23.14
CA PHE N 125 -70.07 40.62 -24.37
C PHE N 125 -71.58 40.76 -24.23
N LYS N 126 -72.23 41.17 -25.31
CA LYS N 126 -73.66 41.45 -25.34
C LYS N 126 -74.32 40.67 -26.47
N ASN N 127 -74.04 39.37 -26.53
CA ASN N 127 -74.60 38.47 -27.55
C ASN N 127 -74.20 38.93 -28.95
N LEU N 128 -72.90 38.88 -29.22
CA LEU N 128 -72.36 39.28 -30.50
C LEU N 128 -72.83 38.34 -31.61
N THR N 129 -72.69 38.81 -32.84
CA THR N 129 -73.12 38.04 -34.00
C THR N 129 -72.24 36.82 -34.22
N GLN N 130 -72.82 35.79 -34.83
CA GLN N 130 -72.10 34.53 -35.04
C GLN N 130 -70.98 34.69 -36.05
N GLU N 131 -71.19 35.50 -37.10
CA GLU N 131 -70.20 35.62 -38.16
C GLU N 131 -68.90 36.22 -37.65
N GLU N 132 -68.94 36.96 -36.54
CA GLU N 132 -67.75 37.48 -35.91
C GLU N 132 -67.34 36.68 -34.67
N LYS N 133 -68.14 35.70 -34.25
CA LYS N 133 -67.84 34.94 -33.05
C LYS N 133 -66.53 34.18 -33.20
N ASN N 134 -66.40 33.41 -34.29
CA ASN N 134 -65.17 32.65 -34.51
C ASN N 134 -63.98 33.56 -34.73
N LEU N 135 -64.18 34.68 -35.46
CA LEU N 135 -63.09 35.62 -35.69
C LEU N 135 -62.57 36.18 -34.39
N TYR N 136 -63.47 36.59 -33.49
CA TYR N 136 -63.03 37.14 -32.21
C TYR N 136 -62.49 36.06 -31.28
N LEU N 137 -62.97 34.83 -31.42
CA LEU N 137 -62.37 33.73 -30.67
C LEU N 137 -60.94 33.50 -31.09
N LYS N 138 -60.66 33.54 -32.40
CA LYS N 138 -59.29 33.40 -32.87
C LYS N 138 -58.44 34.60 -32.46
N ALA N 139 -59.03 35.80 -32.49
CA ALA N 139 -58.31 37.00 -32.09
C ALA N 139 -57.95 36.98 -30.61
N ALA N 140 -58.83 36.42 -29.77
CA ALA N 140 -58.51 36.29 -28.34
C ALA N 140 -57.33 35.37 -28.14
N MET N 141 -57.13 34.42 -29.04
CA MET N 141 -55.96 33.56 -29.01
C MET N 141 -54.77 34.34 -29.60
N LEU N 142 -53.61 33.69 -29.69
CA LEU N 142 -52.39 34.27 -30.26
C LEU N 142 -52.04 35.63 -29.66
N ILE N 143 -52.31 35.81 -28.37
CA ILE N 143 -51.79 36.97 -27.64
C ILE N 143 -50.39 36.64 -27.17
N ASP N 144 -49.40 36.91 -28.02
CA ASP N 144 -48.04 36.42 -27.78
C ASP N 144 -47.30 37.23 -26.71
N VAL N 145 -47.77 38.44 -26.41
CA VAL N 145 -47.07 39.32 -25.49
C VAL N 145 -48.08 40.21 -24.77
N ILE N 146 -47.75 40.56 -23.52
CA ILE N 146 -48.53 41.50 -22.74
C ILE N 146 -47.55 42.49 -22.11
N GLY N 147 -48.06 43.67 -21.80
CA GLY N 147 -47.21 44.71 -21.26
C GLY N 147 -46.15 45.10 -22.26
N ASP N 148 -44.89 45.05 -21.84
CA ASP N 148 -43.77 45.33 -22.74
C ASP N 148 -43.38 44.07 -23.50
N THR N 149 -42.44 44.22 -24.43
CA THR N 149 -42.00 43.10 -25.26
C THR N 149 -41.27 42.03 -24.46
N GLU N 150 -40.83 42.33 -23.24
CA GLU N 150 -40.09 41.35 -22.46
C GLU N 150 -41.00 40.26 -21.90
N SER N 151 -42.20 40.64 -21.45
CA SER N 151 -43.10 39.71 -20.77
C SER N 151 -43.91 38.94 -21.79
N LEU N 152 -43.45 37.74 -22.13
CA LEU N 152 -44.15 36.90 -23.10
C LEU N 152 -45.45 36.37 -22.47
N ALA N 153 -46.43 36.14 -23.34
CA ALA N 153 -47.71 35.58 -22.92
C ALA N 153 -48.13 34.52 -23.92
N THR N 154 -48.87 33.52 -23.42
CA THR N 154 -49.34 32.46 -24.29
C THR N 154 -50.65 31.85 -23.81
N PRO N 155 -51.63 31.70 -24.69
CA PRO N 155 -52.89 31.05 -24.29
C PRO N 155 -52.80 29.54 -24.47
N VAL N 156 -53.80 28.85 -23.92
CA VAL N 156 -53.94 27.41 -24.05
C VAL N 156 -55.28 27.04 -24.68
N TRP N 157 -56.37 27.61 -24.16
CA TRP N 157 -57.70 27.32 -24.70
C TRP N 157 -58.61 28.52 -24.45
N ALA N 158 -59.51 28.75 -25.40
CA ALA N 158 -60.53 29.78 -25.28
C ALA N 158 -61.87 29.20 -25.69
N SER N 159 -62.95 29.71 -25.09
CA SER N 159 -64.26 29.11 -25.30
C SER N 159 -65.36 30.14 -25.04
N PHE N 160 -66.56 29.79 -25.50
CA PHE N 160 -67.77 30.57 -25.28
C PHE N 160 -68.57 29.93 -24.14
N VAL N 161 -68.94 30.73 -23.15
CA VAL N 161 -69.67 30.22 -22.00
C VAL N 161 -70.80 31.18 -21.63
N LYS N 162 -71.83 30.64 -21.01
CA LYS N 162 -72.99 31.34 -20.52
C LYS N 162 -72.98 31.39 -19.00
N PRO N 163 -73.53 32.43 -18.41
CA PRO N 163 -73.70 32.49 -16.96
C PRO N 163 -74.51 31.35 -16.35
N GLU N 164 -75.60 30.97 -17.02
CA GLU N 164 -76.70 30.16 -16.48
C GLU N 164 -77.16 30.63 -15.08
N ASP N 165 -76.85 31.89 -14.73
CA ASP N 165 -77.30 32.51 -13.48
C ASP N 165 -76.99 31.62 -12.28
N LYS N 166 -75.70 31.42 -12.06
CA LYS N 166 -75.21 30.54 -11.00
C LYS N 166 -74.83 31.38 -9.77
N LYS N 167 -75.12 30.83 -8.59
CA LYS N 167 -74.82 31.49 -7.34
C LYS N 167 -73.42 31.08 -6.88
N ALA N 168 -72.53 32.05 -6.71
CA ALA N 168 -71.16 31.76 -6.32
C ALA N 168 -70.47 33.03 -5.81
N PRO N 169 -69.43 32.90 -4.98
CA PRO N 169 -68.67 34.09 -4.57
C PRO N 169 -67.97 34.73 -5.75
N LEU N 170 -67.87 36.06 -5.69
CA LEU N 170 -67.33 36.87 -6.78
C LEU N 170 -65.80 36.90 -6.68
N ALA N 171 -65.17 35.85 -7.21
CA ALA N 171 -63.72 35.72 -7.18
C ALA N 171 -63.03 36.50 -8.29
N PHE N 172 -63.72 37.45 -8.92
CA PHE N 172 -63.16 38.30 -9.95
C PHE N 172 -63.02 39.73 -9.41
N SER N 173 -62.66 40.66 -10.29
CA SER N 173 -62.51 42.06 -9.93
C SER N 173 -63.71 42.85 -10.40
N ALA N 174 -64.25 43.69 -9.53
CA ALA N 174 -65.41 44.52 -9.83
C ALA N 174 -65.15 45.96 -9.44
N PRO N 175 -65.78 46.91 -10.14
CA PRO N 175 -65.61 48.32 -9.75
C PRO N 175 -66.18 48.59 -8.36
N TYR N 176 -65.54 49.52 -7.64
CA TYR N 176 -65.93 49.85 -6.28
C TYR N 176 -67.00 50.95 -6.28
N THR N 177 -68.10 50.65 -6.97
CA THR N 177 -69.26 51.53 -6.99
C THR N 177 -70.50 50.86 -6.39
N GLU N 178 -70.86 49.68 -6.88
CA GLU N 178 -72.01 48.94 -6.37
C GLU N 178 -71.63 47.93 -5.29
N ILE N 179 -70.33 47.78 -4.99
CA ILE N 179 -69.88 46.78 -4.03
C ILE N 179 -70.00 47.29 -2.60
N TYR N 180 -70.55 48.49 -2.40
CA TYR N 180 -70.68 49.03 -1.05
C TYR N 180 -71.56 48.14 -0.18
N SER N 181 -72.65 47.62 -0.74
CA SER N 181 -73.52 46.69 -0.05
C SER N 181 -73.00 45.26 -0.07
N LEU N 182 -71.91 45.00 -0.79
CA LEU N 182 -71.30 43.68 -0.89
C LEU N 182 -72.30 42.65 -1.42
N ARG N 194 -59.75 42.64 4.88
CA ARG N 194 -59.95 41.51 3.99
C ARG N 194 -60.49 41.97 2.63
N MET N 195 -60.09 43.16 2.21
CA MET N 195 -60.50 43.73 0.94
C MET N 195 -59.35 44.48 0.30
N TYR N 196 -59.44 44.65 -1.01
CA TYR N 196 -58.35 45.27 -1.78
C TYR N 196 -58.99 46.10 -2.89
N ILE N 197 -58.90 47.42 -2.78
CA ILE N 197 -59.42 48.34 -3.77
C ILE N 197 -58.35 49.38 -4.08
N GLU N 198 -58.24 49.76 -5.34
CA GLU N 198 -57.29 50.81 -5.74
C GLU N 198 -57.62 51.31 -7.13
N LYS N 199 -57.06 52.46 -7.48
CA LYS N 199 -57.17 53.02 -8.82
C LYS N 199 -56.42 52.13 -9.80
N MET N 200 -57.02 51.91 -10.98
CA MET N 200 -56.56 50.84 -11.84
C MET N 200 -56.37 51.30 -13.30
N ARG N 201 -56.91 52.45 -13.67
CA ARG N 201 -56.82 53.01 -15.03
C ARG N 201 -57.43 52.05 -16.06
N VAL N 202 -58.76 51.93 -15.96
CA VAL N 202 -59.49 51.09 -16.90
C VAL N 202 -59.39 51.63 -18.32
N SER N 203 -59.48 52.95 -18.48
CA SER N 203 -59.58 53.55 -19.82
C SER N 203 -58.20 53.96 -20.31
N PRO N 204 -57.72 53.40 -21.42
CA PRO N 204 -56.43 53.85 -21.95
C PRO N 204 -56.53 55.28 -22.47
N GLU N 205 -55.40 55.98 -22.38
CA GLU N 205 -55.31 57.38 -22.80
C GLU N 205 -54.59 57.48 -24.14
N TYR N 206 -55.20 58.20 -25.08
CA TYR N 206 -54.65 58.39 -26.42
C TYR N 206 -54.80 59.86 -26.79
N SER N 207 -53.78 60.65 -26.50
CA SER N 207 -53.81 62.08 -26.77
C SER N 207 -53.19 62.38 -28.14
N GLN N 213 -62.08 57.09 -16.79
CA GLN N 213 -60.64 57.19 -16.98
C GLN N 213 -59.90 56.47 -15.86
N GLU N 214 -59.99 57.00 -14.64
CA GLU N 214 -59.37 56.42 -13.45
C GLU N 214 -60.48 55.96 -12.52
N GLU N 215 -60.77 54.66 -12.53
CA GLU N 215 -61.82 54.07 -11.72
C GLU N 215 -61.22 53.11 -10.70
N ILE N 216 -61.75 53.15 -9.47
CA ILE N 216 -61.25 52.30 -8.41
C ILE N 216 -61.90 50.93 -8.52
N PHE N 217 -61.06 49.90 -8.71
CA PHE N 217 -61.52 48.53 -8.76
C PHE N 217 -61.12 47.76 -7.50
N TYR N 218 -61.96 46.78 -7.17
CA TYR N 218 -61.74 45.87 -6.06
C TYR N 218 -60.99 44.64 -6.56
N LEU N 219 -60.01 44.18 -5.77
CA LEU N 219 -59.20 43.05 -6.18
C LEU N 219 -59.40 41.88 -5.22
N PRO N 220 -59.60 40.67 -5.74
CA PRO N 220 -59.82 39.49 -4.89
C PRO N 220 -58.50 38.84 -4.46
N ILE N 221 -57.71 39.58 -3.69
CA ILE N 221 -56.41 39.12 -3.24
C ILE N 221 -56.29 39.34 -1.74
N GLU N 222 -55.79 38.34 -1.02
CA GLU N 222 -55.55 38.41 0.41
C GLU N 222 -54.07 38.16 0.68
N GLU N 223 -53.51 38.92 1.60
CA GLU N 223 -52.09 38.83 1.96
C GLU N 223 -51.89 37.99 3.22
N ARG N 224 -52.72 36.96 3.39
CA ARG N 224 -52.61 36.11 4.56
C ARG N 224 -51.36 35.24 4.50
N ARG N 225 -50.87 34.86 5.68
CA ARG N 225 -49.72 33.98 5.81
C ARG N 225 -50.10 32.75 6.60
N TYR N 226 -49.71 31.58 6.11
CA TYR N 226 -50.00 30.33 6.80
C TYR N 226 -48.87 29.94 7.76
N LYS N 227 -47.65 29.81 7.25
CA LYS N 227 -46.50 29.50 8.10
C LYS N 227 -45.47 30.62 8.10
N ARG N 228 -44.93 31.00 6.93
CA ARG N 228 -43.92 32.05 6.88
C ARG N 228 -44.09 33.04 5.73
N ILE N 229 -44.78 32.69 4.64
CA ILE N 229 -44.89 33.57 3.48
C ILE N 229 -46.36 33.95 3.29
N VAL N 230 -46.56 35.07 2.62
CA VAL N 230 -47.89 35.67 2.47
C VAL N 230 -48.46 35.43 1.08
N TYR N 231 -47.65 35.63 0.04
CA TYR N 231 -48.09 35.64 -1.36
C TYR N 231 -49.43 36.33 -1.52
N TYR N 232 -50.32 35.77 -2.34
CA TYR N 232 -51.67 36.34 -2.52
C TYR N 232 -52.62 35.20 -2.84
N ALA N 233 -53.33 34.73 -1.83
CA ALA N 233 -54.25 33.60 -1.94
C ALA N 233 -55.67 34.11 -2.23
N ARG N 234 -56.64 33.22 -2.09
CA ARG N 234 -58.04 33.55 -2.35
C ARG N 234 -58.56 34.53 -1.29
N ILE N 235 -59.68 35.18 -1.62
CA ILE N 235 -60.24 36.24 -0.79
C ILE N 235 -61.52 35.82 -0.09
N TYR N 236 -62.15 34.70 -0.48
CA TYR N 236 -63.45 34.23 -0.02
C TYR N 236 -64.44 35.39 0.08
N PRO N 237 -64.90 35.91 -1.06
CA PRO N 237 -65.75 37.11 -1.05
C PRO N 237 -67.21 36.73 -0.86
N PRO N 238 -68.09 37.71 -0.64
CA PRO N 238 -69.52 37.41 -0.55
C PRO N 238 -70.06 36.83 -1.84
N GLU N 239 -71.09 35.99 -1.70
CA GLU N 239 -71.69 35.33 -2.85
C GLU N 239 -72.41 36.34 -3.74
N VAL N 240 -72.45 36.04 -5.03
CA VAL N 240 -73.13 36.87 -6.03
C VAL N 240 -74.00 35.96 -6.88
N GLU N 241 -75.25 36.39 -7.11
CA GLU N 241 -76.19 35.59 -7.88
C GLU N 241 -75.74 35.39 -9.32
N LYS N 242 -74.80 36.19 -9.81
CA LYS N 242 -74.31 36.11 -11.18
C LYS N 242 -72.91 35.50 -11.17
N ALA N 243 -72.76 34.38 -11.87
CA ALA N 243 -71.49 33.65 -11.91
C ALA N 243 -71.52 32.67 -13.08
N LEU N 244 -70.45 31.89 -13.22
CA LEU N 244 -70.37 30.88 -14.27
C LEU N 244 -69.32 29.86 -13.88
N THR N 245 -69.53 28.61 -14.28
CA THR N 245 -68.66 27.52 -13.89
C THR N 245 -67.68 27.16 -15.01
N VAL N 246 -66.57 26.53 -14.63
CA VAL N 246 -65.59 26.00 -15.56
C VAL N 246 -64.85 24.87 -14.86
N ASP N 247 -64.54 23.81 -15.62
CA ASP N 247 -63.89 22.59 -15.13
C ASP N 247 -64.41 22.18 -13.76
N GLY N 248 -65.71 22.28 -13.56
CA GLY N 248 -66.33 21.93 -12.28
C GLY N 248 -66.54 23.06 -11.29
N GLU N 249 -65.53 23.89 -11.08
CA GLU N 249 -65.59 24.92 -10.06
C GLU N 249 -66.09 26.23 -10.67
N VAL N 250 -66.85 26.99 -9.89
CA VAL N 250 -67.61 28.13 -10.40
C VAL N 250 -66.95 29.43 -9.92
N LEU N 251 -66.76 30.36 -10.85
CA LEU N 251 -66.20 31.68 -10.57
C LEU N 251 -67.31 32.71 -10.65
N GLY N 252 -67.26 33.69 -9.75
CA GLY N 252 -68.23 34.77 -9.74
C GLY N 252 -67.77 35.95 -10.56
N ILE N 253 -68.62 36.36 -11.51
CA ILE N 253 -68.34 37.49 -12.40
C ILE N 253 -69.55 38.41 -12.38
N TRP N 254 -69.30 39.72 -12.29
CA TRP N 254 -70.36 40.70 -12.30
C TRP N 254 -70.62 41.21 -13.72
N ILE N 255 -71.87 41.58 -13.98
CA ILE N 255 -72.25 42.26 -15.21
C ILE N 255 -73.07 43.50 -14.85
N PRO N 256 -72.99 44.58 -15.64
CA PRO N 256 -73.78 45.78 -15.36
C PRO N 256 -75.24 45.63 -15.79
#